data_6KOQ
#
_entry.id   6KOQ
#
_cell.length_a   126.846
_cell.length_b   161.097
_cell.length_c   129.551
_cell.angle_alpha   90.000
_cell.angle_beta   117.440
_cell.angle_gamma   90.000
#
_symmetry.space_group_name_H-M   'P 1 21 1'
#
loop_
_entity.id
_entity.type
_entity.pdbx_description
1 polymer 'DNA-directed RNA polymerase subunit alpha'
2 polymer 'DNA-directed RNA polymerase subunit beta'
3 polymer "DNA-directed RNA polymerase subunit beta'"
4 polymer 'DNA-directed RNA polymerase subunit omega'
5 polymer 'ECF RNA polymerase sigma factor SigH'
6 polymer "DNA (5'-D(*TP*TP*GP*GP*AP*GP*CP*TP*GP*TP*CP*AP*CP*GP*GP*AP*TP*GP*CP*A)-3')"
7 polymer "DNA (5'-D(*TP*GP*CP*AP*TP*CP*CP*GP*TP*GP*AP*GP*TP*CP*GP*AP*GP*GP*GP*TP*G)-3')"
8 polymer "RNA (5'-R(*UP*CP*AP*CP*CP*CP*UP*CP*GP*A)-3')"
9 non-polymer 'ZINC ION'
10 non-polymer 'MAGNESIUM ION'
11 water water
#
loop_
_entity_poly.entity_id
_entity_poly.type
_entity_poly.pdbx_seq_one_letter_code
_entity_poly.pdbx_strand_id
1 'polypeptide(L)'
;MGHHHHHHHHHHSSGHIEGRHMLISQRPTLSEDVLTDNRSQFVIEPLEPGFGYTLGNSLRRTLLSSIPGAAVTSIRIDGV
LHEFTTVPGVKEDVTEIILNLKSLVVSSEEDEPVTMYLRKQGPGEVTAGDIVPPAGVTVHNPGMHIATLNDKGKLEVELV
VERGRGYVPAVQNRASGAEIGRIPVDSIYSPVLKVTYKVDATRVEQRTDFDKLILDVETKNSISPRDALASAGKTLVELF
GLARELNVEAEGIEIGPSPAEADHIASFALPIDDLDLTVRSYNCLKREGVHTVGELVARTESDLLDIRNFGQKSIDEVKI
KLHQLGLSLKDSPPSFDPSEVAGYDVATGTWSTEGAYDEQDYAETEQL
;
A,B
2 'polypeptide(L)'
;MVLADSRQSKTAASPSPSRPQSSSNNSVPGAPNRVSFAKLREPLEVPGLLDVQTDSFEWLIGSPRWRESAAERGDVNPVG
GLEEVLYELSPIEDFSGSMSLSFSDPRFDDVKAPVDECKDKDMTYAAPLFVTAEFINNNTGEIKSQTVFMGDFPMMTEKG
TFIINGTERVVVSQLVRSPGVYFDETIDKSTDKTLHSVKVIPSRGAWLEFDVDKRDTVGVRIDRKRRQPVTVLLKALGWT
SEQIVERFGFSEIMRSTLEKDNTVGTDEALLDIYRKLRPGEPPTKESAQTLLENLFFKEKRYDLARVGRYKVNKKLGLHV
GEPITSSTLTEEDVVATIEYLVRLHEGQTTMTVPGGVEVPVETDDIDHFGNRRLRTVGELIQNQIRVGMSRMERVVRERM
TTQDVEAITPQTLINIRPVVAAIKEFFGTSQLSQFMDQNNPLSGLTHKRRLSALGPGGLSRERAGLEVRDVHPSHYGRMC
PIETPEGPNIGLIGSLSVYARVNPFGFIETPYRKVVDGVVSDEIVYLTADEEDRHVVAQANSPIDADGRFVEPRVLVRRK
AGEVEYVPSSEVDYMDVSPRQMVSVATAMIPFLEHDDANRALMGANMQRQAVPLVRSEAPLVGTGMELRAAIDAGDVVVA
EESGVIEEVSADYITVMHDNGTRRTYRMRKFARSNHGTCANQCPIVDAGDRVEAGQVIADGPCTDDGEMALGKNLLVAIM
PWEGHNYEDAIILSNRLVEEDVLTSIHIEEHEIDARDTKLGAEEITRDIPNISDEVLADLDERGIVRIGAEVRDGDILVG
KVTPKGETELTPEERLLRAIFGEKAREVRDTSLKVPHGESGKVIGIRVFSREDEDELPAGVNELVRVYVAQKRKISDGDK
LAGRHGNKGVIGKILPVEDMPFLADGTPVDIILNTHGVPRRMNIGQILETHLGWCAHSGWKVDAAKGVPDWAARLPDELL
EAQPNAIVSTPVFDGAQEAELQGLLSCTLPNRDGDVLVDADGKAMLFDGRSGEPFPYPVTVGYMYIMKLHHLVDDKIHAR
STGPYSMITQQPLGGKAQFGGQRFGEMECWAMQAYGAAYTLQELLTIKSDDTVGRVKVYEAIVKGENIPEPGIPESFKVL
LKELQSLCLNVEVLSSDGAAIELREGEDEDLERAAANLGINLSRNESASVEDLA
;
C
3 'polypeptide(L)'
;MVLDVNFFDELRIGLATAEDIRQWSYGEVKKPETINYRTLKPEKDGLFCEKIFGPTRDWECYCGKYKRVRFKGIICERCG
VEVTRAKVRRERMGHIELAAPVTHIWYFKGVPSRLGYLLDLAPKDLEKIIYFAAYVITSVDEEMRHNELSTLEAEMAVER
KAVEDQRDGELEARAQKLEADLAELEAEGAKADARRKVRDGGEREMRQIRDRAQRELDRLEDIWSTFTKLAPKQLIVDEN
LYRELVDRYGEYFTGAMGAESIQKLIENFDIDAEAESLRDVIRNGKGQKKLRALKRLKVVAAFQQSGNSPMGMVLDAVPV
IPPELRPMVQLDGGRFATSDLNDLYRRVINRNNRLKRLIDLGAPEIIVNNEKRMLQESVDALFDNGRRGRPVTGPGNRPL
KSLSDLLKGKQGRFRQNLLGKRVDYSGRSVIVVGPQLKLHQCGLPKLMALELFKPFVMKRLVDLNHAQNIKSAKRMVERQ
RPQVWDVLEEVIAEHPVLLNRAPTLHRLGIQAFEPMLVEGKAIQLHPLVCEAFNADFDGDQMAVHLPLSAEAQAEARILM
LSSNNILSPASGRPLAMPRLDMVTGLYYLTTEVPGDTGEYQPASGDHPETGVYSSPAEAIMAADRGVLSVRAKIKVRLTQ
LRPPVEIEAELFGHSGWQPGDAWMAETTLGRVMFNELLPLGYPFVNKQMHKKVQAAIINDLAERYPMIVVAQTVDKLKDA
GFYWATRSGVTVSMADVLVPPRKKEILDHYEERADKVEKQFQRGALNHDERNEALVEIWKEATDEVGQALREHYPDDNPI
ITIVDSGATGNFTQTRTLAGMKGLVTNPKGEFIPRPVKSSFREGLTVLEYFINTHGARKGLADTALRTADSGYLTRRLVD
VSQDVIVREHDCQTERGIVVELAERAPDGTLIRDPYIETSAYARTLGTDAVDEAGNVIVERGQDLGDPEIDALLAAGITQ
VKVRSVLTCATSTGVCATCYGRSMATGKLVDIGEAVGIVAAQSIGEPGTQLTMRTFHQGGVGEDITGGLPRVQELFEARV
PRGKAPIADVTGRVRLEDGERFYKITIVPDDGGEEVVYDKISKRQRLRVFKHEDGSERVLSDGDHVEVGQQLMEGSADPH
EVLRVQGPREVQIHLVREVQEVYRAQGVSIHDKHIEVIVRQMLRRVTIIDSGSTEFLPGSLIDRAEFEAENRRVVAEGGE
PAAGRPVLMGITKASLATDSWLSAASFQETTRVLTDAAINCRSDKLNGLKENVIIGKLIPAGTGINRYRNIAVQPTEEAR
AAAYTIPSYEDQYYSPDFGAATGAAVPLDDYGYSDYR
;
D
4 'polypeptide(L)'
;MSISQSDASLAAVPAVDQFDPSSGASGGYDTPLGITNPPIDELLDRVSSKYALVIYAAKRARQINDYYNQLGEGILEYVG
PLVEPGLQEKPLSIALREIHADLLEHTEGE
;
E
5 'polypeptide(L)'
;GAMADIDGVTGSAGLQPGPSEETDEELTARFERDAIPLLDQLYGGALRMTRNPADAEDLLQETMVKAYAGFRSFRHGTNL
KAWLYRILTNTYINSYRKKQRQPAEYPTEQITDWQLASNAEHSSTGLRSAEVEALEALPDTEIKEALQALPEEFRMAVYY
ADVEGFPYKEIAEIMDTPIGTVMSRLHRGRRQLRGLLADVARDRGFARGEQAHEGVSS
;
F
6 'polydeoxyribonucleotide'
;(DT)(DT)(DG)(DT)(DG)(DG)(DG)(DA)(DG)(DC)(DT)(DG)(DT)(DC)(DA)(DC)(DG)(DG)(DA)(DT)
(DG)(DC)(DA)
;
G
7 'polydeoxyribonucleotide'
;(DT)(DG)(DC)(DA)(DT)(DC)(DC)(DG)(DT)(DG)(DA)(DG)(DT)(DC)(DG)(DA)(DG)(DG)(DG)(DT)
(DG)
;
H
8 'polyribonucleotide' UCACCCUCGA I
#
loop_
_chem_comp.id
_chem_comp.type
_chem_comp.name
_chem_comp.formula
A RNA linking ADENOSINE-5'-MONOPHOSPHATE 'C10 H14 N5 O7 P'
C RNA linking CYTIDINE-5'-MONOPHOSPHATE 'C9 H14 N3 O8 P'
DA DNA linking 2'-DEOXYADENOSINE-5'-MONOPHOSPHATE 'C10 H14 N5 O6 P'
DC DNA linking 2'-DEOXYCYTIDINE-5'-MONOPHOSPHATE 'C9 H14 N3 O7 P'
DG DNA linking 2'-DEOXYGUANOSINE-5'-MONOPHOSPHATE 'C10 H14 N5 O7 P'
DT DNA linking THYMIDINE-5'-MONOPHOSPHATE 'C10 H15 N2 O8 P'
G RNA linking GUANOSINE-5'-MONOPHOSPHATE 'C10 H14 N5 O8 P'
MG non-polymer 'MAGNESIUM ION' 'Mg 2'
U RNA linking URIDINE-5'-MONOPHOSPHATE 'C9 H13 N2 O9 P'
ZN non-polymer 'ZINC ION' 'Zn 2'
#
# COMPACT_ATOMS: atom_id res chain seq x y z
N SER A 25 46.98 -39.52 -29.90
CA SER A 25 46.30 -38.42 -30.57
C SER A 25 45.82 -38.81 -31.97
N GLN A 26 44.73 -39.57 -32.01
CA GLN A 26 44.12 -40.00 -33.26
C GLN A 26 42.90 -39.14 -33.56
N ARG A 27 42.56 -39.05 -34.84
CA ARG A 27 41.46 -38.21 -35.27
C ARG A 27 40.16 -38.66 -34.60
N PRO A 28 39.33 -37.74 -34.13
CA PRO A 28 38.09 -38.14 -33.46
C PRO A 28 37.12 -38.81 -34.42
N THR A 29 36.36 -39.75 -33.88
CA THR A 29 35.40 -40.53 -34.65
C THR A 29 34.03 -40.44 -34.00
N LEU A 30 33.00 -40.60 -34.83
CA LEU A 30 31.60 -40.50 -34.41
C LEU A 30 30.90 -41.80 -34.79
N SER A 31 30.50 -42.57 -33.80
CA SER A 31 29.76 -43.81 -34.00
C SER A 31 28.34 -43.65 -33.46
N GLU A 32 27.43 -44.48 -33.98
CA GLU A 32 26.03 -44.42 -33.62
C GLU A 32 25.58 -45.73 -32.99
N ASP A 33 24.77 -45.62 -31.94
CA ASP A 33 24.01 -46.74 -31.40
C ASP A 33 22.53 -46.41 -31.50
N VAL A 34 21.68 -47.44 -31.48
CA VAL A 34 20.25 -47.28 -31.67
C VAL A 34 19.51 -47.97 -30.53
N LEU A 35 18.57 -47.24 -29.92
CA LEU A 35 17.73 -47.78 -28.86
C LEU A 35 16.32 -48.07 -29.35
N THR A 36 15.65 -47.07 -29.90
CA THR A 36 14.35 -47.23 -30.55
C THR A 36 14.39 -46.53 -31.90
N ASP A 37 13.25 -46.53 -32.60
CA ASP A 37 13.19 -45.87 -33.90
C ASP A 37 13.46 -44.38 -33.78
N ASN A 38 12.97 -43.75 -32.72
CA ASN A 38 13.07 -42.31 -32.54
C ASN A 38 14.13 -41.90 -31.52
N ARG A 39 14.92 -42.85 -31.01
CA ARG A 39 15.94 -42.54 -30.02
C ARG A 39 17.24 -43.24 -30.40
N SER A 40 18.34 -42.48 -30.35
CA SER A 40 19.66 -42.98 -30.70
C SER A 40 20.72 -42.38 -29.80
N GLN A 41 21.63 -43.22 -29.34
CA GLN A 41 22.85 -42.75 -28.69
C GLN A 41 23.95 -42.59 -29.72
N PHE A 42 24.84 -41.63 -29.46
CA PHE A 42 25.99 -41.36 -30.32
C PHE A 42 27.23 -41.26 -29.44
N VAL A 43 28.36 -41.74 -29.96
CA VAL A 43 29.60 -41.79 -29.21
C VAL A 43 30.68 -41.12 -30.03
N ILE A 44 31.24 -40.03 -29.50
CA ILE A 44 32.33 -39.31 -30.16
C ILE A 44 33.59 -39.49 -29.31
N GLU A 45 34.66 -39.95 -29.95
CA GLU A 45 35.93 -40.14 -29.25
C GLU A 45 37.06 -40.37 -30.23
N PRO A 46 38.30 -39.98 -29.91
CA PRO A 46 38.71 -39.35 -28.65
C PRO A 46 38.53 -37.83 -28.63
N LEU A 47 38.42 -37.28 -27.42
CA LEU A 47 38.33 -35.84 -27.23
C LEU A 47 39.26 -35.43 -26.10
N GLU A 48 39.68 -34.17 -26.13
CA GLU A 48 40.57 -33.64 -25.10
C GLU A 48 39.93 -33.81 -23.72
N PRO A 49 40.74 -33.91 -22.66
CA PRO A 49 40.17 -34.05 -21.31
C PRO A 49 39.40 -32.80 -20.91
N GLY A 50 38.20 -33.02 -20.36
CA GLY A 50 37.31 -31.93 -19.98
C GLY A 50 36.54 -31.32 -21.13
N PHE A 51 36.71 -31.82 -22.35
CA PHE A 51 36.09 -31.24 -23.53
C PHE A 51 34.74 -31.87 -23.87
N GLY A 52 34.44 -33.04 -23.31
CA GLY A 52 33.24 -33.76 -23.72
C GLY A 52 31.96 -33.05 -23.32
N TYR A 53 31.92 -32.52 -22.09
CA TYR A 53 30.73 -31.80 -21.61
C TYR A 53 30.38 -30.64 -22.53
N THR A 54 31.39 -29.86 -22.93
CA THR A 54 31.13 -28.68 -23.74
C THR A 54 30.60 -29.04 -25.11
N LEU A 55 31.13 -30.11 -25.72
CA LEU A 55 30.63 -30.54 -27.02
C LEU A 55 29.23 -31.10 -26.93
N GLY A 56 28.99 -31.97 -25.95
CA GLY A 56 27.65 -32.50 -25.73
C GLY A 56 26.63 -31.39 -25.56
N ASN A 57 26.98 -30.34 -24.80
CA ASN A 57 26.04 -29.26 -24.59
C ASN A 57 25.91 -28.38 -25.82
N SER A 58 27.01 -28.11 -26.53
CA SER A 58 26.92 -27.31 -27.74
C SER A 58 26.03 -27.98 -28.78
N LEU A 59 26.01 -29.32 -28.80
CA LEU A 59 25.10 -30.02 -29.70
C LEU A 59 23.68 -30.05 -29.14
N ARG A 60 23.54 -30.27 -27.83
CA ARG A 60 22.20 -30.38 -27.25
C ARG A 60 21.43 -29.08 -27.39
N ARG A 61 22.06 -27.95 -27.04
CA ARG A 61 21.41 -26.65 -27.17
C ARG A 61 20.97 -26.41 -28.61
N THR A 62 21.75 -26.88 -29.59
CA THR A 62 21.39 -26.70 -30.99
C THR A 62 20.22 -27.61 -31.38
N LEU A 63 20.17 -28.82 -30.82
CA LEU A 63 19.09 -29.76 -31.14
C LEU A 63 17.73 -29.20 -30.74
N LEU A 64 17.61 -28.77 -29.47
CA LEU A 64 16.33 -28.27 -28.99
C LEU A 64 15.93 -26.98 -29.70
N SER A 65 16.91 -26.14 -30.05
CA SER A 65 16.58 -24.78 -30.47
C SER A 65 16.23 -24.69 -31.95
N SER A 66 17.00 -25.35 -32.81
CA SER A 66 17.05 -24.97 -34.22
C SER A 66 17.02 -26.18 -35.14
N ILE A 67 16.28 -27.23 -34.79
CA ILE A 67 16.01 -28.32 -35.72
C ILE A 67 14.71 -28.00 -36.45
N PRO A 68 14.73 -27.84 -37.76
CA PRO A 68 13.52 -27.45 -38.48
C PRO A 68 12.52 -28.59 -38.55
N GLY A 69 11.25 -28.23 -38.56
CA GLY A 69 10.18 -29.17 -38.67
C GLY A 69 8.95 -28.51 -39.24
N ALA A 70 7.83 -29.21 -39.18
CA ALA A 70 6.57 -28.72 -39.72
C ALA A 70 5.50 -28.78 -38.64
N ALA A 71 4.60 -27.79 -38.65
CA ALA A 71 3.53 -27.75 -37.67
C ALA A 71 2.38 -26.94 -38.24
N VAL A 72 1.28 -26.91 -37.50
CA VAL A 72 0.06 -26.21 -37.93
C VAL A 72 0.16 -24.75 -37.54
N THR A 73 -0.05 -23.86 -38.52
CA THR A 73 -0.04 -22.43 -38.26
C THR A 73 -1.37 -21.96 -37.69
N SER A 74 -2.44 -22.19 -38.45
CA SER A 74 -3.75 -21.69 -38.08
C SER A 74 -4.81 -22.66 -38.57
N ILE A 75 -5.88 -22.79 -37.80
CA ILE A 75 -6.98 -23.68 -38.15
C ILE A 75 -8.22 -22.86 -38.45
N ARG A 76 -9.27 -23.54 -38.89
CA ARG A 76 -10.54 -22.90 -39.21
C ARG A 76 -11.65 -23.92 -39.06
N ILE A 77 -12.60 -23.65 -38.18
CA ILE A 77 -13.77 -24.49 -37.99
C ILE A 77 -14.99 -23.75 -38.52
N ASP A 78 -15.91 -24.49 -39.13
CA ASP A 78 -16.97 -23.86 -39.92
C ASP A 78 -17.95 -23.08 -39.04
N GLY A 79 -18.49 -23.73 -38.01
CA GLY A 79 -19.53 -23.12 -37.20
C GLY A 79 -19.08 -22.10 -36.19
N VAL A 80 -17.78 -21.85 -36.07
CA VAL A 80 -17.27 -20.97 -35.03
C VAL A 80 -16.42 -19.88 -35.69
N LEU A 81 -16.58 -18.64 -35.21
CA LEU A 81 -15.79 -17.52 -35.69
C LEU A 81 -14.62 -17.18 -34.77
N HIS A 82 -14.58 -17.74 -33.57
CA HIS A 82 -13.50 -17.44 -32.65
C HIS A 82 -13.31 -18.61 -31.70
N GLU A 83 -12.21 -18.54 -30.94
CA GLU A 83 -11.68 -19.70 -30.25
C GLU A 83 -12.53 -20.09 -29.03
N PHE A 84 -13.24 -19.14 -28.44
CA PHE A 84 -13.89 -19.37 -27.15
C PHE A 84 -15.38 -19.66 -27.32
N THR A 85 -15.67 -20.87 -27.80
CA THR A 85 -17.06 -21.29 -28.00
C THR A 85 -17.08 -22.81 -28.14
N THR A 86 -18.29 -23.37 -28.34
CA THR A 86 -18.51 -24.80 -28.41
C THR A 86 -19.25 -25.14 -29.70
N VAL A 87 -18.68 -26.08 -30.45
CA VAL A 87 -19.38 -26.70 -31.58
C VAL A 87 -20.46 -27.63 -31.05
N PRO A 88 -21.65 -27.67 -31.63
CA PRO A 88 -22.72 -28.50 -31.05
C PRO A 88 -22.39 -29.98 -31.13
N GLY A 89 -22.90 -30.75 -30.16
CA GLY A 89 -22.71 -32.19 -30.14
C GLY A 89 -21.33 -32.67 -29.74
N VAL A 90 -20.29 -31.86 -29.91
CA VAL A 90 -18.94 -32.29 -29.53
C VAL A 90 -18.75 -32.04 -28.04
N LYS A 91 -17.94 -32.90 -27.40
CA LYS A 91 -17.78 -32.83 -25.95
C LYS A 91 -16.80 -31.74 -25.54
N GLU A 92 -15.75 -31.51 -26.34
CA GLU A 92 -14.73 -30.54 -26.02
C GLU A 92 -15.06 -29.19 -26.64
N ASP A 93 -14.74 -28.13 -25.93
CA ASP A 93 -14.85 -26.79 -26.51
C ASP A 93 -13.74 -26.59 -27.55
N VAL A 94 -13.78 -25.45 -28.23
CA VAL A 94 -12.80 -25.20 -29.28
C VAL A 94 -11.40 -25.02 -28.70
N THR A 95 -11.29 -24.47 -27.49
CA THR A 95 -9.97 -24.31 -26.88
C THR A 95 -9.38 -25.67 -26.48
N GLU A 96 -10.20 -26.56 -25.92
CA GLU A 96 -9.72 -27.90 -25.61
C GLU A 96 -9.37 -28.65 -26.88
N ILE A 97 -10.14 -28.45 -27.95
CA ILE A 97 -9.81 -29.05 -29.23
C ILE A 97 -8.47 -28.53 -29.74
N ILE A 98 -8.21 -27.24 -29.55
CA ILE A 98 -6.95 -26.66 -30.02
C ILE A 98 -5.77 -27.22 -29.21
N LEU A 99 -5.94 -27.34 -27.90
CA LEU A 99 -4.86 -27.89 -27.08
C LEU A 99 -4.61 -29.36 -27.39
N ASN A 100 -5.66 -30.13 -27.71
CA ASN A 100 -5.44 -31.49 -28.18
C ASN A 100 -4.74 -31.49 -29.53
N LEU A 101 -5.09 -30.54 -30.41
CA LEU A 101 -4.41 -30.42 -31.68
C LEU A 101 -2.95 -29.99 -31.52
N LYS A 102 -2.59 -29.45 -30.37
CA LYS A 102 -1.19 -29.10 -30.13
C LYS A 102 -0.29 -30.32 -30.07
N SER A 103 -0.82 -31.49 -29.73
CA SER A 103 -0.03 -32.70 -29.63
C SER A 103 0.33 -33.30 -30.99
N LEU A 104 -0.20 -32.76 -32.08
CA LEU A 104 0.02 -33.33 -33.40
C LEU A 104 1.49 -33.22 -33.81
N VAL A 105 2.08 -34.35 -34.18
CA VAL A 105 3.38 -34.37 -34.84
C VAL A 105 3.14 -34.59 -36.32
N VAL A 106 3.66 -33.69 -37.14
CA VAL A 106 3.42 -33.71 -38.58
C VAL A 106 4.72 -33.43 -39.29
N SER A 107 4.82 -33.90 -40.53
CA SER A 107 5.98 -33.60 -41.37
C SER A 107 5.49 -33.08 -42.72
N SER A 108 6.27 -32.17 -43.31
CA SER A 108 5.92 -31.57 -44.59
C SER A 108 7.15 -31.46 -45.47
N GLU A 109 7.01 -31.86 -46.73
CA GLU A 109 8.07 -31.69 -47.72
C GLU A 109 7.88 -30.42 -48.55
N GLU A 110 6.77 -29.72 -48.38
CA GLU A 110 6.46 -28.57 -49.23
C GLU A 110 7.29 -27.34 -48.86
N ASP A 111 7.55 -27.13 -47.57
CA ASP A 111 8.17 -25.90 -47.07
C ASP A 111 7.38 -24.68 -47.54
N GLU A 112 6.08 -24.86 -47.73
CA GLU A 112 5.17 -23.81 -48.17
C GLU A 112 3.84 -24.01 -47.44
N PRO A 113 3.04 -22.96 -47.31
CA PRO A 113 1.74 -23.10 -46.64
C PRO A 113 0.84 -24.06 -47.40
N VAL A 114 0.35 -25.08 -46.69
CA VAL A 114 -0.54 -26.08 -47.27
C VAL A 114 -1.74 -26.24 -46.33
N THR A 115 -2.74 -27.00 -46.78
CA THR A 115 -4.00 -27.11 -46.04
C THR A 115 -4.44 -28.56 -45.96
N MET A 116 -4.62 -29.05 -44.74
CA MET A 116 -5.26 -30.33 -44.46
C MET A 116 -6.72 -30.11 -44.11
N TYR A 117 -7.51 -31.18 -44.20
CA TYR A 117 -8.94 -31.08 -43.99
C TYR A 117 -9.41 -32.22 -43.09
N LEU A 118 -10.55 -32.00 -42.43
CA LEU A 118 -11.15 -33.00 -41.55
C LEU A 118 -12.66 -32.82 -41.60
N ARG A 119 -13.38 -33.86 -42.01
CA ARG A 119 -14.83 -33.87 -42.03
C ARG A 119 -15.29 -35.15 -41.34
N LYS A 120 -15.96 -35.02 -40.20
CA LYS A 120 -16.37 -36.18 -39.42
C LYS A 120 -17.75 -35.92 -38.80
N GLN A 121 -18.55 -36.98 -38.74
CA GLN A 121 -19.88 -36.92 -38.14
C GLN A 121 -20.02 -38.07 -37.16
N GLY A 122 -20.50 -37.75 -35.95
CA GLY A 122 -20.69 -38.74 -34.94
C GLY A 122 -21.86 -39.65 -35.25
N PRO A 123 -22.15 -40.56 -34.30
CA PRO A 123 -21.45 -40.68 -33.02
C PRO A 123 -20.15 -41.48 -33.08
N GLY A 124 -19.03 -40.80 -32.87
CA GLY A 124 -17.73 -41.46 -32.89
C GLY A 124 -16.66 -40.52 -32.39
N GLU A 125 -15.51 -41.11 -32.08
CA GLU A 125 -14.35 -40.34 -31.65
C GLU A 125 -13.55 -39.86 -32.86
N VAL A 126 -13.19 -38.58 -32.87
CA VAL A 126 -12.35 -38.02 -33.91
C VAL A 126 -10.89 -38.14 -33.48
N THR A 127 -10.05 -38.63 -34.39
CA THR A 127 -8.64 -38.85 -34.11
C THR A 127 -7.81 -38.17 -35.20
N ALA A 128 -6.49 -38.26 -35.06
CA ALA A 128 -5.61 -37.66 -36.06
C ALA A 128 -5.63 -38.43 -37.37
N GLY A 129 -5.96 -39.71 -37.32
CA GLY A 129 -6.09 -40.48 -38.55
C GLY A 129 -7.25 -40.03 -39.42
N ASP A 130 -8.24 -39.35 -38.83
CA ASP A 130 -9.39 -38.87 -39.56
C ASP A 130 -9.09 -37.62 -40.39
N ILE A 131 -7.95 -36.99 -40.18
CA ILE A 131 -7.55 -35.85 -41.00
C ILE A 131 -7.03 -36.36 -42.33
N VAL A 132 -7.35 -35.64 -43.41
CA VAL A 132 -6.84 -36.01 -44.74
C VAL A 132 -5.73 -35.03 -45.11
N PRO A 133 -4.47 -35.44 -45.00
CA PRO A 133 -3.37 -34.55 -45.35
C PRO A 133 -3.19 -34.51 -46.87
N PRO A 134 -2.78 -33.36 -47.41
CA PRO A 134 -2.47 -33.30 -48.84
C PRO A 134 -1.16 -34.00 -49.18
N ALA A 135 -0.76 -33.92 -50.46
CA ALA A 135 0.49 -34.51 -50.89
C ALA A 135 1.67 -33.79 -50.26
N GLY A 136 2.64 -34.56 -49.76
CA GLY A 136 3.84 -34.03 -49.18
C GLY A 136 3.86 -34.02 -47.67
N VAL A 137 2.70 -33.95 -47.01
CA VAL A 137 2.63 -33.88 -45.56
C VAL A 137 2.10 -35.19 -45.03
N THR A 138 2.48 -35.50 -43.79
CA THR A 138 2.22 -36.79 -43.16
C THR A 138 1.95 -36.62 -41.68
N VAL A 139 0.91 -37.28 -41.19
CA VAL A 139 0.52 -37.28 -39.80
C VAL A 139 1.02 -38.56 -39.15
N HIS A 140 1.87 -38.42 -38.13
CA HIS A 140 2.65 -39.54 -37.61
C HIS A 140 2.04 -40.19 -36.38
N ASN A 141 0.91 -39.72 -35.88
CA ASN A 141 0.25 -40.33 -34.73
C ASN A 141 -1.26 -40.33 -34.94
N PRO A 142 -1.76 -41.21 -35.80
CA PRO A 142 -3.21 -41.26 -36.05
C PRO A 142 -4.03 -41.67 -34.83
N GLY A 143 -3.43 -42.37 -33.87
CA GLY A 143 -4.15 -42.82 -32.69
C GLY A 143 -4.46 -41.75 -31.67
N MET A 144 -4.03 -40.51 -31.91
CA MET A 144 -4.25 -39.44 -30.94
C MET A 144 -5.71 -39.01 -30.92
N HIS A 145 -6.23 -38.80 -29.71
CA HIS A 145 -7.58 -38.27 -29.55
C HIS A 145 -7.61 -36.78 -29.89
N ILE A 146 -8.65 -36.36 -30.61
CA ILE A 146 -8.86 -34.95 -30.91
C ILE A 146 -10.13 -34.47 -30.22
N ALA A 147 -11.26 -35.03 -30.62
CA ALA A 147 -12.55 -34.62 -30.08
C ALA A 147 -13.49 -35.81 -30.07
N THR A 148 -14.56 -35.69 -29.29
CA THR A 148 -15.56 -36.73 -29.16
C THR A 148 -16.91 -36.20 -29.63
N LEU A 149 -17.53 -36.93 -30.55
CA LEU A 149 -18.78 -36.51 -31.17
C LEU A 149 -19.90 -37.47 -30.84
N ASN A 150 -21.13 -36.96 -30.80
CA ASN A 150 -22.32 -37.75 -30.57
C ASN A 150 -23.21 -37.67 -31.81
N ASP A 151 -24.45 -38.15 -31.67
CA ASP A 151 -25.39 -38.20 -32.79
C ASP A 151 -25.49 -36.85 -33.51
N LYS A 152 -25.52 -35.76 -32.77
CA LYS A 152 -25.68 -34.42 -33.33
C LYS A 152 -24.34 -33.75 -33.64
N GLY A 153 -23.22 -34.40 -33.34
CA GLY A 153 -21.92 -33.79 -33.55
C GLY A 153 -21.49 -33.84 -35.00
N LYS A 154 -21.02 -32.71 -35.51
CA LYS A 154 -20.50 -32.60 -36.87
C LYS A 154 -19.32 -31.64 -36.85
N LEU A 155 -18.15 -32.12 -37.30
CA LEU A 155 -16.91 -31.38 -37.17
C LEU A 155 -16.25 -31.25 -38.54
N GLU A 156 -15.99 -30.02 -38.96
CA GLU A 156 -15.36 -29.72 -40.25
C GLU A 156 -14.26 -28.68 -40.01
N VAL A 157 -13.01 -29.10 -40.18
CA VAL A 157 -11.84 -28.31 -39.78
C VAL A 157 -10.85 -28.25 -40.93
N GLU A 158 -10.40 -27.04 -41.25
CA GLU A 158 -9.21 -26.83 -42.07
C GLU A 158 -8.02 -26.60 -41.15
N LEU A 159 -6.86 -27.14 -41.53
CA LEU A 159 -5.64 -26.99 -40.74
C LEU A 159 -4.51 -26.55 -41.67
N VAL A 160 -4.08 -25.30 -41.55
CA VAL A 160 -2.97 -24.80 -42.35
C VAL A 160 -1.66 -25.27 -41.74
N VAL A 161 -0.85 -25.93 -42.55
CA VAL A 161 0.44 -26.49 -42.13
C VAL A 161 1.55 -25.71 -42.82
N GLU A 162 2.59 -25.39 -42.06
CA GLU A 162 3.74 -24.69 -42.58
C GLU A 162 4.99 -25.33 -41.99
N ARG A 163 6.14 -24.93 -42.52
CA ARG A 163 7.43 -25.47 -42.09
C ARG A 163 8.28 -24.34 -41.52
N GLY A 164 8.75 -24.52 -40.30
CA GLY A 164 9.60 -23.54 -39.67
C GLY A 164 10.47 -24.20 -38.61
N ARG A 165 11.11 -23.37 -37.80
CA ARG A 165 11.96 -23.87 -36.73
C ARG A 165 11.61 -23.18 -35.42
N GLY A 166 11.99 -23.83 -34.32
CA GLY A 166 11.80 -23.25 -33.00
C GLY A 166 10.34 -23.17 -32.59
N TYR A 167 10.02 -22.15 -31.80
CA TYR A 167 8.69 -21.93 -31.26
C TYR A 167 8.20 -20.56 -31.70
N VAL A 168 7.11 -20.54 -32.46
CA VAL A 168 6.51 -19.31 -32.96
C VAL A 168 5.10 -19.22 -32.39
N PRO A 169 4.79 -18.22 -31.58
CA PRO A 169 3.42 -18.07 -31.08
C PRO A 169 2.49 -17.62 -32.19
N ALA A 170 1.19 -17.79 -31.93
CA ALA A 170 0.17 -17.60 -32.96
C ALA A 170 0.30 -16.23 -33.64
N VAL A 171 0.33 -16.25 -34.97
CA VAL A 171 0.44 -15.04 -35.77
C VAL A 171 -0.92 -14.35 -35.80
N GLN A 172 -1.01 -13.20 -35.15
CA GLN A 172 -2.28 -12.50 -34.99
C GLN A 172 -2.85 -12.08 -36.34
N ASN A 173 -4.17 -11.90 -36.38
CA ASN A 173 -4.87 -11.54 -37.62
C ASN A 173 -4.55 -10.12 -38.07
N ARG A 174 -3.98 -9.28 -37.19
CA ARG A 174 -3.55 -7.96 -37.59
C ARG A 174 -2.24 -8.00 -38.37
N ALA A 175 -1.37 -8.96 -38.08
CA ALA A 175 -0.09 -9.03 -38.77
C ALA A 175 -0.25 -9.57 -40.19
N SER A 176 -1.04 -10.65 -40.35
CA SER A 176 -1.32 -11.22 -41.65
C SER A 176 -2.60 -10.62 -42.21
N GLY A 177 -2.98 -11.07 -43.41
CA GLY A 177 -4.22 -10.61 -44.02
C GLY A 177 -5.38 -11.52 -43.69
N ALA A 178 -5.31 -12.20 -42.55
CA ALA A 178 -6.32 -13.16 -42.17
C ALA A 178 -7.67 -12.49 -41.95
N GLU A 179 -8.73 -13.27 -42.10
CA GLU A 179 -10.10 -12.81 -41.88
C GLU A 179 -10.59 -13.32 -40.52
N ILE A 180 -11.84 -12.97 -40.20
CA ILE A 180 -12.35 -13.18 -38.85
C ILE A 180 -12.45 -14.66 -38.52
N GLY A 181 -12.79 -15.50 -39.50
CA GLY A 181 -12.89 -16.94 -39.24
C GLY A 181 -11.58 -17.60 -38.85
N ARG A 182 -10.45 -16.96 -39.20
CA ARG A 182 -9.14 -17.57 -38.96
C ARG A 182 -8.85 -17.66 -37.47
N ILE A 183 -8.43 -18.84 -37.03
CA ILE A 183 -8.05 -19.06 -35.63
C ILE A 183 -6.57 -19.44 -35.58
N PRO A 184 -5.67 -18.47 -35.47
CA PRO A 184 -4.25 -18.79 -35.39
C PRO A 184 -3.92 -19.59 -34.13
N VAL A 185 -2.98 -20.51 -34.27
CA VAL A 185 -2.57 -21.41 -33.20
C VAL A 185 -1.07 -21.30 -33.02
N ASP A 186 -0.60 -21.56 -31.80
CA ASP A 186 0.83 -21.63 -31.54
C ASP A 186 1.41 -22.88 -32.19
N SER A 187 2.52 -22.72 -32.91
CA SER A 187 3.15 -23.79 -33.64
C SER A 187 4.50 -24.14 -33.00
N ILE A 188 4.67 -25.40 -32.63
CA ILE A 188 5.91 -25.90 -32.04
C ILE A 188 6.61 -26.70 -33.13
N TYR A 189 7.63 -26.08 -33.75
CA TYR A 189 8.25 -26.66 -34.94
C TYR A 189 9.29 -27.72 -34.63
N SER A 190 9.77 -27.81 -33.39
CA SER A 190 10.92 -28.65 -33.09
C SER A 190 10.54 -30.13 -33.14
N PRO A 191 11.17 -30.94 -34.00
CA PRO A 191 10.91 -32.39 -33.98
C PRO A 191 11.58 -33.10 -32.83
N VAL A 192 12.60 -32.48 -32.22
CA VAL A 192 13.33 -33.13 -31.13
C VAL A 192 12.44 -33.21 -29.89
N LEU A 193 12.57 -34.31 -29.16
CA LEU A 193 11.86 -34.50 -27.91
C LEU A 193 12.74 -34.23 -26.69
N LYS A 194 13.85 -34.96 -26.55
CA LYS A 194 14.68 -34.86 -25.36
C LYS A 194 16.12 -35.22 -25.69
N VAL A 195 17.06 -34.40 -25.22
CA VAL A 195 18.48 -34.58 -25.49
C VAL A 195 19.23 -34.54 -24.18
N THR A 196 20.20 -35.46 -24.03
CA THR A 196 21.10 -35.44 -22.88
C THR A 196 22.46 -35.94 -23.31
N TYR A 197 23.40 -35.97 -22.37
CA TYR A 197 24.73 -36.46 -22.67
C TYR A 197 25.43 -36.87 -21.39
N LYS A 198 26.46 -37.71 -21.56
CA LYS A 198 27.34 -38.10 -20.47
C LYS A 198 28.73 -38.35 -21.04
N VAL A 199 29.75 -38.09 -20.24
CA VAL A 199 31.12 -38.26 -20.70
C VAL A 199 31.84 -39.28 -19.82
N ASP A 200 32.80 -39.97 -20.42
CA ASP A 200 33.70 -40.87 -19.71
C ASP A 200 35.09 -40.26 -19.73
N ALA A 201 35.61 -39.92 -18.56
CA ALA A 201 36.94 -39.35 -18.43
C ALA A 201 37.95 -40.46 -18.16
N THR A 202 39.12 -40.35 -18.78
CA THR A 202 40.17 -41.35 -18.63
C THR A 202 41.48 -40.64 -18.33
N ARG A 203 42.06 -40.95 -17.17
CA ARG A 203 43.33 -40.36 -16.76
C ARG A 203 44.45 -41.40 -16.77
N ARG A 207 49.12 -40.48 -17.81
CA ARG A 207 50.01 -40.34 -18.95
C ARG A 207 49.25 -39.96 -20.21
N THR A 208 48.15 -40.67 -20.47
CA THR A 208 47.28 -40.40 -21.62
C THR A 208 45.86 -40.22 -21.10
N ASP A 209 45.34 -39.00 -21.20
CA ASP A 209 44.02 -38.66 -20.70
C ASP A 209 43.12 -38.27 -21.87
N PHE A 210 41.87 -38.74 -21.85
CA PHE A 210 40.95 -38.40 -22.94
C PHE A 210 39.52 -38.57 -22.46
N ASP A 211 38.60 -37.90 -23.16
CA ASP A 211 37.18 -37.92 -22.83
C ASP A 211 36.39 -38.54 -23.97
N LYS A 212 35.44 -39.40 -23.62
CA LYS A 212 34.53 -40.04 -24.57
C LYS A 212 33.15 -39.46 -24.36
N LEU A 213 32.64 -38.73 -25.36
CA LEU A 213 31.35 -38.09 -25.28
C LEU A 213 30.26 -39.04 -25.75
N ILE A 214 29.14 -39.05 -25.04
CA ILE A 214 27.98 -39.87 -25.38
C ILE A 214 26.77 -38.95 -25.42
N LEU A 215 26.30 -38.63 -26.61
CA LEU A 215 25.04 -37.94 -26.81
C LEU A 215 23.89 -38.94 -26.79
N ASP A 216 22.72 -38.48 -26.37
CA ASP A 216 21.51 -39.29 -26.37
C ASP A 216 20.38 -38.42 -26.88
N VAL A 217 19.86 -38.74 -28.05
CA VAL A 217 18.85 -37.93 -28.72
C VAL A 217 17.57 -38.76 -28.82
N GLU A 218 16.45 -38.15 -28.48
CA GLU A 218 15.13 -38.75 -28.69
C GLU A 218 14.25 -37.72 -29.37
N THR A 219 13.58 -38.13 -30.44
CA THR A 219 12.76 -37.24 -31.23
C THR A 219 11.34 -37.78 -31.28
N LYS A 220 10.42 -36.91 -31.69
CA LYS A 220 9.09 -37.36 -32.08
C LYS A 220 9.20 -38.11 -33.41
N ASN A 221 8.15 -38.86 -33.74
CA ASN A 221 8.21 -39.66 -34.97
C ASN A 221 8.36 -38.84 -36.24
N SER A 222 8.46 -37.50 -36.16
CA SER A 222 8.62 -36.68 -37.35
C SER A 222 9.89 -37.05 -38.09
N ILE A 223 11.03 -37.08 -37.39
CA ILE A 223 12.31 -37.45 -37.96
C ILE A 223 13.04 -38.38 -37.00
N SER A 224 14.09 -39.03 -37.50
CA SER A 224 14.99 -39.93 -36.79
C SER A 224 16.17 -39.14 -36.23
N PRO A 225 16.74 -39.59 -35.11
CA PRO A 225 17.82 -38.82 -34.46
C PRO A 225 18.99 -38.49 -35.37
N ARG A 226 19.32 -39.37 -36.32
CA ARG A 226 20.42 -39.09 -37.24
C ARG A 226 20.15 -37.82 -38.03
N ASP A 227 18.93 -37.65 -38.53
CA ASP A 227 18.59 -36.45 -39.29
C ASP A 227 18.77 -35.19 -38.45
N ALA A 228 18.25 -35.19 -37.22
CA ALA A 228 18.35 -34.01 -36.38
C ALA A 228 19.80 -33.69 -36.04
N LEU A 229 20.57 -34.71 -35.66
CA LEU A 229 21.97 -34.47 -35.34
C LEU A 229 22.73 -33.93 -36.55
N ALA A 230 22.42 -34.43 -37.75
CA ALA A 230 23.08 -33.91 -38.95
C ALA A 230 22.68 -32.47 -39.22
N SER A 231 21.41 -32.13 -39.01
CA SER A 231 20.98 -30.73 -39.20
C SER A 231 21.73 -29.80 -38.25
N ALA A 232 21.80 -30.18 -36.97
CA ALA A 232 22.53 -29.33 -36.02
C ALA A 232 24.02 -29.29 -36.33
N GLY A 233 24.58 -30.39 -36.84
CA GLY A 233 25.98 -30.38 -37.21
C GLY A 233 26.27 -29.41 -38.34
N LYS A 234 25.41 -29.39 -39.36
CA LYS A 234 25.59 -28.42 -40.43
C LYS A 234 25.41 -27.00 -39.93
N THR A 235 24.43 -26.77 -39.06
CA THR A 235 24.24 -25.44 -38.49
C THR A 235 25.51 -24.98 -37.76
N LEU A 236 26.07 -25.84 -36.92
CA LEU A 236 27.24 -25.47 -36.14
C LEU A 236 28.48 -25.34 -37.03
N VAL A 237 28.57 -26.11 -38.11
CA VAL A 237 29.67 -25.91 -39.05
C VAL A 237 29.56 -24.53 -39.70
N GLU A 238 28.36 -24.17 -40.15
CA GLU A 238 28.14 -22.86 -40.77
C GLU A 238 28.46 -21.74 -39.79
N LEU A 239 28.16 -21.93 -38.50
CA LEU A 239 28.42 -20.88 -37.53
C LEU A 239 29.90 -20.79 -37.17
N PHE A 240 30.54 -21.92 -36.86
CA PHE A 240 31.95 -21.90 -36.49
C PHE A 240 32.86 -21.57 -37.66
N GLY A 241 32.35 -21.63 -38.91
CA GLY A 241 33.13 -21.17 -40.03
C GLY A 241 33.48 -19.68 -39.97
N LEU A 242 32.85 -18.93 -39.07
CA LEU A 242 33.15 -17.51 -38.93
C LEU A 242 34.52 -17.28 -38.29
N ALA A 243 34.99 -18.23 -37.47
CA ALA A 243 36.25 -18.04 -36.76
C ALA A 243 37.43 -17.87 -37.70
N ARG A 244 37.38 -18.52 -38.87
CA ARG A 244 38.45 -18.40 -39.85
C ARG A 244 38.32 -17.12 -40.66
N LEU B 23 15.35 -22.49 -41.99
CA LEU B 23 15.22 -21.18 -42.60
C LEU B 23 16.60 -20.53 -42.79
N ILE B 24 16.63 -19.20 -42.81
CA ILE B 24 17.85 -18.44 -43.12
C ILE B 24 18.00 -17.31 -42.10
N SER B 25 19.22 -17.14 -41.59
CA SER B 25 19.59 -16.00 -40.75
C SER B 25 20.95 -15.51 -41.21
N GLN B 26 21.09 -14.19 -41.32
CA GLN B 26 22.25 -13.60 -41.97
C GLN B 26 22.87 -12.51 -41.10
N ARG B 27 23.96 -11.92 -41.63
CA ARG B 27 24.77 -10.86 -41.05
C ARG B 27 25.39 -11.19 -39.69
N PRO B 28 26.02 -12.38 -39.51
CA PRO B 28 26.76 -12.62 -38.26
C PRO B 28 28.22 -12.19 -38.34
N THR B 29 28.51 -10.89 -38.32
CA THR B 29 29.88 -10.45 -38.57
C THR B 29 30.79 -10.71 -37.36
N LEU B 30 32.09 -10.79 -37.64
CA LEU B 30 33.13 -10.94 -36.62
C LEU B 30 34.13 -9.81 -36.74
N SER B 31 34.41 -9.16 -35.62
CA SER B 31 35.35 -8.03 -35.58
C SER B 31 36.34 -8.21 -34.45
N GLU B 32 37.43 -7.47 -34.51
CA GLU B 32 38.52 -7.63 -33.55
C GLU B 32 39.02 -6.28 -33.08
N ASP B 33 39.13 -6.13 -31.76
CA ASP B 33 39.77 -4.98 -31.13
C ASP B 33 41.12 -5.44 -30.59
N VAL B 34 42.19 -4.78 -31.02
CA VAL B 34 43.54 -5.18 -30.68
C VAL B 34 43.98 -4.42 -29.44
N LEU B 35 44.15 -5.15 -28.33
CA LEU B 35 44.71 -4.56 -27.10
C LEU B 35 46.24 -4.54 -27.17
N THR B 36 46.86 -5.71 -27.28
CA THR B 36 48.30 -5.82 -27.48
C THR B 36 48.59 -6.72 -28.65
N ASP B 37 49.87 -7.04 -28.89
CA ASP B 37 50.19 -7.97 -29.97
C ASP B 37 49.93 -9.42 -29.54
N ASN B 38 50.00 -9.70 -28.24
CA ASN B 38 49.77 -11.05 -27.73
C ASN B 38 48.39 -11.23 -27.13
N ARG B 39 47.55 -10.19 -27.13
CA ARG B 39 46.23 -10.25 -26.54
C ARG B 39 45.26 -9.40 -27.38
N SER B 40 44.05 -9.93 -27.57
CA SER B 40 43.04 -9.22 -28.34
C SER B 40 41.65 -9.64 -27.88
N GLN B 41 40.67 -8.81 -28.20
CA GLN B 41 39.27 -9.14 -27.99
C GLN B 41 38.58 -9.31 -29.34
N PHE B 42 37.73 -10.32 -29.43
CA PHE B 42 36.95 -10.58 -30.62
C PHE B 42 35.47 -10.48 -30.30
N VAL B 43 34.69 -10.01 -31.26
CA VAL B 43 33.24 -9.89 -31.09
C VAL B 43 32.57 -10.60 -32.26
N ILE B 44 31.65 -11.51 -31.95
CA ILE B 44 30.83 -12.18 -32.94
C ILE B 44 29.40 -11.72 -32.72
N GLU B 45 28.83 -11.02 -33.69
CA GLU B 45 27.54 -10.39 -33.48
C GLU B 45 26.87 -10.16 -34.82
N PRO B 46 25.53 -10.27 -34.90
CA PRO B 46 24.71 -10.75 -33.79
C PRO B 46 24.25 -12.18 -34.01
N LEU B 47 24.02 -12.88 -32.92
CA LEU B 47 23.52 -14.26 -32.96
C LEU B 47 22.05 -14.28 -32.55
N GLU B 48 21.32 -15.29 -33.03
CA GLU B 48 19.94 -15.56 -32.64
C GLU B 48 19.88 -15.75 -31.12
N PRO B 49 18.68 -15.79 -30.50
CA PRO B 49 18.64 -15.98 -29.05
C PRO B 49 19.29 -17.28 -28.56
N GLY B 50 19.47 -18.28 -29.44
CA GLY B 50 20.35 -19.40 -29.13
C GLY B 50 21.78 -19.07 -29.52
N PHE B 51 22.64 -20.09 -29.45
CA PHE B 51 23.97 -19.99 -30.08
C PHE B 51 24.87 -18.93 -29.43
N GLY B 52 24.33 -18.17 -28.49
CA GLY B 52 25.18 -17.24 -27.75
C GLY B 52 26.06 -17.97 -26.76
N TYR B 53 25.50 -18.97 -26.08
CA TYR B 53 26.24 -19.79 -25.14
C TYR B 53 26.59 -21.17 -25.69
N THR B 54 26.06 -21.53 -26.87
CA THR B 54 26.43 -22.82 -27.45
C THR B 54 27.88 -22.81 -27.92
N LEU B 55 28.29 -21.76 -28.62
CA LEU B 55 29.67 -21.60 -29.04
C LEU B 55 30.50 -20.75 -28.09
N GLY B 56 29.90 -20.29 -26.99
CA GLY B 56 30.62 -19.50 -26.01
C GLY B 56 31.68 -20.30 -25.28
N ASN B 57 31.26 -21.35 -24.58
CA ASN B 57 32.20 -22.16 -23.81
C ASN B 57 33.03 -23.06 -24.71
N SER B 58 32.46 -23.51 -25.83
CA SER B 58 33.18 -24.42 -26.72
C SER B 58 34.39 -23.75 -27.35
N LEU B 59 34.24 -22.49 -27.79
CA LEU B 59 35.37 -21.79 -28.37
C LEU B 59 36.49 -21.61 -27.36
N ARG B 60 36.15 -21.29 -26.10
CA ARG B 60 37.17 -21.12 -25.08
C ARG B 60 37.89 -22.42 -24.80
N ARG B 61 37.15 -23.50 -24.58
CA ARG B 61 37.78 -24.78 -24.27
C ARG B 61 38.61 -25.28 -25.45
N THR B 62 38.19 -24.97 -26.68
CA THR B 62 38.99 -25.33 -27.85
C THR B 62 40.28 -24.53 -27.90
N LEU B 63 40.20 -23.20 -27.75
CA LEU B 63 41.38 -22.36 -27.70
C LEU B 63 42.37 -22.86 -26.65
N LEU B 64 41.86 -23.33 -25.52
CA LEU B 64 42.74 -23.71 -24.43
C LEU B 64 43.37 -25.08 -24.64
N SER B 65 42.56 -26.09 -24.99
CA SER B 65 43.04 -27.47 -24.99
C SER B 65 43.40 -28.01 -26.36
N SER B 66 42.93 -27.40 -27.45
CA SER B 66 43.02 -28.02 -28.77
C SER B 66 44.09 -27.42 -29.67
N ILE B 67 44.85 -26.43 -29.21
CA ILE B 67 45.89 -25.84 -30.07
C ILE B 67 47.22 -26.52 -29.76
N PRO B 68 47.92 -27.04 -30.77
CA PRO B 68 49.18 -27.73 -30.51
C PRO B 68 50.32 -26.74 -30.25
N GLY B 69 51.18 -27.10 -29.31
CA GLY B 69 52.30 -26.25 -28.95
C GLY B 69 53.29 -27.01 -28.11
N ALA B 70 54.55 -26.58 -28.17
CA ALA B 70 55.65 -27.25 -27.51
C ALA B 70 56.07 -26.50 -26.25
N ALA B 71 56.53 -27.25 -25.26
CA ALA B 71 56.95 -26.66 -24.00
C ALA B 71 57.83 -27.65 -23.24
N VAL B 72 58.24 -27.23 -22.03
CA VAL B 72 59.14 -28.02 -21.19
C VAL B 72 58.35 -29.11 -20.47
N THR B 73 59.02 -30.24 -20.24
CA THR B 73 58.43 -31.36 -19.51
C THR B 73 59.20 -31.67 -18.23
N SER B 74 60.52 -31.83 -18.31
CA SER B 74 61.33 -32.16 -17.15
C SER B 74 62.67 -31.43 -17.26
N ILE B 75 63.26 -31.15 -16.10
CA ILE B 75 64.56 -30.48 -16.03
C ILE B 75 65.44 -31.20 -15.02
N ARG B 76 66.74 -31.19 -15.30
CA ARG B 76 67.74 -31.78 -14.42
C ARG B 76 68.89 -30.79 -14.25
N ILE B 77 69.23 -30.50 -13.00
CA ILE B 77 70.34 -29.60 -12.67
C ILE B 77 71.29 -30.33 -11.73
N ASP B 78 72.59 -30.23 -12.02
CA ASP B 78 73.59 -30.90 -11.21
C ASP B 78 73.81 -30.16 -9.89
N GLY B 79 74.25 -30.92 -8.87
CA GLY B 79 74.52 -30.36 -7.57
C GLY B 79 73.31 -30.12 -6.69
N VAL B 80 72.10 -30.22 -7.24
CA VAL B 80 70.86 -29.99 -6.51
C VAL B 80 70.08 -31.28 -6.30
N LEU B 81 70.68 -32.43 -6.63
CA LEU B 81 69.94 -33.69 -6.72
C LEU B 81 69.17 -34.02 -5.44
N HIS B 82 69.86 -34.20 -4.33
CA HIS B 82 69.20 -34.73 -3.14
C HIS B 82 68.48 -33.65 -2.34
N GLU B 83 68.98 -32.42 -2.35
CA GLU B 83 68.33 -31.31 -1.66
C GLU B 83 67.82 -30.34 -2.73
N PHE B 84 66.51 -30.36 -2.95
CA PHE B 84 65.87 -29.51 -3.95
C PHE B 84 65.59 -28.11 -3.45
N THR B 85 66.09 -27.75 -2.27
CA THR B 85 65.67 -26.49 -1.65
C THR B 85 66.43 -25.29 -2.22
N THR B 86 67.73 -25.45 -2.49
CA THR B 86 68.54 -24.32 -2.91
C THR B 86 69.61 -24.80 -3.89
N VAL B 87 70.04 -23.89 -4.75
CA VAL B 87 71.14 -24.12 -5.69
C VAL B 87 72.26 -23.16 -5.34
N PRO B 88 73.45 -23.63 -4.99
CA PRO B 88 74.54 -22.71 -4.64
C PRO B 88 74.98 -21.88 -5.84
N GLY B 89 75.44 -20.66 -5.56
CA GLY B 89 75.87 -19.75 -6.59
C GLY B 89 74.78 -18.84 -7.14
N VAL B 90 73.52 -19.16 -6.88
CA VAL B 90 72.39 -18.35 -7.31
C VAL B 90 71.49 -18.07 -6.11
N LYS B 91 70.86 -16.90 -6.12
CA LYS B 91 70.00 -16.51 -5.00
C LYS B 91 68.64 -17.19 -5.07
N GLU B 92 68.08 -17.32 -6.26
CA GLU B 92 66.76 -17.90 -6.43
C GLU B 92 66.76 -19.37 -6.02
N ASP B 93 65.65 -19.80 -5.43
CA ASP B 93 65.48 -21.21 -5.08
C ASP B 93 65.23 -22.04 -6.34
N VAL B 94 65.10 -23.35 -6.15
CA VAL B 94 64.74 -24.22 -7.25
C VAL B 94 63.29 -23.98 -7.66
N THR B 95 62.42 -23.66 -6.70
CA THR B 95 61.03 -23.38 -7.01
C THR B 95 60.90 -22.19 -7.95
N GLU B 96 61.60 -21.10 -7.64
CA GLU B 96 61.58 -19.94 -8.51
C GLU B 96 62.22 -20.24 -9.87
N ILE B 97 63.23 -21.10 -9.89
CA ILE B 97 63.84 -21.49 -11.15
C ILE B 97 62.83 -22.22 -12.03
N ILE B 98 62.07 -23.14 -11.43
CA ILE B 98 61.06 -23.87 -12.19
C ILE B 98 59.95 -22.93 -12.64
N LEU B 99 59.58 -21.97 -11.78
CA LEU B 99 58.55 -21.01 -12.17
C LEU B 99 58.99 -20.19 -13.36
N ASN B 100 60.22 -19.67 -13.32
CA ASN B 100 60.74 -18.91 -14.46
C ASN B 100 60.86 -19.79 -15.71
N LEU B 101 61.23 -21.05 -15.53
CA LEU B 101 61.45 -21.93 -16.68
C LEU B 101 60.13 -22.35 -17.33
N LYS B 102 59.07 -22.50 -16.55
CA LYS B 102 57.78 -22.86 -17.12
C LYS B 102 57.19 -21.75 -17.98
N SER B 103 57.64 -20.51 -17.80
CA SER B 103 57.16 -19.38 -18.58
C SER B 103 57.87 -19.24 -19.92
N LEU B 104 58.83 -20.11 -20.22
CA LEU B 104 59.56 -20.01 -21.48
C LEU B 104 58.69 -20.50 -22.63
N VAL B 105 58.60 -19.70 -23.69
CA VAL B 105 57.85 -20.05 -24.89
C VAL B 105 58.82 -20.65 -25.89
N VAL B 106 58.43 -21.78 -26.48
CA VAL B 106 59.30 -22.52 -27.40
C VAL B 106 58.44 -23.22 -28.43
N SER B 107 58.94 -23.30 -29.67
CA SER B 107 58.28 -24.00 -30.76
C SER B 107 59.23 -25.06 -31.30
N SER B 108 58.83 -26.33 -31.21
CA SER B 108 59.64 -27.45 -31.66
C SER B 108 58.91 -28.19 -32.79
N GLU B 109 59.68 -28.58 -33.82
CA GLU B 109 59.13 -29.33 -34.94
C GLU B 109 59.29 -30.83 -34.80
N GLU B 110 60.12 -31.30 -33.87
CA GLU B 110 60.37 -32.72 -33.69
C GLU B 110 59.29 -33.32 -32.79
N ASP B 111 58.67 -34.40 -33.26
CA ASP B 111 57.63 -35.06 -32.48
C ASP B 111 58.20 -35.67 -31.20
N GLU B 112 59.31 -36.40 -31.33
CA GLU B 112 59.94 -37.01 -30.17
C GLU B 112 60.58 -35.93 -29.29
N PRO B 113 60.77 -36.23 -27.99
CA PRO B 113 61.32 -35.21 -27.09
C PRO B 113 62.72 -34.79 -27.50
N VAL B 114 63.01 -33.50 -27.30
CA VAL B 114 64.28 -32.90 -27.68
C VAL B 114 64.85 -32.19 -26.46
N THR B 115 66.13 -32.43 -26.18
CA THR B 115 66.78 -31.85 -25.01
C THR B 115 67.62 -30.65 -25.40
N MET B 116 67.54 -29.61 -24.58
CA MET B 116 68.36 -28.41 -24.69
C MET B 116 69.25 -28.30 -23.46
N TYR B 117 70.22 -27.37 -23.52
CA TYR B 117 71.15 -27.19 -22.43
C TYR B 117 71.40 -25.70 -22.21
N LEU B 118 71.54 -25.31 -20.94
CA LEU B 118 71.89 -23.95 -20.58
C LEU B 118 73.03 -24.00 -19.56
N ARG B 119 74.19 -23.46 -19.95
CA ARG B 119 75.36 -23.41 -19.10
C ARG B 119 75.96 -22.02 -19.16
N LYS B 120 76.08 -21.37 -18.00
CA LYS B 120 76.63 -20.02 -17.92
C LYS B 120 77.38 -19.87 -16.60
N GLN B 121 78.58 -19.30 -16.66
CA GLN B 121 79.44 -19.19 -15.50
C GLN B 121 79.69 -17.73 -15.16
N GLY B 122 80.37 -17.51 -14.04
CA GLY B 122 80.72 -16.18 -13.59
C GLY B 122 79.54 -15.42 -13.03
N PRO B 123 79.81 -14.43 -12.17
CA PRO B 123 78.73 -13.60 -11.64
C PRO B 123 78.06 -12.79 -12.74
N GLY B 124 76.73 -12.75 -12.71
CA GLY B 124 75.99 -12.03 -13.74
C GLY B 124 74.52 -12.40 -13.71
N GLU B 125 73.89 -12.30 -14.87
CA GLU B 125 72.48 -12.63 -15.02
C GLU B 125 72.28 -13.51 -16.24
N VAL B 126 71.63 -14.66 -16.06
CA VAL B 126 71.35 -15.57 -17.15
C VAL B 126 70.06 -15.15 -17.84
N THR B 127 70.04 -15.26 -19.16
CA THR B 127 68.85 -14.95 -19.96
C THR B 127 68.50 -16.17 -20.81
N ALA B 128 67.30 -16.14 -21.38
CA ALA B 128 66.88 -17.22 -22.27
C ALA B 128 67.72 -17.28 -23.54
N GLY B 129 68.33 -16.16 -23.94
CA GLY B 129 69.22 -16.19 -25.08
C GLY B 129 70.50 -16.95 -24.81
N ASP B 130 70.90 -17.05 -23.54
CA ASP B 130 72.09 -17.80 -23.17
C ASP B 130 71.92 -19.30 -23.38
N ILE B 131 70.71 -19.78 -23.62
CA ILE B 131 70.48 -21.18 -23.92
C ILE B 131 70.81 -21.43 -25.39
N VAL B 132 71.32 -22.63 -25.68
CA VAL B 132 71.64 -23.04 -27.04
C VAL B 132 70.49 -23.91 -27.54
N PRO B 133 69.68 -23.44 -28.48
CA PRO B 133 68.58 -24.26 -28.99
C PRO B 133 69.07 -25.31 -29.97
N PRO B 134 68.75 -26.58 -29.75
CA PRO B 134 69.02 -27.60 -30.76
C PRO B 134 68.25 -27.32 -32.05
N ALA B 135 68.64 -28.02 -33.10
CA ALA B 135 68.04 -27.80 -34.41
C ALA B 135 66.55 -28.15 -34.39
N GLY B 136 65.73 -27.21 -34.83
CA GLY B 136 64.30 -27.40 -34.91
C GLY B 136 63.50 -26.66 -33.85
N VAL B 137 64.12 -26.30 -32.73
CA VAL B 137 63.42 -25.61 -31.65
C VAL B 137 63.85 -24.15 -31.65
N THR B 138 62.92 -23.29 -31.22
CA THR B 138 63.13 -21.85 -31.25
C THR B 138 62.64 -21.23 -29.94
N VAL B 139 63.48 -20.40 -29.32
CA VAL B 139 63.12 -19.67 -28.12
C VAL B 139 62.63 -18.29 -28.54
N HIS B 140 61.40 -17.96 -28.17
CA HIS B 140 60.74 -16.76 -28.66
C HIS B 140 60.94 -15.54 -27.77
N ASN B 141 61.45 -15.71 -26.56
CA ASN B 141 61.63 -14.61 -25.61
C ASN B 141 63.05 -14.65 -25.05
N PRO B 142 64.03 -14.17 -25.81
CA PRO B 142 65.42 -14.21 -25.31
C PRO B 142 65.65 -13.36 -24.07
N GLY B 143 64.93 -12.25 -23.91
CA GLY B 143 65.18 -11.32 -22.84
C GLY B 143 64.60 -11.72 -21.50
N MET B 144 64.09 -12.95 -21.43
CA MET B 144 63.46 -13.41 -20.20
C MET B 144 64.52 -13.71 -19.14
N HIS B 145 64.15 -13.51 -17.88
CA HIS B 145 65.05 -13.69 -16.75
C HIS B 145 64.90 -15.10 -16.19
N ILE B 146 66.04 -15.71 -15.84
CA ILE B 146 66.03 -17.04 -15.24
C ILE B 146 66.61 -16.97 -13.83
N ALA B 147 67.87 -16.56 -13.72
CA ALA B 147 68.55 -16.52 -12.44
C ALA B 147 69.73 -15.56 -12.52
N THR B 148 70.29 -15.24 -11.35
CA THR B 148 71.47 -14.41 -11.24
C THR B 148 72.57 -15.20 -10.53
N LEU B 149 73.78 -15.14 -11.09
CA LEU B 149 74.90 -15.93 -10.61
C LEU B 149 75.78 -15.08 -9.70
N ASN B 150 76.00 -15.58 -8.48
CA ASN B 150 76.91 -14.95 -7.53
C ASN B 150 78.35 -15.06 -8.03
N ASP B 151 79.24 -14.32 -7.37
CA ASP B 151 80.66 -14.37 -7.68
C ASP B 151 81.17 -15.81 -7.60
N LYS B 152 81.91 -16.22 -8.63
CA LYS B 152 82.41 -17.60 -8.76
C LYS B 152 81.24 -18.58 -8.82
N GLY B 153 80.16 -18.18 -9.49
CA GLY B 153 79.01 -19.03 -9.69
C GLY B 153 78.95 -19.61 -11.08
N LYS B 154 78.33 -20.78 -11.19
CA LYS B 154 78.16 -21.45 -12.48
C LYS B 154 76.85 -22.22 -12.45
N LEU B 155 76.15 -22.24 -13.58
CA LEU B 155 74.85 -22.88 -13.69
C LEU B 155 74.83 -23.76 -14.92
N GLU B 156 74.52 -25.04 -14.73
CA GLU B 156 74.36 -26.00 -15.82
C GLU B 156 73.02 -26.71 -15.62
N VAL B 157 72.15 -26.64 -16.62
CA VAL B 157 70.80 -27.17 -16.52
C VAL B 157 70.39 -27.80 -17.85
N GLU B 158 69.85 -29.01 -17.79
CA GLU B 158 69.29 -29.69 -18.95
C GLU B 158 67.79 -29.43 -19.01
N LEU B 159 67.27 -29.27 -20.22
CA LEU B 159 65.86 -28.99 -20.45
C LEU B 159 65.29 -30.02 -21.42
N VAL B 160 64.03 -30.38 -21.21
CA VAL B 160 63.32 -31.32 -22.07
C VAL B 160 62.15 -30.57 -22.69
N VAL B 161 62.08 -30.54 -24.01
CA VAL B 161 61.05 -29.81 -24.75
C VAL B 161 60.35 -30.79 -25.68
N GLU B 162 59.02 -30.72 -25.71
CA GLU B 162 58.25 -31.56 -26.61
C GLU B 162 56.89 -30.91 -26.85
N ARG B 163 56.23 -31.36 -27.92
CA ARG B 163 54.93 -30.82 -28.29
C ARG B 163 53.82 -31.49 -27.49
N GLY B 164 52.66 -30.83 -27.49
CA GLY B 164 51.50 -31.35 -26.79
C GLY B 164 50.35 -30.37 -26.91
N ARG B 165 49.34 -30.60 -26.08
CA ARG B 165 48.13 -29.79 -26.08
C ARG B 165 47.67 -29.51 -24.67
N GLY B 166 47.26 -28.26 -24.42
CA GLY B 166 46.63 -27.93 -23.14
C GLY B 166 47.62 -27.84 -22.00
N TYR B 167 47.23 -28.41 -20.86
CA TYR B 167 47.99 -28.31 -19.63
C TYR B 167 47.98 -29.66 -18.93
N VAL B 168 49.12 -30.08 -18.42
CA VAL B 168 49.27 -31.36 -17.73
C VAL B 168 50.15 -31.16 -16.50
N PRO B 169 49.80 -31.74 -15.35
CA PRO B 169 50.64 -31.58 -14.17
C PRO B 169 51.94 -32.37 -14.26
N ALA B 170 52.72 -32.38 -13.18
CA ALA B 170 53.97 -33.13 -13.16
C ALA B 170 53.69 -34.61 -13.38
N VAL B 171 54.35 -35.19 -14.40
CA VAL B 171 54.11 -36.58 -14.77
C VAL B 171 55.16 -37.50 -14.14
N GLU B 179 66.13 -41.62 -15.00
CA GLU B 179 67.37 -41.08 -14.47
C GLU B 179 67.12 -40.17 -13.27
N ILE B 180 67.67 -40.57 -12.11
CA ILE B 180 67.53 -39.76 -10.92
C ILE B 180 68.26 -38.43 -11.09
N GLY B 181 67.79 -37.43 -10.35
CA GLY B 181 68.29 -36.08 -10.50
C GLY B 181 67.52 -35.22 -11.48
N ARG B 182 66.52 -35.79 -12.16
CA ARG B 182 65.67 -35.07 -13.10
C ARG B 182 64.26 -35.03 -12.56
N ILE B 183 63.65 -33.85 -12.56
CA ILE B 183 62.33 -33.63 -11.98
C ILE B 183 61.35 -33.20 -13.07
N PRO B 184 60.11 -33.67 -13.03
CA PRO B 184 59.11 -33.20 -13.99
C PRO B 184 58.51 -31.88 -13.55
N VAL B 185 58.10 -31.09 -14.53
CA VAL B 185 57.47 -29.80 -14.26
C VAL B 185 56.05 -29.83 -14.81
N ASP B 186 55.31 -28.76 -14.58
CA ASP B 186 53.97 -28.62 -15.15
C ASP B 186 54.11 -28.05 -16.56
N SER B 187 53.68 -28.84 -17.55
CA SER B 187 53.88 -28.49 -18.95
C SER B 187 52.71 -27.65 -19.46
N ILE B 188 52.99 -26.43 -19.89
CA ILE B 188 51.99 -25.53 -20.46
C ILE B 188 52.19 -25.59 -21.98
N TYR B 189 51.48 -26.50 -22.62
CA TYR B 189 51.60 -26.67 -24.07
C TYR B 189 50.80 -25.63 -24.84
N SER B 190 49.71 -25.15 -24.26
CA SER B 190 48.80 -24.27 -24.99
C SER B 190 49.51 -22.98 -25.37
N PRO B 191 49.49 -22.58 -26.64
CA PRO B 191 50.06 -21.28 -27.02
C PRO B 191 49.26 -20.10 -26.49
N VAL B 192 48.02 -20.30 -26.06
CA VAL B 192 47.19 -19.25 -25.49
C VAL B 192 47.26 -19.33 -23.98
N LEU B 193 47.26 -18.17 -23.33
CA LEU B 193 47.41 -18.10 -21.88
C LEU B 193 46.07 -18.05 -21.17
N LYS B 194 45.24 -17.04 -21.50
CA LYS B 194 44.03 -16.78 -20.73
C LYS B 194 42.90 -16.40 -21.67
N VAL B 195 41.75 -17.06 -21.53
CA VAL B 195 40.59 -16.80 -22.36
C VAL B 195 39.37 -16.67 -21.48
N THR B 196 38.61 -15.59 -21.64
CA THR B 196 37.36 -15.39 -20.94
C THR B 196 36.31 -14.87 -21.91
N TYR B 197 35.07 -15.26 -21.71
CA TYR B 197 34.01 -14.87 -22.64
C TYR B 197 32.81 -14.30 -21.88
N LYS B 198 32.00 -13.55 -22.62
CA LYS B 198 30.77 -12.95 -22.09
C LYS B 198 29.78 -12.77 -23.23
N VAL B 199 28.49 -12.74 -22.88
CA VAL B 199 27.39 -12.65 -23.82
C VAL B 199 26.51 -11.46 -23.46
N ASP B 200 26.13 -10.67 -24.47
CA ASP B 200 25.31 -9.48 -24.26
C ASP B 200 24.30 -9.34 -25.38
N ALA B 201 23.22 -8.60 -25.12
CA ALA B 201 22.10 -8.50 -26.05
C ALA B 201 22.24 -7.27 -26.95
N THR B 202 22.05 -7.47 -28.27
CA THR B 202 22.17 -6.38 -29.25
C THR B 202 21.15 -6.48 -30.38
N ARG B 203 19.95 -7.00 -30.13
CA ARG B 203 19.08 -7.32 -31.25
C ARG B 203 18.30 -6.11 -31.77
N VAL B 204 17.51 -6.39 -32.80
CA VAL B 204 16.62 -5.39 -33.37
C VAL B 204 15.55 -5.00 -32.35
N GLU B 205 14.97 -3.81 -32.57
CA GLU B 205 13.90 -3.34 -31.69
C GLU B 205 12.73 -4.31 -31.68
N GLN B 206 12.48 -4.99 -32.80
CA GLN B 206 11.47 -6.04 -32.82
C GLN B 206 11.86 -7.21 -31.90
N ARG B 207 13.15 -7.46 -31.73
CA ARG B 207 13.60 -8.59 -30.91
C ARG B 207 14.24 -8.17 -29.59
N THR B 208 15.25 -7.28 -29.62
CA THR B 208 16.04 -6.80 -28.48
C THR B 208 16.58 -7.93 -27.59
N ASP B 209 16.62 -9.18 -28.07
CA ASP B 209 17.07 -10.32 -27.28
C ASP B 209 18.28 -11.07 -27.86
N PHE B 210 18.75 -10.73 -29.05
CA PHE B 210 19.81 -11.49 -29.71
C PHE B 210 21.08 -11.51 -28.86
N ASP B 211 21.81 -12.63 -28.92
CA ASP B 211 23.08 -12.69 -28.23
C ASP B 211 24.21 -12.14 -29.09
N LYS B 212 25.28 -11.75 -28.41
CA LYS B 212 26.51 -11.27 -29.01
C LYS B 212 27.66 -11.70 -28.10
N LEU B 213 28.71 -12.24 -28.71
CA LEU B 213 29.80 -12.88 -28.00
C LEU B 213 31.02 -11.98 -27.98
N ILE B 214 31.56 -11.76 -26.77
CA ILE B 214 32.81 -11.05 -26.57
C ILE B 214 33.80 -12.04 -25.99
N LEU B 215 34.95 -12.19 -26.65
CA LEU B 215 35.99 -13.14 -26.28
C LEU B 215 37.29 -12.39 -26.05
N ASP B 216 37.78 -12.42 -24.82
CA ASP B 216 39.08 -11.86 -24.46
C ASP B 216 40.09 -13.01 -24.46
N VAL B 217 41.08 -12.93 -25.36
CA VAL B 217 42.06 -13.99 -25.52
C VAL B 217 43.46 -13.38 -25.40
N GLU B 218 44.30 -14.02 -24.60
CA GLU B 218 45.69 -13.61 -24.43
C GLU B 218 46.57 -14.83 -24.65
N THR B 219 47.46 -14.74 -25.63
CA THR B 219 48.28 -15.85 -26.10
C THR B 219 49.75 -15.54 -25.89
N LYS B 220 50.58 -16.57 -26.07
CA LYS B 220 52.03 -16.44 -26.03
C LYS B 220 52.53 -15.83 -27.33
N ASN B 221 53.86 -15.67 -27.43
CA ASN B 221 54.46 -15.13 -28.64
C ASN B 221 54.51 -16.14 -29.78
N SER B 222 54.13 -17.39 -29.53
CA SER B 222 54.15 -18.41 -30.59
C SER B 222 53.24 -18.01 -31.75
N ILE B 223 52.02 -17.59 -31.45
CA ILE B 223 51.05 -17.19 -32.45
C ILE B 223 50.24 -16.00 -31.94
N SER B 224 49.71 -15.23 -32.88
CA SER B 224 48.81 -14.15 -32.53
C SER B 224 47.43 -14.73 -32.15
N PRO B 225 46.62 -13.96 -31.41
CA PRO B 225 45.26 -14.44 -31.12
C PRO B 225 44.46 -14.72 -32.38
N ARG B 226 44.75 -14.02 -33.48
CA ARG B 226 44.06 -14.27 -34.74
C ARG B 226 44.27 -15.71 -35.20
N ASP B 227 45.53 -16.15 -35.26
CA ASP B 227 45.82 -17.51 -35.70
C ASP B 227 45.30 -18.55 -34.72
N ALA B 228 45.32 -18.25 -33.42
CA ALA B 228 44.76 -19.18 -32.44
C ALA B 228 43.27 -19.37 -32.66
N LEU B 229 42.55 -18.26 -32.84
CA LEU B 229 41.11 -18.34 -33.13
C LEU B 229 40.86 -19.10 -34.44
N ALA B 230 41.72 -18.88 -35.45
CA ALA B 230 41.52 -19.56 -36.73
C ALA B 230 41.74 -21.06 -36.61
N SER B 231 42.78 -21.47 -35.87
CA SER B 231 43.02 -22.90 -35.67
C SER B 231 41.89 -23.53 -34.87
N ALA B 232 41.40 -22.85 -33.84
CA ALA B 232 40.25 -23.35 -33.09
C ALA B 232 39.04 -23.50 -33.99
N GLY B 233 38.82 -22.52 -34.88
CA GLY B 233 37.70 -22.61 -35.80
C GLY B 233 37.83 -23.78 -36.75
N LYS B 234 39.03 -24.03 -37.26
CA LYS B 234 39.24 -25.17 -38.16
C LYS B 234 39.00 -26.48 -37.43
N THR B 235 39.54 -26.61 -36.21
CA THR B 235 39.37 -27.85 -35.46
C THR B 235 37.90 -28.09 -35.12
N LEU B 236 37.18 -27.04 -34.72
CA LEU B 236 35.76 -27.21 -34.40
C LEU B 236 34.93 -27.44 -35.66
N VAL B 237 35.34 -26.86 -36.79
CA VAL B 237 34.66 -27.15 -38.05
C VAL B 237 34.80 -28.62 -38.39
N GLU B 238 35.97 -29.20 -38.16
CA GLU B 238 36.14 -30.64 -38.36
C GLU B 238 35.30 -31.44 -37.37
N LEU B 239 35.31 -31.03 -36.10
CA LEU B 239 34.53 -31.73 -35.08
C LEU B 239 33.06 -31.81 -35.45
N PHE B 240 32.47 -30.67 -35.70
CA PHE B 240 31.07 -30.64 -36.07
C PHE B 240 30.86 -31.26 -37.43
N GLY B 241 31.82 -31.07 -38.29
CA GLY B 241 31.72 -31.61 -39.62
C GLY B 241 31.55 -33.08 -39.49
N LEU B 242 32.03 -33.65 -38.40
CA LEU B 242 31.91 -35.06 -38.20
C LEU B 242 30.47 -35.38 -38.23
N ALA B 243 29.70 -34.56 -37.55
CA ALA B 243 28.27 -34.76 -37.51
C ALA B 243 27.55 -34.50 -38.79
N ARG B 244 27.96 -33.47 -39.50
CA ARG B 244 27.29 -33.11 -40.73
C ARG B 244 27.34 -34.25 -41.70
N GLU B 245 28.46 -34.94 -41.72
CA GLU B 245 28.65 -36.02 -42.65
C GLU B 245 27.56 -37.04 -42.41
N LEU B 246 26.93 -36.99 -41.25
CA LEU B 246 25.92 -37.94 -40.95
C LEU B 246 24.78 -37.92 -41.94
N ASN B 247 24.30 -36.76 -42.35
CA ASN B 247 23.22 -36.74 -43.32
C ASN B 247 23.35 -35.73 -44.38
N VAL B 248 24.28 -34.82 -44.18
CA VAL B 248 24.52 -33.79 -45.17
C VAL B 248 23.24 -33.13 -45.61
N GLU B 249 22.41 -32.74 -44.66
CA GLU B 249 21.11 -32.14 -44.96
C GLU B 249 20.82 -30.73 -44.52
N ALA B 250 19.54 -30.36 -44.54
CA ALA B 250 19.11 -29.01 -44.25
C ALA B 250 19.43 -28.39 -42.94
N GLU B 251 19.95 -27.17 -42.98
CA GLU B 251 20.23 -26.48 -41.73
C GLU B 251 20.25 -24.98 -41.99
N GLY B 252 20.34 -24.22 -40.91
CA GLY B 252 20.32 -22.76 -41.00
C GLY B 252 21.39 -22.18 -41.90
N ILE B 253 20.97 -21.46 -42.94
CA ILE B 253 21.87 -20.85 -43.90
C ILE B 253 22.34 -19.48 -43.39
N GLU B 254 23.42 -18.96 -43.96
CA GLU B 254 23.91 -17.61 -43.67
C GLU B 254 24.28 -16.90 -44.97
N ILE B 255 24.66 -15.64 -44.86
CA ILE B 255 25.07 -14.83 -46.01
C ILE B 255 26.58 -14.62 -46.02
N GLY B 256 27.12 -14.00 -44.99
CA GLY B 256 28.55 -13.75 -44.90
C GLY B 256 29.25 -14.76 -44.03
N PRO B 257 30.44 -15.24 -44.47
CA PRO B 257 31.26 -16.19 -43.73
C PRO B 257 32.37 -15.54 -42.91
N SER C 23 -8.24 -42.67 4.02
CA SER C 23 -7.57 -43.28 2.88
C SER C 23 -8.39 -43.14 1.61
N SER C 24 -9.50 -43.86 1.56
CA SER C 24 -10.36 -43.86 0.38
C SER C 24 -11.19 -42.58 0.28
N ASN C 25 -11.64 -42.05 1.41
CA ASN C 25 -12.55 -40.88 1.44
C ASN C 25 -13.78 -41.15 0.57
N ASN C 26 -14.34 -42.35 0.71
CA ASN C 26 -15.37 -42.85 -0.19
C ASN C 26 -16.75 -42.30 0.13
N SER C 27 -16.86 -41.33 1.05
CA SER C 27 -18.15 -40.72 1.31
C SER C 27 -18.69 -39.95 0.09
N VAL C 28 -17.82 -39.55 -0.82
CA VAL C 28 -18.20 -38.86 -2.04
C VAL C 28 -18.02 -39.84 -3.21
N PRO C 29 -19.06 -40.11 -3.99
CA PRO C 29 -18.92 -41.05 -5.10
C PRO C 29 -18.07 -40.47 -6.23
N GLY C 30 -17.33 -41.35 -6.90
CA GLY C 30 -16.52 -40.99 -8.03
C GLY C 30 -15.33 -40.10 -7.74
N ALA C 31 -15.11 -39.73 -6.48
CA ALA C 31 -13.98 -38.86 -6.16
C ALA C 31 -12.66 -39.60 -6.38
N PRO C 32 -11.67 -38.94 -6.97
CA PRO C 32 -10.40 -39.62 -7.24
C PRO C 32 -9.76 -40.14 -5.96
N ASN C 33 -9.03 -41.24 -6.10
CA ASN C 33 -8.47 -41.93 -4.95
C ASN C 33 -7.17 -41.24 -4.53
N ARG C 34 -7.24 -40.47 -3.45
CA ARG C 34 -6.08 -39.78 -2.90
C ARG C 34 -5.67 -40.51 -1.63
N VAL C 35 -4.57 -41.26 -1.71
CA VAL C 35 -4.12 -42.04 -0.56
C VAL C 35 -3.60 -41.09 0.51
N SER C 36 -4.06 -41.30 1.75
CA SER C 36 -3.85 -40.34 2.83
C SER C 36 -2.85 -40.89 3.85
N PHE C 37 -1.84 -40.08 4.17
CA PHE C 37 -0.89 -40.38 5.24
C PHE C 37 -1.53 -40.33 6.62
N ALA C 38 -2.82 -40.05 6.71
CA ALA C 38 -3.47 -39.82 8.01
C ALA C 38 -3.30 -41.02 8.93
N LYS C 39 -2.89 -40.76 10.16
CA LYS C 39 -2.74 -41.78 11.18
C LYS C 39 -3.93 -41.83 12.13
N LEU C 40 -4.88 -40.92 12.00
CA LEU C 40 -6.01 -40.82 12.90
C LEU C 40 -7.31 -40.90 12.12
N ARG C 41 -8.29 -41.61 12.69
CA ARG C 41 -9.60 -41.72 12.07
C ARG C 41 -10.38 -40.41 12.26
N GLU C 42 -11.28 -40.14 11.31
CA GLU C 42 -12.16 -38.99 11.36
C GLU C 42 -13.52 -39.43 11.88
N PRO C 43 -13.85 -39.19 13.14
CA PRO C 43 -15.17 -39.61 13.65
C PRO C 43 -16.32 -38.75 13.16
N LEU C 44 -16.05 -37.51 12.74
CA LEU C 44 -17.08 -36.61 12.24
C LEU C 44 -16.64 -36.04 10.90
N GLU C 45 -17.60 -35.88 9.98
CA GLU C 45 -17.30 -35.39 8.64
C GLU C 45 -17.61 -33.90 8.56
N VAL C 46 -16.85 -33.21 7.69
CA VAL C 46 -17.01 -31.79 7.45
C VAL C 46 -18.45 -31.47 7.10
N PRO C 47 -19.11 -30.58 7.84
CA PRO C 47 -20.50 -30.25 7.50
C PRO C 47 -20.60 -29.42 6.24
N GLY C 48 -21.81 -29.03 5.86
CA GLY C 48 -21.99 -28.18 4.71
C GLY C 48 -21.27 -26.86 4.89
N LEU C 49 -20.26 -26.60 4.06
CA LEU C 49 -19.45 -25.40 4.23
C LEU C 49 -20.25 -24.11 4.03
N LEU C 50 -21.40 -24.19 3.37
CA LEU C 50 -22.25 -23.02 3.17
C LEU C 50 -23.39 -22.95 4.18
N ASP C 51 -23.47 -23.89 5.12
CA ASP C 51 -24.61 -23.94 6.03
C ASP C 51 -24.78 -22.64 6.81
N VAL C 52 -23.68 -21.92 7.06
CA VAL C 52 -23.76 -20.64 7.78
C VAL C 52 -24.70 -19.67 7.05
N GLN C 53 -24.84 -19.82 5.74
CA GLN C 53 -25.71 -18.97 4.93
C GLN C 53 -27.08 -19.58 4.70
N THR C 54 -27.12 -20.85 4.26
CA THR C 54 -28.40 -21.48 3.95
C THR C 54 -29.27 -21.64 5.18
N ASP C 55 -28.67 -22.04 6.31
CA ASP C 55 -29.45 -22.14 7.55
C ASP C 55 -30.09 -20.80 7.89
N SER C 56 -29.29 -19.72 7.82
CA SER C 56 -29.80 -18.40 8.17
C SER C 56 -30.97 -18.00 7.26
N PHE C 57 -30.80 -18.16 5.94
CA PHE C 57 -31.84 -17.68 5.04
C PHE C 57 -33.08 -18.56 5.10
N GLU C 58 -32.90 -19.88 5.19
CA GLU C 58 -34.04 -20.77 5.34
C GLU C 58 -34.77 -20.54 6.66
N TRP C 59 -34.07 -20.04 7.68
CA TRP C 59 -34.77 -19.60 8.88
C TRP C 59 -35.56 -18.33 8.61
N LEU C 60 -34.95 -17.37 7.92
CA LEU C 60 -35.63 -16.11 7.63
C LEU C 60 -36.93 -16.35 6.87
N ILE C 61 -36.91 -17.25 5.90
CA ILE C 61 -38.11 -17.53 5.12
C ILE C 61 -39.08 -18.42 5.90
N GLY C 62 -38.57 -19.49 6.49
CA GLY C 62 -39.40 -20.51 7.07
C GLY C 62 -39.58 -21.74 6.20
N SER C 63 -38.61 -22.04 5.33
CA SER C 63 -38.74 -23.13 4.38
C SER C 63 -38.90 -24.47 5.11
N PRO C 64 -39.55 -25.45 4.47
CA PRO C 64 -39.75 -26.75 5.16
C PRO C 64 -38.48 -27.44 5.56
N ARG C 65 -37.38 -27.22 4.83
CA ARG C 65 -36.08 -27.67 5.31
C ARG C 65 -35.82 -27.14 6.72
N TRP C 66 -36.05 -25.85 6.92
CA TRP C 66 -35.91 -25.27 8.24
C TRP C 66 -36.96 -25.80 9.22
N ARG C 67 -38.14 -26.17 8.72
CA ARG C 67 -39.16 -26.75 9.61
C ARG C 67 -38.67 -28.06 10.21
N GLU C 68 -38.24 -28.95 9.34
CA GLU C 68 -37.87 -30.23 9.83
C GLU C 68 -36.77 -30.07 10.81
N SER C 69 -35.86 -29.15 10.53
CA SER C 69 -34.72 -29.00 11.40
C SER C 69 -35.11 -28.67 12.81
N ALA C 70 -36.09 -27.81 12.97
CA ALA C 70 -36.49 -27.42 14.30
C ALA C 70 -36.99 -28.58 15.16
N ALA C 71 -37.76 -29.48 14.58
CA ALA C 71 -38.29 -30.57 15.38
C ALA C 71 -37.12 -31.34 15.95
N GLU C 72 -36.10 -31.56 15.13
CA GLU C 72 -34.93 -32.27 15.57
C GLU C 72 -34.23 -31.50 16.63
N ARG C 73 -34.19 -30.19 16.49
CA ARG C 73 -33.52 -29.38 17.48
C ARG C 73 -34.22 -29.46 18.84
N GLY C 74 -35.50 -29.73 18.81
CA GLY C 74 -36.25 -29.79 20.04
C GLY C 74 -36.86 -28.44 20.33
N ASP C 75 -36.50 -27.44 19.53
CA ASP C 75 -37.09 -26.15 19.73
C ASP C 75 -38.38 -26.38 19.01
N VAL C 76 -39.32 -26.96 19.72
CA VAL C 76 -40.58 -27.31 19.15
C VAL C 76 -41.29 -26.10 18.61
N ASN C 77 -41.13 -24.98 19.28
CA ASN C 77 -41.80 -23.79 18.81
C ASN C 77 -41.04 -23.31 17.63
N PRO C 78 -41.71 -23.47 16.43
CA PRO C 78 -40.98 -23.01 15.27
C PRO C 78 -41.61 -21.73 14.87
N VAL C 79 -40.79 -20.74 14.60
CA VAL C 79 -41.26 -19.41 14.21
C VAL C 79 -40.21 -18.81 13.29
N GLY C 80 -40.60 -18.51 12.06
CA GLY C 80 -39.67 -17.93 11.11
C GLY C 80 -39.31 -16.49 11.46
N GLY C 81 -38.34 -15.96 10.71
CA GLY C 81 -37.93 -14.59 10.93
C GLY C 81 -38.99 -13.60 10.51
N LEU C 82 -39.53 -13.77 9.29
CA LEU C 82 -40.64 -12.95 8.84
C LEU C 82 -41.85 -13.15 9.76
N GLU C 83 -42.13 -14.39 10.14
CA GLU C 83 -43.21 -14.65 11.09
C GLU C 83 -42.97 -13.93 12.40
N GLU C 84 -41.71 -13.84 12.83
CA GLU C 84 -41.39 -13.14 14.07
C GLU C 84 -41.64 -11.64 13.94
N VAL C 85 -41.22 -11.03 12.83
CA VAL C 85 -41.49 -9.61 12.63
C VAL C 85 -42.99 -9.36 12.57
N LEU C 86 -43.74 -10.29 11.98
CA LEU C 86 -45.20 -10.15 11.93
C LEU C 86 -45.82 -10.24 13.31
N TYR C 87 -45.36 -11.19 14.13
CA TYR C 87 -45.90 -11.33 15.48
C TYR C 87 -45.53 -10.14 16.35
N GLU C 88 -44.36 -9.54 16.14
CA GLU C 88 -44.01 -8.34 16.88
C GLU C 88 -44.84 -7.15 16.40
N LEU C 89 -45.14 -7.08 15.11
CA LEU C 89 -45.92 -5.98 14.58
C LEU C 89 -47.41 -6.14 14.86
N SER C 90 -47.90 -7.37 14.94
CA SER C 90 -49.33 -7.56 15.11
C SER C 90 -49.70 -7.52 16.60
N PRO C 91 -50.81 -6.86 16.95
CA PRO C 91 -51.64 -6.11 16.00
C PRO C 91 -51.23 -4.64 15.92
N ILE C 92 -51.83 -3.89 15.00
CA ILE C 92 -51.63 -2.46 14.89
C ILE C 92 -52.92 -1.79 15.34
N GLU C 93 -52.89 -1.21 16.53
CA GLU C 93 -54.08 -0.63 17.16
C GLU C 93 -54.10 0.88 16.98
N ASP C 94 -55.28 1.41 16.69
CA ASP C 94 -55.47 2.85 16.62
C ASP C 94 -55.49 3.44 18.03
N PHE C 95 -55.25 4.76 18.11
CA PHE C 95 -55.21 5.43 19.40
C PHE C 95 -56.52 5.28 20.16
N SER C 96 -57.63 5.16 19.44
CA SER C 96 -58.94 4.93 20.06
C SER C 96 -59.18 3.48 20.45
N GLY C 97 -58.37 2.54 19.94
CA GLY C 97 -58.63 1.14 20.18
C GLY C 97 -59.82 0.58 19.45
N SER C 98 -60.37 1.33 18.48
CA SER C 98 -61.56 0.89 17.79
C SER C 98 -61.26 -0.10 16.66
N MET C 99 -60.07 -0.01 16.08
CA MET C 99 -59.75 -0.78 14.88
C MET C 99 -58.32 -1.31 14.98
N SER C 100 -58.15 -2.59 14.65
CA SER C 100 -56.85 -3.24 14.71
C SER C 100 -56.57 -3.92 13.37
N LEU C 101 -55.28 -4.02 13.05
CA LEU C 101 -54.81 -4.66 11.82
C LEU C 101 -53.66 -5.58 12.17
N SER C 102 -53.80 -6.87 11.83
CA SER C 102 -52.83 -7.88 12.22
C SER C 102 -52.39 -8.66 10.99
N PHE C 103 -51.08 -8.74 10.77
CA PHE C 103 -50.51 -9.57 9.71
C PHE C 103 -50.29 -10.97 10.26
N SER C 104 -50.60 -11.98 9.45
CA SER C 104 -50.59 -13.35 9.96
C SER C 104 -49.60 -14.26 9.25
N ASP C 105 -49.67 -14.40 7.93
CA ASP C 105 -48.98 -15.47 7.24
C ASP C 105 -48.06 -14.95 6.13
N PRO C 106 -46.76 -15.25 6.16
CA PRO C 106 -45.90 -14.93 5.02
C PRO C 106 -45.88 -16.07 4.01
N ARG C 107 -45.93 -15.70 2.73
CA ARG C 107 -45.93 -16.68 1.65
C ARG C 107 -45.15 -16.12 0.48
N PHE C 108 -44.53 -17.02 -0.30
CA PHE C 108 -43.65 -16.62 -1.40
C PHE C 108 -44.17 -17.22 -2.71
N ASP C 109 -44.42 -16.36 -3.68
CA ASP C 109 -44.67 -16.81 -5.03
C ASP C 109 -43.34 -17.21 -5.68
N ASP C 110 -43.42 -17.91 -6.81
CA ASP C 110 -42.22 -18.40 -7.46
C ASP C 110 -41.35 -17.25 -7.94
N VAL C 111 -40.08 -17.57 -8.21
CA VAL C 111 -39.09 -16.54 -8.54
C VAL C 111 -39.47 -15.86 -9.85
N LYS C 112 -39.10 -14.57 -9.97
CA LYS C 112 -39.47 -13.80 -11.14
C LYS C 112 -38.64 -14.18 -12.37
N ALA C 113 -37.33 -14.33 -12.19
CA ALA C 113 -36.45 -14.65 -13.31
C ALA C 113 -35.33 -15.53 -12.82
N PRO C 114 -34.81 -16.42 -13.66
CA PRO C 114 -33.68 -17.26 -13.26
C PRO C 114 -32.40 -16.45 -13.08
N VAL C 115 -31.41 -17.09 -12.45
CA VAL C 115 -30.18 -16.40 -12.07
C VAL C 115 -29.46 -15.87 -13.30
N ASP C 116 -29.34 -16.71 -14.34
CA ASP C 116 -28.64 -16.28 -15.55
C ASP C 116 -29.33 -15.09 -16.19
N GLU C 117 -30.65 -15.12 -16.28
CA GLU C 117 -31.39 -14.01 -16.85
C GLU C 117 -31.23 -12.75 -16.00
N CYS C 118 -31.21 -12.91 -14.67
CA CYS C 118 -31.00 -11.77 -13.79
C CYS C 118 -29.64 -11.13 -14.05
N LYS C 119 -28.58 -11.95 -14.09
CA LYS C 119 -27.24 -11.42 -14.32
C LYS C 119 -27.12 -10.82 -15.72
N ASP C 120 -27.91 -11.30 -16.67
CA ASP C 120 -27.84 -10.77 -18.02
C ASP C 120 -28.55 -9.43 -18.14
N LYS C 121 -29.74 -9.30 -17.55
CA LYS C 121 -30.58 -8.12 -17.73
C LYS C 121 -30.39 -7.07 -16.63
N ASP C 122 -29.40 -7.24 -15.76
CA ASP C 122 -29.13 -6.30 -14.66
C ASP C 122 -30.33 -6.19 -13.72
N MET C 123 -30.88 -7.34 -13.35
CA MET C 123 -32.04 -7.43 -12.48
C MET C 123 -31.62 -7.89 -11.09
N THR C 124 -32.62 -8.13 -10.23
CA THR C 124 -32.41 -8.66 -8.89
C THR C 124 -33.16 -9.97 -8.75
N TYR C 125 -32.45 -11.03 -8.39
CA TYR C 125 -33.06 -12.34 -8.16
C TYR C 125 -33.99 -12.24 -6.96
N ALA C 126 -35.31 -12.28 -7.22
CA ALA C 126 -36.28 -12.00 -6.17
C ALA C 126 -37.54 -12.82 -6.40
N ALA C 127 -38.35 -12.91 -5.34
CA ALA C 127 -39.64 -13.58 -5.36
C ALA C 127 -40.69 -12.70 -4.70
N PRO C 128 -41.92 -12.70 -5.19
CA PRO C 128 -42.96 -11.87 -4.56
C PRO C 128 -43.29 -12.37 -3.15
N LEU C 129 -43.55 -11.42 -2.25
CA LEU C 129 -43.86 -11.71 -0.85
C LEU C 129 -45.28 -11.28 -0.54
N PHE C 130 -46.09 -12.23 -0.06
CA PHE C 130 -47.48 -11.98 0.29
C PHE C 130 -47.68 -12.18 1.79
N VAL C 131 -48.67 -11.47 2.34
CA VAL C 131 -49.06 -11.62 3.73
C VAL C 131 -50.58 -11.66 3.81
N THR C 132 -51.07 -12.25 4.89
CA THR C 132 -52.50 -12.31 5.19
C THR C 132 -52.81 -11.24 6.23
N ALA C 133 -53.30 -10.09 5.77
CA ALA C 133 -53.57 -8.95 6.64
C ALA C 133 -55.05 -8.95 7.01
N GLU C 134 -55.35 -9.30 8.26
CA GLU C 134 -56.70 -9.33 8.77
C GLU C 134 -56.97 -8.06 9.55
N PHE C 135 -57.99 -7.31 9.13
CA PHE C 135 -58.42 -6.11 9.83
C PHE C 135 -59.70 -6.39 10.60
N ILE C 136 -59.83 -5.77 11.77
CA ILE C 136 -61.00 -5.92 12.63
C ILE C 136 -61.43 -4.55 13.11
N ASN C 137 -62.70 -4.23 12.91
CA ASN C 137 -63.31 -3.01 13.45
C ASN C 137 -64.18 -3.42 14.64
N ASN C 138 -63.75 -3.02 15.85
CA ASN C 138 -64.46 -3.40 17.06
C ASN C 138 -65.79 -2.66 17.19
N ASN C 139 -65.86 -1.43 16.68
CA ASN C 139 -67.10 -0.65 16.79
C ASN C 139 -68.23 -1.34 16.03
N THR C 140 -68.04 -1.59 14.74
CA THR C 140 -68.99 -2.39 13.97
C THR C 140 -68.71 -3.89 14.07
N GLY C 141 -67.64 -4.27 14.75
CA GLY C 141 -67.34 -5.69 14.94
C GLY C 141 -67.19 -6.47 13.66
N GLU C 142 -66.65 -5.85 12.61
CA GLU C 142 -66.53 -6.52 11.31
C GLU C 142 -65.08 -6.94 11.08
N ILE C 143 -64.93 -8.01 10.30
CA ILE C 143 -63.61 -8.57 10.00
C ILE C 143 -63.45 -8.61 8.48
N LYS C 144 -62.29 -8.15 8.02
CA LYS C 144 -61.94 -8.19 6.60
C LYS C 144 -60.54 -8.77 6.46
N SER C 145 -60.46 -10.01 5.98
CA SER C 145 -59.18 -10.63 5.65
C SER C 145 -58.77 -10.23 4.24
N GLN C 146 -57.54 -10.56 3.88
CA GLN C 146 -57.02 -10.22 2.56
C GLN C 146 -55.67 -10.91 2.38
N THR C 147 -55.13 -10.80 1.18
CA THR C 147 -53.76 -11.23 0.86
C THR C 147 -53.07 -10.02 0.24
N VAL C 148 -52.10 -9.46 0.96
CA VAL C 148 -51.46 -8.21 0.58
C VAL C 148 -50.05 -8.49 0.07
N PHE C 149 -49.66 -7.79 -0.98
CA PHE C 149 -48.35 -7.94 -1.60
C PHE C 149 -47.37 -6.99 -0.93
N MET C 150 -46.36 -7.57 -0.27
CA MET C 150 -45.39 -6.77 0.48
C MET C 150 -44.30 -6.20 -0.40
N GLY C 151 -43.78 -7.00 -1.33
CA GLY C 151 -42.73 -6.53 -2.20
C GLY C 151 -41.99 -7.69 -2.83
N ASP C 152 -41.08 -7.34 -3.74
CA ASP C 152 -40.24 -8.34 -4.39
C ASP C 152 -38.99 -8.56 -3.52
N PHE C 153 -38.97 -9.70 -2.85
CA PHE C 153 -37.98 -10.00 -1.83
C PHE C 153 -36.76 -10.64 -2.47
N PRO C 154 -35.57 -10.06 -2.33
CA PRO C 154 -34.36 -10.69 -2.87
C PRO C 154 -34.14 -12.07 -2.27
N MET C 155 -33.81 -13.03 -3.12
CA MET C 155 -33.69 -14.42 -2.75
C MET C 155 -32.24 -14.89 -2.83
N MET C 156 -31.87 -15.79 -1.93
CA MET C 156 -30.54 -16.36 -1.93
C MET C 156 -30.47 -17.52 -2.91
N THR C 157 -29.37 -17.59 -3.65
CA THR C 157 -29.17 -18.64 -4.64
C THR C 157 -28.89 -19.97 -3.93
N GLU C 158 -28.69 -21.02 -4.74
CA GLU C 158 -28.25 -22.30 -4.21
C GLU C 158 -26.78 -22.29 -3.84
N LYS C 159 -26.00 -21.37 -4.43
CA LYS C 159 -24.60 -21.20 -4.07
C LYS C 159 -24.44 -20.30 -2.86
N GLY C 160 -25.53 -19.83 -2.26
CA GLY C 160 -25.46 -19.00 -1.08
C GLY C 160 -25.27 -17.53 -1.32
N THR C 161 -25.40 -17.06 -2.56
CA THR C 161 -25.18 -15.67 -2.91
C THR C 161 -26.50 -15.00 -3.31
N PHE C 162 -26.42 -13.70 -3.55
CA PHE C 162 -27.53 -12.88 -4.01
C PHE C 162 -27.17 -12.24 -5.34
N ILE C 163 -28.18 -11.83 -6.09
CA ILE C 163 -27.99 -11.03 -7.29
C ILE C 163 -28.69 -9.70 -7.08
N ILE C 164 -27.91 -8.62 -7.03
CA ILE C 164 -28.42 -7.28 -6.82
C ILE C 164 -28.04 -6.45 -8.05
N ASN C 165 -29.06 -5.97 -8.76
CA ASN C 165 -28.86 -5.11 -9.94
C ASN C 165 -27.88 -5.75 -10.93
N GLY C 166 -27.97 -7.06 -11.06
CA GLY C 166 -27.16 -7.80 -12.02
C GLY C 166 -25.78 -8.19 -11.55
N THR C 167 -25.41 -7.89 -10.32
CA THR C 167 -24.10 -8.25 -9.79
C THR C 167 -24.26 -9.21 -8.62
N GLU C 168 -23.42 -10.24 -8.60
CA GLU C 168 -23.49 -11.25 -7.55
C GLU C 168 -22.80 -10.73 -6.29
N ARG C 169 -23.40 -11.01 -5.15
CA ARG C 169 -22.97 -10.43 -3.88
C ARG C 169 -23.13 -11.44 -2.76
N VAL C 170 -22.41 -11.21 -1.66
CA VAL C 170 -22.43 -12.08 -0.49
C VAL C 170 -22.67 -11.21 0.74
N VAL C 171 -23.44 -11.73 1.69
CA VAL C 171 -23.68 -11.05 2.96
C VAL C 171 -22.77 -11.67 4.01
N VAL C 172 -21.82 -10.90 4.49
CA VAL C 172 -20.82 -11.39 5.45
C VAL C 172 -21.44 -11.40 6.85
N SER C 173 -21.25 -12.50 7.57
CA SER C 173 -21.72 -12.58 8.94
C SER C 173 -21.00 -11.55 9.80
N GLN C 174 -21.76 -10.72 10.50
CA GLN C 174 -21.18 -9.63 11.28
C GLN C 174 -20.94 -10.05 12.73
N LEU C 175 -19.80 -9.64 13.27
CA LEU C 175 -19.44 -9.94 14.66
C LEU C 175 -19.90 -8.78 15.55
N VAL C 176 -20.90 -9.04 16.39
CA VAL C 176 -21.43 -8.01 17.28
C VAL C 176 -21.56 -8.61 18.68
N ARG C 177 -21.50 -7.73 19.68
CA ARG C 177 -21.62 -8.18 21.06
C ARG C 177 -23.07 -8.52 21.38
N SER C 178 -23.29 -9.67 22.02
CA SER C 178 -24.63 -10.10 22.35
C SER C 178 -25.21 -9.19 23.45
N PRO C 179 -26.53 -9.03 23.49
CA PRO C 179 -27.14 -8.20 24.54
C PRO C 179 -26.91 -8.80 25.92
N GLY C 180 -26.97 -7.93 26.92
CA GLY C 180 -26.85 -8.35 28.29
C GLY C 180 -26.13 -7.29 29.11
N VAL C 181 -25.74 -7.70 30.31
CA VAL C 181 -24.95 -6.86 31.22
C VAL C 181 -23.50 -7.28 31.13
N TYR C 182 -22.60 -6.30 31.07
CA TYR C 182 -21.18 -6.57 30.97
C TYR C 182 -20.43 -5.67 31.94
N PHE C 183 -19.65 -6.29 32.82
CA PHE C 183 -18.87 -5.60 33.83
C PHE C 183 -17.41 -5.57 33.43
N ASP C 184 -16.76 -4.44 33.67
CA ASP C 184 -15.33 -4.31 33.40
C ASP C 184 -14.67 -3.55 34.54
N GLU C 185 -13.39 -3.86 34.77
CA GLU C 185 -12.59 -3.23 35.81
C GLU C 185 -11.70 -2.17 35.17
N THR C 186 -12.06 -0.90 35.36
CA THR C 186 -11.29 0.24 34.88
C THR C 186 -10.34 0.67 35.99
N ILE C 187 -9.11 0.20 35.91
CA ILE C 187 -7.98 0.80 36.60
C ILE C 187 -7.52 1.96 35.73
N ASP C 188 -6.55 2.74 36.22
CA ASP C 188 -5.95 3.87 35.50
C ASP C 188 -6.88 5.08 35.50
N LYS C 189 -7.56 5.29 36.62
CA LYS C 189 -8.09 6.61 36.94
C LYS C 189 -6.93 7.53 37.30
N SER C 190 -7.26 8.75 37.73
CA SER C 190 -6.23 9.68 38.20
C SER C 190 -5.38 9.04 39.28
N THR C 191 -6.01 8.29 40.18
CA THR C 191 -5.33 7.54 41.22
C THR C 191 -5.34 6.06 40.89
N ASP C 192 -4.39 5.34 41.49
CA ASP C 192 -4.31 3.88 41.36
C ASP C 192 -5.42 3.29 42.21
N LYS C 193 -6.64 3.33 41.67
CA LYS C 193 -7.83 2.84 42.36
C LYS C 193 -8.73 2.16 41.33
N THR C 194 -9.15 0.95 41.63
CA THR C 194 -9.96 0.15 40.72
C THR C 194 -11.41 0.64 40.76
N LEU C 195 -11.87 1.23 39.66
CA LEU C 195 -13.27 1.63 39.53
C LEU C 195 -13.95 0.66 38.58
N HIS C 196 -15.10 0.13 38.96
CA HIS C 196 -15.78 -0.90 38.20
C HIS C 196 -16.99 -0.32 37.49
N SER C 197 -17.13 -0.63 36.21
CA SER C 197 -18.23 -0.12 35.39
C SER C 197 -19.01 -1.27 34.81
N VAL C 198 -20.27 -1.01 34.44
CA VAL C 198 -21.13 -2.03 33.85
C VAL C 198 -22.04 -1.37 32.83
N LYS C 199 -22.22 -2.04 31.70
CA LYS C 199 -23.11 -1.59 30.64
C LYS C 199 -24.17 -2.64 30.39
N VAL C 200 -25.43 -2.23 30.44
CA VAL C 200 -26.56 -3.05 30.04
C VAL C 200 -26.93 -2.64 28.63
N ILE C 201 -26.69 -3.53 27.67
CA ILE C 201 -26.85 -3.26 26.26
C ILE C 201 -27.93 -4.18 25.71
N PRO C 202 -29.05 -3.64 25.19
CA PRO C 202 -30.11 -4.50 24.66
C PRO C 202 -29.96 -4.79 23.18
N SER C 203 -30.87 -5.59 22.63
CA SER C 203 -30.93 -5.78 21.19
C SER C 203 -31.48 -4.55 20.48
N ARG C 204 -32.27 -3.74 21.16
CA ARG C 204 -32.79 -2.48 20.62
C ARG C 204 -33.43 -1.71 21.75
N GLY C 205 -33.24 -0.39 21.74
CA GLY C 205 -33.79 0.49 22.75
C GLY C 205 -32.74 1.47 23.24
N ALA C 206 -32.92 1.92 24.47
CA ALA C 206 -31.99 2.84 25.10
C ALA C 206 -31.02 2.07 25.99
N TRP C 207 -29.75 2.46 25.93
CA TRP C 207 -28.71 1.80 26.71
C TRP C 207 -28.85 2.12 28.19
N LEU C 208 -28.23 1.29 29.03
CA LEU C 208 -28.12 1.58 30.44
C LEU C 208 -26.67 1.46 30.87
N GLU C 209 -26.22 2.37 31.73
CA GLU C 209 -24.82 2.38 32.15
C GLU C 209 -24.74 2.70 33.64
N PHE C 210 -24.01 1.89 34.39
CA PHE C 210 -23.74 2.16 35.80
C PHE C 210 -22.24 2.26 36.00
N ASP C 211 -21.79 3.34 36.65
CA ASP C 211 -20.38 3.60 36.83
C ASP C 211 -20.10 3.97 38.27
N VAL C 212 -18.82 4.01 38.61
CA VAL C 212 -18.34 4.55 39.87
C VAL C 212 -17.23 5.55 39.56
N ASP C 213 -17.16 6.61 40.36
CA ASP C 213 -16.30 7.74 40.08
C ASP C 213 -14.99 7.62 40.85
N LYS C 214 -14.13 8.62 40.68
CA LYS C 214 -12.92 8.71 41.51
C LYS C 214 -13.30 8.83 42.98
N ARG C 215 -14.17 9.79 43.31
CA ARG C 215 -14.80 9.79 44.61
C ARG C 215 -15.86 8.69 44.67
N ASP C 216 -16.00 8.07 45.83
CA ASP C 216 -16.85 6.88 45.95
C ASP C 216 -18.31 7.27 45.80
N THR C 217 -18.92 6.86 44.68
CA THR C 217 -20.33 7.07 44.40
C THR C 217 -20.83 5.94 43.51
N VAL C 218 -22.14 5.91 43.29
CA VAL C 218 -22.76 5.03 42.30
C VAL C 218 -23.79 5.87 41.54
N GLY C 219 -23.70 5.86 40.22
CA GLY C 219 -24.59 6.69 39.41
C GLY C 219 -25.00 5.98 38.14
N VAL C 220 -26.14 6.42 37.60
CA VAL C 220 -26.70 5.85 36.38
C VAL C 220 -26.52 6.88 35.26
N ARG C 221 -25.69 6.53 34.29
CA ARG C 221 -25.54 7.34 33.07
C ARG C 221 -26.49 6.77 32.02
N ILE C 222 -27.54 7.51 31.72
CA ILE C 222 -28.63 7.03 30.87
C ILE C 222 -28.67 7.87 29.60
N ASP C 223 -28.45 7.22 28.47
CA ASP C 223 -28.47 7.86 27.16
C ASP C 223 -27.49 9.04 27.11
N ARG C 224 -26.26 8.77 27.55
CA ARG C 224 -25.16 9.70 27.39
C ARG C 224 -25.35 10.94 28.25
N LYS C 225 -26.42 10.97 29.04
CA LYS C 225 -26.67 12.11 29.91
C LYS C 225 -25.72 12.08 31.09
N ARG C 226 -25.66 13.21 31.80
CA ARG C 226 -24.82 13.30 32.99
C ARG C 226 -25.24 12.26 34.02
N ARG C 227 -24.25 11.72 34.73
CA ARG C 227 -24.50 10.64 35.67
C ARG C 227 -25.23 11.17 36.90
N GLN C 228 -26.48 10.74 37.07
CA GLN C 228 -27.26 11.00 38.26
C GLN C 228 -27.10 9.86 39.26
N PRO C 229 -27.15 10.16 40.56
CA PRO C 229 -27.01 9.09 41.55
C PRO C 229 -28.06 7.99 41.35
N VAL C 230 -27.63 6.75 41.54
CA VAL C 230 -28.49 5.59 41.27
C VAL C 230 -29.69 5.56 42.21
N THR C 231 -29.59 6.21 43.37
CA THR C 231 -30.74 6.30 44.28
C THR C 231 -31.91 7.01 43.61
N VAL C 232 -31.63 7.92 42.68
CA VAL C 232 -32.70 8.58 41.93
C VAL C 232 -33.53 7.54 41.19
N LEU C 233 -32.86 6.62 40.49
CA LEU C 233 -33.57 5.57 39.76
C LEU C 233 -34.23 4.58 40.72
N LEU C 234 -33.56 4.25 41.83
CA LEU C 234 -34.15 3.35 42.82
C LEU C 234 -35.47 3.88 43.33
N LYS C 235 -35.48 5.13 43.80
CA LYS C 235 -36.72 5.74 44.28
C LYS C 235 -37.68 6.07 43.15
N ALA C 236 -37.20 6.17 41.91
CA ALA C 236 -38.09 6.39 40.78
C ALA C 236 -38.88 5.13 40.43
N LEU C 237 -38.29 3.96 40.68
CA LEU C 237 -39.03 2.72 40.44
C LEU C 237 -39.95 2.34 41.59
N GLY C 238 -40.10 3.21 42.59
CA GLY C 238 -41.01 2.97 43.70
C GLY C 238 -40.35 2.62 45.01
N TRP C 239 -39.05 2.35 45.01
CA TRP C 239 -38.36 1.98 46.24
C TRP C 239 -38.27 3.18 47.18
N THR C 240 -38.23 2.89 48.48
CA THR C 240 -38.11 3.92 49.51
C THR C 240 -36.79 3.72 50.25
N SER C 241 -36.35 4.80 50.91
CA SER C 241 -35.04 4.80 51.56
C SER C 241 -34.91 3.64 52.54
N GLU C 242 -35.94 3.40 53.35
CA GLU C 242 -35.91 2.28 54.28
C GLU C 242 -35.81 0.94 53.54
N GLN C 243 -36.32 0.89 52.31
CA GLN C 243 -36.32 -0.36 51.57
C GLN C 243 -34.99 -0.61 50.85
N ILE C 244 -34.43 0.42 50.21
CA ILE C 244 -33.17 0.23 49.50
C ILE C 244 -31.98 0.21 50.46
N VAL C 245 -32.05 0.95 51.56
CA VAL C 245 -30.97 0.91 52.55
C VAL C 245 -30.80 -0.51 53.09
N GLU C 246 -31.88 -1.29 53.12
CA GLU C 246 -31.78 -2.67 53.58
C GLU C 246 -30.93 -3.51 52.63
N ARG C 247 -31.29 -3.54 51.34
CA ARG C 247 -30.64 -4.46 50.40
C ARG C 247 -29.17 -4.11 50.20
N PHE C 248 -28.84 -2.82 50.17
CA PHE C 248 -27.47 -2.38 49.97
C PHE C 248 -26.77 -2.04 51.28
N GLY C 249 -27.33 -2.49 52.42
CA GLY C 249 -26.78 -2.10 53.71
C GLY C 249 -25.33 -2.53 53.90
N PHE C 250 -24.97 -3.69 53.36
CA PHE C 250 -23.59 -4.16 53.47
C PHE C 250 -22.64 -3.35 52.59
N SER C 251 -23.16 -2.47 51.74
CA SER C 251 -22.34 -1.61 50.89
C SER C 251 -22.38 -0.20 51.45
N GLU C 252 -21.24 0.30 51.90
CA GLU C 252 -21.15 1.65 52.43
C GLU C 252 -21.06 2.70 51.34
N ILE C 253 -20.70 2.31 50.12
CA ILE C 253 -20.64 3.26 49.01
C ILE C 253 -22.03 3.74 48.65
N MET C 254 -23.01 2.83 48.66
CA MET C 254 -24.40 3.23 48.44
C MET C 254 -24.90 4.12 49.56
N ARG C 255 -24.53 3.79 50.81
CA ARG C 255 -24.89 4.65 51.94
C ARG C 255 -24.26 6.03 51.80
N SER C 256 -23.02 6.10 51.31
CA SER C 256 -22.37 7.39 51.11
C SER C 256 -23.04 8.18 49.99
N THR C 257 -23.48 7.49 48.94
CA THR C 257 -24.18 8.17 47.85
C THR C 257 -25.53 8.70 48.30
N LEU C 258 -26.23 7.94 49.17
CA LEU C 258 -27.48 8.44 49.72
C LEU C 258 -27.24 9.58 50.69
N GLU C 259 -26.11 9.58 51.39
CA GLU C 259 -25.75 10.71 52.23
C GLU C 259 -25.39 11.94 51.38
N LYS C 260 -24.83 11.72 50.19
CA LYS C 260 -24.57 12.80 49.24
C LYS C 260 -25.72 13.00 48.26
N ASP C 261 -26.86 12.36 48.49
CA ASP C 261 -28.01 12.48 47.61
C ASP C 261 -28.55 13.90 47.63
N ASN C 262 -29.06 14.34 46.48
CA ASN C 262 -29.60 15.69 46.38
C ASN C 262 -31.05 15.76 46.88
N THR C 263 -31.88 14.78 46.50
CA THR C 263 -33.27 14.74 46.93
C THR C 263 -33.63 13.29 47.27
N VAL C 264 -34.59 13.14 48.19
CA VAL C 264 -35.05 11.83 48.63
C VAL C 264 -36.56 11.78 48.48
N GLY C 265 -37.04 10.95 47.56
CA GLY C 265 -38.46 10.85 47.28
C GLY C 265 -38.70 10.13 45.98
N THR C 266 -39.95 9.72 45.79
CA THR C 266 -40.33 8.96 44.61
C THR C 266 -40.76 9.85 43.44
N ASP C 267 -41.76 10.69 43.67
CA ASP C 267 -42.28 11.53 42.59
C ASP C 267 -41.24 12.56 42.14
N GLU C 268 -40.46 13.09 43.08
CA GLU C 268 -39.41 14.03 42.69
C GLU C 268 -38.28 13.31 41.96
N ALA C 269 -38.01 12.05 42.30
CA ALA C 269 -37.06 11.27 41.51
C ALA C 269 -37.57 11.07 40.09
N LEU C 270 -38.87 10.81 39.94
CA LEU C 270 -39.47 10.72 38.62
C LEU C 270 -39.30 12.02 37.84
N LEU C 271 -39.60 13.15 38.49
CA LEU C 271 -39.52 14.44 37.82
C LEU C 271 -38.08 14.82 37.47
N ASP C 272 -37.11 14.44 38.29
CA ASP C 272 -35.72 14.76 38.00
C ASP C 272 -35.16 13.85 36.91
N ILE C 273 -35.53 12.57 36.91
CA ILE C 273 -35.22 11.71 35.77
C ILE C 273 -35.83 12.29 34.50
N TYR C 274 -37.04 12.85 34.62
CA TYR C 274 -37.70 13.47 33.47
C TYR C 274 -36.90 14.66 32.95
N ARG C 275 -36.56 15.60 33.83
CA ARG C 275 -35.80 16.76 33.39
C ARG C 275 -34.42 16.37 32.87
N LYS C 276 -33.87 15.26 33.36
CA LYS C 276 -32.61 14.74 32.79
C LYS C 276 -32.84 14.22 31.37
N LEU C 277 -33.95 13.52 31.15
CA LEU C 277 -34.27 13.06 29.79
C LEU C 277 -34.72 14.21 28.91
N ARG C 278 -35.30 15.25 29.49
CA ARG C 278 -36.00 16.28 28.72
C ARG C 278 -35.32 17.64 28.87
N PRO C 279 -34.65 18.14 27.83
CA PRO C 279 -34.16 19.51 27.85
C PRO C 279 -35.15 20.48 27.22
N GLY C 280 -35.08 21.73 27.69
CA GLY C 280 -35.82 22.84 27.09
C GLY C 280 -37.32 22.79 27.21
N GLU C 281 -37.88 21.80 27.91
CA GLU C 281 -39.33 21.68 28.07
C GLU C 281 -39.67 21.51 29.54
N PRO C 282 -40.83 21.99 29.98
CA PRO C 282 -41.12 22.04 31.42
C PRO C 282 -41.26 20.66 32.02
N PRO C 283 -40.80 20.46 33.25
CA PRO C 283 -40.90 19.15 33.90
C PRO C 283 -42.30 18.88 34.43
N THR C 284 -42.69 17.60 34.35
CA THR C 284 -44.00 17.16 34.83
C THR C 284 -43.85 15.73 35.32
N LYS C 285 -44.60 15.37 36.38
CA LYS C 285 -44.49 14.05 36.96
C LYS C 285 -45.23 12.99 36.15
N GLU C 286 -46.35 13.36 35.52
CA GLU C 286 -47.11 12.39 34.74
C GLU C 286 -46.34 11.93 33.51
N SER C 287 -45.86 12.88 32.71
CA SER C 287 -45.02 12.53 31.57
C SER C 287 -43.72 11.87 32.03
N ALA C 288 -43.25 12.22 33.24
CA ALA C 288 -42.11 11.51 33.81
C ALA C 288 -42.40 10.02 33.93
N GLN C 289 -43.51 9.67 34.59
CA GLN C 289 -43.87 8.28 34.75
C GLN C 289 -44.05 7.60 33.40
N THR C 290 -44.74 8.27 32.46
CA THR C 290 -45.01 7.66 31.17
C THR C 290 -43.72 7.36 30.41
N LEU C 291 -42.83 8.35 30.30
CA LEU C 291 -41.59 8.14 29.55
C LEU C 291 -40.68 7.13 30.24
N LEU C 292 -40.54 7.23 31.57
CA LEU C 292 -39.64 6.33 32.28
C LEU C 292 -40.13 4.88 32.21
N GLU C 293 -41.45 4.67 32.25
CA GLU C 293 -42.00 3.33 32.12
C GLU C 293 -41.99 2.84 30.67
N ASN C 294 -42.02 3.77 29.71
CA ASN C 294 -42.07 3.39 28.31
C ASN C 294 -40.70 3.05 27.76
N LEU C 295 -39.63 3.65 28.29
CA LEU C 295 -38.32 3.47 27.70
C LEU C 295 -37.77 2.06 27.91
N PHE C 296 -38.00 1.48 29.09
CA PHE C 296 -37.35 0.23 29.45
C PHE C 296 -38.31 -0.95 29.56
N PHE C 297 -39.36 -0.84 30.39
CA PHE C 297 -40.20 -1.99 30.65
C PHE C 297 -41.27 -2.20 29.58
N LYS C 298 -41.54 -1.19 28.76
CA LYS C 298 -42.49 -1.32 27.66
C LYS C 298 -41.80 -2.02 26.50
N GLU C 299 -42.48 -3.01 25.92
CA GLU C 299 -41.88 -3.82 24.87
C GLU C 299 -41.83 -3.11 23.52
N LYS C 300 -42.42 -1.92 23.41
CA LYS C 300 -42.44 -1.22 22.12
C LYS C 300 -41.09 -0.57 21.82
N ARG C 301 -40.66 0.37 22.65
CA ARG C 301 -39.42 1.08 22.42
C ARG C 301 -38.18 0.33 22.90
N TYR C 302 -38.36 -0.79 23.59
CA TYR C 302 -37.24 -1.53 24.16
C TYR C 302 -37.34 -2.99 23.75
N ASP C 303 -36.33 -3.47 23.04
CA ASP C 303 -36.23 -4.87 22.64
C ASP C 303 -35.10 -5.52 23.44
N LEU C 304 -35.46 -6.36 24.40
CA LEU C 304 -34.50 -7.23 25.05
C LEU C 304 -34.49 -8.55 24.29
N ALA C 305 -33.34 -8.89 23.72
CA ALA C 305 -33.27 -10.09 22.89
C ALA C 305 -33.55 -11.34 23.71
N ARG C 306 -34.10 -12.36 23.05
CA ARG C 306 -34.16 -13.68 23.65
C ARG C 306 -32.76 -14.14 24.05
N VAL C 307 -31.78 -13.89 23.19
CA VAL C 307 -30.39 -14.09 23.56
C VAL C 307 -30.02 -13.19 24.74
N GLY C 308 -30.52 -11.96 24.75
CA GLY C 308 -30.22 -11.06 25.85
C GLY C 308 -30.86 -11.50 27.15
N ARG C 309 -32.13 -11.92 27.11
CA ARG C 309 -32.78 -12.45 28.30
C ARG C 309 -32.04 -13.69 28.81
N TYR C 310 -31.61 -14.56 27.89
CA TYR C 310 -30.85 -15.74 28.29
C TYR C 310 -29.53 -15.35 28.94
N LYS C 311 -28.82 -14.38 28.36
CA LYS C 311 -27.55 -13.95 28.92
C LYS C 311 -27.73 -13.37 30.32
N VAL C 312 -28.75 -12.52 30.50
CA VAL C 312 -28.91 -11.89 31.82
C VAL C 312 -29.45 -12.89 32.84
N ASN C 313 -30.29 -13.84 32.45
CA ASN C 313 -30.80 -14.83 33.38
C ASN C 313 -29.77 -15.91 33.70
N LYS C 314 -28.74 -16.07 32.86
CA LYS C 314 -27.63 -16.95 33.23
C LYS C 314 -26.59 -16.21 34.06
N LYS C 315 -26.37 -14.93 33.74
CA LYS C 315 -25.36 -14.16 34.46
C LYS C 315 -25.82 -13.83 35.87
N LEU C 316 -27.08 -13.42 36.04
CA LEU C 316 -27.62 -13.07 37.34
C LEU C 316 -28.42 -14.18 37.99
N GLY C 317 -28.75 -15.24 37.24
CA GLY C 317 -29.44 -16.39 37.81
C GLY C 317 -30.76 -16.10 38.46
N LEU C 318 -31.37 -14.95 38.15
CA LEU C 318 -32.60 -14.56 38.86
C LEU C 318 -33.73 -15.54 38.57
N HIS C 319 -34.03 -15.77 37.29
CA HIS C 319 -35.11 -16.65 36.88
C HIS C 319 -34.53 -17.76 36.02
N VAL C 320 -34.32 -18.93 36.61
CA VAL C 320 -33.79 -20.09 35.89
C VAL C 320 -34.83 -21.19 35.70
N GLY C 321 -36.07 -20.96 36.10
CA GLY C 321 -37.11 -21.97 35.98
C GLY C 321 -37.87 -21.93 34.67
N GLU C 322 -37.15 -21.71 33.57
CA GLU C 322 -37.70 -21.63 32.22
C GLU C 322 -38.76 -20.53 32.04
N PRO C 323 -38.56 -19.29 32.57
CA PRO C 323 -39.53 -18.23 32.27
C PRO C 323 -39.12 -17.37 31.08
N ILE C 324 -39.21 -17.91 29.86
CA ILE C 324 -38.89 -17.14 28.66
C ILE C 324 -40.13 -16.46 28.07
N THR C 325 -41.24 -16.44 28.82
CA THR C 325 -42.51 -15.93 28.31
C THR C 325 -42.39 -14.49 27.81
N SER C 326 -41.54 -13.68 28.45
CA SER C 326 -41.39 -12.28 28.10
C SER C 326 -39.90 -11.93 28.15
N SER C 327 -39.45 -11.13 27.19
CA SER C 327 -38.07 -10.69 27.10
C SER C 327 -38.02 -9.19 27.36
N THR C 328 -37.83 -8.80 28.62
CA THR C 328 -37.79 -7.39 29.02
C THR C 328 -37.12 -7.28 30.38
N LEU C 329 -36.66 -6.08 30.71
CA LEU C 329 -36.02 -5.89 32.00
C LEU C 329 -37.02 -6.09 33.13
N THR C 330 -36.63 -6.90 34.10
CA THR C 330 -37.35 -7.06 35.35
C THR C 330 -36.69 -6.20 36.42
N GLU C 331 -37.51 -5.53 37.22
CA GLU C 331 -37.00 -4.71 38.32
C GLU C 331 -36.02 -5.50 39.18
N GLU C 332 -36.24 -6.81 39.31
CA GLU C 332 -35.29 -7.66 40.01
C GLU C 332 -33.96 -7.75 39.28
N ASP C 333 -33.95 -7.69 37.93
CA ASP C 333 -32.65 -7.76 37.27
C ASP C 333 -31.89 -6.43 37.35
N VAL C 334 -32.59 -5.29 37.45
CA VAL C 334 -31.90 -4.04 37.70
C VAL C 334 -31.36 -4.01 39.12
N VAL C 335 -32.16 -4.48 40.10
CA VAL C 335 -31.67 -4.63 41.45
C VAL C 335 -30.45 -5.55 41.48
N ALA C 336 -30.51 -6.64 40.73
CA ALA C 336 -29.39 -7.59 40.68
C ALA C 336 -28.16 -6.96 40.03
N THR C 337 -28.36 -6.15 38.99
CA THR C 337 -27.23 -5.51 38.34
C THR C 337 -26.56 -4.50 39.28
N ILE C 338 -27.35 -3.74 40.01
CA ILE C 338 -26.77 -2.75 40.93
C ILE C 338 -26.09 -3.44 42.11
N GLU C 339 -26.72 -4.47 42.67
CA GLU C 339 -26.10 -5.22 43.75
C GLU C 339 -24.83 -5.91 43.28
N TYR C 340 -24.85 -6.44 42.06
CA TYR C 340 -23.66 -7.03 41.46
C TYR C 340 -22.55 -6.00 41.31
N LEU C 341 -22.91 -4.80 40.83
CA LEU C 341 -21.92 -3.74 40.63
C LEU C 341 -21.26 -3.37 41.96
N VAL C 342 -22.06 -3.17 43.00
CA VAL C 342 -21.48 -2.72 44.27
C VAL C 342 -20.72 -3.86 44.96
N ARG C 343 -21.21 -5.10 44.84
CA ARG C 343 -20.53 -6.22 45.46
C ARG C 343 -19.29 -6.63 44.68
N LEU C 344 -19.16 -6.21 43.42
CA LEU C 344 -17.98 -6.54 42.64
C LEU C 344 -16.74 -5.81 43.17
N HIS C 345 -16.92 -4.68 43.84
CA HIS C 345 -15.79 -4.03 44.50
C HIS C 345 -15.20 -4.93 45.56
N GLU C 346 -16.05 -5.60 46.34
CA GLU C 346 -15.55 -6.61 47.27
C GLU C 346 -15.16 -7.88 46.53
N GLY C 347 -15.96 -8.30 45.55
CA GLY C 347 -15.59 -9.41 44.70
C GLY C 347 -15.86 -10.78 45.26
N GLN C 348 -16.80 -10.91 46.20
CA GLN C 348 -17.12 -12.24 46.74
C GLN C 348 -17.61 -13.15 45.63
N THR C 349 -17.11 -14.38 45.60
CA THR C 349 -17.43 -15.33 44.54
C THR C 349 -18.93 -15.57 44.46
N THR C 350 -19.50 -16.19 45.50
CA THR C 350 -20.93 -16.50 45.49
C THR C 350 -21.74 -15.26 45.82
N MET C 351 -22.74 -14.96 45.01
CA MET C 351 -23.70 -13.90 45.28
C MET C 351 -25.10 -14.41 45.02
N THR C 352 -26.03 -14.02 45.88
CA THR C 352 -27.41 -14.47 45.80
C THR C 352 -28.33 -13.26 45.79
N VAL C 353 -28.96 -13.01 44.65
CA VAL C 353 -29.98 -11.98 44.51
C VAL C 353 -31.16 -12.40 45.39
N PRO C 354 -32.06 -11.50 45.79
CA PRO C 354 -33.29 -11.96 46.45
C PRO C 354 -34.15 -12.77 45.50
N GLY C 355 -33.73 -14.01 45.26
CA GLY C 355 -34.27 -14.86 44.22
C GLY C 355 -33.20 -15.43 43.30
N GLY C 356 -32.02 -14.82 43.25
CA GLY C 356 -30.92 -15.33 42.45
C GLY C 356 -30.29 -16.55 43.07
N VAL C 357 -29.36 -17.15 42.33
CA VAL C 357 -28.80 -18.45 42.68
C VAL C 357 -27.28 -18.42 42.49
N GLU C 358 -26.55 -18.26 43.60
CA GLU C 358 -25.11 -18.53 43.72
C GLU C 358 -24.32 -18.11 42.48
N VAL C 359 -24.53 -16.86 42.07
CA VAL C 359 -23.88 -16.35 40.86
C VAL C 359 -22.43 -16.01 41.17
N PRO C 360 -21.47 -16.46 40.36
CA PRO C 360 -20.09 -16.00 40.53
C PRO C 360 -19.92 -14.56 40.07
N VAL C 361 -19.22 -13.77 40.87
CA VAL C 361 -19.05 -12.34 40.63
C VAL C 361 -17.69 -12.11 40.00
N GLU C 362 -17.69 -11.75 38.72
CA GLU C 362 -16.45 -11.51 37.97
C GLU C 362 -16.77 -10.62 36.79
N THR C 363 -15.76 -9.86 36.35
CA THR C 363 -15.92 -9.01 35.18
C THR C 363 -15.99 -9.86 33.91
N ASP C 364 -16.54 -9.26 32.86
CA ASP C 364 -16.85 -9.97 31.61
C ASP C 364 -15.83 -9.63 30.53
N ASP C 365 -15.49 -10.62 29.72
CA ASP C 365 -14.56 -10.44 28.61
C ASP C 365 -15.35 -10.05 27.36
N ILE C 366 -14.94 -8.93 26.74
CA ILE C 366 -15.69 -8.42 25.59
C ILE C 366 -15.40 -9.22 24.34
N ASP C 367 -14.20 -9.80 24.21
CA ASP C 367 -13.81 -10.53 23.02
C ASP C 367 -14.12 -12.01 23.10
N HIS C 368 -14.53 -12.52 24.26
CA HIS C 368 -14.84 -13.94 24.39
C HIS C 368 -16.01 -14.31 23.48
N PHE C 369 -15.92 -15.47 22.85
CA PHE C 369 -16.94 -15.91 21.91
C PHE C 369 -18.18 -16.47 22.59
N GLY C 370 -18.32 -16.29 23.90
CA GLY C 370 -19.57 -16.54 24.58
C GLY C 370 -20.35 -15.26 24.75
N ASN C 371 -19.62 -14.15 24.78
CA ASN C 371 -20.21 -12.82 24.88
C ASN C 371 -20.19 -12.07 23.55
N ARG C 372 -19.64 -12.66 22.50
CA ARG C 372 -19.54 -12.04 21.18
C ARG C 372 -20.21 -12.95 20.17
N ARG C 373 -21.39 -12.57 19.71
CA ARG C 373 -22.15 -13.37 18.77
C ARG C 373 -21.95 -12.83 17.35
N LEU C 374 -22.59 -13.48 16.38
CA LEU C 374 -22.56 -13.00 15.01
C LEU C 374 -23.99 -12.98 14.46
N ARG C 375 -24.34 -11.87 13.82
CA ARG C 375 -25.58 -11.77 13.07
C ARG C 375 -25.31 -12.28 11.65
N THR C 376 -25.97 -13.38 11.30
CA THR C 376 -25.85 -13.96 9.96
C THR C 376 -26.74 -13.16 9.00
N VAL C 377 -26.85 -13.62 7.76
CA VAL C 377 -27.56 -12.86 6.74
C VAL C 377 -29.04 -12.73 7.09
N GLY C 378 -29.65 -13.81 7.60
CA GLY C 378 -31.06 -13.77 7.92
C GLY C 378 -31.41 -12.72 8.96
N GLU C 379 -30.59 -12.61 10.00
CA GLU C 379 -30.85 -11.62 11.04
C GLU C 379 -30.62 -10.19 10.54
N LEU C 380 -29.64 -9.98 9.67
CA LEU C 380 -29.43 -8.64 9.12
C LEU C 380 -30.60 -8.21 8.25
N ILE C 381 -31.07 -9.12 7.38
CA ILE C 381 -32.24 -8.82 6.57
C ILE C 381 -33.46 -8.60 7.45
N GLN C 382 -33.60 -9.39 8.51
CA GLN C 382 -34.70 -9.21 9.44
C GLN C 382 -34.64 -7.86 10.12
N ASN C 383 -33.44 -7.39 10.45
CA ASN C 383 -33.29 -6.10 11.13
C ASN C 383 -33.52 -4.93 10.20
N GLN C 384 -33.34 -5.10 8.89
CA GLN C 384 -33.76 -4.03 7.99
C GLN C 384 -35.26 -4.08 7.72
N ILE C 385 -35.82 -5.29 7.61
CA ILE C 385 -37.25 -5.47 7.42
C ILE C 385 -38.02 -4.90 8.60
N ARG C 386 -37.51 -5.10 9.82
CA ARG C 386 -38.19 -4.59 10.99
C ARG C 386 -38.35 -3.07 10.92
N VAL C 387 -37.30 -2.36 10.52
CA VAL C 387 -37.36 -0.91 10.41
C VAL C 387 -38.34 -0.49 9.32
N GLY C 388 -38.24 -1.12 8.14
CA GLY C 388 -39.18 -0.82 7.08
C GLY C 388 -40.62 -1.01 7.51
N MET C 389 -40.90 -2.12 8.20
CA MET C 389 -42.25 -2.43 8.63
C MET C 389 -42.74 -1.50 9.72
N SER C 390 -41.83 -1.02 10.59
CA SER C 390 -42.25 -0.03 11.57
C SER C 390 -42.65 1.28 10.90
N ARG C 391 -41.91 1.67 9.86
CA ARG C 391 -42.32 2.85 9.10
C ARG C 391 -43.67 2.63 8.43
N MET C 392 -43.87 1.44 7.86
CA MET C 392 -45.17 1.09 7.30
C MET C 392 -46.27 1.14 8.36
N GLU C 393 -45.95 0.77 9.60
CA GLU C 393 -46.92 0.85 10.68
C GLU C 393 -47.29 2.29 11.01
N ARG C 394 -46.29 3.18 11.01
CA ARG C 394 -46.57 4.61 11.11
C ARG C 394 -47.55 5.06 10.04
N VAL C 395 -47.30 4.65 8.80
CA VAL C 395 -48.21 5.00 7.71
C VAL C 395 -49.60 4.43 7.95
N VAL C 396 -49.68 3.21 8.47
CA VAL C 396 -50.97 2.58 8.74
C VAL C 396 -51.76 3.40 9.75
N ARG C 397 -51.09 3.81 10.84
CA ARG C 397 -51.77 4.61 11.85
C ARG C 397 -52.20 5.96 11.30
N GLU C 398 -51.37 6.55 10.43
CA GLU C 398 -51.76 7.82 9.81
C GLU C 398 -52.99 7.65 8.93
N ARG C 399 -53.07 6.54 8.19
CA ARG C 399 -54.23 6.29 7.33
C ARG C 399 -55.48 6.05 8.15
N MET C 400 -55.35 5.39 9.30
CA MET C 400 -56.52 4.98 10.08
C MET C 400 -57.40 6.15 10.51
N THR C 401 -56.87 7.38 10.53
CA THR C 401 -57.68 8.52 10.93
C THR C 401 -58.35 9.18 9.73
N THR C 402 -57.55 9.65 8.76
CA THR C 402 -58.08 10.45 7.67
C THR C 402 -59.07 9.68 6.81
N GLN C 403 -58.91 8.36 6.72
CA GLN C 403 -59.73 7.57 5.82
C GLN C 403 -61.16 7.40 6.35
N ASP C 404 -62.10 7.30 5.43
CA ASP C 404 -63.50 7.06 5.77
C ASP C 404 -63.67 5.60 6.17
N VAL C 405 -64.13 5.35 7.39
CA VAL C 405 -64.43 3.99 7.81
C VAL C 405 -65.56 3.44 6.95
N GLU C 406 -65.59 2.11 6.81
CA GLU C 406 -66.41 1.33 5.88
C GLU C 406 -65.95 1.48 4.43
N ALA C 407 -64.91 2.27 4.17
CA ALA C 407 -64.23 2.30 2.88
C ALA C 407 -62.83 1.72 2.93
N ILE C 408 -62.23 1.61 4.12
CA ILE C 408 -60.86 1.09 4.22
C ILE C 408 -60.84 -0.41 3.94
N THR C 409 -59.68 -0.88 3.52
CA THR C 409 -59.36 -2.28 3.39
C THR C 409 -57.92 -2.44 3.87
N PRO C 410 -57.54 -3.66 4.28
CA PRO C 410 -56.11 -3.88 4.59
C PRO C 410 -55.19 -3.48 3.45
N GLN C 411 -55.74 -3.35 2.23
CA GLN C 411 -54.97 -2.88 1.09
C GLN C 411 -54.73 -1.37 1.16
N THR C 412 -55.72 -0.60 1.62
CA THR C 412 -55.58 0.85 1.65
C THR C 412 -54.77 1.34 2.84
N LEU C 413 -54.65 0.54 3.90
CA LEU C 413 -53.88 0.96 5.06
C LEU C 413 -52.38 0.75 4.85
N ILE C 414 -51.99 -0.25 4.06
CA ILE C 414 -50.60 -0.67 3.95
C ILE C 414 -49.92 0.07 2.80
N ASN C 415 -48.78 0.69 3.10
CA ASN C 415 -47.92 1.31 2.11
C ASN C 415 -46.56 0.63 2.17
N ILE C 416 -46.19 -0.07 1.10
CA ILE C 416 -45.00 -0.93 1.12
C ILE C 416 -43.77 -0.19 0.60
N ARG C 417 -43.89 1.11 0.33
CA ARG C 417 -42.75 1.87 -0.17
C ARG C 417 -41.58 1.89 0.81
N PRO C 418 -41.75 2.15 2.11
CA PRO C 418 -40.57 2.17 2.99
C PRO C 418 -39.90 0.82 3.15
N VAL C 419 -40.64 -0.28 3.09
CA VAL C 419 -40.02 -1.60 3.22
C VAL C 419 -39.16 -1.91 1.99
N VAL C 420 -39.70 -1.64 0.80
CA VAL C 420 -38.93 -1.82 -0.41
C VAL C 420 -37.69 -0.94 -0.39
N ALA C 421 -37.84 0.31 0.03
CA ALA C 421 -36.69 1.21 0.11
C ALA C 421 -35.67 0.70 1.11
N ALA C 422 -36.13 0.13 2.23
CA ALA C 422 -35.20 -0.38 3.24
C ALA C 422 -34.40 -1.56 2.70
N ILE C 423 -35.08 -2.51 2.04
CA ILE C 423 -34.38 -3.67 1.50
C ILE C 423 -33.41 -3.25 0.40
N LYS C 424 -33.84 -2.34 -0.48
CA LYS C 424 -32.96 -1.87 -1.54
C LYS C 424 -31.74 -1.15 -0.96
N GLU C 425 -31.96 -0.28 0.02
CA GLU C 425 -30.87 0.43 0.67
C GLU C 425 -29.90 -0.54 1.34
N PHE C 426 -30.44 -1.58 1.98
CA PHE C 426 -29.57 -2.57 2.61
C PHE C 426 -28.69 -3.25 1.55
N PHE C 427 -29.31 -3.95 0.60
CA PHE C 427 -28.52 -4.74 -0.34
C PHE C 427 -27.64 -3.89 -1.25
N GLY C 428 -27.93 -2.60 -1.38
CA GLY C 428 -27.10 -1.75 -2.19
C GLY C 428 -25.96 -1.07 -1.46
N THR C 429 -26.25 -0.50 -0.29
CA THR C 429 -25.30 0.38 0.39
C THR C 429 -24.74 -0.19 1.68
N SER C 430 -25.24 -1.32 2.16
CA SER C 430 -24.75 -1.85 3.43
C SER C 430 -23.30 -2.31 3.32
N GLN C 431 -22.54 -2.12 4.40
CA GLN C 431 -21.16 -2.58 4.43
C GLN C 431 -21.08 -4.11 4.43
N LEU C 432 -22.09 -4.78 4.99
CA LEU C 432 -22.11 -6.23 5.07
C LEU C 432 -22.55 -6.90 3.78
N SER C 433 -23.13 -6.16 2.84
CA SER C 433 -23.40 -6.68 1.50
C SER C 433 -22.19 -6.36 0.64
N GLN C 434 -21.37 -7.36 0.35
CA GLN C 434 -20.10 -7.17 -0.33
C GLN C 434 -20.14 -7.77 -1.72
N PHE C 435 -19.55 -7.04 -2.67
CA PHE C 435 -19.28 -7.56 -4.01
C PHE C 435 -18.63 -8.93 -3.89
N MET C 436 -19.25 -9.94 -4.48
CA MET C 436 -18.69 -11.29 -4.36
C MET C 436 -17.31 -11.37 -4.98
N ASP C 437 -16.39 -12.00 -4.25
CA ASP C 437 -15.02 -12.19 -4.69
C ASP C 437 -14.90 -13.59 -5.28
N GLN C 438 -14.83 -13.67 -6.62
CA GLN C 438 -14.71 -14.94 -7.34
C GLN C 438 -13.52 -14.84 -8.32
N ASN C 439 -12.32 -15.06 -7.80
CA ASN C 439 -11.19 -15.37 -8.66
C ASN C 439 -11.18 -16.86 -8.99
N ASN C 440 -11.45 -17.68 -7.97
CA ASN C 440 -11.55 -19.13 -8.10
C ASN C 440 -12.62 -19.58 -7.13
N PRO C 441 -13.05 -20.84 -7.21
CA PRO C 441 -14.06 -21.33 -6.26
C PRO C 441 -13.73 -21.07 -4.79
N LEU C 442 -12.45 -21.14 -4.41
CA LEU C 442 -12.07 -21.02 -3.02
C LEU C 442 -12.32 -19.60 -2.49
N SER C 443 -12.03 -18.58 -3.31
CA SER C 443 -12.23 -17.21 -2.86
C SER C 443 -13.69 -16.96 -2.50
N GLY C 444 -14.61 -17.38 -3.39
CA GLY C 444 -16.02 -17.26 -3.07
C GLY C 444 -16.43 -18.09 -1.88
N LEU C 445 -15.89 -19.32 -1.77
CA LEU C 445 -16.25 -20.19 -0.66
C LEU C 445 -15.91 -19.53 0.67
N THR C 446 -14.69 -19.00 0.81
CA THR C 446 -14.33 -18.36 2.07
C THR C 446 -15.08 -17.04 2.26
N HIS C 447 -15.26 -16.26 1.18
CA HIS C 447 -15.99 -15.01 1.26
C HIS C 447 -17.38 -15.22 1.85
N LYS C 448 -18.04 -16.32 1.48
CA LYS C 448 -19.34 -16.61 2.06
C LYS C 448 -19.24 -17.01 3.54
N ARG C 449 -18.06 -17.46 3.99
CA ARG C 449 -17.87 -17.87 5.38
C ARG C 449 -17.13 -16.83 6.20
N ARG C 450 -16.85 -15.65 5.65
CA ARG C 450 -16.12 -14.64 6.38
C ARG C 450 -16.93 -14.13 7.57
N LEU C 451 -16.22 -13.68 8.59
CA LEU C 451 -16.79 -13.02 9.75
C LEU C 451 -16.12 -11.66 9.87
N SER C 452 -16.92 -10.60 9.76
CA SER C 452 -16.43 -9.23 9.75
C SER C 452 -16.91 -8.54 11.02
N ALA C 453 -15.99 -7.83 11.68
CA ALA C 453 -16.31 -7.12 12.90
C ALA C 453 -16.76 -5.69 12.66
N LEU C 454 -16.55 -5.15 11.46
CA LEU C 454 -16.94 -3.79 11.13
C LEU C 454 -18.37 -3.77 10.56
N GLY C 455 -19.03 -2.63 10.74
CA GLY C 455 -20.35 -2.44 10.18
C GLY C 455 -21.26 -1.66 11.10
N PRO C 456 -22.48 -1.38 10.61
CA PRO C 456 -23.47 -0.71 11.47
C PRO C 456 -23.93 -1.64 12.58
N GLY C 457 -23.99 -1.11 13.80
CA GLY C 457 -24.33 -1.86 14.98
C GLY C 457 -23.13 -2.45 15.71
N GLY C 458 -22.03 -2.69 14.99
CA GLY C 458 -20.79 -3.09 15.60
C GLY C 458 -19.85 -1.91 15.78
N LEU C 459 -18.61 -2.22 16.15
CA LEU C 459 -17.64 -1.16 16.35
C LEU C 459 -17.25 -0.53 15.02
N SER C 460 -16.94 0.75 15.07
CA SER C 460 -16.47 1.47 13.89
C SER C 460 -15.00 1.16 13.66
N ARG C 461 -14.44 1.71 12.58
CA ARG C 461 -13.06 1.41 12.24
C ARG C 461 -12.09 2.10 13.19
N GLU C 462 -12.40 3.33 13.62
CA GLU C 462 -11.55 4.03 14.56
C GLU C 462 -11.65 3.46 15.97
N ARG C 463 -12.61 2.59 16.25
CA ARG C 463 -12.74 1.94 17.54
C ARG C 463 -12.01 0.60 17.59
N ALA C 464 -11.32 0.22 16.52
CA ALA C 464 -10.65 -1.08 16.43
C ALA C 464 -9.25 -0.94 17.02
N GLY C 465 -9.05 -1.50 18.21
CA GLY C 465 -7.75 -1.52 18.84
C GLY C 465 -7.02 -2.83 18.58
N LEU C 466 -5.77 -2.86 19.03
CA LEU C 466 -4.96 -4.06 18.87
C LEU C 466 -5.56 -5.25 19.59
N GLU C 467 -6.33 -5.02 20.65
CA GLU C 467 -6.80 -6.10 21.50
C GLU C 467 -8.02 -6.82 20.92
N VAL C 468 -8.79 -6.16 20.06
CA VAL C 468 -9.89 -6.86 19.40
C VAL C 468 -9.41 -7.69 18.24
N ARG C 469 -8.24 -7.37 17.68
CA ARG C 469 -7.76 -8.08 16.50
C ARG C 469 -7.01 -9.35 16.85
N ASP C 470 -6.39 -9.41 18.02
CA ASP C 470 -5.58 -10.55 18.41
C ASP C 470 -6.41 -11.84 18.43
N VAL C 471 -5.71 -12.97 18.35
CA VAL C 471 -6.36 -14.27 18.42
C VAL C 471 -6.81 -14.51 19.86
N HIS C 472 -8.09 -14.71 20.03
CA HIS C 472 -8.59 -15.01 21.37
C HIS C 472 -8.57 -16.52 21.61
N PRO C 473 -8.32 -16.96 22.84
CA PRO C 473 -8.34 -18.41 23.10
C PRO C 473 -9.69 -19.07 22.87
N SER C 474 -10.77 -18.28 22.80
CA SER C 474 -12.08 -18.83 22.46
C SER C 474 -12.28 -19.00 20.97
N HIS C 475 -11.35 -18.52 20.14
CA HIS C 475 -11.42 -18.72 18.70
C HIS C 475 -11.04 -20.14 18.29
N TYR C 476 -10.56 -20.96 19.21
CA TYR C 476 -10.14 -22.31 18.88
C TYR C 476 -11.32 -23.13 18.38
N GLY C 477 -11.24 -23.60 17.14
CA GLY C 477 -12.31 -24.35 16.54
C GLY C 477 -13.49 -23.53 16.06
N ARG C 478 -13.46 -22.20 16.25
CA ARG C 478 -14.54 -21.35 15.80
C ARG C 478 -14.08 -20.40 14.69
N MET C 479 -13.04 -19.61 14.93
CA MET C 479 -12.49 -18.72 13.92
C MET C 479 -11.03 -19.08 13.68
N CYS C 480 -10.64 -19.16 12.42
CA CYS C 480 -9.29 -19.59 12.08
C CYS C 480 -8.29 -18.50 12.45
N PRO C 481 -7.25 -18.82 13.23
CA PRO C 481 -6.26 -17.80 13.58
C PRO C 481 -5.26 -17.48 12.48
N ILE C 482 -5.16 -18.30 11.44
CA ILE C 482 -4.19 -18.06 10.38
C ILE C 482 -4.78 -17.17 9.28
N GLU C 483 -6.00 -17.45 8.84
CA GLU C 483 -6.56 -16.76 7.68
C GLU C 483 -7.15 -15.44 8.13
N THR C 484 -6.56 -14.34 7.69
CA THR C 484 -6.96 -12.97 8.01
C THR C 484 -6.16 -12.01 7.11
N PRO C 485 -6.69 -10.84 6.80
CA PRO C 485 -5.97 -9.94 5.89
C PRO C 485 -4.63 -9.50 6.46
N GLU C 486 -3.71 -9.19 5.55
CA GLU C 486 -2.40 -8.65 5.93
C GLU C 486 -2.45 -7.14 6.18
N GLY C 487 -3.40 -6.44 5.58
CA GLY C 487 -3.42 -5.00 5.61
C GLY C 487 -4.21 -4.43 6.77
N PRO C 488 -4.85 -3.28 6.55
CA PRO C 488 -5.56 -2.61 7.64
C PRO C 488 -6.74 -3.39 8.21
N ASN C 489 -7.21 -4.43 7.52
CA ASN C 489 -8.31 -5.24 8.01
C ASN C 489 -7.85 -6.41 8.85
N ILE C 490 -6.56 -6.46 9.22
CA ILE C 490 -6.03 -7.58 9.97
C ILE C 490 -6.79 -7.72 11.28
N GLY C 491 -7.14 -8.97 11.62
CA GLY C 491 -7.91 -9.25 12.82
C GLY C 491 -9.36 -8.83 12.75
N LEU C 492 -9.76 -8.04 11.75
CA LEU C 492 -11.14 -7.61 11.62
C LEU C 492 -11.95 -8.52 10.71
N ILE C 493 -11.30 -9.29 9.84
CA ILE C 493 -11.96 -10.26 8.98
C ILE C 493 -11.32 -11.62 9.24
N GLY C 494 -12.14 -12.61 9.57
CA GLY C 494 -11.63 -13.93 9.85
C GLY C 494 -12.56 -15.01 9.33
N SER C 495 -11.98 -16.13 8.91
CA SER C 495 -12.76 -17.19 8.31
C SER C 495 -13.30 -18.14 9.36
N LEU C 496 -14.54 -18.59 9.17
CA LEU C 496 -15.13 -19.57 10.07
C LEU C 496 -14.38 -20.90 9.94
N SER C 497 -14.28 -21.61 11.06
CA SER C 497 -13.57 -22.89 11.07
C SER C 497 -14.37 -23.94 10.30
N VAL C 498 -13.75 -25.10 10.13
CA VAL C 498 -14.32 -26.14 9.26
C VAL C 498 -15.51 -26.81 9.92
N TYR C 499 -15.35 -27.26 11.16
CA TYR C 499 -16.39 -28.02 11.84
C TYR C 499 -17.36 -27.15 12.63
N ALA C 500 -17.15 -25.84 12.63
CA ALA C 500 -17.98 -24.95 13.46
C ALA C 500 -19.31 -24.64 12.76
N ARG C 501 -20.32 -24.38 13.59
CA ARG C 501 -21.65 -24.01 13.11
C ARG C 501 -22.20 -22.91 14.00
N VAL C 502 -23.17 -22.17 13.47
CA VAL C 502 -23.73 -21.01 14.16
C VAL C 502 -24.93 -21.43 14.99
N ASN C 503 -24.94 -21.00 16.25
CA ASN C 503 -26.05 -21.28 17.15
C ASN C 503 -27.29 -20.50 16.72
N PRO C 504 -28.49 -21.02 17.02
CA PRO C 504 -29.69 -20.21 16.83
C PRO C 504 -29.64 -18.87 17.56
N PHE C 505 -29.00 -18.81 18.73
CA PHE C 505 -28.81 -17.56 19.43
C PHE C 505 -27.77 -16.66 18.78
N GLY C 506 -27.01 -17.16 17.82
CA GLY C 506 -25.95 -16.40 17.20
C GLY C 506 -24.56 -16.71 17.70
N PHE C 507 -24.40 -17.76 18.49
CA PHE C 507 -23.08 -18.16 18.96
C PHE C 507 -22.46 -19.17 18.01
N ILE C 508 -21.15 -19.35 18.13
CA ILE C 508 -20.41 -20.31 17.32
C ILE C 508 -20.09 -21.51 18.19
N GLU C 509 -20.51 -22.70 17.75
CA GLU C 509 -20.26 -23.93 18.48
C GLU C 509 -19.25 -24.79 17.71
N THR C 510 -18.53 -25.62 18.46
CA THR C 510 -17.52 -26.52 17.90
C THR C 510 -17.74 -27.91 18.47
N PRO C 511 -17.69 -28.94 17.61
CA PRO C 511 -17.94 -30.31 18.10
C PRO C 511 -16.78 -30.86 18.90
N TYR C 512 -17.12 -31.76 19.83
CA TYR C 512 -16.15 -32.49 20.63
C TYR C 512 -16.64 -33.91 20.85
N ARG C 513 -15.77 -34.74 21.40
CA ARG C 513 -16.05 -36.14 21.66
C ARG C 513 -16.17 -36.35 23.17
N LYS C 514 -17.31 -36.90 23.59
CA LYS C 514 -17.58 -37.10 25.01
C LYS C 514 -16.74 -38.25 25.54
N VAL C 515 -15.99 -37.99 26.60
CA VAL C 515 -15.08 -38.97 27.20
C VAL C 515 -15.71 -39.42 28.52
N VAL C 516 -16.14 -40.68 28.55
CA VAL C 516 -16.73 -41.28 29.75
C VAL C 516 -15.80 -42.38 30.23
N ASP C 517 -15.46 -42.35 31.53
CA ASP C 517 -14.59 -43.34 32.15
C ASP C 517 -13.26 -43.49 31.42
N GLY C 518 -12.74 -42.36 30.94
CA GLY C 518 -11.47 -42.38 30.23
C GLY C 518 -11.52 -43.03 28.86
N VAL C 519 -12.70 -43.39 28.36
CA VAL C 519 -12.83 -43.96 27.03
C VAL C 519 -13.42 -42.90 26.12
N VAL C 520 -13.05 -42.96 24.84
CA VAL C 520 -13.49 -42.00 23.85
C VAL C 520 -14.56 -42.66 22.99
N SER C 521 -15.77 -42.12 23.03
CA SER C 521 -16.89 -42.68 22.29
C SER C 521 -17.07 -41.96 20.97
N ASP C 522 -18.08 -42.38 20.21
CA ASP C 522 -18.47 -41.69 18.98
C ASP C 522 -19.55 -40.64 19.23
N GLU C 523 -19.93 -40.41 20.49
CA GLU C 523 -20.93 -39.39 20.80
C GLU C 523 -20.29 -38.01 20.69
N ILE C 524 -20.77 -37.21 19.75
CA ILE C 524 -20.25 -35.87 19.52
C ILE C 524 -21.18 -34.86 20.17
N VAL C 525 -20.61 -33.94 20.93
CA VAL C 525 -21.35 -32.88 21.60
C VAL C 525 -20.80 -31.55 21.09
N TYR C 526 -21.67 -30.73 20.51
CA TYR C 526 -21.27 -29.38 20.11
C TYR C 526 -21.32 -28.46 21.33
N LEU C 527 -20.26 -27.67 21.51
CA LEU C 527 -20.13 -26.81 22.68
C LEU C 527 -19.89 -25.38 22.24
N THR C 528 -20.54 -24.44 22.91
CA THR C 528 -20.25 -23.03 22.75
C THR C 528 -19.08 -22.65 23.64
N ALA C 529 -18.64 -21.39 23.52
CA ALA C 529 -17.52 -20.93 24.35
C ALA C 529 -17.86 -20.94 25.83
N ASP C 530 -19.13 -20.70 26.16
CA ASP C 530 -19.56 -20.73 27.56
C ASP C 530 -19.45 -22.13 28.14
N GLU C 531 -20.13 -23.10 27.53
CA GLU C 531 -20.14 -24.46 28.02
C GLU C 531 -18.74 -25.09 28.00
N GLU C 532 -17.84 -24.57 27.17
CA GLU C 532 -16.54 -25.21 26.99
C GLU C 532 -15.62 -24.96 28.17
N ASP C 533 -15.62 -23.73 28.69
CA ASP C 533 -14.66 -23.37 29.74
C ASP C 533 -14.89 -24.11 31.04
N ARG C 534 -16.09 -24.68 31.24
CA ARG C 534 -16.32 -25.52 32.41
C ARG C 534 -15.55 -26.83 32.33
N HIS C 535 -15.20 -27.27 31.13
CA HIS C 535 -14.58 -28.56 30.90
C HIS C 535 -13.15 -28.39 30.42
N VAL C 536 -12.36 -29.44 30.60
CA VAL C 536 -10.99 -29.49 30.12
C VAL C 536 -10.97 -30.33 28.85
N VAL C 537 -10.46 -29.76 27.76
CA VAL C 537 -10.51 -30.38 26.45
C VAL C 537 -9.15 -30.96 26.11
N ALA C 538 -9.14 -32.19 25.62
CA ALA C 538 -7.91 -32.83 25.19
C ALA C 538 -7.52 -32.28 23.83
N GLN C 539 -6.50 -32.88 23.21
CA GLN C 539 -6.02 -32.47 21.91
C GLN C 539 -6.39 -33.55 20.88
N ALA C 540 -6.38 -33.16 19.61
CA ALA C 540 -6.71 -34.09 18.55
C ALA C 540 -5.65 -35.18 18.41
N ASN C 541 -4.39 -34.83 18.63
CA ASN C 541 -3.29 -35.79 18.59
C ASN C 541 -3.16 -36.41 19.98
N SER C 542 -3.53 -37.70 20.09
CA SER C 542 -3.55 -38.32 21.40
C SER C 542 -3.34 -39.82 21.27
N PRO C 543 -2.56 -40.43 22.18
CA PRO C 543 -2.39 -41.89 22.12
C PRO C 543 -3.63 -42.58 22.64
N ILE C 544 -4.00 -43.67 21.98
CA ILE C 544 -5.29 -44.30 22.24
C ILE C 544 -5.13 -45.80 22.32
N ASP C 545 -5.55 -46.37 23.45
CA ASP C 545 -5.71 -47.82 23.58
C ASP C 545 -6.60 -48.33 22.45
N ALA C 546 -6.33 -49.55 21.99
CA ALA C 546 -7.16 -50.15 20.95
C ALA C 546 -8.63 -50.05 21.29
N ASP C 547 -8.97 -50.24 22.57
CA ASP C 547 -10.32 -49.97 23.05
C ASP C 547 -10.62 -48.48 23.09
N GLY C 548 -9.62 -47.67 23.40
CA GLY C 548 -9.80 -46.23 23.61
C GLY C 548 -9.50 -45.79 25.02
N ARG C 549 -8.31 -45.23 25.23
CA ARG C 549 -7.80 -44.73 26.50
C ARG C 549 -6.43 -44.13 26.24
N PHE C 550 -5.98 -43.26 27.16
CA PHE C 550 -4.72 -42.56 27.00
C PHE C 550 -3.58 -43.42 27.53
N VAL C 551 -2.58 -43.67 26.69
CA VAL C 551 -1.42 -44.42 27.16
C VAL C 551 -0.42 -43.51 27.86
N GLU C 552 -0.39 -42.22 27.50
CA GLU C 552 0.54 -41.32 28.14
C GLU C 552 0.02 -40.91 29.53
N PRO C 553 0.92 -40.66 30.48
CA PRO C 553 0.50 -40.36 31.86
C PRO C 553 -0.28 -39.06 31.98
N ARG C 554 0.24 -37.98 31.40
CA ARG C 554 -0.41 -36.67 31.47
C ARG C 554 -0.35 -36.03 30.10
N VAL C 555 -1.50 -35.62 29.59
CA VAL C 555 -1.62 -35.05 28.27
C VAL C 555 -1.69 -33.54 28.37
N LEU C 556 -1.50 -32.85 27.27
CA LEU C 556 -1.56 -31.40 27.27
C LEU C 556 -2.94 -30.95 26.94
N VAL C 557 -3.51 -30.01 27.68
CA VAL C 557 -4.87 -29.59 27.42
C VAL C 557 -5.15 -28.13 27.50
N ARG C 558 -6.24 -27.70 26.88
CA ARG C 558 -6.60 -26.29 26.94
C ARG C 558 -7.42 -26.06 28.21
N ARG C 559 -6.92 -25.18 29.06
CA ARG C 559 -7.57 -24.84 30.33
C ARG C 559 -8.78 -23.92 30.14
N LYS C 560 -9.62 -23.84 31.17
CA LYS C 560 -10.81 -23.00 31.10
C LYS C 560 -10.26 -21.60 30.88
N ALA C 561 -9.17 -21.31 31.58
CA ALA C 561 -8.49 -20.04 31.42
C ALA C 561 -7.94 -20.02 29.98
N GLY C 562 -7.71 -21.20 29.44
CA GLY C 562 -7.19 -21.39 28.10
C GLY C 562 -5.70 -21.66 28.14
N GLU C 563 -5.12 -21.53 29.33
CA GLU C 563 -3.70 -21.79 29.50
C GLU C 563 -3.46 -23.30 29.41
N VAL C 564 -2.42 -23.70 28.69
CA VAL C 564 -2.08 -25.10 28.53
C VAL C 564 -1.52 -25.71 29.80
N GLU C 565 -1.81 -26.99 30.03
CA GLU C 565 -1.32 -27.68 31.22
C GLU C 565 -1.29 -29.22 31.10
N TYR C 566 -1.27 -29.92 32.24
CA TYR C 566 -1.27 -31.38 32.29
C TYR C 566 -2.27 -31.88 33.34
N VAL C 567 -2.97 -32.96 32.99
CA VAL C 567 -4.03 -33.54 33.81
C VAL C 567 -4.17 -35.01 33.41
N PRO C 568 -4.59 -35.90 34.34
CA PRO C 568 -4.75 -37.31 33.95
C PRO C 568 -5.93 -37.54 33.01
N SER C 569 -6.20 -38.81 32.70
CA SER C 569 -7.15 -39.18 31.67
C SER C 569 -8.58 -39.37 32.18
N SER C 570 -8.78 -39.48 33.50
CA SER C 570 -10.12 -39.64 34.04
C SER C 570 -10.86 -38.32 34.19
N GLU C 571 -10.16 -37.20 34.11
CA GLU C 571 -10.76 -35.89 34.27
C GLU C 571 -11.07 -35.21 32.93
N VAL C 572 -10.67 -35.81 31.81
CA VAL C 572 -10.90 -35.22 30.50
C VAL C 572 -12.37 -35.40 30.13
N ASP C 573 -13.07 -34.29 29.94
CA ASP C 573 -14.49 -34.36 29.61
C ASP C 573 -14.71 -34.55 28.12
N TYR C 574 -13.96 -33.82 27.28
CA TYR C 574 -14.15 -33.88 25.85
C TYR C 574 -12.82 -33.86 25.13
N MET C 575 -12.83 -34.31 23.89
CA MET C 575 -11.64 -34.35 23.05
C MET C 575 -11.97 -33.79 21.67
N ASP C 576 -10.96 -33.20 21.02
CA ASP C 576 -11.16 -32.67 19.68
C ASP C 576 -11.62 -33.75 18.72
N VAL C 577 -12.56 -33.40 17.84
CA VAL C 577 -13.07 -34.38 16.88
C VAL C 577 -12.01 -34.72 15.85
N SER C 578 -11.11 -33.78 15.57
CA SER C 578 -10.11 -33.91 14.51
C SER C 578 -9.12 -32.76 14.59
N PRO C 579 -7.89 -32.97 14.15
CA PRO C 579 -7.02 -31.83 13.81
C PRO C 579 -7.64 -31.06 12.67
N ARG C 580 -7.14 -29.85 12.43
CA ARG C 580 -7.70 -28.83 11.52
C ARG C 580 -9.04 -28.30 12.01
N GLN C 581 -9.51 -28.75 13.18
CA GLN C 581 -10.73 -28.20 13.78
C GLN C 581 -10.63 -26.68 13.92
N MET C 582 -9.44 -26.16 14.22
CA MET C 582 -9.22 -24.73 14.38
C MET C 582 -8.98 -24.00 13.07
N VAL C 583 -8.88 -24.72 11.96
CA VAL C 583 -8.41 -24.17 10.70
C VAL C 583 -9.59 -23.94 9.77
N SER C 584 -9.51 -22.90 8.96
CA SER C 584 -10.51 -22.62 7.93
C SER C 584 -10.31 -23.54 6.73
N VAL C 585 -11.11 -23.33 5.69
CA VAL C 585 -10.98 -24.13 4.48
C VAL C 585 -9.66 -23.81 3.77
N ALA C 586 -9.46 -22.54 3.41
CA ALA C 586 -8.31 -22.16 2.62
C ALA C 586 -7.01 -22.48 3.33
N THR C 587 -6.98 -22.38 4.65
CA THR C 587 -5.76 -22.64 5.39
C THR C 587 -5.49 -24.14 5.54
N ALA C 588 -6.55 -24.95 5.67
CA ALA C 588 -6.37 -26.39 5.82
C ALA C 588 -5.92 -27.06 4.53
N MET C 589 -5.83 -26.32 3.43
CA MET C 589 -5.35 -26.86 2.16
C MET C 589 -3.84 -26.71 1.99
N ILE C 590 -3.13 -26.25 3.02
CA ILE C 590 -1.68 -26.08 2.97
C ILE C 590 -1.04 -27.36 3.49
N PRO C 591 -0.35 -28.14 2.64
CA PRO C 591 0.33 -29.32 3.15
C PRO C 591 1.51 -28.93 4.02
N PHE C 592 1.76 -29.75 5.04
CA PHE C 592 2.83 -29.48 6.02
C PHE C 592 2.68 -28.08 6.62
N LEU C 593 1.43 -27.69 6.90
CA LEU C 593 1.17 -26.40 7.53
C LEU C 593 1.95 -26.27 8.84
N GLU C 594 1.98 -27.34 9.64
CA GLU C 594 2.67 -27.34 10.92
C GLU C 594 4.15 -27.07 10.80
N HIS C 595 4.71 -27.07 9.60
CA HIS C 595 6.11 -26.73 9.38
C HIS C 595 6.30 -25.27 8.97
N ASP C 596 5.23 -24.48 8.93
CA ASP C 596 5.28 -23.10 8.51
C ASP C 596 4.89 -22.18 9.66
N ASP C 597 5.48 -20.99 9.67
CA ASP C 597 5.14 -19.99 10.67
C ASP C 597 3.85 -19.29 10.28
N ALA C 598 3.19 -18.71 11.29
CA ALA C 598 1.85 -18.17 11.07
C ALA C 598 1.84 -17.03 10.07
N ASN C 599 2.97 -16.32 9.91
CA ASN C 599 3.03 -15.26 8.91
C ASN C 599 2.98 -15.82 7.50
N ARG C 600 3.88 -16.78 7.18
CA ARG C 600 3.87 -17.33 5.85
C ARG C 600 2.68 -18.25 5.62
N ALA C 601 2.18 -18.91 6.67
CA ALA C 601 0.94 -19.68 6.55
C ALA C 601 -0.24 -18.77 6.24
N LEU C 602 -0.29 -17.62 6.90
CA LEU C 602 -1.32 -16.62 6.59
C LEU C 602 -1.21 -16.16 5.14
N MET C 603 0.01 -15.84 4.71
CA MET C 603 0.20 -15.41 3.33
C MET C 603 -0.20 -16.49 2.34
N GLY C 604 0.09 -17.76 2.65
CA GLY C 604 -0.30 -18.84 1.76
C GLY C 604 -1.79 -19.03 1.69
N ALA C 605 -2.47 -18.96 2.84
CA ALA C 605 -3.92 -19.10 2.84
C ALA C 605 -4.57 -17.96 2.06
N ASN C 606 -4.08 -16.73 2.25
CA ASN C 606 -4.61 -15.59 1.51
C ASN C 606 -4.23 -15.60 0.03
N MET C 607 -3.14 -16.27 -0.33
CA MET C 607 -2.71 -16.29 -1.72
C MET C 607 -3.34 -17.43 -2.52
N GLN C 608 -3.80 -18.49 -1.84
CA GLN C 608 -4.53 -19.52 -2.56
C GLN C 608 -5.75 -18.95 -3.26
N ARG C 609 -6.50 -18.08 -2.58
CA ARG C 609 -7.72 -17.52 -3.15
C ARG C 609 -7.46 -16.29 -4.02
N GLN C 610 -6.20 -16.00 -4.33
CA GLN C 610 -5.86 -15.00 -5.35
C GLN C 610 -5.42 -15.63 -6.66
N ALA C 611 -5.38 -16.97 -6.73
CA ALA C 611 -4.90 -17.64 -7.93
C ALA C 611 -5.94 -17.61 -9.03
N VAL C 612 -5.48 -17.37 -10.26
CA VAL C 612 -6.36 -17.36 -11.43
C VAL C 612 -6.63 -18.80 -11.87
N PRO C 613 -7.72 -19.05 -12.60
CA PRO C 613 -7.88 -20.36 -13.24
C PRO C 613 -7.04 -20.46 -14.50
N LEU C 614 -6.61 -21.68 -14.78
CA LEU C 614 -5.78 -21.96 -15.93
C LEU C 614 -6.60 -22.68 -16.99
N VAL C 615 -6.12 -22.62 -18.24
CA VAL C 615 -6.89 -23.14 -19.37
C VAL C 615 -7.26 -24.61 -19.14
N ARG C 616 -6.37 -25.36 -18.50
CA ARG C 616 -6.71 -26.68 -17.98
C ARG C 616 -6.18 -26.79 -16.56
N SER C 617 -6.96 -27.42 -15.70
CA SER C 617 -6.67 -27.47 -14.27
C SER C 617 -6.02 -28.81 -13.93
N GLU C 618 -4.89 -28.75 -13.22
CA GLU C 618 -4.11 -29.92 -12.84
C GLU C 618 -4.14 -30.04 -11.33
N ALA C 619 -4.78 -31.09 -10.82
CA ALA C 619 -4.85 -31.30 -9.39
C ALA C 619 -3.45 -31.49 -8.81
N PRO C 620 -3.20 -30.99 -7.60
CA PRO C 620 -1.87 -31.08 -7.01
C PRO C 620 -1.49 -32.51 -6.70
N LEU C 621 -0.23 -32.86 -7.00
CA LEU C 621 0.27 -34.19 -6.70
C LEU C 621 0.27 -34.45 -5.19
N VAL C 622 0.62 -33.42 -4.42
CA VAL C 622 0.62 -33.49 -2.96
C VAL C 622 -0.37 -32.46 -2.44
N GLY C 623 -1.30 -32.90 -1.61
CA GLY C 623 -2.31 -32.02 -1.08
C GLY C 623 -2.85 -32.47 0.25
N THR C 624 -4.06 -32.01 0.56
CA THR C 624 -4.82 -32.38 1.74
C THR C 624 -6.06 -33.15 1.30
N GLY C 625 -6.96 -33.42 2.24
CA GLY C 625 -8.27 -33.95 1.89
C GLY C 625 -9.31 -32.90 1.61
N MET C 626 -8.93 -31.62 1.57
CA MET C 626 -9.88 -30.53 1.48
C MET C 626 -10.17 -30.10 0.04
N GLU C 627 -9.37 -30.53 -0.94
CA GLU C 627 -9.60 -30.07 -2.30
C GLU C 627 -10.97 -30.52 -2.82
N LEU C 628 -11.27 -31.82 -2.70
CA LEU C 628 -12.54 -32.36 -3.16
C LEU C 628 -13.72 -31.68 -2.48
N ARG C 629 -13.72 -31.70 -1.15
CA ARG C 629 -14.86 -31.18 -0.41
C ARG C 629 -15.03 -29.68 -0.62
N ALA C 630 -13.93 -28.93 -0.59
CA ALA C 630 -13.99 -27.50 -0.82
C ALA C 630 -14.48 -27.17 -2.22
N ALA C 631 -14.09 -27.99 -3.20
CA ALA C 631 -14.56 -27.77 -4.57
C ALA C 631 -16.06 -27.99 -4.66
N ILE C 632 -16.55 -29.13 -4.15
CA ILE C 632 -17.97 -29.44 -4.35
C ILE C 632 -18.84 -28.51 -3.52
N ASP C 633 -18.37 -28.07 -2.35
CA ASP C 633 -19.15 -27.14 -1.55
C ASP C 633 -19.04 -25.71 -2.04
N ALA C 634 -17.96 -25.39 -2.78
CA ALA C 634 -17.80 -24.03 -3.30
C ALA C 634 -18.93 -23.65 -4.23
N GLY C 635 -19.45 -24.61 -4.99
CA GLY C 635 -20.59 -24.39 -5.85
C GLY C 635 -20.27 -24.17 -7.32
N ASP C 636 -19.00 -24.08 -7.69
CA ASP C 636 -18.62 -23.90 -9.09
C ASP C 636 -18.45 -25.21 -9.83
N VAL C 637 -18.83 -26.33 -9.22
CA VAL C 637 -18.74 -27.64 -9.85
C VAL C 637 -20.16 -28.17 -10.04
N VAL C 638 -20.33 -29.01 -11.06
CA VAL C 638 -21.63 -29.57 -11.38
C VAL C 638 -21.75 -30.93 -10.73
N VAL C 639 -22.83 -31.13 -9.96
CA VAL C 639 -23.02 -32.34 -9.17
C VAL C 639 -24.35 -32.97 -9.54
N ALA C 640 -24.39 -34.31 -9.47
CA ALA C 640 -25.61 -35.06 -9.76
C ALA C 640 -26.53 -35.02 -8.55
N GLU C 641 -27.74 -34.48 -8.73
CA GLU C 641 -28.71 -34.42 -7.64
C GLU C 641 -29.36 -35.76 -7.35
N GLU C 642 -29.38 -36.68 -8.32
CA GLU C 642 -30.02 -37.97 -8.13
C GLU C 642 -29.26 -39.01 -8.92
N SER C 643 -29.23 -40.24 -8.39
CA SER C 643 -28.48 -41.31 -9.03
C SER C 643 -29.10 -41.68 -10.37
N GLY C 644 -28.26 -41.84 -11.38
CA GLY C 644 -28.76 -42.18 -12.69
C GLY C 644 -27.63 -42.49 -13.65
N VAL C 645 -27.97 -42.55 -14.93
CA VAL C 645 -27.03 -42.81 -16.00
C VAL C 645 -27.09 -41.64 -16.98
N ILE C 646 -25.93 -41.23 -17.47
CA ILE C 646 -25.87 -40.13 -18.43
C ILE C 646 -26.56 -40.56 -19.72
N GLU C 647 -27.56 -39.80 -20.14
CA GLU C 647 -28.24 -40.01 -21.41
C GLU C 647 -27.52 -39.33 -22.56
N GLU C 648 -27.00 -38.12 -22.35
CA GLU C 648 -26.31 -37.40 -23.41
C GLU C 648 -25.28 -36.46 -22.78
N VAL C 649 -24.16 -36.29 -23.47
CA VAL C 649 -23.09 -35.38 -23.04
C VAL C 649 -22.67 -34.53 -24.23
N SER C 650 -22.82 -33.22 -24.08
CA SER C 650 -22.32 -32.26 -25.06
C SER C 650 -21.51 -31.21 -24.31
N ALA C 651 -20.73 -30.43 -25.07
CA ALA C 651 -20.03 -29.31 -24.46
C ALA C 651 -20.99 -28.27 -23.91
N ASP C 652 -22.25 -28.29 -24.37
CA ASP C 652 -23.24 -27.31 -23.95
C ASP C 652 -24.01 -27.75 -22.71
N TYR C 653 -24.27 -29.05 -22.56
CA TYR C 653 -25.04 -29.54 -21.42
C TYR C 653 -24.79 -31.03 -21.23
N ILE C 654 -25.36 -31.55 -20.15
CA ILE C 654 -25.26 -32.97 -19.79
C ILE C 654 -26.62 -33.41 -19.29
N THR C 655 -27.23 -34.39 -19.95
CA THR C 655 -28.55 -34.91 -19.61
C THR C 655 -28.42 -36.31 -19.04
N VAL C 656 -28.98 -36.53 -17.86
CA VAL C 656 -28.93 -37.81 -17.17
C VAL C 656 -30.35 -38.34 -17.02
N MET C 657 -30.45 -39.67 -17.02
CA MET C 657 -31.71 -40.39 -16.88
C MET C 657 -31.65 -41.18 -15.57
N HIS C 658 -32.46 -40.76 -14.59
CA HIS C 658 -32.45 -41.42 -13.30
C HIS C 658 -33.03 -42.84 -13.43
N ASP C 659 -32.80 -43.64 -12.38
CA ASP C 659 -33.53 -44.89 -12.26
C ASP C 659 -35.02 -44.64 -12.06
N ASN C 660 -35.39 -43.46 -11.56
CA ASN C 660 -36.78 -43.03 -11.56
C ASN C 660 -37.37 -43.06 -12.95
N GLY C 661 -36.58 -42.78 -13.97
CA GLY C 661 -37.07 -42.51 -15.30
C GLY C 661 -37.23 -41.04 -15.60
N THR C 662 -36.88 -40.17 -14.65
CA THR C 662 -36.98 -38.73 -14.82
C THR C 662 -35.69 -38.18 -15.39
N ARG C 663 -35.82 -37.29 -16.37
CA ARG C 663 -34.66 -36.62 -16.94
C ARG C 663 -34.20 -35.49 -16.03
N ARG C 664 -32.89 -35.25 -16.03
CA ARG C 664 -32.33 -34.08 -15.37
C ARG C 664 -31.16 -33.58 -16.20
N THR C 665 -31.15 -32.30 -16.52
CA THR C 665 -30.14 -31.75 -17.41
C THR C 665 -29.42 -30.59 -16.72
N TYR C 666 -28.12 -30.48 -17.00
CA TYR C 666 -27.27 -29.45 -16.43
C TYR C 666 -26.58 -28.71 -17.57
N ARG C 667 -26.81 -27.40 -17.64
CA ARG C 667 -26.19 -26.55 -18.65
C ARG C 667 -24.81 -26.11 -18.20
N MET C 668 -23.85 -26.13 -19.11
CA MET C 668 -22.47 -25.81 -18.79
C MET C 668 -22.23 -24.31 -18.91
N ARG C 669 -21.63 -23.73 -17.87
CA ARG C 669 -21.12 -22.37 -17.96
C ARG C 669 -19.86 -22.38 -18.83
N LYS C 670 -19.93 -21.72 -19.98
CA LYS C 670 -18.85 -21.77 -20.96
C LYS C 670 -18.32 -20.35 -21.18
N PHE C 671 -17.07 -20.12 -20.76
CA PHE C 671 -16.37 -18.86 -20.97
C PHE C 671 -17.15 -17.68 -20.42
N ALA C 672 -17.70 -17.85 -19.21
CA ALA C 672 -18.41 -16.78 -18.52
C ALA C 672 -17.43 -15.97 -17.69
N ARG C 673 -17.52 -14.64 -17.81
CA ARG C 673 -16.64 -13.77 -17.04
C ARG C 673 -17.07 -13.73 -15.58
N SER C 674 -16.10 -13.80 -14.68
CA SER C 674 -16.36 -13.69 -13.25
C SER C 674 -16.28 -12.22 -12.84
N ASN C 675 -16.54 -11.97 -11.54
CA ASN C 675 -16.54 -10.60 -11.05
C ASN C 675 -15.17 -9.94 -11.22
N HIS C 676 -14.09 -10.70 -11.12
CA HIS C 676 -12.75 -10.15 -11.17
C HIS C 676 -12.08 -10.31 -12.52
N GLY C 677 -12.80 -10.81 -13.53
CA GLY C 677 -12.25 -10.99 -14.85
C GLY C 677 -11.73 -12.38 -15.14
N THR C 678 -11.56 -13.22 -14.12
CA THR C 678 -11.12 -14.59 -14.34
C THR C 678 -12.21 -15.36 -15.08
N CYS C 679 -11.81 -16.12 -16.09
CA CYS C 679 -12.76 -16.90 -16.86
C CYS C 679 -13.18 -18.14 -16.09
N ALA C 680 -14.48 -18.41 -16.10
CA ALA C 680 -15.06 -19.57 -15.44
C ALA C 680 -15.67 -20.47 -16.50
N ASN C 681 -14.89 -21.44 -16.99
CA ASN C 681 -15.38 -22.46 -17.90
C ASN C 681 -15.83 -23.68 -17.12
N GLN C 682 -16.66 -24.50 -17.74
CA GLN C 682 -17.06 -25.78 -17.17
C GLN C 682 -16.94 -26.86 -18.24
N CYS C 683 -16.32 -27.97 -17.87
CA CYS C 683 -16.07 -29.06 -18.78
C CYS C 683 -16.59 -30.37 -18.22
N PRO C 684 -17.29 -31.16 -19.03
CA PRO C 684 -17.78 -32.46 -18.55
C PRO C 684 -16.64 -33.43 -18.29
N ILE C 685 -16.74 -34.17 -17.20
CA ILE C 685 -15.78 -35.22 -16.86
C ILE C 685 -16.40 -36.61 -17.02
N VAL C 686 -17.59 -36.70 -17.61
CA VAL C 686 -18.28 -37.98 -17.79
C VAL C 686 -18.59 -38.17 -19.27
N ASP C 687 -18.74 -39.44 -19.66
CA ASP C 687 -19.06 -39.84 -21.02
C ASP C 687 -20.46 -40.42 -21.08
N ALA C 688 -21.00 -40.50 -22.30
CA ALA C 688 -22.35 -41.01 -22.51
C ALA C 688 -22.44 -42.47 -22.10
N GLY C 689 -23.36 -42.76 -21.19
CA GLY C 689 -23.59 -44.11 -20.73
C GLY C 689 -23.00 -44.44 -19.37
N ASP C 690 -22.34 -43.49 -18.71
CA ASP C 690 -21.76 -43.74 -17.40
C ASP C 690 -22.84 -43.70 -16.32
N ARG C 691 -22.70 -44.57 -15.34
CA ARG C 691 -23.66 -44.67 -14.23
C ARG C 691 -23.10 -43.85 -13.05
N VAL C 692 -23.81 -42.78 -12.70
CA VAL C 692 -23.36 -41.85 -11.67
C VAL C 692 -24.27 -41.99 -10.45
N GLU C 693 -23.65 -42.06 -9.28
CA GLU C 693 -24.41 -42.05 -8.03
C GLU C 693 -24.70 -40.61 -7.61
N ALA C 694 -25.73 -40.46 -6.78
CA ALA C 694 -26.15 -39.13 -6.34
C ALA C 694 -25.03 -38.47 -5.53
N GLY C 695 -24.67 -37.25 -5.94
CA GLY C 695 -23.60 -36.51 -5.30
C GLY C 695 -22.29 -36.53 -6.03
N GLN C 696 -22.17 -37.32 -7.10
CA GLN C 696 -20.95 -37.38 -7.88
C GLN C 696 -20.76 -36.08 -8.67
N VAL C 697 -19.50 -35.79 -9.00
CA VAL C 697 -19.18 -34.63 -9.82
C VAL C 697 -19.40 -34.99 -11.28
N ILE C 698 -20.24 -34.22 -11.96
CA ILE C 698 -20.53 -34.48 -13.37
C ILE C 698 -19.57 -33.72 -14.28
N ALA C 699 -19.22 -32.49 -13.91
CA ALA C 699 -18.40 -31.63 -14.75
C ALA C 699 -17.58 -30.72 -13.85
N ASP C 700 -16.34 -30.46 -14.27
CA ASP C 700 -15.42 -29.64 -13.50
C ASP C 700 -15.68 -28.15 -13.71
N GLY C 701 -15.31 -27.36 -12.71
CA GLY C 701 -15.39 -25.92 -12.80
C GLY C 701 -14.10 -25.31 -13.32
N PRO C 702 -13.85 -24.04 -12.98
CA PRO C 702 -12.65 -23.37 -13.50
C PRO C 702 -11.35 -23.92 -12.93
N CYS C 703 -11.25 -24.03 -11.61
CA CYS C 703 -10.05 -24.50 -10.94
C CYS C 703 -10.19 -25.91 -10.39
N THR C 704 -11.25 -26.63 -10.76
CA THR C 704 -11.42 -28.01 -10.32
C THR C 704 -10.87 -28.97 -11.35
N ASP C 705 -10.36 -30.11 -10.87
CA ASP C 705 -9.85 -31.17 -11.73
C ASP C 705 -10.35 -32.51 -11.21
N ASP C 706 -11.30 -33.12 -11.93
CA ASP C 706 -11.93 -34.37 -11.53
C ASP C 706 -12.56 -34.26 -10.14
N GLY C 707 -13.00 -33.06 -9.77
CA GLY C 707 -13.70 -32.83 -8.54
C GLY C 707 -12.88 -32.20 -7.43
N GLU C 708 -11.58 -32.06 -7.60
CA GLU C 708 -10.72 -31.50 -6.57
C GLU C 708 -10.22 -30.11 -6.95
N MET C 709 -10.00 -29.28 -5.93
CA MET C 709 -9.51 -27.92 -6.14
C MET C 709 -8.08 -27.96 -6.67
N ALA C 710 -7.87 -27.36 -7.85
CA ALA C 710 -6.56 -27.27 -8.48
C ALA C 710 -6.28 -25.82 -8.82
N LEU C 711 -5.55 -25.12 -7.94
CA LEU C 711 -5.31 -23.70 -8.09
C LEU C 711 -4.02 -23.39 -8.85
N GLY C 712 -3.25 -24.42 -9.19
CA GLY C 712 -2.01 -24.21 -9.90
C GLY C 712 -1.56 -25.44 -10.64
N LYS C 713 -0.26 -25.53 -10.86
CA LYS C 713 0.34 -26.63 -11.57
C LYS C 713 1.46 -27.26 -10.75
N ASN C 714 1.72 -28.54 -11.02
CA ASN C 714 2.85 -29.25 -10.43
C ASN C 714 4.07 -29.00 -11.31
N LEU C 715 5.04 -28.24 -10.79
CA LEU C 715 6.22 -27.87 -11.56
C LEU C 715 7.45 -28.55 -10.99
N LEU C 716 8.39 -28.84 -11.89
CA LEU C 716 9.70 -29.35 -11.51
C LEU C 716 10.56 -28.18 -11.06
N VAL C 717 10.92 -28.16 -9.79
CA VAL C 717 11.59 -27.04 -9.16
C VAL C 717 12.99 -27.45 -8.75
N ALA C 718 13.94 -26.54 -8.92
CA ALA C 718 15.30 -26.66 -8.43
C ALA C 718 15.59 -25.53 -7.47
N ILE C 719 16.18 -25.85 -6.32
CA ILE C 719 16.37 -24.88 -5.25
C ILE C 719 17.84 -24.47 -5.24
N MET C 720 18.16 -23.37 -5.92
CA MET C 720 19.54 -22.89 -6.02
C MET C 720 19.57 -21.49 -6.61
N PRO C 721 20.48 -20.63 -6.17
CA PRO C 721 20.64 -19.32 -6.82
C PRO C 721 21.22 -19.50 -8.22
N TRP C 722 20.59 -18.84 -9.19
CA TRP C 722 20.97 -18.99 -10.60
C TRP C 722 21.28 -17.62 -11.18
N GLU C 723 22.56 -17.27 -11.20
CA GLU C 723 23.08 -16.09 -11.91
C GLU C 723 22.36 -14.80 -11.55
N GLY C 724 21.83 -14.74 -10.32
CA GLY C 724 21.20 -13.54 -9.82
C GLY C 724 19.84 -13.20 -10.41
N HIS C 725 19.33 -13.99 -11.36
CA HIS C 725 18.02 -13.69 -11.89
C HIS C 725 16.89 -14.10 -10.95
N ASN C 726 17.17 -14.93 -9.96
CA ASN C 726 16.21 -15.22 -8.91
C ASN C 726 16.55 -14.51 -7.61
N TYR C 727 17.42 -13.51 -7.67
CA TYR C 727 17.86 -12.80 -6.46
C TYR C 727 16.73 -12.01 -5.84
N GLU C 728 16.64 -12.07 -4.52
CA GLU C 728 15.71 -11.27 -3.72
C GLU C 728 14.26 -11.54 -4.15
N ASP C 729 13.87 -12.81 -4.03
CA ASP C 729 12.52 -13.35 -4.17
C ASP C 729 12.03 -13.45 -5.62
N ALA C 730 12.81 -13.07 -6.61
CA ALA C 730 12.39 -13.27 -7.99
C ALA C 730 12.34 -14.77 -8.31
N ILE C 731 11.85 -15.09 -9.50
CA ILE C 731 11.62 -16.46 -9.91
C ILE C 731 12.03 -16.65 -11.36
N ILE C 732 12.70 -17.76 -11.65
CA ILE C 732 13.14 -18.13 -12.98
C ILE C 732 12.24 -19.25 -13.50
N LEU C 733 11.73 -19.08 -14.72
CA LEU C 733 10.80 -20.02 -15.32
C LEU C 733 11.39 -20.66 -16.57
N SER C 734 10.98 -21.90 -16.83
CA SER C 734 11.29 -22.56 -18.09
C SER C 734 10.33 -22.07 -19.17
N ASN C 735 10.89 -21.79 -20.36
CA ASN C 735 10.07 -21.29 -21.45
C ASN C 735 9.01 -22.29 -21.88
N ARG C 736 9.15 -23.56 -21.48
CA ARG C 736 8.12 -24.56 -21.71
C ARG C 736 6.75 -24.07 -21.23
N LEU C 737 6.71 -23.48 -20.03
CA LEU C 737 5.47 -23.00 -19.45
C LEU C 737 4.77 -21.96 -20.32
N VAL C 738 5.46 -21.41 -21.32
CA VAL C 738 4.83 -20.58 -22.33
C VAL C 738 4.40 -21.46 -23.51
N GLU C 739 5.34 -22.23 -24.05
CA GLU C 739 5.07 -22.99 -25.27
C GLU C 739 3.96 -24.02 -25.06
N GLU C 740 3.88 -24.62 -23.87
CA GLU C 740 2.88 -25.63 -23.59
C GLU C 740 1.67 -25.07 -22.84
N ASP C 741 1.58 -23.75 -22.69
CA ASP C 741 0.42 -23.09 -22.10
C ASP C 741 0.13 -23.60 -20.69
N VAL C 742 1.19 -23.85 -19.92
CA VAL C 742 1.02 -24.44 -18.59
C VAL C 742 0.43 -23.41 -17.64
N LEU C 743 0.95 -22.19 -17.66
CA LEU C 743 0.44 -21.11 -16.81
C LEU C 743 -0.39 -20.10 -17.58
N THR C 744 -0.84 -20.44 -18.79
CA THR C 744 -1.69 -19.55 -19.55
C THR C 744 -3.08 -19.48 -18.94
N SER C 745 -3.63 -18.26 -18.87
CA SER C 745 -4.95 -18.05 -18.31
C SER C 745 -5.76 -17.15 -19.22
N ILE C 746 -7.09 -17.34 -19.21
CA ILE C 746 -8.00 -16.56 -20.04
C ILE C 746 -8.59 -15.45 -19.19
N HIS C 747 -8.52 -14.21 -19.69
CA HIS C 747 -8.99 -13.04 -18.96
C HIS C 747 -10.02 -12.32 -19.82
N ILE C 748 -11.26 -12.31 -19.36
CA ILE C 748 -12.37 -11.65 -20.05
C ILE C 748 -12.60 -10.29 -19.40
N GLU C 749 -12.91 -9.29 -20.21
CA GLU C 749 -13.23 -7.97 -19.71
C GLU C 749 -14.41 -7.40 -20.49
N GLU C 750 -15.29 -6.71 -19.78
CA GLU C 750 -16.53 -6.20 -20.32
C GLU C 750 -16.41 -4.70 -20.56
N HIS C 751 -16.82 -4.27 -21.75
CA HIS C 751 -16.88 -2.85 -22.11
C HIS C 751 -18.34 -2.49 -22.33
N GLU C 752 -18.72 -1.29 -21.90
CA GLU C 752 -20.11 -0.87 -21.93
C GLU C 752 -20.19 0.56 -22.43
N ILE C 753 -21.14 0.83 -23.31
CA ILE C 753 -21.36 2.21 -23.77
C ILE C 753 -22.84 2.37 -24.10
N ASP C 754 -23.36 3.56 -23.80
CA ASP C 754 -24.78 3.85 -24.01
C ASP C 754 -24.93 5.18 -24.74
N ALA C 755 -25.86 5.20 -25.69
CA ALA C 755 -26.28 6.41 -26.36
C ALA C 755 -27.53 6.96 -25.68
N ARG C 756 -27.49 8.24 -25.31
CA ARG C 756 -28.55 8.86 -24.53
C ARG C 756 -28.99 10.18 -25.16
N ASP C 757 -29.83 10.93 -24.45
CA ASP C 757 -30.35 12.20 -24.93
C ASP C 757 -29.61 13.34 -24.24
N THR C 758 -28.98 14.20 -25.04
CA THR C 758 -28.28 15.37 -24.54
C THR C 758 -29.17 16.61 -24.68
N LYS C 759 -28.62 17.76 -24.28
CA LYS C 759 -29.36 19.01 -24.45
C LYS C 759 -29.48 19.39 -25.93
N LEU C 760 -28.48 19.04 -26.74
CA LEU C 760 -28.50 19.34 -28.17
C LEU C 760 -29.34 18.33 -28.96
N GLY C 761 -29.71 17.22 -28.37
CA GLY C 761 -30.46 16.20 -29.06
C GLY C 761 -30.17 14.84 -28.45
N ALA C 762 -30.30 13.80 -29.28
CA ALA C 762 -30.06 12.44 -28.86
C ALA C 762 -28.80 11.90 -29.53
N GLU C 763 -28.06 11.07 -28.80
CA GLU C 763 -26.90 10.41 -29.36
C GLU C 763 -27.33 9.23 -30.22
N GLU C 764 -26.47 8.85 -31.16
CA GLU C 764 -26.76 7.76 -32.08
C GLU C 764 -25.58 6.81 -32.18
N ILE C 765 -25.86 5.52 -32.01
CA ILE C 765 -24.86 4.47 -32.23
C ILE C 765 -24.91 4.10 -33.71
N THR C 766 -23.88 4.53 -34.45
CA THR C 766 -23.91 4.36 -35.89
C THR C 766 -22.49 4.13 -36.41
N ARG C 767 -22.40 3.39 -37.52
CA ARG C 767 -21.13 3.24 -38.22
C ARG C 767 -20.66 4.53 -38.85
N ASP C 768 -21.58 5.45 -39.14
CA ASP C 768 -21.25 6.73 -39.76
C ASP C 768 -20.46 7.57 -38.76
N ILE C 769 -19.15 7.63 -38.94
CA ILE C 769 -18.26 8.39 -38.08
C ILE C 769 -17.55 9.43 -38.94
N PRO C 770 -17.68 10.72 -38.65
CA PRO C 770 -17.06 11.73 -39.52
C PRO C 770 -15.55 11.73 -39.40
N ASN C 771 -14.89 11.97 -40.54
CA ASN C 771 -13.43 12.13 -40.60
C ASN C 771 -12.71 10.86 -40.12
N ILE C 772 -13.12 9.72 -40.67
CA ILE C 772 -12.59 8.42 -40.28
C ILE C 772 -12.44 7.55 -41.53
N SER C 773 -11.33 6.83 -41.62
CA SER C 773 -11.05 6.00 -42.78
C SER C 773 -11.94 4.76 -42.79
N ASP C 774 -12.13 4.20 -43.99
CA ASP C 774 -12.90 2.96 -44.12
C ASP C 774 -12.12 1.77 -43.57
N GLU C 775 -10.79 1.85 -43.56
CA GLU C 775 -9.98 0.71 -43.13
C GLU C 775 -10.15 0.44 -41.65
N VAL C 776 -10.18 1.48 -40.82
CA VAL C 776 -10.34 1.27 -39.38
C VAL C 776 -11.75 0.82 -39.07
N LEU C 777 -12.73 1.25 -39.86
CA LEU C 777 -14.12 0.82 -39.70
C LEU C 777 -14.39 -0.56 -40.26
N ALA C 778 -13.37 -1.24 -40.81
CA ALA C 778 -13.61 -2.48 -41.56
C ALA C 778 -14.14 -3.59 -40.65
N ASP C 779 -13.78 -3.58 -39.38
CA ASP C 779 -14.21 -4.63 -38.46
C ASP C 779 -15.57 -4.36 -37.84
N LEU C 780 -16.24 -3.30 -38.25
CA LEU C 780 -17.54 -2.92 -37.71
C LEU C 780 -18.66 -3.33 -38.66
N ASP C 781 -19.79 -3.74 -38.10
CA ASP C 781 -20.95 -4.10 -38.89
C ASP C 781 -21.70 -2.83 -39.31
N GLU C 782 -22.91 -3.00 -39.84
CA GLU C 782 -23.70 -1.83 -40.25
C GLU C 782 -24.15 -1.00 -39.06
N ARG C 783 -24.27 -1.62 -37.88
CA ARG C 783 -24.72 -0.90 -36.69
C ARG C 783 -23.66 0.05 -36.14
N GLY C 784 -22.41 -0.11 -36.57
CA GLY C 784 -21.30 0.55 -35.92
C GLY C 784 -20.67 -0.22 -34.79
N ILE C 785 -21.25 -1.37 -34.43
CA ILE C 785 -20.68 -2.24 -33.42
C ILE C 785 -19.63 -3.14 -34.06
N VAL C 786 -18.57 -3.44 -33.31
CA VAL C 786 -17.56 -4.37 -33.80
C VAL C 786 -18.20 -5.73 -34.05
N ARG C 787 -17.59 -6.51 -34.94
CA ARG C 787 -18.11 -7.83 -35.28
C ARG C 787 -17.47 -8.91 -34.42
N ILE C 788 -18.28 -9.90 -34.05
CA ILE C 788 -17.81 -11.00 -33.22
C ILE C 788 -16.64 -11.69 -33.90
N GLY C 789 -15.62 -12.03 -33.11
CA GLY C 789 -14.46 -12.76 -33.60
C GLY C 789 -13.31 -11.90 -34.05
N ALA C 790 -13.50 -10.59 -34.20
CA ALA C 790 -12.41 -9.72 -34.62
C ALA C 790 -11.42 -9.52 -33.48
N GLU C 791 -10.15 -9.35 -33.85
CA GLU C 791 -9.10 -9.06 -32.89
C GLU C 791 -8.95 -7.56 -32.74
N VAL C 792 -8.98 -7.08 -31.50
CA VAL C 792 -8.97 -5.66 -31.21
C VAL C 792 -7.62 -5.27 -30.62
N ARG C 793 -7.16 -4.08 -30.97
CA ARG C 793 -5.90 -3.51 -30.52
C ARG C 793 -6.19 -2.20 -29.81
N ASP C 794 -5.19 -1.69 -29.08
CA ASP C 794 -5.32 -0.40 -28.42
C ASP C 794 -5.78 0.66 -29.40
N GLY C 795 -6.93 1.27 -29.11
CA GLY C 795 -7.48 2.32 -29.93
C GLY C 795 -8.47 1.87 -30.99
N ASP C 796 -8.72 0.58 -31.12
CA ASP C 796 -9.71 0.10 -32.08
C ASP C 796 -11.12 0.43 -31.61
N ILE C 797 -11.99 0.75 -32.55
CA ILE C 797 -13.35 1.17 -32.22
C ILE C 797 -14.18 -0.06 -31.90
N LEU C 798 -14.72 -0.10 -30.69
CA LEU C 798 -15.61 -1.19 -30.31
C LEU C 798 -17.06 -0.89 -30.65
N VAL C 799 -17.53 0.33 -30.38
CA VAL C 799 -18.89 0.76 -30.69
C VAL C 799 -18.82 2.18 -31.22
N GLY C 800 -19.32 2.40 -32.44
CA GLY C 800 -19.37 3.73 -33.00
C GLY C 800 -20.54 4.51 -32.44
N LYS C 801 -20.26 5.70 -31.92
CA LYS C 801 -21.29 6.56 -31.34
C LYS C 801 -20.97 8.01 -31.67
N VAL C 802 -21.98 8.73 -32.16
CA VAL C 802 -21.86 10.16 -32.47
C VAL C 802 -22.73 10.93 -31.49
N THR C 803 -22.31 12.15 -31.16
CA THR C 803 -23.02 12.98 -30.21
C THR C 803 -23.25 14.37 -30.82
N PRO C 804 -24.46 14.91 -30.73
CA PRO C 804 -24.71 16.25 -31.28
C PRO C 804 -23.81 17.30 -30.64
N LYS C 805 -23.11 18.06 -31.49
CA LYS C 805 -22.20 19.10 -31.02
C LYS C 805 -22.95 20.42 -30.86
N GLY C 806 -22.65 21.12 -29.77
CA GLY C 806 -23.32 22.37 -29.47
C GLY C 806 -23.00 23.50 -30.42
N GLU C 807 -21.91 23.38 -31.18
CA GLU C 807 -21.42 24.38 -32.12
C GLU C 807 -20.86 25.62 -31.42
N THR C 808 -20.92 25.69 -30.09
CA THR C 808 -20.27 26.79 -29.38
C THR C 808 -18.76 26.62 -29.41
N GLU C 809 -18.28 25.39 -29.32
CA GLU C 809 -16.87 25.06 -29.46
C GLU C 809 -16.51 24.69 -30.89
N LEU C 810 -17.44 24.86 -31.83
CA LEU C 810 -17.19 24.56 -33.23
C LEU C 810 -16.01 25.39 -33.74
N THR C 811 -15.24 24.78 -34.64
CA THR C 811 -14.01 25.42 -35.11
C THR C 811 -14.33 26.56 -36.06
N PRO C 812 -13.60 27.68 -35.97
CA PRO C 812 -13.76 28.73 -36.99
C PRO C 812 -13.55 28.24 -38.41
N GLU C 813 -12.49 27.45 -38.65
CA GLU C 813 -12.29 26.84 -39.97
C GLU C 813 -13.37 25.83 -40.30
N GLU C 814 -14.05 25.26 -39.29
CA GLU C 814 -15.17 24.37 -39.56
C GLU C 814 -16.47 25.15 -39.75
N ARG C 815 -16.62 26.29 -39.07
CA ARG C 815 -17.77 27.14 -39.36
C ARG C 815 -17.66 27.71 -40.76
N LEU C 816 -16.43 27.90 -41.26
CA LEU C 816 -16.25 28.22 -42.67
C LEU C 816 -16.93 27.17 -43.55
N LEU C 817 -16.69 25.89 -43.25
CA LEU C 817 -17.30 24.81 -44.02
C LEU C 817 -18.82 24.82 -43.87
N ARG C 818 -19.31 24.94 -42.63
CA ARG C 818 -20.74 24.87 -42.38
C ARG C 818 -21.48 26.05 -43.00
N ALA C 819 -20.84 27.21 -43.12
CA ALA C 819 -21.50 28.38 -43.68
C ALA C 819 -21.37 28.43 -45.19
N ILE C 820 -20.24 27.98 -45.74
CA ILE C 820 -20.03 28.05 -47.19
C ILE C 820 -20.75 26.91 -47.89
N PHE C 821 -20.61 25.68 -47.39
CA PHE C 821 -21.24 24.52 -47.98
C PHE C 821 -22.67 24.30 -47.49
N GLY C 822 -23.13 25.10 -46.53
CA GLY C 822 -24.51 25.01 -46.08
C GLY C 822 -24.84 23.71 -45.38
N GLU C 823 -23.96 23.22 -44.52
CA GLU C 823 -24.24 22.02 -43.75
C GLU C 823 -25.40 22.27 -42.80
N LYS C 824 -26.46 21.48 -42.90
CA LYS C 824 -27.67 21.74 -42.13
C LYS C 824 -28.03 20.61 -41.16
N ALA C 825 -28.09 19.37 -41.64
CA ALA C 825 -28.77 18.31 -40.89
C ALA C 825 -27.94 17.84 -39.69
N ARG C 826 -26.73 17.34 -39.95
CA ARG C 826 -25.94 16.61 -38.96
C ARG C 826 -24.73 17.43 -38.56
N GLU C 827 -24.73 17.90 -37.31
CA GLU C 827 -23.56 18.48 -36.66
C GLU C 827 -23.28 17.63 -35.43
N VAL C 828 -22.29 16.74 -35.53
CA VAL C 828 -22.02 15.74 -34.49
C VAL C 828 -20.51 15.69 -34.24
N ARG C 829 -20.14 14.85 -33.28
CA ARG C 829 -18.75 14.63 -32.93
C ARG C 829 -18.59 13.17 -32.49
N ASP C 830 -17.34 12.71 -32.49
CA ASP C 830 -17.02 11.30 -32.28
C ASP C 830 -16.87 11.04 -30.78
N THR C 831 -17.87 10.39 -30.20
CA THR C 831 -17.80 9.88 -28.84
C THR C 831 -17.66 8.37 -28.79
N SER C 832 -17.25 7.76 -29.90
CA SER C 832 -17.26 6.31 -30.03
C SER C 832 -16.37 5.65 -28.99
N LEU C 833 -16.78 4.46 -28.56
CA LEU C 833 -16.03 3.69 -27.58
C LEU C 833 -14.82 3.04 -28.23
N LYS C 834 -13.65 3.22 -27.63
CA LYS C 834 -12.42 2.64 -28.12
C LYS C 834 -11.83 1.71 -27.06
N VAL C 835 -10.84 0.94 -27.48
CA VAL C 835 -10.19 -0.01 -26.58
C VAL C 835 -9.21 0.75 -25.68
N PRO C 836 -9.19 0.49 -24.38
CA PRO C 836 -8.22 1.15 -23.51
C PRO C 836 -6.78 0.74 -23.83
N HIS C 837 -5.83 1.51 -23.30
CA HIS C 837 -4.43 1.25 -23.54
C HIS C 837 -4.02 -0.10 -22.96
N GLY C 838 -3.03 -0.73 -23.59
CA GLY C 838 -2.48 -1.97 -23.11
C GLY C 838 -3.43 -3.15 -23.08
N GLU C 839 -4.59 -3.05 -23.72
CA GLU C 839 -5.59 -4.11 -23.68
C GLU C 839 -5.92 -4.57 -25.08
N SER C 840 -5.93 -5.89 -25.30
CA SER C 840 -6.19 -6.44 -26.61
C SER C 840 -6.75 -7.86 -26.46
N GLY C 841 -7.60 -8.25 -27.39
CA GLY C 841 -8.17 -9.59 -27.33
C GLY C 841 -9.09 -9.85 -28.49
N LYS C 842 -9.86 -10.93 -28.36
CA LYS C 842 -10.84 -11.36 -29.35
C LYS C 842 -12.23 -11.11 -28.81
N VAL C 843 -13.04 -10.38 -29.56
CA VAL C 843 -14.42 -10.11 -29.16
C VAL C 843 -15.18 -11.43 -29.09
N ILE C 844 -15.63 -11.79 -27.89
CA ILE C 844 -16.39 -13.03 -27.70
C ILE C 844 -17.85 -12.78 -28.05
N GLY C 845 -18.48 -11.86 -27.32
CA GLY C 845 -19.91 -11.69 -27.43
C GLY C 845 -20.29 -10.21 -27.37
N ILE C 846 -21.49 -9.93 -27.87
CA ILE C 846 -22.04 -8.59 -27.86
C ILE C 846 -23.50 -8.70 -27.47
N ARG C 847 -23.90 -8.00 -26.42
CA ARG C 847 -25.33 -7.87 -26.15
C ARG C 847 -25.73 -6.41 -26.21
N VAL C 848 -26.97 -6.18 -26.60
CA VAL C 848 -27.45 -4.83 -26.90
C VAL C 848 -28.89 -4.70 -26.44
N PHE C 849 -29.22 -3.55 -25.87
CA PHE C 849 -30.57 -3.20 -25.48
C PHE C 849 -30.93 -1.88 -26.14
N SER C 850 -32.15 -1.81 -26.68
CA SER C 850 -32.60 -0.66 -27.44
C SER C 850 -33.90 -0.11 -26.84
N ARG C 851 -34.00 1.21 -26.77
CA ARG C 851 -35.26 1.84 -26.42
C ARG C 851 -36.29 1.64 -27.52
N GLU C 852 -35.84 1.49 -28.77
CA GLU C 852 -36.76 1.18 -29.86
C GLU C 852 -37.47 -0.14 -29.62
N ASP C 853 -36.85 -1.05 -28.87
CA ASP C 853 -37.48 -2.28 -28.42
C ASP C 853 -37.89 -2.13 -26.96
N GLU C 854 -38.52 -3.16 -26.42
CA GLU C 854 -39.02 -3.15 -25.05
C GLU C 854 -37.92 -3.63 -24.12
N ASP C 855 -37.25 -2.69 -23.45
CA ASP C 855 -36.20 -3.00 -22.49
C ASP C 855 -36.16 -1.91 -21.44
N GLU C 856 -35.81 -2.30 -20.22
CA GLU C 856 -35.74 -1.37 -19.09
C GLU C 856 -34.37 -0.70 -19.10
N LEU C 857 -34.35 0.61 -19.34
CA LEU C 857 -33.15 1.41 -19.33
C LEU C 857 -33.38 2.67 -18.51
N PRO C 858 -32.33 3.22 -17.90
CA PRO C 858 -32.49 4.46 -17.14
C PRO C 858 -32.97 5.60 -18.02
N ALA C 859 -33.50 6.63 -17.36
CA ALA C 859 -34.10 7.75 -18.07
C ALA C 859 -33.08 8.44 -18.96
N GLY C 860 -33.53 8.81 -20.16
CA GLY C 860 -32.68 9.47 -21.13
C GLY C 860 -31.79 8.56 -21.95
N VAL C 861 -31.56 7.32 -21.50
CA VAL C 861 -30.65 6.41 -22.17
C VAL C 861 -31.41 5.69 -23.28
N ASN C 862 -31.00 5.92 -24.53
CA ASN C 862 -31.67 5.31 -25.66
C ASN C 862 -31.19 3.88 -25.89
N GLU C 863 -29.90 3.70 -26.13
CA GLU C 863 -29.35 2.39 -26.45
C GLU C 863 -28.19 2.08 -25.50
N LEU C 864 -27.97 0.79 -25.25
CA LEU C 864 -26.91 0.36 -24.33
C LEU C 864 -26.32 -0.95 -24.84
N VAL C 865 -25.03 -0.96 -25.13
CA VAL C 865 -24.38 -2.11 -25.74
C VAL C 865 -23.15 -2.51 -24.92
N ARG C 866 -23.02 -3.81 -24.66
CA ARG C 866 -21.88 -4.40 -23.98
C ARG C 866 -21.12 -5.31 -24.94
N VAL C 867 -19.81 -5.09 -25.02
CA VAL C 867 -18.89 -5.89 -25.83
C VAL C 867 -17.96 -6.61 -24.86
N TYR C 868 -17.89 -7.94 -24.97
CA TYR C 868 -16.98 -8.73 -24.15
C TYR C 868 -15.73 -9.08 -24.95
N VAL C 869 -14.56 -8.91 -24.33
CA VAL C 869 -13.28 -9.16 -25.00
C VAL C 869 -12.44 -10.05 -24.12
N ALA C 870 -12.00 -11.18 -24.66
CA ALA C 870 -11.15 -12.11 -23.93
C ALA C 870 -9.74 -12.09 -24.49
N GLN C 871 -8.76 -12.22 -23.60
CA GLN C 871 -7.35 -12.30 -23.97
C GLN C 871 -6.73 -13.53 -23.31
N LYS C 872 -5.84 -14.20 -24.04
CA LYS C 872 -5.11 -15.34 -23.53
C LYS C 872 -3.75 -14.85 -23.05
N ARG C 873 -3.56 -14.79 -21.73
CA ARG C 873 -2.35 -14.29 -21.13
C ARG C 873 -1.43 -15.47 -20.84
N LYS C 874 -0.31 -15.53 -21.55
CA LYS C 874 0.75 -16.44 -21.17
C LYS C 874 1.42 -15.95 -19.90
N ILE C 875 2.16 -16.85 -19.25
CA ILE C 875 3.02 -16.41 -18.16
C ILE C 875 4.12 -15.52 -18.75
N SER C 876 4.56 -14.54 -17.96
CA SER C 876 5.46 -13.54 -18.49
C SER C 876 6.24 -12.91 -17.36
N ASP C 877 7.28 -12.16 -17.72
CA ASP C 877 8.06 -11.39 -16.76
C ASP C 877 7.14 -10.46 -15.98
N GLY C 878 7.30 -10.47 -14.66
CA GLY C 878 6.53 -9.63 -13.77
C GLY C 878 5.31 -10.31 -13.17
N ASP C 879 4.75 -11.30 -13.85
CA ASP C 879 3.63 -12.04 -13.29
C ASP C 879 4.01 -12.66 -11.95
N LYS C 880 3.00 -12.87 -11.10
CA LYS C 880 3.22 -13.24 -9.71
C LYS C 880 2.89 -14.72 -9.53
N LEU C 881 3.88 -15.49 -9.08
CA LEU C 881 3.73 -16.90 -8.77
C LEU C 881 3.92 -17.11 -7.27
N ALA C 882 3.20 -18.07 -6.72
CA ALA C 882 3.36 -18.34 -5.30
C ALA C 882 2.90 -19.76 -4.98
N GLY C 883 3.51 -20.35 -3.96
CA GLY C 883 3.08 -21.63 -3.46
C GLY C 883 2.10 -21.50 -2.32
N ARG C 884 1.69 -22.65 -1.79
CA ARG C 884 0.75 -22.69 -0.68
C ARG C 884 1.39 -22.31 0.66
N HIS C 885 2.71 -22.20 0.72
CA HIS C 885 3.43 -21.98 1.97
C HIS C 885 3.86 -20.53 2.15
N GLY C 886 3.23 -19.60 1.45
CA GLY C 886 3.56 -18.20 1.62
C GLY C 886 4.82 -17.75 0.90
N ASN C 887 5.28 -18.53 -0.07
CA ASN C 887 6.49 -18.22 -0.83
C ASN C 887 6.07 -17.56 -2.15
N LYS C 888 6.18 -16.24 -2.21
CA LYS C 888 5.72 -15.46 -3.34
C LYS C 888 6.90 -15.03 -4.21
N GLY C 889 6.59 -14.49 -5.39
CA GLY C 889 7.60 -13.84 -6.18
C GLY C 889 7.17 -13.54 -7.61
N VAL C 890 7.84 -12.58 -8.23
CA VAL C 890 7.61 -12.25 -9.62
C VAL C 890 8.65 -12.98 -10.45
N ILE C 891 8.42 -13.05 -11.76
CA ILE C 891 9.30 -13.77 -12.67
C ILE C 891 10.37 -12.81 -13.17
N GLY C 892 11.61 -13.03 -12.75
CA GLY C 892 12.69 -12.19 -13.20
C GLY C 892 13.07 -12.46 -14.65
N LYS C 893 13.10 -13.73 -15.03
CA LYS C 893 13.48 -14.10 -16.39
C LYS C 893 12.93 -15.49 -16.69
N ILE C 894 12.55 -15.68 -17.95
CA ILE C 894 12.14 -16.97 -18.47
C ILE C 894 13.18 -17.40 -19.49
N LEU C 895 14.04 -18.33 -19.10
CA LEU C 895 15.11 -18.78 -19.99
C LEU C 895 14.58 -19.80 -20.98
N PRO C 896 15.25 -19.95 -22.13
CA PRO C 896 14.90 -21.03 -23.06
C PRO C 896 15.15 -22.39 -22.42
N VAL C 897 14.48 -23.40 -22.96
CA VAL C 897 14.54 -24.73 -22.38
C VAL C 897 15.96 -25.28 -22.36
N GLU C 898 16.87 -24.72 -23.17
CA GLU C 898 18.24 -25.19 -23.18
C GLU C 898 19.06 -24.56 -22.05
N ASP C 899 18.86 -23.27 -21.78
CA ASP C 899 19.59 -22.60 -20.70
C ASP C 899 19.24 -23.16 -19.33
N MET C 900 18.08 -23.77 -19.19
CA MET C 900 17.62 -24.23 -17.89
C MET C 900 18.46 -25.42 -17.43
N PRO C 901 18.93 -25.45 -16.18
CA PRO C 901 19.63 -26.63 -15.69
C PRO C 901 18.77 -27.87 -15.80
N PHE C 902 19.34 -28.93 -16.36
CA PHE C 902 18.59 -30.15 -16.64
C PHE C 902 19.18 -31.33 -15.86
N LEU C 903 18.32 -32.30 -15.59
CA LEU C 903 18.73 -33.50 -14.87
C LEU C 903 19.62 -34.37 -15.78
N ALA C 904 20.03 -35.52 -15.25
CA ALA C 904 20.97 -36.37 -15.97
C ALA C 904 20.38 -36.89 -17.27
N ASP C 905 19.08 -37.18 -17.29
CA ASP C 905 18.44 -37.68 -18.49
C ASP C 905 18.03 -36.57 -19.47
N GLY C 906 18.40 -35.32 -19.20
CA GLY C 906 18.11 -34.24 -20.10
C GLY C 906 16.83 -33.48 -19.82
N THR C 907 16.10 -33.82 -18.75
CA THR C 907 14.87 -33.16 -18.40
C THR C 907 15.15 -31.83 -17.72
N PRO C 908 14.86 -30.71 -18.37
CA PRO C 908 15.12 -29.41 -17.74
C PRO C 908 14.12 -29.12 -16.63
N VAL C 909 14.61 -28.51 -15.56
CA VAL C 909 13.74 -28.12 -14.47
C VAL C 909 12.80 -27.01 -14.94
N ASP C 910 11.64 -26.91 -14.29
CA ASP C 910 10.65 -25.96 -14.76
C ASP C 910 10.78 -24.60 -14.08
N ILE C 911 11.14 -24.57 -12.80
CA ILE C 911 11.18 -23.32 -12.04
C ILE C 911 12.35 -23.38 -11.05
N ILE C 912 13.13 -22.31 -11.00
CA ILE C 912 14.30 -22.22 -10.14
C ILE C 912 13.98 -21.26 -9.00
N LEU C 913 13.88 -21.80 -7.79
CA LEU C 913 13.60 -20.99 -6.61
C LEU C 913 14.89 -20.74 -5.85
N ASN C 914 15.15 -19.48 -5.50
CA ASN C 914 16.40 -19.13 -4.83
C ASN C 914 16.47 -19.77 -3.44
N THR C 915 17.68 -20.17 -3.05
CA THR C 915 17.85 -20.88 -1.79
C THR C 915 17.70 -19.95 -0.60
N HIS C 916 18.19 -18.71 -0.71
CA HIS C 916 18.24 -17.81 0.43
C HIS C 916 16.86 -17.49 0.99
N GLY C 917 15.79 -17.75 0.23
CA GLY C 917 14.45 -17.40 0.67
C GLY C 917 13.79 -18.39 1.60
N VAL C 918 14.28 -19.63 1.62
CA VAL C 918 13.65 -20.69 2.40
C VAL C 918 13.94 -20.56 3.90
N PRO C 919 15.20 -20.54 4.35
CA PRO C 919 15.43 -20.75 5.80
C PRO C 919 14.92 -19.62 6.68
N ARG C 920 15.13 -18.35 6.30
CA ARG C 920 14.79 -17.27 7.21
C ARG C 920 13.28 -17.10 7.37
N ARG C 921 12.51 -17.44 6.35
CA ARG C 921 11.08 -17.14 6.38
C ARG C 921 10.26 -18.20 7.12
N MET C 922 10.89 -19.28 7.56
CA MET C 922 10.23 -20.29 8.38
C MET C 922 9.03 -20.93 7.66
N ASN C 923 9.16 -21.12 6.35
CA ASN C 923 8.21 -21.93 5.59
C ASN C 923 8.99 -23.09 5.00
N ILE C 924 9.22 -24.13 5.80
CA ILE C 924 9.93 -25.30 5.30
C ILE C 924 8.96 -26.37 4.81
N GLY C 925 7.66 -26.19 5.02
CA GLY C 925 6.69 -27.04 4.37
C GLY C 925 6.84 -27.09 2.87
N GLN C 926 7.42 -26.04 2.26
CA GLN C 926 7.67 -26.09 0.82
C GLN C 926 8.74 -27.12 0.49
N ILE C 927 9.74 -27.27 1.34
CA ILE C 927 10.80 -28.26 1.10
C ILE C 927 10.24 -29.67 1.22
N LEU C 928 9.46 -29.93 2.27
CA LEU C 928 8.85 -31.24 2.43
C LEU C 928 7.85 -31.51 1.32
N GLU C 929 7.14 -30.47 0.87
CA GLU C 929 6.27 -30.63 -0.29
C GLU C 929 7.08 -31.01 -1.52
N THR C 930 8.26 -30.42 -1.69
CA THR C 930 9.10 -30.75 -2.85
C THR C 930 9.55 -32.21 -2.79
N HIS C 931 9.99 -32.65 -1.60
CA HIS C 931 10.43 -34.03 -1.45
C HIS C 931 9.30 -35.02 -1.71
N LEU C 932 8.17 -34.83 -1.03
CA LEU C 932 7.03 -35.72 -1.25
C LEU C 932 6.50 -35.61 -2.66
N GLY C 933 6.65 -34.45 -3.30
CA GLY C 933 6.20 -34.29 -4.67
C GLY C 933 7.04 -35.10 -5.64
N TRP C 934 8.36 -35.15 -5.42
CA TRP C 934 9.17 -36.05 -6.22
C TRP C 934 8.81 -37.50 -5.95
N CYS C 935 8.61 -37.85 -4.68
CA CYS C 935 8.22 -39.23 -4.36
C CYS C 935 6.89 -39.61 -5.02
N ALA C 936 5.96 -38.66 -5.14
CA ALA C 936 4.69 -38.94 -5.79
C ALA C 936 4.82 -38.91 -7.31
N HIS C 937 5.77 -38.15 -7.85
CA HIS C 937 5.96 -38.10 -9.29
C HIS C 937 6.57 -39.39 -9.80
N SER C 938 7.65 -39.85 -9.18
CA SER C 938 8.31 -41.06 -9.64
C SER C 938 7.69 -42.33 -9.09
N GLY C 939 6.85 -42.22 -8.05
CA GLY C 939 6.30 -43.40 -7.40
C GLY C 939 7.35 -44.11 -6.57
N TRP C 940 6.92 -45.02 -5.70
CA TRP C 940 7.87 -45.70 -4.84
C TRP C 940 7.39 -47.11 -4.55
N LYS C 941 8.33 -47.99 -4.20
CA LYS C 941 8.06 -49.37 -3.80
C LYS C 941 8.93 -49.67 -2.58
N VAL C 942 8.32 -49.71 -1.40
CA VAL C 942 9.06 -50.02 -0.19
C VAL C 942 9.25 -51.53 -0.12
N ASP C 943 10.47 -51.96 0.12
CA ASP C 943 10.77 -53.39 0.14
C ASP C 943 10.17 -54.05 1.38
N ALA C 944 9.44 -55.14 1.16
CA ALA C 944 8.69 -55.83 2.22
C ALA C 944 8.95 -57.35 2.19
N ALA C 945 10.22 -57.72 2.01
CA ALA C 945 10.66 -59.10 2.23
C ALA C 945 11.37 -59.11 3.57
N LYS C 946 10.78 -59.82 4.54
CA LYS C 946 11.04 -59.58 5.97
C LYS C 946 10.89 -58.09 6.26
N GLY C 947 9.85 -57.52 5.68
CA GLY C 947 9.68 -56.09 5.61
C GLY C 947 9.20 -55.44 6.89
N VAL C 948 8.13 -54.67 6.76
CA VAL C 948 7.55 -53.78 7.76
C VAL C 948 8.66 -52.98 8.45
N PRO C 949 9.53 -52.29 7.70
CA PRO C 949 10.61 -51.54 8.36
C PRO C 949 10.06 -50.54 9.37
N ASP C 950 10.81 -50.35 10.46
CA ASP C 950 10.30 -49.65 11.63
C ASP C 950 9.82 -48.23 11.30
N TRP C 951 10.45 -47.58 10.31
CA TRP C 951 10.00 -46.25 9.90
C TRP C 951 8.66 -46.30 9.18
N ALA C 952 8.48 -47.25 8.27
CA ALA C 952 7.24 -47.36 7.51
C ALA C 952 6.14 -48.10 8.27
N ALA C 953 6.41 -48.57 9.48
CA ALA C 953 5.43 -49.39 10.16
C ALA C 953 4.28 -48.58 10.74
N ARG C 954 4.56 -47.34 11.16
CA ARG C 954 3.63 -46.58 11.96
C ARG C 954 2.40 -46.15 11.16
N LEU C 955 2.57 -45.19 10.24
CA LEU C 955 1.48 -44.68 9.42
C LEU C 955 1.13 -45.52 8.19
N PRO C 956 2.09 -45.86 7.31
CA PRO C 956 1.70 -46.34 5.97
C PRO C 956 0.82 -47.59 6.03
N ASP C 957 -0.35 -47.51 5.38
CA ASP C 957 -1.25 -48.66 5.32
C ASP C 957 -1.13 -49.40 3.99
N GLU C 958 -1.41 -48.69 2.88
CA GLU C 958 -1.13 -49.14 1.53
C GLU C 958 -0.35 -48.05 0.78
N LEU C 959 0.21 -47.09 1.51
CA LEU C 959 1.20 -46.17 0.98
C LEU C 959 2.54 -46.84 0.77
N LEU C 960 2.58 -48.17 0.92
CA LEU C 960 3.82 -48.91 0.75
C LEU C 960 4.35 -48.78 -0.68
N GLU C 961 3.49 -49.01 -1.67
CA GLU C 961 3.88 -48.79 -3.06
C GLU C 961 2.87 -47.87 -3.73
N ALA C 962 3.35 -47.02 -4.63
CA ALA C 962 2.51 -46.08 -5.37
C ALA C 962 3.05 -45.94 -6.77
N GLN C 963 2.16 -46.00 -7.75
CA GLN C 963 2.55 -45.85 -9.15
C GLN C 963 2.95 -44.41 -9.42
N PRO C 964 3.73 -44.17 -10.49
CA PRO C 964 4.19 -42.81 -10.77
C PRO C 964 3.03 -41.83 -10.93
N ASN C 965 3.31 -40.57 -10.59
CA ASN C 965 2.32 -39.49 -10.65
C ASN C 965 1.06 -39.86 -9.87
N ALA C 966 1.25 -40.44 -8.69
CA ALA C 966 0.13 -40.71 -7.80
C ALA C 966 -0.31 -39.44 -7.10
N ILE C 967 -1.54 -39.45 -6.59
CA ILE C 967 -2.08 -38.34 -5.81
C ILE C 967 -2.17 -38.79 -4.37
N VAL C 968 -1.55 -38.03 -3.47
CA VAL C 968 -1.51 -38.35 -2.06
C VAL C 968 -1.88 -37.10 -1.28
N SER C 969 -2.29 -37.31 -0.03
CA SER C 969 -2.73 -36.20 0.82
C SER C 969 -2.00 -36.26 2.16
N THR C 970 -1.60 -35.08 2.65
CA THR C 970 -1.00 -34.89 3.97
C THR C 970 -1.92 -33.98 4.77
N PRO C 971 -2.90 -34.53 5.47
CA PRO C 971 -3.78 -33.69 6.30
C PRO C 971 -2.98 -32.90 7.31
N VAL C 972 -3.37 -31.64 7.51
CA VAL C 972 -2.64 -30.76 8.41
C VAL C 972 -2.64 -31.36 9.81
N PHE C 973 -1.46 -31.36 10.45
CA PHE C 973 -1.21 -31.92 11.78
C PHE C 973 -1.34 -33.44 11.81
N ASP C 974 -1.68 -34.08 10.69
CA ASP C 974 -1.65 -35.53 10.56
C ASP C 974 -0.87 -35.97 9.33
N GLY C 975 -0.15 -35.05 8.68
CA GLY C 975 0.60 -35.35 7.47
C GLY C 975 1.72 -36.36 7.67
N ALA C 976 2.43 -36.70 6.61
CA ALA C 976 3.53 -37.66 6.72
C ALA C 976 4.60 -37.11 7.67
N GLN C 977 5.09 -37.97 8.55
CA GLN C 977 6.18 -37.61 9.45
C GLN C 977 7.51 -37.61 8.70
N GLU C 978 8.51 -36.96 9.31
CA GLU C 978 9.79 -36.76 8.64
C GLU C 978 10.46 -38.09 8.31
N ALA C 979 10.39 -39.05 9.24
CA ALA C 979 11.00 -40.36 9.01
C ALA C 979 10.40 -41.04 7.79
N GLU C 980 9.09 -40.94 7.63
CA GLU C 980 8.44 -41.61 6.50
C GLU C 980 8.80 -40.95 5.17
N LEU C 981 8.96 -39.63 5.16
CA LEU C 981 9.40 -38.95 3.95
C LEU C 981 10.84 -39.33 3.60
N GLN C 982 11.72 -39.37 4.61
CA GLN C 982 13.10 -39.80 4.36
C GLN C 982 13.15 -41.23 3.86
N GLY C 983 12.24 -42.09 4.35
CA GLY C 983 12.19 -43.45 3.85
C GLY C 983 11.71 -43.52 2.41
N LEU C 984 10.68 -42.75 2.07
CA LEU C 984 10.21 -42.73 0.69
C LEU C 984 11.27 -42.20 -0.27
N LEU C 985 12.11 -41.26 0.19
CA LEU C 985 13.16 -40.73 -0.66
C LEU C 985 14.13 -41.80 -1.15
N SER C 986 14.24 -42.92 -0.43
CA SER C 986 15.15 -43.99 -0.78
C SER C 986 14.56 -44.98 -1.78
N CYS C 987 13.31 -45.39 -1.59
CA CYS C 987 12.68 -46.37 -2.47
C CYS C 987 12.03 -45.72 -3.69
N THR C 988 12.48 -44.53 -4.07
CA THR C 988 12.04 -43.88 -5.30
C THR C 988 12.24 -44.79 -6.50
N LEU C 989 11.19 -44.99 -7.29
CA LEU C 989 11.31 -45.83 -8.46
C LEU C 989 12.17 -45.14 -9.52
N PRO C 990 12.96 -45.89 -10.28
CA PRO C 990 13.81 -45.27 -11.30
C PRO C 990 12.97 -44.80 -12.47
N ASN C 991 13.65 -44.13 -13.39
CA ASN C 991 13.02 -43.66 -14.61
C ASN C 991 12.98 -44.80 -15.62
N ARG C 992 12.61 -44.49 -16.86
CA ARG C 992 12.53 -45.52 -17.90
C ARG C 992 13.88 -46.18 -18.19
N ASP C 993 14.98 -45.48 -17.91
CA ASP C 993 16.31 -46.03 -18.18
C ASP C 993 16.91 -46.76 -16.98
N GLY C 994 16.14 -46.92 -15.89
CA GLY C 994 16.66 -47.58 -14.72
C GLY C 994 17.51 -46.70 -13.82
N ASP C 995 17.56 -45.40 -14.07
CA ASP C 995 18.35 -44.49 -13.27
C ASP C 995 17.51 -43.91 -12.14
N VAL C 996 18.09 -43.85 -10.95
CA VAL C 996 17.50 -43.10 -9.84
C VAL C 996 18.07 -41.70 -9.89
N LEU C 997 17.25 -40.74 -10.32
CA LEU C 997 17.75 -39.40 -10.59
C LEU C 997 17.90 -38.56 -9.32
N VAL C 998 17.11 -38.85 -8.29
CA VAL C 998 17.14 -38.09 -7.04
C VAL C 998 17.55 -39.04 -5.92
N ASP C 999 18.67 -38.73 -5.26
CA ASP C 999 19.19 -39.60 -4.21
C ASP C 999 18.32 -39.51 -2.96
N ALA C 1000 18.73 -40.24 -1.92
CA ALA C 1000 17.98 -40.29 -0.67
C ALA C 1000 18.03 -38.98 0.10
N ASP C 1001 18.83 -38.02 -0.35
CA ASP C 1001 18.85 -36.68 0.24
C ASP C 1001 17.85 -35.74 -0.40
N GLY C 1002 17.09 -36.20 -1.39
CA GLY C 1002 16.21 -35.33 -2.15
C GLY C 1002 16.90 -34.44 -3.15
N LYS C 1003 18.22 -34.53 -3.27
CA LYS C 1003 18.98 -33.71 -4.20
C LYS C 1003 19.35 -34.51 -5.44
N ALA C 1004 19.94 -33.82 -6.41
CA ALA C 1004 20.27 -34.43 -7.69
C ALA C 1004 21.36 -33.62 -8.37
N MET C 1005 22.08 -34.28 -9.26
CA MET C 1005 23.12 -33.61 -10.04
C MET C 1005 22.49 -32.91 -11.24
N LEU C 1006 22.81 -31.62 -11.41
CA LEU C 1006 22.27 -30.82 -12.49
C LEU C 1006 23.40 -30.35 -13.39
N PHE C 1007 23.08 -30.20 -14.68
CA PHE C 1007 24.01 -29.74 -15.69
C PHE C 1007 23.64 -28.31 -16.09
N ASP C 1008 24.62 -27.41 -16.05
CA ASP C 1008 24.41 -26.05 -16.51
C ASP C 1008 24.13 -26.06 -18.00
N GLY C 1009 22.91 -25.71 -18.38
CA GLY C 1009 22.53 -25.72 -19.79
C GLY C 1009 23.16 -24.66 -20.65
N ARG C 1010 24.00 -23.79 -20.09
CA ARG C 1010 24.65 -22.73 -20.85
C ARG C 1010 26.06 -23.10 -21.28
N SER C 1011 26.92 -23.41 -20.32
CA SER C 1011 28.28 -23.84 -20.65
C SER C 1011 28.33 -25.34 -20.92
N GLY C 1012 27.55 -26.12 -20.18
CA GLY C 1012 27.53 -27.56 -20.29
C GLY C 1012 28.11 -28.28 -19.11
N GLU C 1013 29.04 -27.65 -18.40
CA GLU C 1013 29.64 -28.27 -17.23
C GLU C 1013 28.57 -28.55 -16.18
N PRO C 1014 28.63 -29.69 -15.51
CA PRO C 1014 27.68 -29.94 -14.41
C PRO C 1014 27.96 -29.03 -13.24
N PHE C 1015 26.88 -28.68 -12.52
CA PHE C 1015 27.05 -27.89 -11.31
C PHE C 1015 27.76 -28.72 -10.25
N PRO C 1016 28.72 -28.14 -9.53
CA PRO C 1016 29.59 -28.96 -8.68
C PRO C 1016 28.86 -29.70 -7.57
N TYR C 1017 27.80 -29.11 -7.01
CA TYR C 1017 27.17 -29.77 -5.88
C TYR C 1017 25.77 -30.25 -6.25
N PRO C 1018 25.28 -31.30 -5.58
CA PRO C 1018 23.90 -31.72 -5.80
C PRO C 1018 22.90 -30.71 -5.26
N VAL C 1019 21.86 -30.46 -6.06
CA VAL C 1019 20.84 -29.47 -5.76
C VAL C 1019 19.52 -30.19 -5.49
N THR C 1020 18.76 -29.70 -4.51
CA THR C 1020 17.44 -30.25 -4.27
C THR C 1020 16.52 -29.92 -5.43
N VAL C 1021 15.99 -30.97 -6.07
CA VAL C 1021 14.96 -30.83 -7.10
C VAL C 1021 13.77 -31.67 -6.68
N GLY C 1022 12.60 -31.29 -7.22
CA GLY C 1022 11.39 -32.02 -6.90
C GLY C 1022 10.21 -31.41 -7.59
N TYR C 1023 9.01 -31.73 -7.11
CA TYR C 1023 7.77 -31.24 -7.71
C TYR C 1023 7.00 -30.42 -6.68
N MET C 1024 6.84 -29.14 -6.96
CA MET C 1024 6.16 -28.20 -6.08
C MET C 1024 4.92 -27.66 -6.76
N TYR C 1025 3.88 -27.43 -5.99
CA TYR C 1025 2.65 -26.84 -6.52
C TYR C 1025 2.81 -25.33 -6.55
N ILE C 1026 2.72 -24.75 -7.75
CA ILE C 1026 2.89 -23.32 -7.96
C ILE C 1026 1.60 -22.76 -8.56
N MET C 1027 1.13 -21.65 -7.99
CA MET C 1027 -0.08 -20.97 -8.42
C MET C 1027 0.29 -19.67 -9.13
N LYS C 1028 -0.51 -19.32 -10.13
CA LYS C 1028 -0.42 -18.02 -10.80
C LYS C 1028 -1.41 -17.08 -10.11
N LEU C 1029 -0.90 -16.22 -9.24
CA LEU C 1029 -1.75 -15.29 -8.54
C LEU C 1029 -2.23 -14.18 -9.49
N HIS C 1030 -3.36 -13.57 -9.15
CA HIS C 1030 -3.98 -12.59 -10.05
C HIS C 1030 -3.38 -11.21 -9.84
N HIS C 1031 -2.11 -11.10 -10.24
CA HIS C 1031 -1.42 -9.82 -10.32
C HIS C 1031 -0.46 -9.93 -11.50
N LEU C 1032 -0.82 -9.29 -12.62
CA LEU C 1032 -0.10 -9.49 -13.87
C LEU C 1032 0.34 -8.16 -14.44
N VAL C 1033 1.49 -8.17 -15.12
CA VAL C 1033 2.03 -6.93 -15.69
C VAL C 1033 1.05 -6.33 -16.68
N ASP C 1034 0.33 -7.18 -17.42
CA ASP C 1034 -0.67 -6.68 -18.37
C ASP C 1034 -1.72 -5.82 -17.68
N ASP C 1035 -1.93 -6.05 -16.38
CA ASP C 1035 -2.85 -5.26 -15.55
C ASP C 1035 -2.17 -4.06 -14.90
N LYS C 1036 -0.90 -4.16 -14.54
CA LYS C 1036 -0.28 -3.17 -13.67
C LYS C 1036 0.57 -2.13 -14.41
N ILE C 1037 1.00 -2.39 -15.64
CA ILE C 1037 1.82 -1.42 -16.35
C ILE C 1037 0.98 -0.19 -16.69
N HIS C 1038 1.57 0.98 -16.54
CA HIS C 1038 0.88 2.22 -16.84
C HIS C 1038 1.91 3.28 -17.24
N ALA C 1039 1.51 4.17 -18.14
CA ALA C 1039 2.38 5.24 -18.62
C ALA C 1039 1.50 6.38 -19.12
N ARG C 1040 1.92 7.60 -18.84
CA ARG C 1040 1.15 8.77 -19.23
C ARG C 1040 2.11 9.92 -19.54
N SER C 1041 2.15 10.35 -20.80
CA SER C 1041 2.85 11.59 -21.12
C SER C 1041 1.96 12.79 -20.82
N THR C 1042 0.71 12.73 -21.28
CA THR C 1042 -0.29 13.75 -21.00
C THR C 1042 -1.65 13.07 -21.05
N GLY C 1043 -2.60 13.61 -20.28
CA GLY C 1043 -3.91 13.01 -20.19
C GLY C 1043 -4.94 13.94 -19.60
N PRO C 1044 -6.09 13.38 -19.23
CA PRO C 1044 -7.17 14.22 -18.67
C PRO C 1044 -6.82 14.71 -17.27
N TYR C 1045 -7.39 15.86 -16.93
CA TYR C 1045 -7.20 16.48 -15.63
C TYR C 1045 -8.56 16.63 -14.93
N SER C 1046 -8.52 16.71 -13.61
CA SER C 1046 -9.71 17.03 -12.85
C SER C 1046 -10.04 18.51 -13.03
N MET C 1047 -11.32 18.80 -13.24
CA MET C 1047 -11.72 20.16 -13.62
C MET C 1047 -11.59 21.15 -12.47
N ILE C 1048 -11.49 20.69 -11.23
CA ILE C 1048 -11.46 21.60 -10.09
C ILE C 1048 -10.04 22.07 -9.81
N THR C 1049 -9.14 21.14 -9.51
CA THR C 1049 -7.78 21.50 -9.13
C THR C 1049 -6.82 21.52 -10.30
N GLN C 1050 -7.24 21.07 -11.48
CA GLN C 1050 -6.43 21.05 -12.70
C GLN C 1050 -5.19 20.16 -12.56
N GLN C 1051 -5.19 19.25 -11.62
CA GLN C 1051 -4.09 18.31 -11.58
C GLN C 1051 -4.43 17.07 -12.41
N PRO C 1052 -3.41 16.37 -12.91
CA PRO C 1052 -3.67 15.13 -13.64
C PRO C 1052 -4.52 14.16 -12.83
N LEU C 1053 -5.37 13.42 -13.51
CA LEU C 1053 -6.23 12.46 -12.84
C LEU C 1053 -5.38 11.32 -12.29
N GLY C 1054 -6.04 10.37 -11.64
CA GLY C 1054 -5.35 9.24 -11.05
C GLY C 1054 -6.02 7.93 -11.41
N GLY C 1055 -5.22 6.88 -11.44
CA GLY C 1055 -5.71 5.56 -11.77
C GLY C 1055 -5.41 5.13 -13.20
N LYS C 1056 -5.12 3.85 -13.39
CA LYS C 1056 -4.86 3.35 -14.74
C LYS C 1056 -6.11 3.46 -15.60
N ALA C 1057 -7.28 3.17 -15.02
CA ALA C 1057 -8.53 3.24 -15.78
C ALA C 1057 -8.76 4.64 -16.34
N GLN C 1058 -8.49 5.67 -15.54
CA GLN C 1058 -8.71 7.04 -15.95
C GLN C 1058 -7.52 7.63 -16.71
N PHE C 1059 -6.55 6.80 -17.07
CA PHE C 1059 -5.33 7.25 -17.73
C PHE C 1059 -4.68 8.37 -16.93
N GLY C 1060 -4.56 8.16 -15.62
CA GLY C 1060 -4.07 9.18 -14.73
C GLY C 1060 -2.55 9.18 -14.60
N GLY C 1061 -2.06 10.21 -13.92
CA GLY C 1061 -0.64 10.34 -13.66
C GLY C 1061 -0.28 9.80 -12.28
N GLN C 1062 1.03 9.69 -12.05
CA GLN C 1062 1.53 9.24 -10.76
C GLN C 1062 1.58 10.43 -9.80
N ARG C 1063 1.11 10.22 -8.59
CA ARG C 1063 1.17 11.27 -7.59
C ARG C 1063 2.59 11.40 -7.06
N PHE C 1064 3.18 12.57 -7.23
CA PHE C 1064 4.45 12.91 -6.60
C PHE C 1064 4.12 13.51 -5.24
N GLY C 1065 4.15 12.67 -4.21
CA GLY C 1065 3.60 13.03 -2.92
C GLY C 1065 4.52 13.92 -2.10
N GLU C 1066 4.13 14.10 -0.83
CA GLU C 1066 4.84 15.01 0.06
C GLU C 1066 6.24 14.49 0.38
N MET C 1067 6.35 13.20 0.73
CA MET C 1067 7.64 12.63 1.06
C MET C 1067 8.58 12.61 -0.14
N GLU C 1068 8.01 12.43 -1.34
CA GLU C 1068 8.82 12.52 -2.55
C GLU C 1068 9.39 13.92 -2.73
N CYS C 1069 8.62 14.96 -2.37
CA CYS C 1069 9.15 16.31 -2.42
C CYS C 1069 10.20 16.53 -1.33
N TRP C 1070 10.02 15.91 -0.16
CA TRP C 1070 11.07 15.93 0.86
C TRP C 1070 12.37 15.36 0.30
N ALA C 1071 12.28 14.23 -0.38
CA ALA C 1071 13.47 13.62 -0.97
C ALA C 1071 14.10 14.53 -2.03
N MET C 1072 13.26 15.06 -2.93
CA MET C 1072 13.75 15.97 -3.96
C MET C 1072 14.47 17.17 -3.35
N GLN C 1073 13.93 17.72 -2.26
CA GLN C 1073 14.58 18.83 -1.58
C GLN C 1073 15.89 18.40 -0.92
N ALA C 1074 15.89 17.23 -0.29
CA ALA C 1074 17.11 16.72 0.32
C ALA C 1074 18.21 16.58 -0.72
N TYR C 1075 17.86 16.22 -1.95
CA TYR C 1075 18.83 16.27 -3.04
C TYR C 1075 19.26 17.69 -3.39
N GLY C 1076 18.45 18.68 -3.06
CA GLY C 1076 18.74 20.04 -3.50
C GLY C 1076 18.49 20.26 -4.97
N ALA C 1077 17.65 19.44 -5.60
CA ALA C 1077 17.32 19.59 -7.02
C ALA C 1077 16.09 20.46 -7.13
N ALA C 1078 16.30 21.77 -7.33
CA ALA C 1078 15.19 22.72 -7.30
C ALA C 1078 14.40 22.70 -8.60
N TYR C 1079 15.08 22.68 -9.74
CA TYR C 1079 14.38 22.75 -11.02
C TYR C 1079 13.53 21.51 -11.24
N THR C 1080 14.02 20.34 -10.83
CA THR C 1080 13.21 19.13 -10.95
C THR C 1080 11.93 19.25 -10.13
N LEU C 1081 12.05 19.76 -8.91
CA LEU C 1081 10.88 19.90 -8.05
C LEU C 1081 9.89 20.92 -8.61
N GLN C 1082 10.39 22.03 -9.14
CA GLN C 1082 9.50 23.03 -9.73
C GLN C 1082 8.81 22.48 -10.97
N GLU C 1083 9.58 21.84 -11.86
CA GLU C 1083 9.02 21.26 -13.08
C GLU C 1083 7.95 20.22 -12.76
N LEU C 1084 8.21 19.36 -11.78
CA LEU C 1084 7.22 18.37 -11.40
C LEU C 1084 5.95 19.02 -10.87
N LEU C 1085 6.07 20.16 -10.18
CA LEU C 1085 4.96 20.75 -9.47
C LEU C 1085 4.29 21.88 -10.22
N THR C 1086 4.88 22.38 -11.30
CA THR C 1086 4.24 23.48 -12.03
C THR C 1086 3.87 23.10 -13.46
N ILE C 1087 4.85 22.77 -14.31
CA ILE C 1087 4.55 22.62 -15.74
C ILE C 1087 4.04 21.23 -16.06
N LYS C 1088 4.29 20.26 -15.19
CA LYS C 1088 3.75 18.92 -15.39
C LYS C 1088 2.35 18.75 -14.80
N SER C 1089 1.98 19.52 -13.78
CA SER C 1089 0.70 19.27 -13.12
C SER C 1089 -0.31 20.40 -13.25
N ASP C 1090 0.03 21.61 -12.78
CA ASP C 1090 -0.99 22.61 -12.49
C ASP C 1090 -0.93 23.85 -13.36
N ASP C 1091 0.21 24.12 -14.02
CA ASP C 1091 0.33 25.28 -14.88
C ASP C 1091 -0.49 25.05 -16.14
N THR C 1092 -1.65 25.71 -16.23
CA THR C 1092 -2.52 25.51 -17.40
C THR C 1092 -1.88 26.07 -18.66
N VAL C 1093 -1.21 27.22 -18.57
CA VAL C 1093 -0.55 27.79 -19.74
C VAL C 1093 0.83 27.19 -19.96
N GLY C 1094 1.39 26.51 -18.97
CA GLY C 1094 2.72 25.94 -19.09
C GLY C 1094 2.73 24.53 -19.68
N ARG C 1095 1.64 23.79 -19.47
CA ARG C 1095 1.56 22.41 -19.98
C ARG C 1095 1.61 22.41 -21.51
N VAL C 1096 0.67 23.10 -22.13
CA VAL C 1096 0.61 23.17 -23.59
C VAL C 1096 1.85 23.85 -24.13
N LYS C 1097 2.39 24.83 -23.42
CA LYS C 1097 3.65 25.45 -23.83
C LYS C 1097 4.78 24.43 -23.89
N VAL C 1098 4.89 23.57 -22.87
CA VAL C 1098 5.95 22.57 -22.83
C VAL C 1098 5.76 21.55 -23.95
N TYR C 1099 4.53 21.06 -24.14
CA TYR C 1099 4.30 20.09 -25.19
C TYR C 1099 4.62 20.68 -26.56
N GLU C 1100 4.20 21.92 -26.81
CA GLU C 1100 4.50 22.61 -28.06
C GLU C 1100 6.00 22.78 -28.26
N ALA C 1101 6.71 23.15 -27.19
CA ALA C 1101 8.15 23.38 -27.29
C ALA C 1101 8.90 22.09 -27.62
N ILE C 1102 8.54 21.00 -26.95
CA ILE C 1102 9.21 19.72 -27.24
C ILE C 1102 8.85 19.23 -28.64
N VAL C 1103 7.59 19.40 -29.04
CA VAL C 1103 7.15 19.00 -30.38
C VAL C 1103 7.94 19.74 -31.44
N LYS C 1104 8.17 21.04 -31.25
CA LYS C 1104 8.95 21.82 -32.20
C LYS C 1104 10.45 21.81 -31.90
N GLY C 1105 10.89 21.00 -30.94
CA GLY C 1105 12.31 20.85 -30.68
C GLY C 1105 12.99 22.05 -30.08
N GLU C 1106 12.27 22.84 -29.28
CA GLU C 1106 12.82 24.03 -28.64
C GLU C 1106 13.10 23.73 -27.17
N ASN C 1107 13.63 24.73 -26.47
CA ASN C 1107 13.89 24.60 -25.05
C ASN C 1107 12.60 24.66 -24.25
N ILE C 1108 12.65 24.16 -23.02
CA ILE C 1108 11.46 24.14 -22.16
C ILE C 1108 11.33 25.51 -21.49
N PRO C 1109 10.14 26.12 -21.52
CA PRO C 1109 9.98 27.48 -20.96
C PRO C 1109 10.01 27.52 -19.44
N GLU C 1110 9.78 28.71 -18.88
CA GLU C 1110 9.78 28.98 -17.45
C GLU C 1110 8.41 28.69 -16.85
N PRO C 1111 8.39 28.02 -15.70
CA PRO C 1111 7.12 27.66 -15.07
C PRO C 1111 6.30 28.88 -14.66
N GLY C 1112 5.00 28.66 -14.54
CA GLY C 1112 4.05 29.68 -14.11
C GLY C 1112 3.56 29.44 -12.70
N ILE C 1113 2.25 29.57 -12.51
CA ILE C 1113 1.63 29.45 -11.19
C ILE C 1113 0.75 28.20 -11.15
N PRO C 1114 0.81 27.42 -10.08
CA PRO C 1114 -0.13 26.29 -9.94
C PRO C 1114 -1.56 26.78 -9.77
N GLU C 1115 -2.46 26.22 -10.59
CA GLU C 1115 -3.86 26.62 -10.55
C GLU C 1115 -4.51 26.27 -9.21
N SER C 1116 -4.07 25.17 -8.59
CA SER C 1116 -4.60 24.82 -7.28
C SER C 1116 -4.27 25.87 -6.23
N PHE C 1117 -3.21 26.66 -6.44
CA PHE C 1117 -2.94 27.78 -5.53
C PHE C 1117 -3.99 28.87 -5.68
N LYS C 1118 -4.39 29.15 -6.92
CA LYS C 1118 -5.52 30.05 -7.13
C LYS C 1118 -6.78 29.51 -6.47
N VAL C 1119 -6.99 28.20 -6.57
CA VAL C 1119 -8.14 27.58 -5.91
C VAL C 1119 -8.05 27.75 -4.40
N LEU C 1120 -6.84 27.64 -3.84
CA LEU C 1120 -6.65 27.86 -2.40
C LEU C 1120 -6.99 29.29 -2.02
N LEU C 1121 -6.54 30.25 -2.82
CA LEU C 1121 -6.84 31.66 -2.52
C LEU C 1121 -8.34 31.91 -2.58
N LYS C 1122 -9.02 31.35 -3.57
CA LYS C 1122 -10.48 31.51 -3.64
C LYS C 1122 -11.17 30.82 -2.46
N GLU C 1123 -10.62 29.68 -2.01
CA GLU C 1123 -11.20 28.99 -0.86
C GLU C 1123 -11.04 29.81 0.41
N LEU C 1124 -9.90 30.51 0.54
CA LEU C 1124 -9.71 31.37 1.71
C LEU C 1124 -10.61 32.59 1.64
N GLN C 1125 -10.78 33.17 0.44
CA GLN C 1125 -11.72 34.29 0.28
C GLN C 1125 -13.15 33.87 0.61
N SER C 1126 -13.51 32.62 0.29
CA SER C 1126 -14.83 32.13 0.67
C SER C 1126 -14.97 31.93 2.16
N LEU C 1127 -13.87 31.96 2.91
CA LEU C 1127 -13.89 31.87 4.36
C LEU C 1127 -13.82 33.23 5.03
N CYS C 1128 -14.11 34.30 4.29
CA CYS C 1128 -14.05 35.68 4.78
C CYS C 1128 -12.62 36.06 5.19
N LEU C 1129 -11.63 35.45 4.55
CA LEU C 1129 -10.24 35.84 4.74
C LEU C 1129 -9.81 36.63 3.50
N ASN C 1130 -9.40 37.87 3.72
CA ASN C 1130 -8.96 38.74 2.62
C ASN C 1130 -7.50 38.43 2.32
N VAL C 1131 -7.26 37.63 1.28
CA VAL C 1131 -5.92 37.22 0.88
C VAL C 1131 -5.53 38.02 -0.35
N GLU C 1132 -4.30 38.54 -0.35
CA GLU C 1132 -3.80 39.37 -1.44
C GLU C 1132 -2.32 39.10 -1.64
N VAL C 1133 -1.93 38.96 -2.90
CA VAL C 1133 -0.52 38.76 -3.26
C VAL C 1133 0.12 40.11 -3.51
N LEU C 1134 1.10 40.47 -2.68
CA LEU C 1134 1.74 41.77 -2.75
C LEU C 1134 2.93 41.74 -3.69
N SER C 1135 3.17 42.88 -4.35
CA SER C 1135 4.36 43.05 -5.18
C SER C 1135 5.58 43.20 -4.28
N SER C 1136 6.74 43.48 -4.89
CA SER C 1136 7.95 43.73 -4.11
C SER C 1136 7.73 44.89 -3.14
N ASP C 1137 7.45 46.07 -3.67
CA ASP C 1137 7.03 47.21 -2.86
C ASP C 1137 5.61 47.65 -3.13
N GLY C 1138 4.94 47.06 -4.13
CA GLY C 1138 3.63 47.50 -4.53
C GLY C 1138 2.51 46.86 -3.73
N ALA C 1139 1.29 47.13 -4.19
CA ALA C 1139 0.08 46.61 -3.57
C ALA C 1139 -0.29 45.28 -4.22
N ALA C 1140 -1.53 44.82 -3.98
CA ALA C 1140 -1.99 43.53 -4.48
C ALA C 1140 -1.81 43.43 -5.98
N ILE C 1141 -1.46 42.22 -6.43
CA ILE C 1141 -1.19 41.95 -7.84
C ILE C 1141 -2.36 41.19 -8.43
N GLU C 1142 -2.82 41.63 -9.61
CA GLU C 1142 -3.88 40.93 -10.31
C GLU C 1142 -3.40 39.53 -10.71
N LEU C 1143 -4.18 38.51 -10.35
CA LEU C 1143 -3.77 37.13 -10.49
C LEU C 1143 -4.35 36.43 -11.70
N ARG C 1144 -5.32 37.02 -12.39
CA ARG C 1144 -5.91 36.40 -13.57
C ARG C 1144 -5.34 37.05 -14.84
N GLU C 1145 -5.73 36.50 -15.99
CA GLU C 1145 -5.17 36.89 -17.27
C GLU C 1145 -6.26 37.33 -18.22
N GLY C 1146 -5.93 38.29 -19.08
CA GLY C 1146 -6.87 38.74 -20.08
C GLY C 1146 -7.04 37.75 -21.21
N GLU C 1147 -8.21 37.81 -21.86
CA GLU C 1147 -8.55 36.84 -22.89
C GLU C 1147 -7.94 37.16 -24.25
N ASP C 1148 -7.31 38.33 -24.41
CA ASP C 1148 -6.83 38.77 -25.72
C ASP C 1148 -5.45 38.21 -26.08
N GLU C 1149 -4.87 37.33 -25.26
CA GLU C 1149 -3.56 36.77 -25.56
C GLU C 1149 -3.60 35.70 -26.63
N ASP C 1150 -4.75 35.05 -26.83
CA ASP C 1150 -4.85 33.88 -27.69
C ASP C 1150 -5.34 34.21 -29.10
N LEU C 1151 -5.78 35.44 -29.37
CA LEU C 1151 -6.42 35.74 -30.64
C LEU C 1151 -5.43 35.98 -31.77
N GLU C 1152 -4.25 36.52 -31.45
CA GLU C 1152 -3.30 36.87 -32.50
C GLU C 1152 -2.89 35.67 -33.33
N ARG C 1153 -2.49 34.58 -32.66
CA ARG C 1153 -2.01 33.41 -33.39
C ARG C 1153 -3.14 32.71 -34.15
N ALA C 1154 -4.37 32.75 -33.64
CA ALA C 1154 -5.50 32.18 -34.37
C ALA C 1154 -5.80 32.97 -35.64
N ALA C 1155 -5.92 34.30 -35.51
CA ALA C 1155 -6.15 35.13 -36.68
C ALA C 1155 -5.01 35.03 -37.68
N ALA C 1156 -3.79 34.78 -37.19
CA ALA C 1156 -2.66 34.59 -38.10
C ALA C 1156 -2.72 33.24 -38.80
N ASN C 1157 -3.11 32.18 -38.09
CA ASN C 1157 -3.25 30.86 -38.70
C ASN C 1157 -4.37 30.85 -39.73
N LEU C 1158 -5.36 31.73 -39.58
CA LEU C 1158 -6.37 31.88 -40.61
C LEU C 1158 -5.95 32.85 -41.71
N GLY C 1159 -4.75 33.42 -41.62
CA GLY C 1159 -4.24 34.28 -42.67
C GLY C 1159 -4.90 35.64 -42.76
N ILE C 1160 -4.80 36.43 -41.70
CA ILE C 1160 -5.38 37.77 -41.67
C ILE C 1160 -4.60 38.71 -42.59
N LEU D 3 1.73 37.68 -18.24
CA LEU D 3 1.85 36.41 -17.54
C LEU D 3 2.70 36.59 -16.29
N ASP D 4 2.44 35.77 -15.28
CA ASP D 4 3.05 35.97 -13.97
C ASP D 4 4.38 35.23 -13.86
N VAL D 5 5.34 35.88 -13.20
CA VAL D 5 6.66 35.29 -12.98
C VAL D 5 6.79 34.67 -11.58
N ASN D 6 5.66 34.46 -10.88
CA ASN D 6 5.59 33.90 -9.52
C ASN D 6 6.66 34.44 -8.58
N PHE D 7 6.99 35.72 -8.70
CA PHE D 7 7.92 36.39 -7.80
C PHE D 7 7.14 37.46 -7.05
N PHE D 8 6.62 37.09 -5.88
CA PHE D 8 5.87 37.98 -5.01
C PHE D 8 6.62 38.10 -3.70
N ASP D 9 6.83 39.33 -3.25
CA ASP D 9 7.60 39.54 -2.02
C ASP D 9 6.86 38.96 -0.82
N GLU D 10 5.58 39.29 -0.68
CA GLU D 10 4.84 38.93 0.52
C GLU D 10 3.41 38.54 0.17
N LEU D 11 2.80 37.77 1.07
CA LEU D 11 1.42 37.29 0.93
C LEU D 11 0.70 37.55 2.24
N ARG D 12 -0.28 38.44 2.21
CA ARG D 12 -0.93 38.95 3.42
C ARG D 12 -2.38 38.48 3.49
N ILE D 13 -2.88 38.30 4.71
CA ILE D 13 -4.28 37.98 4.94
C ILE D 13 -4.84 38.92 6.00
N GLY D 14 -6.16 38.89 6.11
CA GLY D 14 -6.85 39.68 7.12
C GLY D 14 -8.33 39.42 7.02
N LEU D 15 -9.05 39.83 8.07
CA LEU D 15 -10.49 39.65 8.09
C LEU D 15 -11.15 40.43 6.96
N ALA D 16 -12.14 39.81 6.35
CA ALA D 16 -12.87 40.41 5.23
C ALA D 16 -13.98 41.29 5.79
N THR D 17 -13.89 42.59 5.53
CA THR D 17 -15.00 43.47 5.85
C THR D 17 -16.13 43.26 4.85
N ALA D 18 -17.35 43.57 5.27
CA ALA D 18 -18.49 43.44 4.38
C ALA D 18 -18.31 44.27 3.12
N GLU D 19 -17.60 45.40 3.22
CA GLU D 19 -17.25 46.17 2.05
C GLU D 19 -16.38 45.36 1.10
N ASP D 20 -15.41 44.62 1.62
CA ASP D 20 -14.59 43.75 0.78
C ASP D 20 -15.43 42.67 0.12
N ILE D 21 -16.31 42.03 0.91
CA ILE D 21 -17.13 40.94 0.39
C ILE D 21 -18.02 41.43 -0.76
N ARG D 22 -18.59 42.63 -0.61
CA ARG D 22 -19.42 43.15 -1.70
C ARG D 22 -18.58 43.64 -2.87
N GLN D 23 -17.38 44.17 -2.60
CA GLN D 23 -16.50 44.62 -3.66
C GLN D 23 -16.08 43.47 -4.55
N TRP D 24 -15.82 42.29 -3.95
CA TRP D 24 -15.48 41.12 -4.75
C TRP D 24 -16.63 40.68 -5.63
N SER D 25 -17.81 40.54 -5.03
CA SER D 25 -18.93 39.85 -5.69
C SER D 25 -19.35 40.55 -6.96
N TYR D 26 -19.75 39.75 -7.94
CA TYR D 26 -20.35 40.23 -9.18
C TYR D 26 -21.88 40.24 -9.11
N GLY D 27 -22.45 39.93 -7.96
CA GLY D 27 -23.88 39.89 -7.81
C GLY D 27 -24.26 39.15 -6.56
N GLU D 28 -25.57 38.99 -6.38
CA GLU D 28 -26.13 38.33 -5.21
C GLU D 28 -27.06 37.21 -5.63
N VAL D 29 -26.86 36.03 -5.07
CA VAL D 29 -27.72 34.89 -5.34
C VAL D 29 -28.96 34.99 -4.46
N LYS D 30 -30.12 35.03 -5.09
CA LYS D 30 -31.38 35.19 -4.37
C LYS D 30 -32.19 33.90 -4.29
N LYS D 31 -31.79 32.85 -4.99
CA LYS D 31 -32.62 31.67 -5.11
C LYS D 31 -31.85 30.41 -4.73
N PRO D 32 -32.53 29.43 -4.14
CA PRO D 32 -31.90 28.12 -3.92
C PRO D 32 -31.75 27.30 -5.20
N GLU D 33 -32.41 27.70 -6.28
CA GLU D 33 -32.35 26.93 -7.52
C GLU D 33 -30.93 26.85 -8.06
N THR D 34 -30.60 25.70 -8.64
CA THR D 34 -29.29 25.49 -9.27
C THR D 34 -29.37 25.64 -10.77
N ILE D 35 -30.22 24.83 -11.42
CA ILE D 35 -30.41 24.86 -12.87
C ILE D 35 -31.84 24.44 -13.18
N ASN D 36 -32.33 24.85 -14.33
CA ASN D 36 -33.63 24.41 -14.83
C ASN D 36 -33.48 22.98 -15.32
N TYR D 37 -34.12 22.03 -14.63
CA TYR D 37 -33.92 20.62 -14.92
C TYR D 37 -34.45 20.21 -16.29
N ARG D 38 -35.32 21.01 -16.89
CA ARG D 38 -35.79 20.70 -18.24
C ARG D 38 -34.73 21.03 -19.29
N THR D 39 -34.21 22.26 -19.27
CA THR D 39 -33.24 22.72 -20.26
C THR D 39 -31.80 22.59 -19.77
N LEU D 40 -31.58 22.17 -18.52
CA LEU D 40 -30.24 22.07 -17.95
C LEU D 40 -29.48 23.39 -18.08
N LYS D 41 -30.20 24.49 -17.89
CA LYS D 41 -29.64 25.84 -17.95
C LYS D 41 -29.68 26.50 -16.58
N PRO D 42 -28.72 27.37 -16.28
CA PRO D 42 -28.70 28.04 -14.97
C PRO D 42 -29.91 28.95 -14.78
N GLU D 43 -30.61 28.76 -13.67
CA GLU D 43 -31.70 29.67 -13.32
C GLU D 43 -31.13 31.00 -12.89
N LYS D 44 -31.77 32.09 -13.35
CA LYS D 44 -31.28 33.42 -13.04
C LYS D 44 -31.36 33.68 -11.54
N ASP D 45 -30.36 34.38 -11.02
CA ASP D 45 -30.24 34.69 -9.59
C ASP D 45 -30.16 33.43 -8.74
N GLY D 46 -29.65 32.34 -9.33
CA GLY D 46 -29.43 31.10 -8.62
C GLY D 46 -27.95 30.87 -8.33
N LEU D 47 -27.70 29.72 -7.71
CA LEU D 47 -26.33 29.37 -7.32
C LEU D 47 -25.40 29.19 -8.52
N PHE D 48 -25.94 28.90 -9.70
CA PHE D 48 -25.14 28.77 -10.91
C PHE D 48 -25.44 29.88 -11.92
N CYS D 49 -26.15 30.93 -11.50
CA CYS D 49 -26.61 31.97 -12.41
C CYS D 49 -25.48 32.49 -13.30
N GLU D 50 -25.76 32.60 -14.60
CA GLU D 50 -24.75 33.02 -15.55
C GLU D 50 -24.52 34.53 -15.54
N LYS D 51 -25.54 35.31 -15.20
CA LYS D 51 -25.39 36.76 -15.20
C LYS D 51 -24.34 37.21 -14.19
N ILE D 52 -24.38 36.63 -12.99
CA ILE D 52 -23.46 37.05 -11.94
C ILE D 52 -22.13 36.31 -12.03
N PHE D 53 -22.17 35.00 -12.26
CA PHE D 53 -20.93 34.22 -12.23
C PHE D 53 -20.21 34.22 -13.57
N GLY D 54 -20.94 34.09 -14.68
CA GLY D 54 -20.33 34.14 -15.98
C GLY D 54 -20.99 33.21 -16.98
N PRO D 55 -20.59 33.33 -18.24
CA PRO D 55 -21.21 32.49 -19.29
C PRO D 55 -20.76 31.03 -19.16
N THR D 56 -21.74 30.13 -19.24
CA THR D 56 -21.41 28.70 -19.22
C THR D 56 -20.62 28.32 -20.46
N ARG D 57 -21.02 28.83 -21.63
CA ARG D 57 -20.36 28.53 -22.88
C ARG D 57 -19.65 29.78 -23.40
N ASP D 58 -18.55 29.55 -24.10
CA ASP D 58 -17.68 30.64 -24.52
C ASP D 58 -18.43 31.63 -25.43
N TRP D 59 -18.36 32.91 -25.05
CA TRP D 59 -18.89 34.01 -25.87
C TRP D 59 -20.37 33.83 -26.16
N GLU D 60 -21.15 33.59 -25.12
CA GLU D 60 -22.59 33.42 -25.26
C GLU D 60 -23.31 34.04 -24.07
N CYS D 61 -24.38 34.79 -24.36
CA CYS D 61 -25.28 35.26 -23.31
C CYS D 61 -26.28 34.16 -22.97
N TYR D 62 -27.18 34.45 -22.02
CA TYR D 62 -28.14 33.43 -21.61
C TYR D 62 -29.22 33.22 -22.66
N CYS D 63 -29.89 34.29 -23.08
CA CYS D 63 -31.04 34.17 -23.97
C CYS D 63 -30.66 33.77 -25.39
N GLY D 64 -29.38 33.80 -25.74
CA GLY D 64 -28.94 33.37 -27.06
C GLY D 64 -28.92 34.44 -28.13
N LYS D 65 -29.00 35.72 -27.76
CA LYS D 65 -28.94 36.79 -28.74
C LYS D 65 -27.51 37.12 -29.17
N TYR D 66 -26.52 36.77 -28.34
CA TYR D 66 -25.12 37.06 -28.61
C TYR D 66 -24.34 35.75 -28.57
N LYS D 67 -23.92 35.27 -29.74
CA LYS D 67 -23.03 34.09 -29.84
C LYS D 67 -21.97 34.41 -30.87
N ARG D 68 -20.85 35.01 -30.43
CA ARG D 68 -19.75 35.31 -31.34
C ARG D 68 -18.58 35.84 -30.53
N VAL D 69 -17.38 35.73 -31.12
CA VAL D 69 -16.20 36.42 -30.59
C VAL D 69 -16.16 37.87 -31.04
N ARG D 70 -16.99 38.24 -32.02
CA ARG D 70 -17.10 39.63 -32.45
C ARG D 70 -17.40 40.55 -31.27
N PHE D 71 -18.50 40.28 -30.56
CA PHE D 71 -18.84 41.05 -29.37
C PHE D 71 -18.10 40.48 -28.17
N LYS D 72 -17.23 41.28 -27.58
CA LYS D 72 -16.50 40.86 -26.38
C LYS D 72 -16.45 42.02 -25.39
N GLY D 73 -16.58 41.70 -24.11
CA GLY D 73 -16.55 42.71 -23.07
C GLY D 73 -17.80 43.55 -22.95
N ILE D 74 -18.91 43.14 -23.57
CA ILE D 74 -20.17 43.86 -23.47
C ILE D 74 -21.17 42.96 -22.75
N ILE D 75 -22.22 43.58 -22.23
CA ILE D 75 -23.25 42.88 -21.46
C ILE D 75 -24.55 42.90 -22.26
N CYS D 76 -25.10 41.71 -22.49
CA CYS D 76 -26.38 41.59 -23.17
C CYS D 76 -27.48 42.25 -22.33
N GLU D 77 -28.31 43.07 -23.00
CA GLU D 77 -29.33 43.82 -22.27
C GLU D 77 -30.51 42.94 -21.86
N ARG D 78 -30.87 41.95 -22.67
CA ARG D 78 -31.98 41.07 -22.31
C ARG D 78 -31.58 40.11 -21.19
N CYS D 79 -30.44 39.43 -21.36
CA CYS D 79 -30.02 38.39 -20.44
C CYS D 79 -29.15 38.89 -19.29
N GLY D 80 -28.51 40.04 -19.45
CA GLY D 80 -27.64 40.55 -18.41
C GLY D 80 -26.39 39.74 -18.19
N VAL D 81 -25.89 39.08 -19.23
CA VAL D 81 -24.71 38.22 -19.14
C VAL D 81 -23.60 38.81 -20.00
N GLU D 82 -22.43 39.02 -19.39
CA GLU D 82 -21.28 39.48 -20.15
C GLU D 82 -20.83 38.40 -21.12
N VAL D 83 -20.48 38.79 -22.34
CA VAL D 83 -20.00 37.86 -23.35
C VAL D 83 -18.48 37.79 -23.23
N THR D 84 -17.98 36.65 -22.75
CA THR D 84 -16.55 36.46 -22.53
C THR D 84 -16.28 34.98 -22.38
N ARG D 85 -15.01 34.63 -22.14
CA ARG D 85 -14.64 33.24 -21.95
C ARG D 85 -15.30 32.66 -20.71
N ALA D 86 -15.68 31.38 -20.78
CA ALA D 86 -16.23 30.70 -19.62
C ALA D 86 -15.18 30.47 -18.54
N LYS D 87 -13.90 30.68 -18.85
CA LYS D 87 -12.83 30.53 -17.87
C LYS D 87 -13.02 31.43 -16.66
N VAL D 88 -13.88 32.44 -16.76
CA VAL D 88 -14.13 33.32 -15.63
C VAL D 88 -15.04 32.68 -14.58
N ARG D 89 -15.76 31.61 -14.93
CA ARG D 89 -16.69 31.01 -13.98
C ARG D 89 -16.01 30.42 -12.76
N ARG D 90 -14.70 30.23 -12.80
CA ARG D 90 -13.96 29.70 -11.65
C ARG D 90 -13.38 30.79 -10.76
N GLU D 91 -13.40 32.05 -11.20
CA GLU D 91 -12.79 33.14 -10.45
C GLU D 91 -13.78 34.23 -10.04
N ARG D 92 -15.07 34.10 -10.39
CA ARG D 92 -16.07 35.12 -10.10
C ARG D 92 -16.91 34.67 -8.91
N MET D 93 -16.75 35.36 -7.78
CA MET D 93 -17.50 35.09 -6.57
C MET D 93 -18.82 35.83 -6.57
N GLY D 94 -19.82 35.22 -5.95
CA GLY D 94 -21.07 35.90 -5.63
C GLY D 94 -21.11 36.34 -4.18
N HIS D 95 -22.29 36.76 -3.74
CA HIS D 95 -22.49 37.06 -2.34
C HIS D 95 -23.95 36.87 -1.98
N ILE D 96 -24.21 36.85 -0.67
CA ILE D 96 -25.55 36.72 -0.12
C ILE D 96 -25.73 37.82 0.92
N GLU D 97 -26.74 38.65 0.72
CA GLU D 97 -27.13 39.63 1.72
C GLU D 97 -28.01 38.96 2.77
N LEU D 98 -27.62 39.10 4.02
CA LEU D 98 -28.31 38.45 5.13
C LEU D 98 -29.33 39.40 5.76
N ALA D 99 -30.53 38.88 6.02
CA ALA D 99 -31.53 39.66 6.74
C ALA D 99 -31.04 40.04 8.12
N ALA D 100 -30.48 39.07 8.85
CA ALA D 100 -29.87 39.30 10.15
C ALA D 100 -28.40 38.93 10.11
N PRO D 101 -27.54 39.70 10.79
CA PRO D 101 -26.11 39.36 10.82
C PRO D 101 -25.87 38.04 11.53
N VAL D 102 -24.74 37.42 11.18
CA VAL D 102 -24.31 36.17 11.78
C VAL D 102 -22.84 36.29 12.17
N THR D 103 -22.43 35.46 13.12
CA THR D 103 -21.05 35.44 13.57
C THR D 103 -20.26 34.36 12.84
N HIS D 104 -19.03 34.70 12.49
CA HIS D 104 -18.13 33.73 11.88
C HIS D 104 -17.76 32.68 12.91
N ILE D 105 -18.20 31.43 12.68
CA ILE D 105 -18.03 30.37 13.67
C ILE D 105 -16.56 30.09 13.97
N TRP D 106 -15.63 30.57 13.14
CA TRP D 106 -14.22 30.45 13.47
C TRP D 106 -13.89 31.22 14.74
N TYR D 107 -14.42 32.42 14.87
CA TYR D 107 -14.03 33.31 15.97
C TYR D 107 -14.85 33.11 17.23
N PHE D 108 -16.03 32.48 17.14
CA PHE D 108 -16.83 32.21 18.33
C PHE D 108 -16.47 30.86 18.96
N LYS D 109 -16.64 29.77 18.20
CA LYS D 109 -16.42 28.44 18.74
C LYS D 109 -14.97 28.00 18.66
N GLY D 110 -14.15 28.65 17.84
CA GLY D 110 -12.74 28.36 17.80
C GLY D 110 -12.08 28.65 19.13
N VAL D 111 -11.46 27.65 19.73
CA VAL D 111 -10.91 27.76 21.08
C VAL D 111 -9.47 28.27 21.00
N PRO D 112 -9.09 29.29 21.79
CA PRO D 112 -9.96 30.03 22.71
C PRO D 112 -10.87 31.01 21.99
N SER D 113 -12.11 31.15 22.47
CA SER D 113 -13.11 31.98 21.79
C SER D 113 -12.58 33.38 21.59
N ARG D 114 -12.50 33.81 20.32
CA ARG D 114 -11.93 35.11 20.01
C ARG D 114 -12.85 36.24 20.45
N LEU D 115 -14.16 36.09 20.21
CA LEU D 115 -15.11 37.06 20.75
C LEU D 115 -15.12 37.04 22.27
N GLY D 116 -15.09 35.83 22.86
CA GLY D 116 -15.10 35.72 24.31
C GLY D 116 -13.92 36.43 24.96
N TYR D 117 -12.79 36.50 24.27
CA TYR D 117 -11.67 37.31 24.75
C TYR D 117 -11.82 38.77 24.36
N LEU D 118 -12.51 39.05 23.25
CA LEU D 118 -12.65 40.42 22.79
C LEU D 118 -13.58 41.23 23.70
N LEU D 119 -14.79 40.70 23.94
CA LEU D 119 -15.76 41.36 24.80
C LEU D 119 -15.62 40.97 26.26
N ASP D 120 -14.67 40.09 26.58
CA ASP D 120 -14.52 39.55 27.94
C ASP D 120 -15.80 38.86 28.40
N LEU D 121 -16.34 38.00 27.55
CA LEU D 121 -17.51 37.20 27.85
C LEU D 121 -17.13 35.72 27.88
N ALA D 122 -17.91 34.94 28.60
CA ALA D 122 -17.68 33.51 28.63
C ALA D 122 -18.29 32.87 27.38
N PRO D 123 -17.60 31.88 26.80
CA PRO D 123 -18.18 31.22 25.61
C PRO D 123 -19.51 30.56 25.87
N LYS D 124 -19.80 30.19 27.13
CA LYS D 124 -21.13 29.67 27.46
C LYS D 124 -22.18 30.77 27.32
N ASP D 125 -21.90 31.96 27.87
CA ASP D 125 -22.81 33.08 27.73
C ASP D 125 -22.92 33.52 26.28
N LEU D 126 -21.80 33.53 25.55
CA LEU D 126 -21.83 33.84 24.13
C LEU D 126 -22.70 32.85 23.37
N GLU D 127 -22.65 31.57 23.76
CA GLU D 127 -23.52 30.57 23.18
C GLU D 127 -24.98 30.87 23.47
N LYS D 128 -25.28 31.25 24.71
CA LYS D 128 -26.65 31.64 25.05
C LYS D 128 -27.12 32.82 24.21
N ILE D 129 -26.22 33.75 23.93
CA ILE D 129 -26.59 34.98 23.22
C ILE D 129 -26.81 34.71 21.74
N ILE D 130 -25.78 34.24 21.05
CA ILE D 130 -25.80 34.16 19.59
C ILE D 130 -26.90 33.23 19.10
N TYR D 131 -27.24 32.21 19.88
CA TYR D 131 -28.25 31.23 19.49
C TYR D 131 -29.57 31.45 20.23
N PHE D 132 -29.77 32.65 20.79
CA PHE D 132 -31.08 33.11 21.26
C PHE D 132 -31.57 32.32 22.47
N ALA D 133 -30.67 32.06 23.42
CA ALA D 133 -31.05 31.48 24.70
C ALA D 133 -31.21 32.52 25.80
N ALA D 134 -30.61 33.70 25.64
CA ALA D 134 -30.69 34.75 26.63
C ALA D 134 -30.40 36.08 25.97
N TYR D 135 -30.91 37.15 26.56
CA TYR D 135 -30.70 38.49 26.07
C TYR D 135 -29.40 39.07 26.63
N VAL D 136 -29.02 40.23 26.12
CA VAL D 136 -27.84 40.94 26.60
C VAL D 136 -28.03 42.43 26.33
N ILE D 137 -27.63 43.25 27.30
CA ILE D 137 -27.80 44.70 27.21
C ILE D 137 -26.70 45.27 26.31
N THR D 138 -27.12 45.86 25.19
CA THR D 138 -26.17 46.46 24.26
C THR D 138 -25.67 47.80 24.78
N SER D 139 -26.58 48.63 25.30
CA SER D 139 -26.23 49.93 25.84
C SER D 139 -27.37 50.38 26.75
N VAL D 140 -27.04 51.33 27.64
CA VAL D 140 -28.01 51.88 28.57
C VAL D 140 -27.85 53.40 28.59
N ASP D 141 -28.97 54.09 28.74
CA ASP D 141 -28.96 55.55 28.92
C ASP D 141 -28.98 55.82 30.41
N GLU D 142 -27.81 56.15 30.97
CA GLU D 142 -27.71 56.40 32.40
C GLU D 142 -28.22 57.77 32.78
N GLU D 143 -28.12 58.75 31.89
CA GLU D 143 -28.57 60.10 32.21
C GLU D 143 -30.08 60.16 32.36
N MET D 144 -30.81 59.66 31.38
CA MET D 144 -32.28 59.64 31.46
C MET D 144 -32.75 58.76 32.61
N ARG D 145 -32.08 57.63 32.83
CA ARG D 145 -32.44 56.76 33.94
C ARG D 145 -32.24 57.45 35.27
N HIS D 146 -31.13 58.18 35.43
CA HIS D 146 -30.91 58.92 36.67
C HIS D 146 -31.87 60.09 36.82
N ASN D 147 -32.36 60.64 35.71
CA ASN D 147 -33.34 61.72 35.79
C ASN D 147 -34.70 61.21 36.25
N GLU D 148 -35.13 60.06 35.75
CA GLU D 148 -36.44 59.52 36.08
C GLU D 148 -36.40 58.50 37.22
N LEU D 149 -35.23 58.29 37.82
CA LEU D 149 -35.06 57.29 38.87
C LEU D 149 -35.97 57.55 40.05
N SER D 150 -36.12 58.82 40.45
CA SER D 150 -36.97 59.13 41.60
C SER D 150 -38.41 58.70 41.36
N THR D 151 -38.97 59.10 40.23
CA THR D 151 -40.36 58.77 39.91
C THR D 151 -40.54 57.26 39.76
N LEU D 152 -39.59 56.59 39.11
CA LEU D 152 -39.72 55.15 38.92
C LEU D 152 -39.65 54.41 40.25
N GLU D 153 -38.72 54.80 41.14
CA GLU D 153 -38.65 54.21 42.46
C GLU D 153 -39.93 54.46 43.25
N ALA D 154 -40.52 55.65 43.11
CA ALA D 154 -41.76 55.95 43.81
C ALA D 154 -42.88 55.03 43.33
N GLU D 155 -43.06 54.91 42.02
CA GLU D 155 -44.10 54.04 41.49
C GLU D 155 -43.88 52.59 41.91
N MET D 156 -42.62 52.14 41.90
CA MET D 156 -42.32 50.78 42.32
C MET D 156 -42.65 50.57 43.79
N ALA D 157 -42.36 51.56 44.64
CA ALA D 157 -42.71 51.45 46.05
C ALA D 157 -44.21 51.38 46.24
N VAL D 158 -44.97 52.18 45.50
CA VAL D 158 -46.42 52.13 45.59
C VAL D 158 -46.94 50.75 45.17
N GLU D 159 -46.34 50.18 44.12
CA GLU D 159 -46.78 48.86 43.66
C GLU D 159 -46.49 47.78 44.70
N ARG D 160 -45.29 47.82 45.29
CA ARG D 160 -44.95 46.85 46.34
C ARG D 160 -45.89 46.99 47.53
N LYS D 161 -46.20 48.24 47.92
CA LYS D 161 -47.14 48.46 49.01
C LYS D 161 -48.51 47.91 48.67
N ALA D 162 -48.94 48.06 47.42
CA ALA D 162 -50.24 47.53 47.01
C ALA D 162 -50.26 46.01 47.14
N VAL D 163 -49.19 45.35 46.69
CA VAL D 163 -49.14 43.89 46.82
C VAL D 163 -49.14 43.47 48.28
N GLU D 164 -48.42 44.20 49.13
CA GLU D 164 -48.36 43.88 50.55
C GLU D 164 -49.74 44.04 51.21
N ASP D 165 -50.43 45.15 50.92
CA ASP D 165 -51.74 45.38 51.50
C ASP D 165 -52.74 44.33 51.03
N GLN D 166 -52.70 43.97 49.74
CA GLN D 166 -53.58 42.93 49.24
C GLN D 166 -53.31 41.60 49.93
N ARG D 167 -52.04 41.26 50.11
CA ARG D 167 -51.68 40.04 50.83
C ARG D 167 -52.25 40.04 52.24
N ASP D 168 -52.06 41.16 52.96
CA ASP D 168 -52.52 41.23 54.34
C ASP D 168 -54.04 41.11 54.40
N GLY D 169 -54.75 41.74 53.46
CA GLY D 169 -56.20 41.61 53.43
C GLY D 169 -56.65 40.19 53.18
N GLU D 170 -56.05 39.52 52.20
CA GLU D 170 -56.40 38.14 51.91
C GLU D 170 -56.14 37.24 53.12
N LEU D 171 -55.01 37.44 53.78
CA LEU D 171 -54.67 36.60 54.93
C LEU D 171 -55.62 36.86 56.10
N GLU D 172 -56.01 38.12 56.32
CA GLU D 172 -56.98 38.40 57.37
C GLU D 172 -58.32 37.75 57.06
N ALA D 173 -58.77 37.84 55.81
CA ALA D 173 -60.04 37.20 55.44
C ALA D 173 -59.97 35.69 55.66
N ARG D 174 -58.89 35.05 55.21
CA ARG D 174 -58.78 33.61 55.38
C ARG D 174 -58.67 33.20 56.84
N ALA D 175 -58.01 34.02 57.67
CA ALA D 175 -57.90 33.70 59.09
C ALA D 175 -59.25 33.83 59.78
N GLN D 176 -60.02 34.87 59.44
CA GLN D 176 -61.36 34.99 59.99
C GLN D 176 -62.23 33.84 59.54
N LYS D 177 -62.08 33.41 58.29
CA LYS D 177 -62.82 32.24 57.81
C LYS D 177 -62.43 30.99 58.59
N LEU D 178 -61.14 30.82 58.88
CA LEU D 178 -60.68 29.68 59.66
C LEU D 178 -61.30 29.68 61.05
N GLU D 179 -61.26 30.82 61.73
CA GLU D 179 -61.82 30.91 63.08
C GLU D 179 -63.33 30.66 63.05
N ALA D 180 -64.03 31.27 62.09
CA ALA D 180 -65.47 31.12 62.01
C ALA D 180 -65.86 29.66 61.74
N ASP D 181 -65.16 29.01 60.80
CA ASP D 181 -65.46 27.61 60.51
C ASP D 181 -65.10 26.70 61.68
N LEU D 182 -64.02 27.00 62.40
CA LEU D 182 -63.66 26.16 63.53
C LEU D 182 -64.67 26.29 64.67
N ALA D 183 -65.12 27.50 64.97
CA ALA D 183 -66.15 27.67 65.99
C ALA D 183 -67.49 27.11 65.54
N GLU D 184 -67.78 27.20 64.24
CA GLU D 184 -68.99 26.62 63.67
C GLU D 184 -68.97 25.10 63.75
N LEU D 185 -67.78 24.49 63.63
CA LEU D 185 -67.64 23.06 63.84
C LEU D 185 -67.70 22.69 65.31
N GLU D 186 -67.24 23.56 66.20
CA GLU D 186 -67.29 23.25 67.62
C GLU D 186 -68.72 23.33 68.16
N ALA D 187 -69.49 24.33 67.71
CA ALA D 187 -70.90 24.40 68.10
C ALA D 187 -71.63 23.14 67.65
N GLU D 188 -71.45 22.74 66.40
CA GLU D 188 -71.91 21.45 65.91
C GLU D 188 -71.12 20.33 66.59
N GLY D 189 -71.62 19.10 66.44
CA GLY D 189 -70.88 17.94 66.93
C GLY D 189 -69.69 17.66 66.03
N ALA D 190 -68.49 17.69 66.58
CA ALA D 190 -67.30 17.48 65.78
C ALA D 190 -66.18 16.90 66.65
N LYS D 191 -65.34 16.08 66.03
CA LYS D 191 -64.19 15.49 66.70
C LYS D 191 -63.07 16.50 66.84
N ALA D 192 -62.20 16.27 67.82
CA ALA D 192 -61.03 17.12 68.01
C ALA D 192 -60.05 16.96 66.86
N ASP D 193 -59.90 15.74 66.35
CA ASP D 193 -58.95 15.52 65.26
C ASP D 193 -59.48 16.05 63.93
N ALA D 194 -60.79 15.95 63.71
CA ALA D 194 -61.37 16.51 62.48
C ALA D 194 -61.18 18.02 62.42
N ARG D 195 -61.59 18.72 63.49
CA ARG D 195 -61.41 20.17 63.52
C ARG D 195 -59.93 20.54 63.57
N ARG D 196 -59.08 19.67 64.13
CA ARG D 196 -57.65 19.96 64.15
C ARG D 196 -57.06 19.89 62.74
N LYS D 197 -57.48 18.89 61.95
CA LYS D 197 -57.05 18.84 60.56
C LYS D 197 -57.64 19.99 59.76
N VAL D 198 -58.84 20.45 60.11
CA VAL D 198 -59.38 21.66 59.49
C VAL D 198 -58.48 22.86 59.78
N ARG D 199 -58.04 22.99 61.03
CA ARG D 199 -57.11 24.05 61.39
C ARG D 199 -55.80 23.94 60.61
N ASP D 200 -55.28 22.71 60.47
CA ASP D 200 -54.05 22.51 59.72
C ASP D 200 -54.22 22.91 58.26
N GLY D 201 -55.37 22.56 57.66
CA GLY D 201 -55.62 22.94 56.29
C GLY D 201 -55.76 24.44 56.12
N GLY D 202 -56.41 25.11 57.07
CA GLY D 202 -56.48 26.56 57.02
C GLY D 202 -55.12 27.22 57.14
N GLU D 203 -54.28 26.70 58.04
CA GLU D 203 -52.91 27.20 58.15
C GLU D 203 -52.15 26.99 56.85
N ARG D 204 -52.33 25.83 56.21
CA ARG D 204 -51.67 25.56 54.95
C ARG D 204 -52.12 26.55 53.87
N GLU D 205 -53.42 26.85 53.83
CA GLU D 205 -53.92 27.82 52.86
C GLU D 205 -53.34 29.21 53.11
N MET D 206 -53.26 29.62 54.37
CA MET D 206 -52.68 30.91 54.70
C MET D 206 -51.20 30.97 54.30
N ARG D 207 -50.47 29.89 54.56
CA ARG D 207 -49.07 29.84 54.16
C ARG D 207 -48.94 29.90 52.65
N GLN D 208 -49.86 29.25 51.92
CA GLN D 208 -49.85 29.33 50.47
C GLN D 208 -50.07 30.76 49.98
N ILE D 209 -51.02 31.47 50.59
CA ILE D 209 -51.29 32.85 50.19
C ILE D 209 -50.06 33.73 50.44
N ARG D 210 -49.47 33.58 51.63
CA ARG D 210 -48.30 34.39 51.95
C ARG D 210 -47.14 34.08 51.03
N ASP D 211 -46.92 32.80 50.71
CA ASP D 211 -45.82 32.45 49.83
C ASP D 211 -46.07 32.89 48.40
N ARG D 212 -47.34 32.90 47.96
CA ARG D 212 -47.68 33.42 46.64
C ARG D 212 -47.36 34.91 46.54
N ALA D 213 -47.86 35.69 47.50
CA ALA D 213 -47.58 37.12 47.52
C ALA D 213 -46.09 37.38 47.68
N GLN D 214 -45.39 36.56 48.45
CA GLN D 214 -43.95 36.75 48.66
C GLN D 214 -43.17 36.41 47.39
N ARG D 215 -43.63 35.42 46.63
CA ARG D 215 -43.01 35.12 45.34
C ARG D 215 -43.17 36.30 44.39
N GLU D 216 -44.36 36.90 44.37
CA GLU D 216 -44.57 38.09 43.53
C GLU D 216 -43.67 39.24 43.99
N LEU D 217 -43.57 39.44 45.31
CA LEU D 217 -42.71 40.48 45.84
C LEU D 217 -41.25 40.25 45.49
N ASP D 218 -40.81 38.98 45.50
CA ASP D 218 -39.43 38.67 45.12
C ASP D 218 -39.21 38.90 43.63
N ARG D 219 -40.21 38.61 42.81
CA ARG D 219 -40.15 38.98 41.40
C ARG D 219 -39.91 40.48 41.24
N LEU D 220 -40.73 41.29 41.91
CA LEU D 220 -40.56 42.74 41.83
C LEU D 220 -39.21 43.19 42.35
N GLU D 221 -38.74 42.56 43.44
CA GLU D 221 -37.42 42.89 43.99
C GLU D 221 -36.33 42.64 42.96
N ASP D 222 -36.37 41.49 42.30
CA ASP D 222 -35.38 41.20 41.26
C ASP D 222 -35.51 42.18 40.10
N ILE D 223 -36.74 42.57 39.74
CA ILE D 223 -36.93 43.53 38.66
C ILE D 223 -36.23 44.85 38.97
N TRP D 224 -36.51 45.41 40.15
CA TRP D 224 -35.95 46.72 40.49
C TRP D 224 -34.44 46.64 40.69
N SER D 225 -33.95 45.56 41.34
CA SER D 225 -32.51 45.39 41.50
C SER D 225 -31.82 45.27 40.14
N THR D 226 -32.44 44.56 39.20
CA THR D 226 -31.83 44.40 37.88
C THR D 226 -31.83 45.71 37.11
N PHE D 227 -32.90 46.50 37.24
CA PHE D 227 -32.93 47.78 36.53
C PHE D 227 -31.93 48.78 37.12
N THR D 228 -31.76 48.77 38.45
CA THR D 228 -30.81 49.70 39.04
C THR D 228 -29.37 49.29 38.75
N LYS D 229 -29.09 48.00 38.68
CA LYS D 229 -27.75 47.49 38.40
C LYS D 229 -27.50 47.27 36.91
N LEU D 230 -28.37 47.79 36.05
CA LEU D 230 -28.29 47.47 34.62
C LEU D 230 -27.04 48.09 34.00
N ALA D 231 -26.31 47.28 33.25
CA ALA D 231 -25.09 47.70 32.58
C ALA D 231 -24.96 46.92 31.28
N PRO D 232 -24.22 47.45 30.30
CA PRO D 232 -23.96 46.68 29.09
C PRO D 232 -23.22 45.39 29.37
N LYS D 233 -23.33 44.44 28.44
CA LYS D 233 -22.79 43.09 28.49
C LYS D 233 -23.51 42.20 29.50
N GLN D 234 -24.48 42.72 30.24
CA GLN D 234 -25.21 41.90 31.20
C GLN D 234 -26.18 40.98 30.46
N LEU D 235 -26.17 39.70 30.82
CA LEU D 235 -27.07 38.72 30.23
C LEU D 235 -28.33 38.59 31.07
N ILE D 236 -29.48 38.60 30.40
CA ILE D 236 -30.78 38.43 31.04
C ILE D 236 -31.36 37.13 30.51
N VAL D 237 -31.40 36.10 31.37
CA VAL D 237 -31.72 34.75 30.93
C VAL D 237 -33.20 34.42 31.11
N ASP D 238 -34.02 35.36 31.55
CA ASP D 238 -35.43 35.11 31.80
C ASP D 238 -36.27 36.03 30.92
N GLU D 239 -37.06 35.44 30.03
CA GLU D 239 -38.02 36.23 29.27
C GLU D 239 -39.01 36.94 30.18
N ASN D 240 -39.40 36.30 31.28
CA ASN D 240 -40.33 36.91 32.22
C ASN D 240 -39.75 38.17 32.83
N LEU D 241 -38.43 38.22 33.00
CA LEU D 241 -37.79 39.41 33.56
C LEU D 241 -37.49 40.44 32.49
N TYR D 242 -37.08 40.01 31.30
CA TYR D 242 -36.72 40.96 30.25
C TYR D 242 -37.95 41.63 29.65
N ARG D 243 -39.04 40.88 29.48
CA ARG D 243 -40.28 41.49 29.03
C ARG D 243 -40.79 42.48 30.07
N GLU D 244 -40.57 42.21 31.35
CA GLU D 244 -40.90 43.19 32.38
C GLU D 244 -40.03 44.43 32.26
N LEU D 245 -38.74 44.24 31.96
CA LEU D 245 -37.82 45.36 31.83
C LEU D 245 -38.06 46.18 30.56
N VAL D 246 -38.74 45.62 29.58
CA VAL D 246 -39.09 46.42 28.40
C VAL D 246 -40.47 47.05 28.53
N ASP D 247 -41.43 46.37 29.16
CA ASP D 247 -42.74 46.98 29.38
C ASP D 247 -42.63 48.17 30.33
N ARG D 248 -41.93 48.00 31.44
CA ARG D 248 -41.59 49.09 32.35
C ARG D 248 -40.11 49.41 32.19
N TYR D 249 -39.78 50.69 32.19
CA TYR D 249 -38.41 51.17 31.99
C TYR D 249 -37.90 50.80 30.59
N GLY D 250 -38.78 50.91 29.60
CA GLY D 250 -38.42 50.45 28.26
C GLY D 250 -37.50 51.40 27.53
N GLU D 251 -37.83 52.70 27.55
CA GLU D 251 -37.09 53.68 26.77
C GLU D 251 -35.68 53.95 27.30
N TYR D 252 -35.32 53.37 28.44
CA TYR D 252 -34.12 53.80 29.15
C TYR D 252 -32.86 53.02 28.78
N PHE D 253 -32.99 51.89 28.06
CA PHE D 253 -31.83 51.10 27.67
C PHE D 253 -32.06 50.54 26.27
N THR D 254 -31.08 49.78 25.79
CA THR D 254 -31.21 48.98 24.58
C THR D 254 -30.59 47.62 24.83
N GLY D 255 -31.33 46.57 24.53
CA GLY D 255 -30.83 45.21 24.71
C GLY D 255 -31.50 44.27 23.75
N ALA D 256 -30.78 43.21 23.37
CA ALA D 256 -31.29 42.32 22.34
C ALA D 256 -30.63 40.96 22.45
N MET D 257 -30.92 40.09 21.48
CA MET D 257 -30.41 38.73 21.38
C MET D 257 -29.58 38.59 20.10
N GLY D 258 -29.12 37.38 19.85
CA GLY D 258 -28.48 36.99 18.61
C GLY D 258 -27.17 37.71 18.32
N ALA D 259 -26.83 37.71 17.02
CA ALA D 259 -25.56 38.28 16.58
C ALA D 259 -25.63 39.79 16.42
N GLU D 260 -26.83 40.34 16.22
CA GLU D 260 -26.97 41.80 16.16
C GLU D 260 -26.45 42.44 17.45
N SER D 261 -26.75 41.82 18.59
CA SER D 261 -26.31 42.36 19.87
C SER D 261 -24.79 42.28 20.00
N ILE D 262 -24.19 41.23 19.46
CA ILE D 262 -22.72 41.15 19.47
C ILE D 262 -22.14 42.23 18.57
N GLN D 263 -22.78 42.48 17.42
CA GLN D 263 -22.34 43.56 16.56
C GLN D 263 -22.42 44.91 17.26
N LYS D 264 -23.45 45.10 18.08
CA LYS D 264 -23.56 46.33 18.85
C LYS D 264 -22.48 46.42 19.91
N LEU D 265 -22.28 45.34 20.67
CA LEU D 265 -21.24 45.33 21.71
C LEU D 265 -19.86 45.58 21.12
N ILE D 266 -19.64 45.18 19.86
CA ILE D 266 -18.40 45.54 19.18
C ILE D 266 -18.43 47.01 18.76
N GLU D 267 -19.60 47.49 18.34
CA GLU D 267 -19.73 48.89 17.93
C GLU D 267 -19.38 49.83 19.07
N ASN D 268 -20.07 49.70 20.20
CA ASN D 268 -19.78 50.48 21.40
C ASN D 268 -18.70 49.72 22.17
N PHE D 269 -17.45 49.96 21.80
CA PHE D 269 -16.32 49.25 22.37
C PHE D 269 -15.07 50.08 22.15
N ASP D 270 -14.27 50.23 23.19
CA ASP D 270 -13.06 51.03 23.14
C ASP D 270 -11.88 50.08 23.18
N ILE D 271 -11.29 49.83 22.01
CA ILE D 271 -10.12 48.95 21.94
C ILE D 271 -8.95 49.54 22.71
N ASP D 272 -8.82 50.87 22.66
CA ASP D 272 -7.71 51.51 23.37
C ASP D 272 -7.92 51.46 24.87
N ALA D 273 -9.14 51.72 25.33
CA ALA D 273 -9.40 51.68 26.77
C ALA D 273 -9.27 50.27 27.32
N GLU D 274 -9.91 49.29 26.66
CA GLU D 274 -9.80 47.91 27.12
C GLU D 274 -8.35 47.43 27.06
N ALA D 275 -7.62 47.79 26.00
CA ALA D 275 -6.24 47.35 25.85
C ALA D 275 -5.35 47.96 26.92
N GLU D 276 -5.50 49.26 27.17
CA GLU D 276 -4.68 49.92 28.18
C GLU D 276 -5.00 49.38 29.57
N SER D 277 -6.28 49.14 29.85
CA SER D 277 -6.66 48.54 31.13
C SER D 277 -6.07 47.15 31.28
N LEU D 278 -6.10 46.35 30.22
CA LEU D 278 -5.57 44.99 30.28
C LEU D 278 -4.07 45.00 30.52
N ARG D 279 -3.32 45.82 29.76
CA ARG D 279 -1.88 45.84 29.96
C ARG D 279 -1.51 46.46 31.30
N ASP D 280 -2.35 47.36 31.82
CA ASP D 280 -2.16 47.86 33.17
C ASP D 280 -2.34 46.74 34.20
N VAL D 281 -3.36 45.90 34.00
CA VAL D 281 -3.56 44.74 34.87
C VAL D 281 -2.35 43.81 34.81
N ILE D 282 -1.84 43.57 33.59
CA ILE D 282 -0.68 42.70 33.44
C ILE D 282 0.53 43.28 34.18
N ARG D 283 0.76 44.58 34.02
CA ARG D 283 1.92 45.22 34.63
C ARG D 283 1.84 45.19 36.15
N ASN D 284 0.68 45.57 36.71
CA ASN D 284 0.52 45.67 38.15
C ASN D 284 0.12 44.36 38.82
N GLY D 285 -0.82 43.63 38.24
CA GLY D 285 -1.32 42.42 38.86
C GLY D 285 -0.33 41.27 38.82
N LYS D 286 -0.77 40.14 39.35
CA LYS D 286 0.01 38.91 39.34
C LYS D 286 -0.94 37.74 39.57
N GLY D 287 -0.46 36.55 39.22
CA GLY D 287 -1.25 35.34 39.39
C GLY D 287 -1.96 34.90 38.13
N GLN D 288 -3.06 34.16 38.33
CA GLN D 288 -3.81 33.63 37.21
C GLN D 288 -4.53 34.74 36.44
N LYS D 289 -4.96 35.80 37.14
CA LYS D 289 -5.58 36.93 36.46
C LYS D 289 -4.59 37.62 35.53
N LYS D 290 -3.30 37.61 35.89
CA LYS D 290 -2.27 38.12 34.99
C LYS D 290 -2.22 37.32 33.69
N LEU D 291 -2.32 35.99 33.79
CA LEU D 291 -2.33 35.15 32.59
C LEU D 291 -3.59 35.39 31.76
N ARG D 292 -4.73 35.55 32.43
CA ARG D 292 -5.97 35.85 31.71
C ARG D 292 -5.85 37.16 30.94
N ALA D 293 -5.29 38.19 31.60
CA ALA D 293 -5.12 39.47 30.94
C ALA D 293 -4.11 39.39 29.80
N LEU D 294 -3.09 38.53 29.93
CA LEU D 294 -2.15 38.30 28.84
C LEU D 294 -2.86 37.69 27.63
N LYS D 295 -3.65 36.65 27.87
CA LYS D 295 -4.35 35.96 26.78
C LYS D 295 -5.33 36.90 26.10
N ARG D 296 -5.97 37.81 26.86
CA ARG D 296 -6.90 38.75 26.24
C ARG D 296 -6.17 39.88 25.52
N LEU D 297 -5.03 40.32 26.06
CA LEU D 297 -4.25 41.37 25.40
C LEU D 297 -3.71 40.88 24.07
N LYS D 298 -3.33 39.61 23.98
CA LYS D 298 -2.81 39.09 22.71
C LYS D 298 -3.83 39.23 21.59
N VAL D 299 -5.13 39.21 21.92
CA VAL D 299 -6.17 39.42 20.93
C VAL D 299 -6.40 40.91 20.70
N VAL D 300 -6.54 41.67 21.79
CA VAL D 300 -6.95 43.07 21.65
C VAL D 300 -5.87 43.90 20.96
N ALA D 301 -4.60 43.71 21.36
CA ALA D 301 -3.51 44.47 20.74
C ALA D 301 -3.37 44.12 19.26
N ALA D 302 -3.61 42.87 18.90
CA ALA D 302 -3.60 42.48 17.49
C ALA D 302 -4.71 43.18 16.73
N PHE D 303 -5.89 43.30 17.35
CA PHE D 303 -6.97 44.05 16.75
C PHE D 303 -6.75 45.56 16.80
N GLN D 304 -5.74 46.02 17.52
CA GLN D 304 -5.50 47.44 17.75
C GLN D 304 -4.61 48.08 16.69
N GLN D 305 -4.35 47.40 15.58
CA GLN D 305 -3.35 47.84 14.60
C GLN D 305 -4.00 48.14 13.26
N SER D 306 -3.83 49.37 12.78
CA SER D 306 -4.10 49.76 11.40
C SER D 306 -5.51 49.34 10.96
N GLY D 307 -6.49 49.94 11.63
CA GLY D 307 -7.87 49.57 11.37
C GLY D 307 -8.14 48.17 11.85
N ASN D 308 -8.46 47.27 10.91
CA ASN D 308 -8.69 45.87 11.22
C ASN D 308 -9.74 45.73 12.32
N SER D 309 -10.92 46.26 12.04
CA SER D 309 -11.96 46.36 13.04
C SER D 309 -12.47 44.96 13.41
N PRO D 310 -12.75 44.71 14.69
CA PRO D 310 -13.43 43.45 15.07
C PRO D 310 -14.79 43.28 14.41
N MET D 311 -15.30 44.30 13.73
CA MET D 311 -16.57 44.17 13.01
C MET D 311 -16.52 43.03 11.99
N GLY D 312 -15.33 42.74 11.46
CA GLY D 312 -15.17 41.63 10.55
C GLY D 312 -15.60 40.30 11.11
N MET D 313 -15.62 40.17 12.43
CA MET D 313 -16.04 38.91 13.06
C MET D 313 -17.54 38.67 12.96
N VAL D 314 -18.30 39.60 12.40
CA VAL D 314 -19.72 39.44 12.16
C VAL D 314 -20.01 39.80 10.71
N LEU D 315 -20.72 38.92 10.02
CA LEU D 315 -20.97 39.08 8.59
C LEU D 315 -22.42 39.52 8.37
N ASP D 316 -22.60 40.58 7.59
CA ASP D 316 -23.88 40.94 7.02
C ASP D 316 -24.06 40.39 5.62
N ALA D 317 -22.97 39.97 4.97
CA ALA D 317 -23.00 39.39 3.65
C ALA D 317 -21.97 38.27 3.59
N VAL D 318 -22.38 37.13 3.04
CA VAL D 318 -21.56 35.92 2.97
C VAL D 318 -21.08 35.77 1.53
N PRO D 319 -19.78 35.62 1.29
CA PRO D 319 -19.30 35.43 -0.09
C PRO D 319 -19.58 34.03 -0.59
N VAL D 320 -19.80 33.93 -1.89
CA VAL D 320 -20.13 32.68 -2.57
C VAL D 320 -18.96 32.31 -3.47
N ILE D 321 -18.41 31.12 -3.25
CA ILE D 321 -17.30 30.58 -4.05
C ILE D 321 -17.82 30.37 -5.46
N PRO D 322 -16.99 30.59 -6.48
CA PRO D 322 -17.45 30.42 -7.88
C PRO D 322 -18.04 29.04 -8.12
N PRO D 323 -18.93 28.89 -9.10
CA PRO D 323 -19.60 27.58 -9.27
C PRO D 323 -18.68 26.49 -9.80
N GLU D 324 -17.62 26.85 -10.52
CA GLU D 324 -16.68 25.82 -11.00
C GLU D 324 -16.06 25.08 -9.83
N LEU D 325 -15.68 25.80 -8.77
CA LEU D 325 -15.07 25.18 -7.60
C LEU D 325 -16.06 24.38 -6.75
N ARG D 326 -17.33 24.36 -7.15
CA ARG D 326 -18.34 23.52 -6.53
C ARG D 326 -19.14 22.86 -7.65
N PRO D 327 -18.50 21.99 -8.44
CA PRO D 327 -19.12 21.52 -9.68
C PRO D 327 -20.27 20.56 -9.42
N MET D 328 -21.08 20.38 -10.46
CA MET D 328 -22.27 19.52 -10.42
C MET D 328 -22.28 18.69 -11.68
N VAL D 329 -22.18 17.37 -11.54
CA VAL D 329 -22.01 16.48 -12.69
C VAL D 329 -23.16 15.50 -12.75
N GLN D 330 -23.47 15.07 -13.98
CA GLN D 330 -24.64 14.25 -14.24
C GLN D 330 -24.41 12.80 -13.81
N LEU D 331 -25.51 12.10 -13.57
CA LEU D 331 -25.49 10.70 -13.20
C LEU D 331 -26.37 9.87 -14.13
N ASP D 332 -26.59 8.60 -13.80
CA ASP D 332 -27.43 7.74 -14.61
C ASP D 332 -28.89 7.88 -14.20
N GLY D 333 -29.77 7.97 -15.19
CA GLY D 333 -31.18 8.05 -14.94
C GLY D 333 -31.72 9.44 -14.68
N GLY D 334 -31.06 10.48 -15.20
CA GLY D 334 -31.48 11.84 -14.98
C GLY D 334 -31.12 12.44 -13.63
N ARG D 335 -30.55 11.65 -12.73
CA ARG D 335 -30.14 12.17 -11.43
C ARG D 335 -28.84 12.97 -11.57
N PHE D 336 -28.57 13.82 -10.59
CA PHE D 336 -27.41 14.70 -10.61
C PHE D 336 -26.66 14.59 -9.28
N ALA D 337 -25.33 14.57 -9.35
CA ALA D 337 -24.48 14.52 -8.17
C ALA D 337 -23.74 15.85 -8.04
N THR D 338 -23.91 16.51 -6.91
CA THR D 338 -23.36 17.83 -6.67
C THR D 338 -22.38 17.77 -5.49
N SER D 339 -21.65 18.88 -5.31
CA SER D 339 -20.81 19.04 -4.15
C SER D 339 -21.66 19.33 -2.90
N ASP D 340 -21.01 19.34 -1.74
CA ASP D 340 -21.71 19.66 -0.51
C ASP D 340 -21.83 21.17 -0.31
N LEU D 341 -20.89 21.93 -0.88
CA LEU D 341 -20.95 23.39 -0.80
C LEU D 341 -22.26 23.91 -1.36
N ASN D 342 -22.75 23.31 -2.45
CA ASN D 342 -23.99 23.77 -3.05
C ASN D 342 -25.17 23.56 -2.12
N ASP D 343 -25.24 22.40 -1.45
CA ASP D 343 -26.33 22.17 -0.52
C ASP D 343 -26.24 23.07 0.70
N LEU D 344 -25.02 23.38 1.15
CA LEU D 344 -24.86 24.30 2.27
C LEU D 344 -25.32 25.70 1.91
N TYR D 345 -24.84 26.23 0.77
CA TYR D 345 -25.32 27.52 0.29
C TYR D 345 -26.82 27.52 0.08
N ARG D 346 -27.38 26.38 -0.35
CA ARG D 346 -28.81 26.30 -0.58
C ARG D 346 -29.59 26.39 0.72
N ARG D 347 -29.11 25.72 1.77
CA ARG D 347 -29.75 25.86 3.09
C ARG D 347 -29.65 27.30 3.59
N VAL D 348 -28.50 27.93 3.39
CA VAL D 348 -28.34 29.33 3.81
C VAL D 348 -29.35 30.22 3.09
N ILE D 349 -29.45 30.07 1.77
CA ILE D 349 -30.36 30.90 0.98
C ILE D 349 -31.80 30.63 1.37
N ASN D 350 -32.16 29.36 1.60
CA ASN D 350 -33.52 29.02 2.00
C ASN D 350 -33.88 29.70 3.32
N ARG D 351 -33.03 29.54 4.33
CA ARG D 351 -33.34 30.13 5.63
C ARG D 351 -33.33 31.65 5.58
N ASN D 352 -32.47 32.25 4.75
CA ASN D 352 -32.43 33.71 4.64
C ASN D 352 -33.69 34.24 3.96
N ASN D 353 -34.12 33.61 2.88
CA ASN D 353 -35.36 34.02 2.22
C ASN D 353 -36.56 33.83 3.13
N ARG D 354 -36.59 32.73 3.89
CA ARG D 354 -37.69 32.52 4.83
C ARG D 354 -37.67 33.56 5.93
N LEU D 355 -36.48 33.99 6.37
CA LEU D 355 -36.40 35.05 7.37
C LEU D 355 -36.92 36.37 6.80
N LYS D 356 -36.60 36.66 5.54
CA LYS D 356 -37.15 37.85 4.90
C LYS D 356 -38.67 37.80 4.85
N ARG D 357 -39.22 36.65 4.45
CA ARG D 357 -40.67 36.49 4.38
C ARG D 357 -41.30 36.63 5.77
N LEU D 358 -40.63 36.15 6.82
CA LEU D 358 -41.14 36.32 8.17
C LEU D 358 -41.10 37.78 8.60
N ILE D 359 -40.05 38.50 8.22
CA ILE D 359 -39.94 39.91 8.58
C ILE D 359 -41.05 40.71 7.89
N ASP D 360 -41.30 40.44 6.61
CA ASP D 360 -42.33 41.19 5.91
C ASP D 360 -43.74 40.81 6.37
N LEU D 361 -43.92 39.59 6.86
CA LEU D 361 -45.23 39.11 7.28
C LEU D 361 -45.54 39.39 8.75
N GLY D 362 -44.66 40.09 9.45
CA GLY D 362 -44.90 40.43 10.86
C GLY D 362 -45.18 39.23 11.73
N ALA D 363 -44.34 38.21 11.65
CA ALA D 363 -44.53 37.00 12.42
C ALA D 363 -44.20 37.25 13.89
N PRO D 364 -44.67 36.39 14.78
CA PRO D 364 -44.30 36.51 16.19
C PRO D 364 -42.79 36.51 16.38
N GLU D 365 -42.32 37.29 17.35
CA GLU D 365 -40.89 37.43 17.59
C GLU D 365 -40.24 36.09 17.91
N ILE D 366 -41.00 35.14 18.44
CA ILE D 366 -40.45 33.82 18.74
C ILE D 366 -40.11 33.07 17.45
N ILE D 367 -41.02 33.10 16.48
CA ILE D 367 -40.78 32.44 15.20
C ILE D 367 -39.62 33.09 14.46
N VAL D 368 -39.57 34.43 14.49
CA VAL D 368 -38.49 35.15 13.83
C VAL D 368 -37.15 34.84 14.50
N ASN D 369 -37.16 34.70 15.83
CA ASN D 369 -35.94 34.31 16.54
C ASN D 369 -35.50 32.91 16.17
N ASN D 370 -36.47 32.00 16.01
CA ASN D 370 -36.15 30.65 15.54
C ASN D 370 -35.48 30.69 14.18
N GLU D 371 -36.03 31.49 13.26
CA GLU D 371 -35.46 31.57 11.92
C GLU D 371 -34.08 32.20 11.93
N LYS D 372 -33.86 33.21 12.79
CA LYS D 372 -32.54 33.81 12.90
C LYS D 372 -31.51 32.82 13.45
N ARG D 373 -31.89 32.05 14.48
CA ARG D 373 -31.01 31.02 15.00
C ARG D 373 -30.67 29.99 13.93
N MET D 374 -31.68 29.59 13.14
CA MET D 374 -31.43 28.63 12.08
C MET D 374 -30.50 29.19 11.01
N LEU D 375 -30.63 30.49 10.70
CA LEU D 375 -29.72 31.11 9.75
C LEU D 375 -28.29 31.11 10.29
N GLN D 376 -28.12 31.47 11.57
CA GLN D 376 -26.79 31.45 12.18
C GLN D 376 -26.19 30.05 12.11
N GLU D 377 -26.98 29.04 12.46
CA GLU D 377 -26.48 27.66 12.44
C GLU D 377 -26.17 27.18 11.02
N SER D 378 -26.94 27.63 10.03
CA SER D 378 -26.65 27.25 8.65
C SER D 378 -25.34 27.87 8.17
N VAL D 379 -25.11 29.14 8.51
CA VAL D 379 -23.83 29.76 8.14
C VAL D 379 -22.68 29.07 8.86
N ASP D 380 -22.92 28.65 10.12
CA ASP D 380 -21.92 27.88 10.85
C ASP D 380 -21.58 26.58 10.12
N ALA D 381 -22.61 25.86 9.68
CA ALA D 381 -22.38 24.61 8.94
C ALA D 381 -21.62 24.86 7.65
N LEU D 382 -22.00 25.93 6.94
CA LEU D 382 -21.32 26.25 5.68
C LEU D 382 -19.84 26.54 5.91
N PHE D 383 -19.51 27.28 6.97
CA PHE D 383 -18.12 27.65 7.20
C PHE D 383 -17.31 26.48 7.77
N ASP D 384 -17.72 25.96 8.91
CA ASP D 384 -17.07 24.79 9.52
C ASP D 384 -18.16 23.91 10.11
N ASN D 385 -18.43 22.79 9.45
CA ASN D 385 -19.46 21.87 9.93
C ASN D 385 -18.90 20.99 11.03
N GLY D 386 -19.79 20.52 11.90
CA GLY D 386 -19.40 19.70 13.03
C GLY D 386 -18.65 20.42 14.12
N ARG D 387 -18.34 21.71 13.95
CA ARG D 387 -17.66 22.46 14.99
C ARG D 387 -18.57 22.72 16.18
N ARG D 388 -19.86 22.94 15.93
CA ARG D 388 -20.85 23.08 16.99
C ARG D 388 -22.01 22.15 16.71
N GLY D 389 -22.46 21.44 17.74
CA GLY D 389 -23.56 20.51 17.61
C GLY D 389 -23.25 19.38 16.64
N ARG D 390 -24.31 18.63 16.34
CA ARG D 390 -24.18 17.55 15.37
C ARG D 390 -24.00 18.12 13.97
N PRO D 391 -23.17 17.50 13.13
CA PRO D 391 -22.97 18.01 11.78
C PRO D 391 -24.22 17.81 10.93
N VAL D 392 -24.38 18.68 9.93
CA VAL D 392 -25.49 18.56 9.00
C VAL D 392 -25.27 17.33 8.13
N THR D 393 -26.26 16.43 8.12
CA THR D 393 -26.14 15.15 7.45
C THR D 393 -26.99 15.16 6.20
N GLY D 394 -26.36 14.91 5.05
CA GLY D 394 -27.10 14.61 3.84
C GLY D 394 -27.70 13.23 3.94
N PRO D 395 -28.52 12.86 2.96
CA PRO D 395 -29.07 11.50 2.94
C PRO D 395 -27.97 10.45 3.04
N GLY D 396 -28.16 9.49 3.93
CA GLY D 396 -27.12 8.56 4.31
C GLY D 396 -26.38 8.94 5.59
N ASN D 397 -26.72 10.08 6.18
CA ASN D 397 -26.11 10.56 7.43
C ASN D 397 -24.60 10.75 7.30
N ARG D 398 -24.15 11.17 6.12
CA ARG D 398 -22.72 11.49 6.10
C ARG D 398 -22.53 13.00 6.33
N PRO D 399 -21.52 13.38 7.12
CA PRO D 399 -21.29 14.81 7.36
C PRO D 399 -20.87 15.53 6.08
N LEU D 400 -21.54 16.64 5.80
CA LEU D 400 -21.23 17.40 4.60
C LEU D 400 -19.84 18.02 4.70
N LYS D 401 -19.08 17.93 3.62
CA LYS D 401 -17.78 18.57 3.56
C LYS D 401 -17.95 20.09 3.54
N SER D 402 -17.46 20.74 4.59
CA SER D 402 -17.62 22.18 4.74
C SER D 402 -16.45 22.92 4.09
N LEU D 403 -16.52 24.26 4.12
CA LEU D 403 -15.44 25.06 3.57
C LEU D 403 -14.15 24.85 4.35
N SER D 404 -14.24 24.53 5.63
CA SER D 404 -13.05 24.25 6.42
C SER D 404 -12.47 22.88 6.10
N ASP D 405 -13.32 21.90 5.80
CA ASP D 405 -12.86 20.56 5.46
C ASP D 405 -12.03 20.55 4.18
N LEU D 406 -12.18 21.55 3.32
CA LEU D 406 -11.39 21.61 2.10
C LEU D 406 -9.93 21.92 2.40
N LEU D 407 -9.66 22.62 3.50
CA LEU D 407 -8.29 22.94 3.89
C LEU D 407 -7.71 21.90 4.84
N LYS D 408 -8.53 21.38 5.75
CA LYS D 408 -8.03 20.52 6.82
C LYS D 408 -7.66 19.14 6.31
N GLY D 409 -6.85 18.44 7.10
CA GLY D 409 -6.56 17.04 6.88
C GLY D 409 -5.48 16.80 5.84
N LYS D 410 -5.04 15.54 5.79
CA LYS D 410 -4.08 15.12 4.77
C LYS D 410 -4.67 15.16 3.37
N GLN D 411 -6.00 15.20 3.25
CA GLN D 411 -6.66 15.27 1.97
C GLN D 411 -7.11 16.67 1.62
N GLY D 412 -6.80 17.66 2.46
CA GLY D 412 -7.13 19.04 2.16
C GLY D 412 -6.24 19.59 1.06
N ARG D 413 -6.50 20.86 0.71
CA ARG D 413 -5.76 21.50 -0.36
C ARG D 413 -4.26 21.49 -0.09
N PHE D 414 -3.86 21.94 1.11
CA PHE D 414 -2.44 22.05 1.41
C PHE D 414 -1.71 20.72 1.24
N ARG D 415 -2.16 19.69 1.96
CA ARG D 415 -1.46 18.41 1.91
C ARG D 415 -1.65 17.72 0.56
N GLN D 416 -2.90 17.58 0.12
CA GLN D 416 -3.17 16.71 -1.03
C GLN D 416 -2.84 17.38 -2.36
N ASN D 417 -3.11 18.68 -2.49
CA ASN D 417 -3.02 19.35 -3.78
C ASN D 417 -1.89 20.37 -3.86
N LEU D 418 -1.20 20.69 -2.77
CA LEU D 418 -0.20 21.74 -2.84
C LEU D 418 1.21 21.27 -2.49
N LEU D 419 1.36 20.51 -1.40
CA LEU D 419 2.67 20.01 -1.03
C LEU D 419 3.14 18.91 -1.96
N GLY D 420 2.22 18.17 -2.56
CA GLY D 420 2.57 17.16 -3.55
C GLY D 420 1.40 16.96 -4.49
N LYS D 421 1.70 16.63 -5.73
CA LYS D 421 0.68 16.55 -6.78
C LYS D 421 0.99 15.42 -7.73
N ARG D 422 0.02 15.11 -8.58
CA ARG D 422 0.22 14.16 -9.67
C ARG D 422 0.83 14.87 -10.87
N VAL D 423 1.79 14.22 -11.53
CA VAL D 423 2.58 14.86 -12.57
C VAL D 423 2.36 14.16 -13.90
N ASP D 424 2.70 14.87 -14.98
CA ASP D 424 2.74 14.31 -16.31
C ASP D 424 4.04 13.54 -16.52
N TYR D 425 4.14 12.88 -17.67
CA TYR D 425 5.33 12.14 -18.08
C TYR D 425 5.81 11.20 -16.97
N SER D 426 4.88 10.39 -16.49
CA SER D 426 5.15 9.49 -15.38
C SER D 426 4.38 8.20 -15.58
N GLY D 427 4.99 7.09 -15.15
CA GLY D 427 4.37 5.79 -15.24
C GLY D 427 4.75 4.93 -14.05
N ARG D 428 4.26 3.70 -14.05
CA ARG D 428 4.64 2.75 -13.01
C ARG D 428 4.49 1.33 -13.55
N SER D 429 5.19 0.40 -12.90
CA SER D 429 5.08 -1.00 -13.29
C SER D 429 5.75 -1.88 -12.25
N VAL D 430 5.54 -3.19 -12.39
CA VAL D 430 6.19 -4.17 -11.53
C VAL D 430 7.68 -4.20 -11.82
N ILE D 431 8.48 -4.34 -10.76
CA ILE D 431 9.93 -4.36 -10.87
C ILE D 431 10.43 -5.79 -10.77
N VAL D 432 11.29 -6.19 -11.71
CA VAL D 432 11.94 -7.49 -11.68
C VAL D 432 13.44 -7.25 -11.69
N VAL D 433 14.19 -8.19 -11.11
CA VAL D 433 15.63 -8.02 -10.99
C VAL D 433 16.28 -8.23 -12.36
N GLY D 434 17.20 -7.33 -12.69
CA GLY D 434 18.13 -7.54 -13.77
C GLY D 434 19.54 -7.40 -13.24
N PRO D 435 20.25 -8.53 -13.17
CA PRO D 435 21.67 -8.51 -12.82
C PRO D 435 22.55 -8.06 -13.97
N GLN D 436 22.00 -8.06 -15.17
CA GLN D 436 22.75 -7.67 -16.36
C GLN D 436 23.20 -6.22 -16.31
N LEU D 437 22.45 -5.37 -15.61
CA LEU D 437 22.60 -3.94 -15.74
C LEU D 437 23.82 -3.41 -14.99
N LYS D 438 24.35 -2.30 -15.50
CA LYS D 438 25.31 -1.52 -14.74
C LYS D 438 24.57 -0.70 -13.68
N LEU D 439 25.32 -0.22 -12.69
CA LEU D 439 24.72 0.46 -11.56
C LEU D 439 23.94 1.70 -11.97
N HIS D 440 24.30 2.30 -13.10
CA HIS D 440 23.66 3.52 -13.58
C HIS D 440 22.52 3.25 -14.55
N GLN D 441 22.06 2.00 -14.67
CA GLN D 441 21.08 1.64 -15.68
C GLN D 441 19.81 1.07 -15.04
N CYS D 442 18.71 1.17 -15.79
CA CYS D 442 17.44 0.59 -15.40
C CYS D 442 16.78 0.02 -16.65
N GLY D 443 16.12 -1.13 -16.48
CA GLY D 443 15.38 -1.73 -17.58
C GLY D 443 14.02 -1.11 -17.73
N LEU D 444 13.76 -0.51 -18.89
CA LEU D 444 12.54 0.24 -19.12
C LEU D 444 11.71 -0.45 -20.20
N PRO D 445 10.48 -0.88 -19.90
CA PRO D 445 9.64 -1.49 -20.93
C PRO D 445 9.47 -0.59 -22.14
N LYS D 446 9.30 -1.22 -23.30
CA LYS D 446 9.20 -0.48 -24.55
C LYS D 446 7.96 0.41 -24.57
N LEU D 447 6.84 -0.11 -24.09
CA LEU D 447 5.60 0.66 -24.12
C LEU D 447 5.68 1.86 -23.19
N MET D 448 6.20 1.66 -21.97
CA MET D 448 6.37 2.76 -21.04
C MET D 448 7.28 3.85 -21.63
N ALA D 449 8.37 3.44 -22.27
CA ALA D 449 9.30 4.42 -22.81
C ALA D 449 8.70 5.16 -24.00
N LEU D 450 7.93 4.44 -24.83
CA LEU D 450 7.30 5.10 -25.97
C LEU D 450 6.25 6.10 -25.52
N GLU D 451 5.45 5.74 -24.51
CA GLU D 451 4.42 6.66 -24.03
C GLU D 451 5.04 7.85 -23.29
N LEU D 452 6.09 7.60 -22.51
CA LEU D 452 6.72 8.66 -21.73
C LEU D 452 7.40 9.68 -22.64
N PHE D 453 8.04 9.23 -23.71
CA PHE D 453 8.79 10.08 -24.61
C PHE D 453 7.99 10.52 -25.83
N LYS D 454 6.68 10.26 -25.84
CA LYS D 454 5.82 10.49 -27.00
C LYS D 454 6.09 11.78 -27.77
N PRO D 455 6.17 12.96 -27.15
CA PRO D 455 6.50 14.16 -27.94
C PRO D 455 7.90 14.12 -28.52
N PHE D 456 8.87 13.55 -27.79
CA PHE D 456 10.23 13.47 -28.32
C PHE D 456 10.30 12.58 -29.55
N VAL D 457 9.66 11.40 -29.48
CA VAL D 457 9.69 10.49 -30.61
C VAL D 457 8.89 11.07 -31.77
N MET D 458 7.83 11.84 -31.49
CA MET D 458 7.10 12.50 -32.57
C MET D 458 7.97 13.55 -33.26
N LYS D 459 8.70 14.35 -32.48
CA LYS D 459 9.57 15.36 -33.08
C LYS D 459 10.67 14.73 -33.92
N ARG D 460 11.35 13.71 -33.38
CA ARG D 460 12.40 13.04 -34.13
C ARG D 460 11.86 12.24 -35.30
N LEU D 461 10.59 11.82 -35.23
CA LEU D 461 9.96 11.11 -36.32
C LEU D 461 9.46 12.05 -37.41
N VAL D 462 9.30 13.33 -37.08
CA VAL D 462 9.06 14.33 -38.12
C VAL D 462 10.38 14.81 -38.72
N ASP D 463 11.46 14.85 -37.91
CA ASP D 463 12.78 15.16 -38.45
C ASP D 463 13.12 14.25 -39.62
N LEU D 464 13.18 12.94 -39.36
CA LEU D 464 13.18 11.98 -40.46
C LEU D 464 11.81 12.01 -41.13
N ASN D 465 11.79 11.64 -42.41
CA ASN D 465 10.58 11.84 -43.21
C ASN D 465 9.56 10.72 -43.04
N HIS D 466 9.59 9.98 -41.92
CA HIS D 466 8.60 8.94 -41.69
C HIS D 466 7.19 9.51 -41.69
N ALA D 467 7.00 10.67 -41.07
CA ALA D 467 5.72 11.38 -41.10
C ALA D 467 5.91 12.75 -41.75
N GLN D 468 4.91 13.17 -42.52
CA GLN D 468 4.98 14.46 -43.20
C GLN D 468 4.75 15.61 -42.24
N ASN D 469 3.73 15.52 -41.39
CA ASN D 469 3.43 16.55 -40.40
C ASN D 469 3.39 15.94 -39.00
N ILE D 470 3.08 16.78 -38.02
CA ILE D 470 3.15 16.35 -36.62
C ILE D 470 1.90 15.55 -36.22
N LYS D 471 0.75 15.81 -36.86
CA LYS D 471 -0.45 15.06 -36.52
C LYS D 471 -0.35 13.62 -37.00
N SER D 472 0.15 13.42 -38.22
CA SER D 472 0.41 12.05 -38.68
C SER D 472 1.49 11.39 -37.84
N ALA D 473 2.41 12.17 -37.28
CA ALA D 473 3.40 11.60 -36.37
C ALA D 473 2.74 11.09 -35.09
N LYS D 474 1.82 11.88 -34.53
CA LYS D 474 1.07 11.41 -33.37
C LYS D 474 0.29 10.14 -33.69
N ARG D 475 -0.39 10.13 -34.84
CA ARG D 475 -1.13 8.93 -35.25
C ARG D 475 -0.19 7.74 -35.45
N MET D 476 1.04 8.01 -35.90
CA MET D 476 2.01 6.95 -36.13
C MET D 476 2.50 6.36 -34.82
N VAL D 477 2.68 7.21 -33.79
CA VAL D 477 3.07 6.72 -32.48
C VAL D 477 1.90 6.01 -31.79
N GLU D 478 0.67 6.40 -32.12
CA GLU D 478 -0.51 5.75 -31.52
C GLU D 478 -0.79 4.40 -32.17
N ARG D 479 -0.61 4.28 -33.48
CA ARG D 479 -0.77 3.00 -34.17
C ARG D 479 0.37 2.04 -33.88
N GLN D 480 1.46 2.52 -33.30
CA GLN D 480 2.63 1.69 -33.00
C GLN D 480 3.21 1.06 -34.27
N ARG D 481 3.31 1.85 -35.33
CA ARG D 481 3.96 1.39 -36.54
C ARG D 481 5.46 1.20 -36.28
N PRO D 482 6.07 0.19 -36.90
CA PRO D 482 7.44 -0.21 -36.50
C PRO D 482 8.46 0.91 -36.58
N GLN D 483 8.29 1.86 -37.49
CA GLN D 483 9.28 2.92 -37.69
C GLN D 483 9.60 3.65 -36.38
N VAL D 484 8.65 3.67 -35.44
CA VAL D 484 8.87 4.41 -34.20
C VAL D 484 10.01 3.81 -33.39
N TRP D 485 10.14 2.48 -33.39
CA TRP D 485 10.98 1.83 -32.39
C TRP D 485 12.46 2.17 -32.59
N ASP D 486 12.95 2.06 -33.83
CA ASP D 486 14.31 2.49 -34.12
C ASP D 486 14.53 3.95 -33.76
N VAL D 487 13.49 4.78 -33.91
CA VAL D 487 13.60 6.17 -33.49
C VAL D 487 13.64 6.27 -31.98
N LEU D 488 12.83 5.45 -31.29
CA LEU D 488 12.77 5.51 -29.84
C LEU D 488 14.14 5.28 -29.21
N GLU D 489 14.84 4.23 -29.66
CA GLU D 489 16.16 3.92 -29.13
C GLU D 489 17.10 5.12 -29.24
N GLU D 490 16.85 6.01 -30.21
CA GLU D 490 17.67 7.21 -30.34
C GLU D 490 17.25 8.27 -29.34
N VAL D 491 15.95 8.52 -29.19
CA VAL D 491 15.51 9.61 -28.32
C VAL D 491 15.79 9.31 -26.85
N ILE D 492 15.96 8.03 -26.51
CA ILE D 492 16.19 7.66 -25.11
C ILE D 492 17.64 7.84 -24.72
N ALA D 493 18.55 7.76 -25.70
CA ALA D 493 19.98 7.70 -25.42
C ALA D 493 20.43 8.88 -24.55
N GLU D 494 21.09 8.55 -23.43
CA GLU D 494 21.65 9.53 -22.50
C GLU D 494 20.60 10.49 -21.97
N HIS D 495 19.34 10.07 -21.93
CA HIS D 495 18.28 10.87 -21.33
C HIS D 495 17.81 10.18 -20.05
N PRO D 496 18.25 10.63 -18.88
CA PRO D 496 17.98 9.88 -17.65
C PRO D 496 16.50 9.92 -17.27
N VAL D 497 16.12 8.98 -16.40
CA VAL D 497 14.79 8.94 -15.81
C VAL D 497 14.96 8.79 -14.31
N LEU D 498 13.87 9.01 -13.58
CA LEU D 498 13.85 8.90 -12.13
C LEU D 498 12.99 7.71 -11.73
N LEU D 499 13.55 6.85 -10.90
CA LEU D 499 12.84 5.69 -10.36
C LEU D 499 12.58 5.94 -8.88
N ASN D 500 11.33 5.69 -8.47
CA ASN D 500 10.89 5.93 -7.10
C ASN D 500 10.07 4.74 -6.61
N ARG D 501 10.28 4.39 -5.35
CA ARG D 501 9.47 3.37 -4.69
C ARG D 501 8.89 3.96 -3.40
N ALA D 502 7.60 3.87 -3.25
CA ALA D 502 6.98 4.33 -2.03
C ALA D 502 6.94 3.20 -1.00
N PRO D 503 7.05 3.52 0.30
CA PRO D 503 7.22 4.87 0.84
C PRO D 503 8.64 5.40 0.67
N THR D 504 8.78 6.71 0.47
CA THR D 504 10.07 7.34 0.27
C THR D 504 10.60 7.76 1.64
N LEU D 505 11.47 6.94 2.22
CA LEU D 505 11.94 7.17 3.57
C LEU D 505 13.15 8.11 3.64
N HIS D 506 14.08 7.97 2.71
CA HIS D 506 15.20 8.89 2.58
C HIS D 506 15.32 9.32 1.13
N ARG D 507 16.21 10.28 0.87
CA ARG D 507 16.34 10.81 -0.48
C ARG D 507 16.77 9.74 -1.47
N LEU D 508 17.51 8.72 -1.01
CA LEU D 508 17.87 7.61 -1.87
C LEU D 508 16.66 6.79 -2.31
N GLY D 509 15.47 7.09 -1.78
CA GLY D 509 14.24 6.47 -2.27
C GLY D 509 13.83 6.95 -3.65
N ILE D 510 14.49 7.97 -4.19
CA ILE D 510 14.33 8.40 -5.57
C ILE D 510 15.73 8.47 -6.17
N GLN D 511 15.95 7.74 -7.27
CA GLN D 511 17.27 7.70 -7.86
C GLN D 511 17.17 7.80 -9.38
N ALA D 512 18.15 8.45 -9.99
CA ALA D 512 18.19 8.60 -11.44
C ALA D 512 18.94 7.43 -12.07
N PHE D 513 18.47 7.03 -13.25
CA PHE D 513 19.07 5.93 -14.00
C PHE D 513 19.10 6.29 -15.47
N GLU D 514 20.02 5.65 -16.19
CA GLU D 514 20.00 5.69 -17.65
C GLU D 514 19.12 4.56 -18.15
N PRO D 515 18.02 4.86 -18.85
CA PRO D 515 17.09 3.80 -19.25
C PRO D 515 17.64 2.98 -20.42
N MET D 516 17.54 1.66 -20.30
CA MET D 516 17.83 0.74 -21.39
C MET D 516 16.53 0.09 -21.82
N LEU D 517 16.25 0.12 -23.11
CA LEU D 517 15.03 -0.50 -23.62
C LEU D 517 15.06 -2.00 -23.38
N VAL D 518 13.96 -2.53 -22.85
CA VAL D 518 13.89 -3.91 -22.39
C VAL D 518 12.61 -4.55 -22.90
N GLU D 519 12.72 -5.79 -23.37
CA GLU D 519 11.55 -6.55 -23.79
C GLU D 519 10.71 -6.93 -22.57
N GLY D 520 9.40 -6.77 -22.70
CA GLY D 520 8.48 -7.07 -21.62
C GLY D 520 7.83 -5.80 -21.09
N LYS D 521 6.99 -6.01 -20.08
CA LYS D 521 6.23 -4.93 -19.46
C LYS D 521 6.64 -4.66 -18.02
N ALA D 522 7.78 -5.19 -17.58
CA ALA D 522 8.26 -5.00 -16.23
C ALA D 522 9.50 -4.12 -16.22
N ILE D 523 9.67 -3.39 -15.12
CA ILE D 523 10.84 -2.54 -14.92
C ILE D 523 11.97 -3.39 -14.35
N GLN D 524 13.15 -3.29 -14.93
CA GLN D 524 14.29 -4.05 -14.48
C GLN D 524 15.19 -3.15 -13.64
N LEU D 525 15.37 -3.53 -12.38
CA LEU D 525 16.07 -2.71 -11.39
C LEU D 525 17.38 -3.38 -11.00
N HIS D 526 18.43 -2.57 -10.90
CA HIS D 526 19.74 -3.10 -10.54
C HIS D 526 19.71 -3.69 -9.14
N PRO D 527 20.30 -4.88 -8.93
CA PRO D 527 20.15 -5.55 -7.63
C PRO D 527 20.84 -4.85 -6.47
N LEU D 528 21.80 -3.98 -6.74
CA LEU D 528 22.53 -3.31 -5.67
C LEU D 528 21.78 -2.12 -5.09
N VAL D 529 20.76 -1.61 -5.79
CA VAL D 529 20.06 -0.42 -5.33
C VAL D 529 18.82 -0.82 -4.56
N CYS D 530 18.67 -2.13 -4.29
CA CYS D 530 17.53 -2.59 -3.52
C CYS D 530 17.57 -2.05 -2.09
N GLU D 531 18.71 -2.23 -1.41
CA GLU D 531 18.81 -1.85 0.00
C GLU D 531 18.43 -0.38 0.21
N ALA D 532 18.83 0.49 -0.72
CA ALA D 532 18.40 1.88 -0.66
C ALA D 532 16.88 1.98 -0.70
N PHE D 533 16.26 1.44 -1.74
CA PHE D 533 14.81 1.53 -1.90
C PHE D 533 14.04 0.67 -0.91
N ASN D 534 14.73 -0.21 -0.17
CA ASN D 534 14.07 -1.31 0.54
C ASN D 534 13.14 -2.06 -0.42
N ALA D 535 13.62 -2.27 -1.65
CA ALA D 535 12.84 -2.89 -2.69
C ALA D 535 13.21 -4.36 -2.85
N ASP D 536 12.20 -5.22 -2.82
CA ASP D 536 12.33 -6.64 -3.14
C ASP D 536 11.54 -6.90 -4.42
N PHE D 537 11.49 -8.17 -4.82
CA PHE D 537 10.79 -8.57 -6.03
C PHE D 537 9.73 -9.61 -5.70
N ASP D 538 9.08 -9.46 -4.54
CA ASP D 538 7.96 -10.30 -4.16
C ASP D 538 6.64 -9.74 -4.65
N GLY D 539 6.66 -8.84 -5.64
CA GLY D 539 5.46 -8.22 -6.14
C GLY D 539 5.46 -6.71 -6.03
N ASP D 540 6.64 -6.13 -5.82
CA ASP D 540 6.73 -4.68 -5.67
C ASP D 540 6.57 -3.99 -7.03
N GLN D 541 6.18 -2.72 -6.96
CA GLN D 541 6.07 -1.87 -8.13
C GLN D 541 6.80 -0.56 -7.87
N MET D 542 7.28 0.06 -8.95
CA MET D 542 7.97 1.34 -8.86
C MET D 542 7.47 2.27 -9.95
N ALA D 543 7.71 3.57 -9.73
CA ALA D 543 7.25 4.63 -10.61
C ALA D 543 8.44 5.30 -11.29
N VAL D 544 8.18 5.79 -12.51
CA VAL D 544 9.19 6.40 -13.37
C VAL D 544 8.72 7.80 -13.72
N HIS D 545 9.60 8.78 -13.54
CA HIS D 545 9.33 10.17 -13.88
C HIS D 545 10.39 10.66 -14.86
N LEU D 546 9.95 11.31 -15.94
CA LEU D 546 10.86 11.75 -16.97
C LEU D 546 11.16 13.23 -16.81
N PRO D 547 12.37 13.63 -16.44
CA PRO D 547 12.72 15.05 -16.47
C PRO D 547 12.76 15.58 -17.89
N LEU D 548 12.34 16.83 -18.05
CA LEU D 548 12.26 17.46 -19.37
C LEU D 548 13.26 18.59 -19.53
N SER D 549 13.24 19.58 -18.65
CA SER D 549 14.10 20.74 -18.80
C SER D 549 15.57 20.34 -18.68
N ALA D 550 16.44 21.16 -19.27
CA ALA D 550 17.87 20.89 -19.21
C ALA D 550 18.36 20.86 -17.76
N GLU D 551 17.86 21.75 -16.92
CA GLU D 551 18.27 21.77 -15.52
C GLU D 551 17.81 20.50 -14.80
N ALA D 552 16.60 20.03 -15.10
CA ALA D 552 16.11 18.79 -14.47
C ALA D 552 16.96 17.59 -14.88
N GLN D 553 17.28 17.49 -16.17
CA GLN D 553 18.14 16.40 -16.62
C GLN D 553 19.53 16.50 -16.00
N ALA D 554 20.04 17.72 -15.82
CA ALA D 554 21.35 17.88 -15.19
C ALA D 554 21.30 17.46 -13.73
N GLU D 555 20.23 17.82 -13.02
CA GLU D 555 20.08 17.39 -11.63
C GLU D 555 19.98 15.87 -11.55
N ALA D 556 19.31 15.25 -12.52
CA ALA D 556 19.22 13.79 -12.53
C ALA D 556 20.59 13.17 -12.77
N ARG D 557 21.35 13.69 -13.74
CA ARG D 557 22.64 13.11 -14.08
C ARG D 557 23.68 13.34 -12.99
N ILE D 558 23.59 14.45 -12.26
CA ILE D 558 24.63 14.83 -11.32
C ILE D 558 24.23 14.51 -9.89
N LEU D 559 23.11 15.07 -9.43
CA LEU D 559 22.73 14.94 -8.04
C LEU D 559 22.13 13.57 -7.73
N MET D 560 21.18 13.12 -8.54
CA MET D 560 20.38 11.95 -8.22
C MET D 560 20.82 10.68 -8.95
N LEU D 561 21.96 10.72 -9.64
CA LEU D 561 22.42 9.55 -10.37
C LEU D 561 22.64 8.37 -9.44
N SER D 562 22.27 7.17 -9.90
CA SER D 562 22.36 5.99 -9.06
C SER D 562 23.80 5.74 -8.60
N SER D 563 24.75 5.73 -9.52
CA SER D 563 26.14 5.46 -9.16
C SER D 563 26.80 6.62 -8.43
N ASN D 564 26.13 7.76 -8.31
CA ASN D 564 26.71 8.87 -7.57
C ASN D 564 26.44 8.76 -6.07
N ASN D 565 25.30 8.18 -5.68
CA ASN D 565 24.95 7.99 -4.28
C ASN D 565 25.20 6.53 -3.94
N ILE D 566 26.37 6.25 -3.37
CA ILE D 566 26.69 4.91 -2.91
C ILE D 566 26.60 4.78 -1.39
N LEU D 567 26.61 5.89 -0.66
CA LEU D 567 26.66 5.88 0.79
C LEU D 567 25.32 6.33 1.36
N SER D 568 24.95 5.73 2.48
CA SER D 568 23.75 6.13 3.20
C SER D 568 23.95 7.53 3.76
N PRO D 569 23.16 8.54 3.35
CA PRO D 569 23.31 9.88 3.92
C PRO D 569 23.04 9.94 5.41
N ALA D 570 22.43 8.90 5.99
CA ALA D 570 22.20 8.89 7.43
C ALA D 570 23.46 8.50 8.21
N SER D 571 24.01 7.33 7.90
CA SER D 571 25.14 6.78 8.65
C SER D 571 26.47 6.88 7.92
N GLY D 572 26.48 7.28 6.65
CA GLY D 572 27.70 7.29 5.86
C GLY D 572 28.19 5.92 5.44
N ARG D 573 27.60 4.88 5.97
CA ARG D 573 28.03 3.55 5.67
C ARG D 573 27.65 3.46 4.25
N PRO D 574 28.07 2.33 3.58
CA PRO D 574 27.69 2.28 2.19
C PRO D 574 26.63 1.26 1.97
N LEU D 575 25.56 1.63 1.30
CA LEU D 575 24.50 0.71 0.99
C LEU D 575 25.00 0.34 -0.33
N ALA D 576 24.23 -0.30 -1.18
CA ALA D 576 24.71 -0.61 -2.52
C ALA D 576 25.97 -1.39 -2.44
N MET D 577 25.96 -2.34 -1.55
CA MET D 577 27.07 -3.18 -1.34
C MET D 577 26.46 -4.48 -1.62
N PRO D 578 27.32 -5.52 -1.88
CA PRO D 578 26.67 -6.79 -2.17
C PRO D 578 25.77 -7.18 -1.07
N ARG D 579 24.55 -7.49 -1.41
CA ARG D 579 23.56 -7.88 -0.46
C ARG D 579 23.79 -9.30 -0.26
N LEU D 580 22.79 -10.04 0.16
CA LEU D 580 22.95 -11.41 0.57
C LEU D 580 23.36 -12.49 -0.38
N ASP D 581 22.75 -12.61 -1.53
CA ASP D 581 23.15 -13.66 -2.45
C ASP D 581 24.52 -13.42 -2.95
N MET D 582 24.81 -12.17 -3.25
CA MET D 582 26.10 -11.84 -3.78
C MET D 582 27.15 -12.20 -2.82
N VAL D 583 26.94 -11.93 -1.56
CA VAL D 583 27.93 -12.24 -0.58
C VAL D 583 28.15 -13.71 -0.51
N THR D 584 27.08 -14.45 -0.42
CA THR D 584 27.26 -15.88 -0.31
C THR D 584 28.26 -16.38 -1.35
N GLY D 585 28.17 -15.83 -2.54
CA GLY D 585 29.08 -16.20 -3.59
C GLY D 585 30.48 -15.82 -3.24
N LEU D 586 30.68 -14.60 -2.79
CA LEU D 586 32.03 -14.19 -2.44
C LEU D 586 32.57 -14.98 -1.29
N TYR D 587 31.73 -15.26 -0.31
CA TYR D 587 32.16 -16.00 0.86
C TYR D 587 32.63 -17.37 0.43
N TYR D 588 31.95 -17.97 -0.54
CA TYR D 588 32.35 -19.29 -1.00
C TYR D 588 33.58 -19.23 -1.89
N LEU D 589 33.80 -18.08 -2.53
CA LEU D 589 34.88 -17.97 -3.52
C LEU D 589 36.23 -17.79 -2.84
N THR D 590 36.26 -17.06 -1.71
CA THR D 590 37.50 -16.72 -1.03
C THR D 590 37.78 -17.59 0.18
N THR D 591 36.85 -18.46 0.57
CA THR D 591 37.08 -19.32 1.72
C THR D 591 38.14 -20.38 1.41
N GLU D 592 38.84 -20.82 2.45
CA GLU D 592 39.96 -21.74 2.33
C GLU D 592 39.56 -23.12 2.83
N VAL D 593 39.87 -24.15 2.05
CA VAL D 593 39.54 -25.53 2.36
C VAL D 593 40.84 -26.29 2.58
N PRO D 594 41.15 -26.68 3.82
CA PRO D 594 42.34 -27.53 4.05
C PRO D 594 42.13 -28.92 3.46
N GLY D 595 43.09 -29.36 2.66
CA GLY D 595 43.01 -30.66 2.04
C GLY D 595 42.25 -30.71 0.74
N ASP D 596 41.95 -29.57 0.14
CA ASP D 596 41.21 -29.56 -1.12
C ASP D 596 42.13 -30.02 -2.27
N THR D 597 41.54 -30.13 -3.45
CA THR D 597 42.26 -30.68 -4.60
C THR D 597 43.23 -29.64 -5.16
N GLY D 598 44.48 -30.05 -5.35
CA GLY D 598 45.53 -29.14 -5.78
C GLY D 598 46.23 -28.40 -4.65
N GLU D 599 45.91 -28.74 -3.40
CA GLU D 599 46.50 -28.05 -2.26
C GLU D 599 48.01 -28.17 -2.27
N TYR D 600 48.70 -27.07 -2.01
CA TYR D 600 50.15 -27.09 -1.93
C TYR D 600 50.61 -27.97 -0.77
N GLN D 601 51.53 -28.88 -1.06
CA GLN D 601 52.12 -29.72 -0.05
C GLN D 601 53.65 -29.64 -0.18
N PRO D 602 54.37 -29.57 0.94
CA PRO D 602 55.82 -29.44 0.86
C PRO D 602 56.47 -30.68 0.25
N ALA D 603 57.69 -30.50 -0.23
CA ALA D 603 58.42 -31.59 -0.86
C ALA D 603 58.79 -32.64 0.18
N SER D 604 58.49 -33.90 -0.14
CA SER D 604 58.78 -35.03 0.74
C SER D 604 59.57 -36.08 -0.04
N GLY D 605 60.85 -36.21 0.28
CA GLY D 605 61.68 -37.17 -0.42
C GLY D 605 61.89 -36.75 -1.86
N ASP D 606 61.62 -37.68 -2.79
CA ASP D 606 61.73 -37.42 -4.21
C ASP D 606 60.52 -36.70 -4.77
N HIS D 607 59.48 -36.48 -3.96
CA HIS D 607 58.27 -35.83 -4.44
C HIS D 607 58.41 -34.32 -4.30
N PRO D 608 58.30 -33.55 -5.39
CA PRO D 608 58.44 -32.09 -5.28
C PRO D 608 57.24 -31.43 -4.62
N GLU D 609 57.22 -30.09 -4.61
CA GLU D 609 56.13 -29.37 -3.96
C GLU D 609 54.83 -29.51 -4.74
N THR D 610 54.86 -29.20 -6.03
CA THR D 610 53.69 -29.26 -6.92
C THR D 610 52.55 -28.35 -6.47
N GLY D 611 52.84 -27.38 -5.60
CA GLY D 611 51.85 -26.43 -5.15
C GLY D 611 52.06 -25.01 -5.63
N VAL D 612 53.03 -24.77 -6.52
CA VAL D 612 53.35 -23.43 -6.98
C VAL D 612 52.92 -23.29 -8.43
N TYR D 613 52.48 -22.08 -8.79
CA TYR D 613 52.04 -21.77 -10.14
C TYR D 613 52.70 -20.49 -10.60
N SER D 614 53.22 -20.50 -11.83
CA SER D 614 54.00 -19.37 -12.34
C SER D 614 53.15 -18.12 -12.46
N SER D 615 51.92 -18.26 -12.93
CA SER D 615 51.03 -17.13 -13.13
C SER D 615 49.61 -17.60 -12.83
N PRO D 616 48.70 -16.67 -12.49
CA PRO D 616 47.31 -17.06 -12.24
C PRO D 616 46.66 -17.73 -13.45
N ALA D 617 47.13 -17.44 -14.66
CA ALA D 617 46.60 -18.12 -15.84
C ALA D 617 46.89 -19.62 -15.79
N GLU D 618 48.08 -19.99 -15.33
CA GLU D 618 48.39 -21.41 -15.14
C GLU D 618 47.47 -22.03 -14.10
N ALA D 619 47.14 -21.28 -13.05
CA ALA D 619 46.20 -21.79 -12.05
C ALA D 619 44.82 -21.98 -12.66
N ILE D 620 44.41 -21.08 -13.56
CA ILE D 620 43.12 -21.24 -14.24
C ILE D 620 43.14 -22.50 -15.09
N MET D 621 44.22 -22.71 -15.85
CA MET D 621 44.33 -23.92 -16.67
C MET D 621 44.31 -25.17 -15.82
N ALA D 622 44.94 -25.12 -14.65
CA ALA D 622 44.91 -26.27 -13.74
C ALA D 622 43.54 -26.47 -13.12
N ALA D 623 42.77 -25.39 -12.98
CA ALA D 623 41.41 -25.50 -12.45
C ALA D 623 40.45 -26.03 -13.51
N ASP D 624 40.74 -25.82 -14.79
CA ASP D 624 39.92 -26.41 -15.84
C ASP D 624 39.95 -27.92 -15.77
N ARG D 625 41.15 -28.49 -15.60
CA ARG D 625 41.24 -29.88 -15.20
C ARG D 625 40.84 -30.02 -13.74
N GLY D 626 40.56 -31.26 -13.33
CA GLY D 626 40.16 -31.52 -11.96
C GLY D 626 41.30 -31.46 -10.97
N VAL D 627 42.41 -30.82 -11.36
CA VAL D 627 43.61 -30.83 -10.54
C VAL D 627 43.53 -29.79 -9.43
N LEU D 628 43.15 -28.57 -9.76
CA LEU D 628 43.20 -27.46 -8.82
C LEU D 628 41.79 -27.01 -8.44
N SER D 629 41.48 -27.11 -7.15
CA SER D 629 40.26 -26.52 -6.63
C SER D 629 40.45 -25.02 -6.41
N VAL D 630 39.36 -24.28 -6.55
CA VAL D 630 39.43 -22.83 -6.40
C VAL D 630 39.68 -22.44 -4.95
N ARG D 631 39.23 -23.26 -4.00
CA ARG D 631 39.34 -22.95 -2.59
C ARG D 631 40.56 -23.61 -1.94
N ALA D 632 41.46 -24.17 -2.74
CA ALA D 632 42.62 -24.87 -2.21
C ALA D 632 43.80 -23.91 -2.02
N LYS D 633 44.49 -24.06 -0.89
CA LYS D 633 45.63 -23.20 -0.57
C LYS D 633 46.82 -23.56 -1.45
N ILE D 634 47.31 -22.59 -2.21
CA ILE D 634 48.44 -22.81 -3.12
C ILE D 634 49.42 -21.64 -3.02
N LYS D 635 50.44 -21.67 -3.87
CA LYS D 635 51.40 -20.57 -4.00
C LYS D 635 51.41 -20.12 -5.46
N VAL D 636 51.25 -18.82 -5.69
CA VAL D 636 51.24 -18.27 -7.04
C VAL D 636 52.16 -17.07 -7.10
N ARG D 637 52.79 -16.88 -8.26
CA ARG D 637 53.59 -15.70 -8.54
C ARG D 637 52.68 -14.64 -9.16
N LEU D 638 52.42 -13.56 -8.43
CA LEU D 638 51.47 -12.54 -8.83
C LEU D 638 52.25 -11.36 -9.40
N THR D 639 52.05 -11.08 -10.70
CA THR D 639 52.76 -10.00 -11.36
C THR D 639 52.01 -8.68 -11.29
N GLN D 640 50.68 -8.71 -11.37
CA GLN D 640 49.88 -7.51 -11.57
C GLN D 640 49.14 -7.05 -10.31
N LEU D 641 49.36 -7.70 -9.17
CA LEU D 641 48.67 -7.34 -7.94
C LEU D 641 49.66 -6.84 -6.89
N ARG D 642 49.20 -5.87 -6.09
CA ARG D 642 50.03 -5.27 -5.04
C ARG D 642 49.94 -6.10 -3.77
N PRO D 643 51.06 -6.41 -3.13
CA PRO D 643 51.03 -7.26 -1.92
C PRO D 643 50.59 -6.47 -0.70
N PRO D 644 50.36 -7.14 0.43
CA PRO D 644 50.09 -6.42 1.67
C PRO D 644 51.23 -5.48 2.04
N VAL D 645 50.94 -4.59 3.00
CA VAL D 645 51.93 -3.61 3.42
C VAL D 645 53.18 -4.29 3.97
N GLU D 646 53.00 -5.41 4.66
CA GLU D 646 54.13 -6.11 5.26
C GLU D 646 55.04 -6.72 4.19
N ILE D 647 54.46 -7.53 3.31
CA ILE D 647 55.25 -8.17 2.26
C ILE D 647 55.84 -7.14 1.31
N GLU D 648 55.11 -6.05 1.07
CA GLU D 648 55.64 -4.98 0.22
C GLU D 648 56.83 -4.29 0.87
N ALA D 649 56.70 -3.93 2.16
CA ALA D 649 57.78 -3.25 2.85
C ALA D 649 59.01 -4.14 3.01
N GLU D 650 58.80 -5.45 3.11
CA GLU D 650 59.95 -6.35 3.21
C GLU D 650 60.60 -6.60 1.85
N LEU D 651 59.80 -6.93 0.85
CA LEU D 651 60.34 -7.25 -0.48
C LEU D 651 60.68 -6.00 -1.28
N PHE D 652 59.92 -4.93 -1.11
CA PHE D 652 60.13 -3.67 -1.82
C PHE D 652 60.37 -2.56 -0.81
N GLY D 653 60.53 -1.35 -1.32
CA GLY D 653 60.48 -0.18 -0.47
C GLY D 653 59.05 0.22 -0.16
N HIS D 654 58.89 1.01 0.91
CA HIS D 654 57.57 1.49 1.27
C HIS D 654 56.97 2.35 0.16
N SER D 655 57.81 3.14 -0.52
CA SER D 655 57.30 4.12 -1.46
C SER D 655 56.72 3.49 -2.73
N GLY D 656 57.23 2.32 -3.13
CA GLY D 656 56.91 1.87 -4.47
C GLY D 656 56.78 0.38 -4.72
N TRP D 657 55.74 0.04 -5.50
CA TRP D 657 55.60 -1.25 -6.16
C TRP D 657 55.03 -0.97 -7.55
N GLN D 658 55.45 -1.76 -8.53
CA GLN D 658 55.03 -1.44 -9.88
C GLN D 658 54.38 -2.64 -10.56
N PRO D 659 53.51 -2.41 -11.55
CA PRO D 659 52.93 -3.53 -12.30
C PRO D 659 54.02 -4.37 -12.95
N GLY D 660 53.82 -5.69 -12.92
CA GLY D 660 54.78 -6.63 -13.43
C GLY D 660 55.84 -7.06 -12.42
N ASP D 661 55.94 -6.39 -11.29
CA ASP D 661 56.87 -6.78 -10.24
C ASP D 661 56.32 -8.01 -9.53
N ALA D 662 57.00 -9.14 -9.69
CA ALA D 662 56.50 -10.41 -9.18
C ALA D 662 56.74 -10.54 -7.69
N TRP D 663 55.89 -11.33 -7.05
CA TRP D 663 56.04 -11.66 -5.63
C TRP D 663 55.24 -12.92 -5.34
N MET D 664 55.69 -13.67 -4.34
CA MET D 664 55.08 -14.94 -3.98
C MET D 664 54.04 -14.72 -2.88
N ALA D 665 52.94 -15.47 -2.97
CA ALA D 665 51.88 -15.42 -1.98
C ALA D 665 51.30 -16.80 -1.78
N GLU D 666 50.98 -17.14 -0.53
CA GLU D 666 50.28 -18.38 -0.22
C GLU D 666 48.82 -18.03 0.03
N THR D 667 48.00 -18.22 -0.99
CA THR D 667 46.57 -17.88 -0.95
C THR D 667 45.81 -18.99 -1.65
N THR D 668 44.55 -18.73 -1.95
CA THR D 668 43.76 -19.56 -2.83
C THR D 668 43.54 -18.82 -4.14
N LEU D 669 43.35 -19.58 -5.23
CA LEU D 669 43.06 -18.97 -6.51
C LEU D 669 41.81 -18.11 -6.44
N GLY D 670 40.84 -18.50 -5.61
CA GLY D 670 39.64 -17.69 -5.42
C GLY D 670 39.97 -16.30 -4.90
N ARG D 671 40.80 -16.22 -3.86
CA ARG D 671 41.18 -14.91 -3.32
C ARG D 671 41.93 -14.09 -4.36
N VAL D 672 42.71 -14.75 -5.24
CA VAL D 672 43.38 -14.04 -6.33
C VAL D 672 42.35 -13.42 -7.27
N MET D 673 41.38 -14.22 -7.72
CA MET D 673 40.37 -13.70 -8.63
C MET D 673 39.52 -12.63 -7.96
N PHE D 674 39.31 -12.71 -6.66
CA PHE D 674 38.59 -11.66 -5.95
C PHE D 674 39.38 -10.36 -5.96
N ASN D 675 40.64 -10.41 -5.54
CA ASN D 675 41.49 -9.22 -5.57
C ASN D 675 41.64 -8.65 -6.97
N GLU D 676 41.45 -9.47 -8.01
CA GLU D 676 41.42 -8.93 -9.36
C GLU D 676 40.24 -7.98 -9.57
N LEU D 677 39.11 -8.26 -8.91
CA LEU D 677 37.94 -7.40 -9.05
C LEU D 677 38.21 -6.01 -8.45
N LEU D 678 38.91 -5.98 -7.32
CA LEU D 678 39.26 -4.71 -6.69
C LEU D 678 40.17 -3.92 -7.63
N PRO D 679 40.25 -2.60 -7.45
CA PRO D 679 41.05 -1.77 -8.36
C PRO D 679 42.53 -2.15 -8.28
N LEU D 680 43.29 -1.52 -9.18
CA LEU D 680 44.68 -1.94 -9.40
C LEU D 680 45.54 -1.65 -8.17
N GLY D 681 45.43 -0.45 -7.61
CA GLY D 681 46.34 -0.05 -6.55
C GLY D 681 46.09 -0.68 -5.20
N TYR D 682 44.92 -1.28 -5.00
CA TYR D 682 44.57 -1.78 -3.66
C TYR D 682 45.44 -2.99 -3.31
N PRO D 683 45.97 -3.05 -2.08
CA PRO D 683 46.82 -4.18 -1.70
C PRO D 683 46.03 -5.48 -1.61
N PHE D 684 46.76 -6.59 -1.67
CA PHE D 684 46.15 -7.90 -1.59
C PHE D 684 45.60 -8.14 -0.18
N VAL D 685 44.42 -8.78 -0.12
CA VAL D 685 43.71 -8.96 1.14
C VAL D 685 44.03 -10.31 1.75
N ASN D 686 43.69 -11.39 1.05
CA ASN D 686 43.90 -12.77 1.52
C ASN D 686 43.17 -13.02 2.84
N LYS D 687 41.84 -12.91 2.78
CA LYS D 687 40.98 -13.21 3.91
C LYS D 687 39.70 -13.86 3.40
N GLN D 688 39.07 -14.65 4.27
CA GLN D 688 37.72 -15.14 3.98
C GLN D 688 36.73 -13.97 4.10
N MET D 689 35.98 -13.72 3.03
CA MET D 689 35.20 -12.49 2.90
C MET D 689 33.86 -12.65 3.58
N HIS D 690 33.78 -12.28 4.85
CA HIS D 690 32.52 -12.04 5.52
C HIS D 690 31.94 -10.71 5.01
N LYS D 691 30.63 -10.54 5.17
CA LYS D 691 30.02 -9.29 4.77
C LYS D 691 30.64 -8.11 5.48
N LYS D 692 31.06 -8.28 6.73
CA LYS D 692 31.75 -7.23 7.46
C LYS D 692 33.03 -6.82 6.75
N VAL D 693 33.79 -7.80 6.26
CA VAL D 693 35.11 -7.51 5.69
C VAL D 693 34.96 -6.79 4.35
N GLN D 694 34.08 -7.28 3.47
CA GLN D 694 33.87 -6.59 2.20
C GLN D 694 33.21 -5.24 2.42
N ALA D 695 32.38 -5.12 3.46
CA ALA D 695 31.86 -3.80 3.85
C ALA D 695 32.99 -2.84 4.17
N ALA D 696 33.97 -3.31 4.97
CA ALA D 696 35.12 -2.47 5.30
C ALA D 696 35.94 -2.14 4.05
N ILE D 697 36.04 -3.09 3.12
CA ILE D 697 36.76 -2.85 1.88
C ILE D 697 36.11 -1.73 1.09
N ILE D 698 34.79 -1.79 0.93
CA ILE D 698 34.09 -0.73 0.20
C ILE D 698 34.16 0.58 0.97
N ASN D 699 34.16 0.52 2.30
CA ASN D 699 34.34 1.72 3.12
C ASN D 699 35.65 2.41 2.78
N ASP D 700 36.75 1.64 2.74
CA ASP D 700 38.05 2.21 2.42
C ASP D 700 38.10 2.72 0.99
N LEU D 701 37.51 1.98 0.05
CA LEU D 701 37.49 2.41 -1.34
C LEU D 701 36.76 3.73 -1.51
N ALA D 702 35.64 3.90 -0.79
CA ALA D 702 34.91 5.16 -0.85
C ALA D 702 35.65 6.27 -0.12
N GLU D 703 36.37 5.93 0.95
CA GLU D 703 37.10 6.94 1.70
C GLU D 703 38.30 7.48 0.93
N ARG D 704 38.95 6.64 0.13
CA ARG D 704 40.16 7.05 -0.58
C ARG D 704 39.95 7.18 -2.09
N TYR D 705 39.47 6.13 -2.74
CA TYR D 705 39.34 6.16 -4.20
C TYR D 705 38.13 7.00 -4.62
N PRO D 706 38.11 7.48 -5.86
CA PRO D 706 36.96 8.24 -6.35
C PRO D 706 35.67 7.43 -6.42
N MET D 707 34.57 8.08 -6.81
CA MET D 707 33.26 7.44 -6.76
C MET D 707 33.09 6.43 -7.89
N ILE D 708 33.43 6.83 -9.12
CA ILE D 708 33.19 5.97 -10.28
C ILE D 708 33.93 4.65 -10.13
N VAL D 709 35.14 4.70 -9.56
CA VAL D 709 35.88 3.47 -9.31
C VAL D 709 35.12 2.57 -8.35
N VAL D 710 34.55 3.15 -7.29
CA VAL D 710 33.80 2.36 -6.33
C VAL D 710 32.57 1.74 -6.97
N ALA D 711 31.89 2.50 -7.85
CA ALA D 711 30.71 1.97 -8.53
C ALA D 711 31.08 0.79 -9.42
N GLN D 712 32.11 0.95 -10.26
CA GLN D 712 32.52 -0.16 -11.12
C GLN D 712 33.03 -1.35 -10.30
N THR D 713 33.66 -1.09 -9.15
CA THR D 713 34.15 -2.16 -8.30
C THR D 713 32.99 -2.96 -7.71
N VAL D 714 31.97 -2.28 -7.20
CA VAL D 714 30.84 -3.03 -6.65
C VAL D 714 30.08 -3.73 -7.78
N ASP D 715 30.14 -3.20 -9.01
CA ASP D 715 29.54 -3.90 -10.14
C ASP D 715 30.26 -5.22 -10.42
N LYS D 716 31.59 -5.18 -10.47
CA LYS D 716 32.35 -6.41 -10.67
C LYS D 716 32.13 -7.40 -9.54
N LEU D 717 32.07 -6.89 -8.30
CA LEU D 717 31.74 -7.74 -7.16
C LEU D 717 30.37 -8.38 -7.32
N LYS D 718 29.40 -7.62 -7.83
CA LYS D 718 28.07 -8.15 -8.12
C LYS D 718 28.14 -9.33 -9.08
N ASP D 719 28.82 -9.11 -10.22
CA ASP D 719 28.91 -10.15 -11.24
C ASP D 719 29.54 -11.42 -10.67
N ALA D 720 30.71 -11.28 -10.03
CA ALA D 720 31.41 -12.45 -9.51
C ALA D 720 30.62 -13.11 -8.38
N GLY D 721 29.98 -12.32 -7.53
CA GLY D 721 29.18 -12.89 -6.47
C GLY D 721 28.02 -13.71 -7.00
N PHE D 722 27.38 -13.23 -8.07
CA PHE D 722 26.27 -14.00 -8.64
C PHE D 722 26.77 -15.28 -9.29
N TYR D 723 27.87 -15.21 -10.06
CA TYR D 723 28.42 -16.43 -10.66
C TYR D 723 28.75 -17.46 -9.58
N TRP D 724 29.61 -17.09 -8.63
CA TRP D 724 30.02 -18.05 -7.63
C TRP D 724 28.92 -18.36 -6.62
N ALA D 725 27.84 -17.58 -6.59
CA ALA D 725 26.67 -17.99 -5.82
C ALA D 725 25.94 -19.12 -6.52
N THR D 726 25.84 -19.03 -7.85
CA THR D 726 25.34 -20.18 -8.61
C THR D 726 26.21 -21.41 -8.37
N ARG D 727 27.52 -21.23 -8.37
CA ARG D 727 28.44 -22.37 -8.20
C ARG D 727 28.63 -22.78 -6.75
N SER D 728 28.08 -22.04 -5.78
CA SER D 728 28.39 -22.29 -4.38
C SER D 728 27.77 -23.56 -3.85
N GLY D 729 26.68 -24.04 -4.45
CA GLY D 729 26.01 -25.23 -3.96
C GLY D 729 25.38 -25.05 -2.60
N VAL D 730 24.59 -24.00 -2.44
CA VAL D 730 23.82 -23.75 -1.24
C VAL D 730 22.37 -24.14 -1.50
N THR D 731 21.87 -25.10 -0.75
CA THR D 731 20.54 -25.67 -0.98
C THR D 731 19.97 -26.10 0.36
N VAL D 732 18.64 -26.26 0.38
CA VAL D 732 17.94 -26.69 1.58
C VAL D 732 17.29 -28.04 1.30
N SER D 733 17.30 -28.90 2.32
CA SER D 733 16.60 -30.18 2.27
C SER D 733 16.36 -30.62 3.70
N MET D 734 15.42 -31.57 3.86
CA MET D 734 15.13 -32.09 5.19
C MET D 734 16.37 -32.71 5.84
N ALA D 735 17.35 -33.12 5.03
CA ALA D 735 18.58 -33.68 5.59
C ALA D 735 19.53 -32.57 6.06
N ASP D 736 19.63 -31.48 5.28
CA ASP D 736 20.49 -30.36 5.68
C ASP D 736 20.02 -29.72 6.98
N VAL D 737 18.76 -29.92 7.36
CA VAL D 737 18.26 -29.45 8.64
C VAL D 737 18.53 -30.55 9.67
N LEU D 738 19.48 -30.31 10.56
CA LEU D 738 19.93 -31.31 11.52
C LEU D 738 19.30 -31.02 12.88
N VAL D 739 18.57 -31.99 13.40
CA VAL D 739 18.00 -31.87 14.75
C VAL D 739 19.11 -32.04 15.78
N PRO D 740 19.11 -31.31 16.89
CA PRO D 740 20.12 -31.53 17.93
C PRO D 740 19.99 -32.94 18.49
N PRO D 741 21.12 -33.64 18.69
CA PRO D 741 21.02 -35.07 18.99
C PRO D 741 20.55 -35.37 20.40
N ARG D 742 20.90 -34.54 21.38
CA ARG D 742 20.54 -34.78 22.77
C ARG D 742 19.33 -33.96 23.22
N LYS D 743 18.54 -33.46 22.27
CA LYS D 743 17.46 -32.53 22.62
C LYS D 743 16.44 -33.17 23.55
N LYS D 744 16.09 -34.43 23.30
CA LYS D 744 15.14 -35.13 24.16
C LYS D 744 15.60 -35.12 25.62
N GLU D 745 16.89 -35.42 25.85
CA GLU D 745 17.42 -35.45 27.20
C GLU D 745 17.41 -34.07 27.85
N ILE D 746 17.80 -33.04 27.10
CA ILE D 746 17.80 -31.68 27.61
C ILE D 746 16.39 -31.28 28.05
N LEU D 747 15.41 -31.53 27.18
CA LEU D 747 14.03 -31.19 27.51
C LEU D 747 13.54 -31.98 28.70
N ASP D 748 13.90 -33.27 28.80
CA ASP D 748 13.51 -34.06 29.95
C ASP D 748 14.04 -33.44 31.24
N HIS D 749 15.32 -33.04 31.24
CA HIS D 749 15.93 -32.45 32.43
C HIS D 749 15.26 -31.13 32.81
N TYR D 750 15.07 -30.24 31.83
CA TYR D 750 14.50 -28.93 32.17
C TYR D 750 13.03 -29.04 32.58
N GLU D 751 12.30 -30.00 32.01
CA GLU D 751 10.93 -30.20 32.47
C GLU D 751 10.89 -30.90 33.82
N GLU D 752 11.92 -31.67 34.17
CA GLU D 752 12.05 -32.13 35.55
C GLU D 752 12.18 -30.96 36.49
N ARG D 753 13.00 -29.97 36.13
CA ARG D 753 13.11 -28.75 36.93
C ARG D 753 11.75 -28.05 37.05
N ALA D 754 11.05 -27.91 35.93
CA ALA D 754 9.74 -27.24 35.95
C ALA D 754 8.71 -28.02 36.76
N ASP D 755 8.79 -29.35 36.74
CA ASP D 755 7.89 -30.15 37.57
C ASP D 755 8.20 -29.96 39.05
N LYS D 756 9.49 -29.83 39.38
CA LYS D 756 9.84 -29.46 40.75
C LYS D 756 9.21 -28.13 41.14
N VAL D 757 9.27 -27.15 40.22
CA VAL D 757 8.68 -25.84 40.52
C VAL D 757 7.18 -25.94 40.72
N GLU D 758 6.49 -26.74 39.90
CA GLU D 758 5.04 -26.86 40.03
C GLU D 758 4.66 -27.60 41.31
N LYS D 759 5.38 -28.69 41.64
CA LYS D 759 5.14 -29.37 42.91
C LYS D 759 5.39 -28.44 44.09
N GLN D 760 6.38 -27.55 43.97
CA GLN D 760 6.63 -26.56 45.00
C GLN D 760 5.49 -25.56 45.10
N PHE D 761 4.89 -25.20 43.95
CA PHE D 761 3.75 -24.29 43.96
C PHE D 761 2.51 -24.95 44.56
N GLN D 762 2.37 -26.27 44.42
CA GLN D 762 1.19 -26.95 44.93
C GLN D 762 1.11 -26.92 46.45
N ARG D 763 2.22 -26.70 47.14
CA ARG D 763 2.23 -26.53 48.59
C ARG D 763 2.01 -25.08 49.02
N GLY D 764 1.77 -24.18 48.07
CA GLY D 764 1.58 -22.78 48.37
C GLY D 764 2.84 -22.03 48.74
N ALA D 765 4.01 -22.62 48.52
CA ALA D 765 5.26 -21.95 48.87
C ALA D 765 5.59 -20.84 47.88
N LEU D 766 5.49 -21.14 46.59
CA LEU D 766 5.89 -20.21 45.54
C LEU D 766 4.70 -19.34 45.13
N ASN D 767 4.99 -18.07 44.85
CA ASN D 767 3.98 -17.12 44.42
C ASN D 767 3.62 -17.36 42.95
N HIS D 768 2.39 -17.03 42.60
CA HIS D 768 1.90 -17.26 41.24
C HIS D 768 2.75 -16.52 40.21
N ASP D 769 2.90 -15.20 40.38
CA ASP D 769 3.78 -14.45 39.50
C ASP D 769 5.22 -14.95 39.59
N GLU D 770 5.66 -15.31 40.81
CA GLU D 770 6.99 -15.88 40.96
C GLU D 770 7.09 -17.24 40.26
N ARG D 771 6.00 -18.02 40.30
CA ARG D 771 5.97 -19.30 39.59
C ARG D 771 6.16 -19.09 38.09
N ASN D 772 5.40 -18.15 37.51
CA ASN D 772 5.52 -17.90 36.09
C ASN D 772 6.90 -17.36 35.74
N GLU D 773 7.45 -16.48 36.57
CA GLU D 773 8.81 -15.97 36.33
C GLU D 773 9.83 -17.11 36.36
N ALA D 774 9.70 -18.02 37.32
CA ALA D 774 10.62 -19.14 37.42
C ALA D 774 10.54 -20.03 36.19
N LEU D 775 9.31 -20.34 35.75
CA LEU D 775 9.15 -21.17 34.56
C LEU D 775 9.71 -20.48 33.33
N VAL D 776 9.51 -19.16 33.22
CA VAL D 776 10.06 -18.41 32.09
C VAL D 776 11.57 -18.52 32.08
N GLU D 777 12.21 -18.34 33.24
CA GLU D 777 13.67 -18.47 33.33
C GLU D 777 14.13 -19.87 32.94
N ILE D 778 13.44 -20.90 33.47
CA ILE D 778 13.82 -22.28 33.19
C ILE D 778 13.78 -22.55 31.68
N TRP D 779 12.70 -22.15 31.03
CA TRP D 779 12.57 -22.47 29.61
C TRP D 779 13.39 -21.55 28.72
N LYS D 780 13.70 -20.32 29.16
CA LYS D 780 14.72 -19.54 28.48
C LYS D 780 16.04 -20.27 28.47
N GLU D 781 16.45 -20.79 29.64
CA GLU D 781 17.71 -21.51 29.72
C GLU D 781 17.68 -22.78 28.86
N ALA D 782 16.55 -23.49 28.86
CA ALA D 782 16.44 -24.68 28.02
C ALA D 782 16.55 -24.33 26.54
N THR D 783 15.90 -23.25 26.12
CA THR D 783 16.02 -22.80 24.73
C THR D 783 17.47 -22.49 24.37
N ASP D 784 18.16 -21.75 25.23
CA ASP D 784 19.54 -21.40 24.94
C ASP D 784 20.43 -22.64 24.89
N GLU D 785 20.21 -23.59 25.79
CA GLU D 785 21.00 -24.82 25.80
C GLU D 785 20.78 -25.64 24.53
N VAL D 786 19.52 -25.77 24.10
CA VAL D 786 19.23 -26.50 22.88
C VAL D 786 19.86 -25.81 21.68
N GLY D 787 19.83 -24.47 21.65
CA GLY D 787 20.49 -23.75 20.57
C GLY D 787 21.99 -23.96 20.55
N GLN D 788 22.61 -23.98 21.73
CA GLN D 788 24.05 -24.26 21.82
C GLN D 788 24.37 -25.64 21.29
N ALA D 789 23.60 -26.65 21.73
CA ALA D 789 23.80 -28.00 21.23
C ALA D 789 23.64 -28.06 19.71
N LEU D 790 22.66 -27.33 19.19
CA LEU D 790 22.43 -27.29 17.75
C LEU D 790 23.67 -26.76 17.02
N ARG D 791 24.16 -25.59 17.44
CA ARG D 791 25.33 -25.02 16.79
C ARG D 791 26.54 -25.94 16.92
N GLU D 792 26.66 -26.63 18.07
CA GLU D 792 27.79 -27.54 18.26
C GLU D 792 27.70 -28.75 17.33
N HIS D 793 26.47 -29.17 16.98
CA HIS D 793 26.34 -30.33 16.10
C HIS D 793 26.44 -29.97 14.61
N TYR D 794 26.32 -28.69 14.27
CA TYR D 794 26.24 -28.30 12.86
C TYR D 794 27.64 -28.13 12.27
N PRO D 795 28.01 -28.91 11.27
CA PRO D 795 29.30 -28.67 10.60
C PRO D 795 29.33 -27.31 9.92
N ASP D 796 30.52 -26.72 9.88
CA ASP D 796 30.70 -25.35 9.40
C ASP D 796 30.45 -25.19 7.91
N ASP D 797 30.33 -26.29 7.16
CA ASP D 797 30.10 -26.23 5.72
C ASP D 797 28.64 -26.43 5.36
N ASN D 798 27.77 -26.68 6.34
CA ASN D 798 26.36 -26.86 6.08
C ASN D 798 25.79 -25.61 5.40
N PRO D 799 24.86 -25.76 4.45
CA PRO D 799 24.33 -24.57 3.75
C PRO D 799 23.58 -23.63 4.66
N ILE D 800 22.89 -24.14 5.69
CA ILE D 800 22.18 -23.27 6.63
C ILE D 800 23.18 -22.43 7.42
N ILE D 801 24.18 -23.08 8.00
CA ILE D 801 25.20 -22.36 8.75
C ILE D 801 25.97 -21.42 7.85
N THR D 802 26.27 -21.85 6.63
CA THR D 802 26.95 -20.97 5.68
C THR D 802 26.13 -19.73 5.39
N ILE D 803 24.82 -19.89 5.21
CA ILE D 803 23.95 -18.75 4.93
C ILE D 803 23.92 -17.79 6.12
N VAL D 804 23.76 -18.32 7.33
CA VAL D 804 23.64 -17.46 8.50
C VAL D 804 24.95 -16.74 8.78
N ASP D 805 26.03 -17.51 8.95
CA ASP D 805 27.28 -16.97 9.47
C ASP D 805 28.08 -16.17 8.44
N SER D 806 27.81 -16.35 7.14
CA SER D 806 28.46 -15.49 6.15
C SER D 806 27.93 -14.08 6.17
N GLY D 807 26.89 -13.80 6.95
CA GLY D 807 26.28 -12.49 6.97
C GLY D 807 25.44 -12.17 5.77
N ALA D 808 25.14 -13.16 4.92
CA ALA D 808 24.33 -12.92 3.73
C ALA D 808 22.87 -12.70 4.09
N THR D 809 22.31 -13.58 4.93
CA THR D 809 20.96 -13.39 5.41
C THR D 809 20.72 -14.28 6.61
N GLY D 810 19.75 -13.88 7.44
CA GLY D 810 19.30 -14.68 8.56
C GLY D 810 20.10 -14.46 9.82
N ASN D 811 19.56 -15.00 10.92
CA ASN D 811 20.23 -15.01 12.20
C ASN D 811 20.04 -16.40 12.81
N PHE D 812 20.89 -16.73 13.78
CA PHE D 812 20.90 -18.08 14.31
C PHE D 812 19.63 -18.42 15.10
N THR D 813 18.89 -17.41 15.57
CA THR D 813 17.64 -17.73 16.26
C THR D 813 16.64 -18.38 15.33
N GLN D 814 16.65 -18.00 14.05
CA GLN D 814 15.82 -18.70 13.07
C GLN D 814 16.29 -20.13 12.87
N THR D 815 17.60 -20.37 12.95
CA THR D 815 18.09 -21.74 12.88
C THR D 815 17.70 -22.54 14.12
N ARG D 816 17.58 -21.87 15.27
CA ARG D 816 17.18 -22.55 16.49
C ARG D 816 15.69 -22.91 16.45
N THR D 817 14.86 -22.00 15.94
CA THR D 817 13.44 -22.29 15.82
C THR D 817 13.16 -23.31 14.73
N LEU D 818 13.93 -23.25 13.62
CA LEU D 818 13.77 -24.20 12.52
C LEU D 818 14.10 -25.62 12.98
N ALA D 819 15.34 -25.85 13.40
CA ALA D 819 15.81 -27.20 13.70
C ALA D 819 15.75 -27.54 15.18
N GLY D 820 16.17 -26.61 16.05
CA GLY D 820 16.24 -26.87 17.47
C GLY D 820 14.91 -26.88 18.18
N MET D 821 14.33 -25.69 18.38
CA MET D 821 13.15 -25.55 19.23
C MET D 821 12.54 -24.16 19.12
N LYS D 822 11.22 -24.04 19.27
CA LYS D 822 10.59 -22.73 19.14
C LYS D 822 10.76 -21.89 20.39
N GLY D 823 10.60 -22.50 21.57
CA GLY D 823 10.72 -21.77 22.82
C GLY D 823 9.37 -21.32 23.37
N LEU D 824 9.35 -20.19 24.06
CA LEU D 824 8.12 -19.65 24.64
C LEU D 824 7.53 -18.60 23.71
N VAL D 825 6.19 -18.50 23.72
CA VAL D 825 5.48 -17.63 22.80
C VAL D 825 4.73 -16.57 23.58
N THR D 826 4.49 -15.44 22.92
CA THR D 826 3.84 -14.29 23.54
C THR D 826 2.36 -14.57 23.82
N ASN D 827 1.85 -13.89 24.83
CA ASN D 827 0.42 -13.82 25.11
C ASN D 827 -0.20 -12.72 24.26
N PRO D 828 -1.52 -12.75 24.06
CA PRO D 828 -2.17 -11.57 23.50
C PRO D 828 -1.97 -10.34 24.37
N LYS D 829 -1.86 -10.52 25.69
CA LYS D 829 -1.52 -9.41 26.57
C LYS D 829 -0.06 -9.03 26.49
N GLY D 830 0.80 -9.91 25.96
CA GLY D 830 2.22 -9.64 25.84
C GLY D 830 3.09 -10.49 26.74
N GLU D 831 2.50 -11.22 27.69
CA GLU D 831 3.27 -12.01 28.64
C GLU D 831 3.78 -13.30 28.00
N PHE D 832 4.74 -13.93 28.66
CA PHE D 832 5.20 -15.25 28.23
C PHE D 832 4.30 -16.33 28.82
N ILE D 833 4.06 -17.37 28.02
CA ILE D 833 3.24 -18.49 28.47
C ILE D 833 4.15 -19.49 29.17
N PRO D 834 3.79 -19.94 30.38
CA PRO D 834 4.69 -20.85 31.12
C PRO D 834 5.08 -22.12 30.37
N ARG D 835 4.23 -22.61 29.49
CA ARG D 835 4.64 -23.77 28.71
C ARG D 835 5.28 -23.31 27.41
N PRO D 836 6.44 -23.85 27.03
CA PRO D 836 7.04 -23.48 25.75
C PRO D 836 6.61 -24.38 24.61
N VAL D 837 7.02 -24.06 23.39
CA VAL D 837 6.81 -24.93 22.24
C VAL D 837 8.08 -25.76 22.08
N LYS D 838 8.03 -27.01 22.53
CA LYS D 838 9.20 -27.88 22.48
C LYS D 838 9.49 -28.39 21.09
N SER D 839 8.53 -28.29 20.18
CA SER D 839 8.68 -28.81 18.83
C SER D 839 9.31 -27.74 17.94
N SER D 840 10.32 -28.12 17.19
CA SER D 840 10.83 -27.28 16.12
C SER D 840 9.89 -27.34 14.92
N PHE D 841 10.04 -26.37 14.02
CA PHE D 841 9.24 -26.40 12.81
C PHE D 841 9.68 -27.50 11.84
N ARG D 842 10.82 -28.15 12.09
CA ARG D 842 11.17 -29.34 11.31
C ARG D 842 10.35 -30.53 11.75
N GLU D 843 10.23 -30.73 13.07
CA GLU D 843 9.34 -31.78 13.57
C GLU D 843 7.88 -31.44 13.29
N GLY D 844 7.56 -30.15 13.22
CA GLY D 844 6.19 -29.71 13.10
C GLY D 844 5.54 -29.51 14.45
N LEU D 845 4.88 -28.38 14.64
CA LEU D 845 4.22 -28.10 15.90
C LEU D 845 2.92 -28.89 15.99
N THR D 846 2.51 -29.20 17.21
CA THR D 846 1.19 -29.78 17.42
C THR D 846 0.12 -28.71 17.23
N VAL D 847 -1.14 -29.11 17.38
CA VAL D 847 -2.24 -28.16 17.24
C VAL D 847 -2.12 -27.06 18.28
N LEU D 848 -1.88 -27.44 19.54
CA LEU D 848 -1.80 -26.46 20.62
C LEU D 848 -0.64 -25.50 20.41
N GLU D 849 0.53 -26.02 20.04
CA GLU D 849 1.69 -25.16 19.87
C GLU D 849 1.47 -24.15 18.74
N TYR D 850 0.86 -24.60 17.65
CA TYR D 850 0.55 -23.69 16.55
C TYR D 850 -0.43 -22.61 16.98
N PHE D 851 -1.51 -23.02 17.67
CA PHE D 851 -2.49 -22.06 18.14
C PHE D 851 -1.87 -21.05 19.08
N ILE D 852 -0.94 -21.50 19.93
CA ILE D 852 -0.28 -20.59 20.86
C ILE D 852 0.63 -19.62 20.11
N ASN D 853 1.33 -20.12 19.07
CA ASN D 853 2.23 -19.26 18.30
C ASN D 853 1.46 -18.16 17.57
N THR D 854 0.24 -18.47 17.13
CA THR D 854 -0.56 -17.48 16.41
C THR D 854 -0.74 -16.20 17.22
N HIS D 855 -0.84 -16.31 18.55
CA HIS D 855 -1.03 -15.14 19.39
C HIS D 855 0.05 -14.09 19.13
N GLY D 856 1.31 -14.47 19.38
CA GLY D 856 2.39 -13.55 19.14
C GLY D 856 2.51 -13.14 17.69
N ALA D 857 2.29 -14.08 16.76
CA ALA D 857 2.41 -13.75 15.35
C ALA D 857 1.50 -12.58 14.98
N ARG D 858 0.20 -12.72 15.25
CA ARG D 858 -0.74 -11.66 14.91
C ARG D 858 -0.53 -10.42 15.76
N LYS D 859 -0.13 -10.58 17.03
CA LYS D 859 0.16 -9.42 17.85
C LYS D 859 1.21 -8.53 17.19
N GLY D 860 2.29 -9.14 16.70
CA GLY D 860 3.32 -8.36 16.03
C GLY D 860 2.88 -7.80 14.70
N LEU D 861 2.15 -8.61 13.92
CA LEU D 861 1.63 -8.13 12.64
C LEU D 861 0.77 -6.88 12.82
N ALA D 862 -0.03 -6.85 13.88
CA ALA D 862 -0.87 -5.69 14.14
C ALA D 862 -0.05 -4.53 14.68
N ASP D 863 0.89 -4.81 15.61
CA ASP D 863 1.68 -3.75 16.22
C ASP D 863 2.47 -2.97 15.17
N THR D 864 2.97 -3.66 14.14
CA THR D 864 3.79 -2.97 13.15
C THR D 864 2.97 -1.94 12.35
N ALA D 865 1.67 -2.19 12.19
CA ALA D 865 0.82 -1.27 11.44
C ALA D 865 0.67 0.07 12.17
N LEU D 866 0.63 0.05 13.50
CA LEU D 866 0.59 1.30 14.25
C LEU D 866 1.98 1.90 14.39
N ARG D 867 3.00 1.06 14.52
CA ARG D 867 4.36 1.55 14.68
C ARG D 867 4.81 2.35 13.46
N THR D 868 4.48 1.87 12.26
CA THR D 868 4.86 2.62 11.07
C THR D 868 4.14 3.97 11.01
N ALA D 869 2.89 4.04 11.48
CA ALA D 869 2.18 5.31 11.50
C ALA D 869 2.80 6.29 12.48
N ASP D 870 3.18 5.79 13.67
CA ASP D 870 3.85 6.65 14.65
C ASP D 870 5.16 7.19 14.09
N SER D 871 5.98 6.30 13.53
CA SER D 871 7.23 6.74 12.91
C SER D 871 6.99 7.77 11.82
N GLY D 872 5.96 7.57 11.00
CA GLY D 872 5.69 8.50 9.92
C GLY D 872 5.25 9.87 10.41
N TYR D 873 4.40 9.90 11.43
CA TYR D 873 3.97 11.18 11.99
C TYR D 873 5.14 11.93 12.60
N LEU D 874 5.97 11.23 13.38
CA LEU D 874 7.16 11.85 13.96
C LEU D 874 8.09 12.37 12.86
N THR D 875 8.26 11.60 11.78
CA THR D 875 9.11 12.03 10.69
C THR D 875 8.56 13.29 10.03
N ARG D 876 7.24 13.36 9.86
CA ARG D 876 6.63 14.56 9.28
C ARG D 876 6.87 15.78 10.15
N ARG D 877 6.69 15.62 11.47
CA ARG D 877 6.93 16.75 12.37
C ARG D 877 8.39 17.20 12.32
N LEU D 878 9.32 16.23 12.30
CA LEU D 878 10.74 16.58 12.19
C LEU D 878 11.01 17.33 10.90
N VAL D 879 10.45 16.86 9.78
CA VAL D 879 10.64 17.52 8.49
C VAL D 879 10.15 18.96 8.58
N ASP D 880 8.97 19.16 9.18
CA ASP D 880 8.42 20.51 9.27
C ASP D 880 9.32 21.42 10.09
N VAL D 881 9.71 20.97 11.28
CA VAL D 881 10.46 21.84 12.19
C VAL D 881 11.87 22.09 11.67
N SER D 882 12.41 21.20 10.84
CA SER D 882 13.81 21.29 10.45
C SER D 882 14.03 21.76 9.02
N GLN D 883 12.98 21.94 8.22
CA GLN D 883 13.20 22.22 6.81
C GLN D 883 13.80 23.60 6.56
N ASP D 884 13.70 24.52 7.52
CA ASP D 884 14.29 25.84 7.37
C ASP D 884 15.80 25.84 7.60
N VAL D 885 16.38 24.70 7.99
CA VAL D 885 17.81 24.62 8.28
C VAL D 885 18.53 24.21 7.01
N ILE D 886 19.27 25.15 6.41
CA ILE D 886 20.16 24.86 5.29
C ILE D 886 21.50 25.53 5.54
N VAL D 887 22.53 25.01 4.89
CA VAL D 887 23.86 25.62 4.96
C VAL D 887 23.83 26.96 4.23
N ARG D 888 24.38 27.98 4.86
CA ARG D 888 24.37 29.32 4.28
C ARG D 888 25.77 29.82 3.93
N GLU D 889 26.68 29.84 4.89
CA GLU D 889 28.04 30.30 4.66
C GLU D 889 29.03 29.16 4.93
N HIS D 890 30.30 29.43 4.66
CA HIS D 890 31.31 28.38 4.74
C HIS D 890 31.73 28.11 6.18
N ASP D 891 32.00 29.16 6.95
CA ASP D 891 32.56 29.01 8.29
C ASP D 891 31.92 29.98 9.26
N CYS D 892 31.40 29.47 10.37
CA CYS D 892 30.98 30.32 11.47
C CYS D 892 32.17 31.02 12.10
N GLN D 893 33.36 30.39 12.04
CA GLN D 893 34.62 30.88 12.57
C GLN D 893 34.63 30.84 14.09
N THR D 894 33.52 30.46 14.70
CA THR D 894 33.47 30.36 16.15
C THR D 894 34.31 29.19 16.64
N GLU D 895 34.96 29.39 17.78
CA GLU D 895 35.79 28.35 18.38
C GLU D 895 35.02 27.48 19.36
N ARG D 896 33.70 27.68 19.46
CA ARG D 896 32.87 26.81 20.28
C ARG D 896 32.80 25.41 19.68
N GLY D 897 32.41 24.46 20.52
CA GLY D 897 32.28 23.09 20.07
C GLY D 897 31.76 22.21 21.19
N ILE D 898 32.03 20.90 21.06
CA ILE D 898 31.60 19.92 22.05
C ILE D 898 32.66 18.83 22.14
N VAL D 899 32.71 18.18 23.31
CA VAL D 899 33.77 17.23 23.65
C VAL D 899 33.24 15.82 23.48
N VAL D 900 34.00 14.99 22.76
CA VAL D 900 33.71 13.58 22.55
C VAL D 900 34.85 12.78 23.14
N GLU D 901 34.54 11.57 23.62
CA GLU D 901 35.55 10.80 24.34
C GLU D 901 36.57 10.17 23.40
N LEU D 902 36.14 9.18 22.61
CA LEU D 902 37.00 8.25 21.86
C LEU D 902 37.74 7.28 22.78
N ALA D 903 37.59 7.39 24.09
CA ALA D 903 38.27 6.50 25.03
C ALA D 903 37.60 6.54 26.41
N ASP D 908 45.29 -1.20 33.43
CA ASP D 908 44.53 0.02 33.70
C ASP D 908 45.02 1.18 32.85
N GLY D 909 46.31 1.15 32.49
CA GLY D 909 46.89 2.17 31.65
C GLY D 909 46.83 1.83 30.17
N THR D 910 45.80 1.07 29.79
CA THR D 910 45.64 0.62 28.42
C THR D 910 44.49 1.35 27.74
N LEU D 911 44.54 1.38 26.41
CA LEU D 911 43.51 2.05 25.63
C LEU D 911 42.20 1.27 25.70
N ILE D 912 41.11 1.97 26.02
CA ILE D 912 39.77 1.41 26.02
C ILE D 912 38.94 2.24 25.04
N ARG D 913 38.59 1.64 23.91
CA ARG D 913 37.94 2.38 22.83
C ARG D 913 36.50 2.71 23.20
N ASP D 914 36.05 3.89 22.75
CA ASP D 914 34.68 4.35 22.99
C ASP D 914 33.75 3.82 21.91
N PRO D 915 32.62 3.20 22.28
CA PRO D 915 31.73 2.64 21.26
C PRO D 915 31.06 3.67 20.38
N TYR D 916 31.01 4.94 20.80
CA TYR D 916 30.24 5.96 20.11
C TYR D 916 31.05 6.72 19.07
N ILE D 917 32.33 6.36 18.87
CA ILE D 917 33.22 7.14 18.02
C ILE D 917 32.62 7.35 16.64
N GLU D 918 31.98 6.32 16.07
CA GLU D 918 31.42 6.46 14.73
C GLU D 918 30.21 7.39 14.72
N THR D 919 29.36 7.31 15.75
CA THR D 919 28.15 8.12 15.73
C THR D 919 28.39 9.55 16.22
N SER D 920 29.39 9.76 17.08
CA SER D 920 29.65 11.06 17.69
C SER D 920 30.97 11.68 17.25
N ALA D 921 32.07 10.93 17.36
CA ALA D 921 33.38 11.51 17.07
C ALA D 921 33.67 11.56 15.58
N TYR D 922 33.43 10.45 14.87
CA TYR D 922 33.73 10.38 13.45
C TYR D 922 32.86 11.35 12.67
N ALA D 923 33.41 11.83 11.55
CA ALA D 923 32.80 12.70 10.54
C ALA D 923 32.68 14.16 11.01
N ARG D 924 33.19 14.50 12.18
CA ARG D 924 33.12 15.88 12.66
C ARG D 924 34.21 16.72 12.03
N THR D 925 34.30 17.98 12.45
CA THR D 925 35.40 18.87 12.12
C THR D 925 36.06 19.33 13.42
N LEU D 926 37.39 19.26 13.47
CA LEU D 926 38.14 19.57 14.67
C LEU D 926 38.19 21.08 14.90
N GLY D 927 37.57 21.53 15.99
CA GLY D 927 37.60 22.94 16.36
C GLY D 927 38.89 23.40 17.00
N THR D 928 39.51 22.55 17.83
CA THR D 928 40.79 22.84 18.47
C THR D 928 41.72 21.67 18.20
N ASP D 929 42.86 21.93 17.53
CA ASP D 929 43.73 20.86 17.07
C ASP D 929 44.20 19.98 18.23
N ALA D 930 44.36 18.68 17.96
CA ALA D 930 44.64 17.72 19.03
C ALA D 930 46.02 17.96 19.63
N VAL D 931 46.07 18.00 20.96
CA VAL D 931 47.31 18.17 21.70
C VAL D 931 47.35 17.14 22.83
N ASP D 932 48.52 16.54 23.02
CA ASP D 932 48.73 15.52 24.03
C ASP D 932 49.99 15.86 24.84
N GLU D 933 50.30 15.01 25.81
CA GLU D 933 51.57 15.13 26.51
C GLU D 933 52.70 14.75 25.55
N ALA D 934 53.78 15.52 25.59
CA ALA D 934 54.83 15.47 24.56
C ALA D 934 54.20 15.57 23.17
N GLY D 935 53.32 16.55 23.01
CA GLY D 935 52.47 16.62 21.84
C GLY D 935 53.20 17.11 20.60
N ASN D 936 52.63 16.75 19.46
CA ASN D 936 53.09 17.21 18.16
C ASN D 936 51.87 17.57 17.33
N VAL D 937 52.09 17.92 16.07
CA VAL D 937 50.99 18.12 15.13
C VAL D 937 50.46 16.75 14.75
N ILE D 938 49.26 16.42 15.23
CA ILE D 938 48.68 15.10 15.01
C ILE D 938 47.43 15.28 14.15
N VAL D 939 46.46 16.04 14.64
CA VAL D 939 45.30 16.47 13.86
C VAL D 939 45.13 17.96 14.08
N GLU D 940 45.10 18.72 12.99
CA GLU D 940 45.04 20.17 13.07
C GLU D 940 43.60 20.65 12.92
N ARG D 941 43.35 21.86 13.44
CA ARG D 941 42.02 22.45 13.43
C ARG D 941 41.44 22.49 12.02
N GLY D 942 40.24 21.95 11.87
CA GLY D 942 39.57 21.94 10.60
C GLY D 942 39.80 20.71 9.75
N GLN D 943 40.32 19.64 10.33
CA GLN D 943 40.57 18.42 9.56
C GLN D 943 39.30 17.60 9.42
N ASP D 944 39.30 16.70 8.43
CA ASP D 944 38.11 15.94 8.09
C ASP D 944 37.68 15.02 9.22
N LEU D 945 38.62 14.58 10.06
CA LEU D 945 38.34 13.65 11.15
C LEU D 945 37.80 12.32 10.63
N GLY D 946 38.44 11.80 9.59
CA GLY D 946 38.08 10.52 9.02
C GLY D 946 38.70 9.36 9.78
N ASP D 947 38.72 8.20 9.12
CA ASP D 947 39.27 7.01 9.77
C ASP D 947 40.77 7.11 10.01
N PRO D 948 41.60 7.53 9.05
CA PRO D 948 43.04 7.65 9.35
C PRO D 948 43.32 8.68 10.42
N GLU D 949 42.61 9.81 10.41
CA GLU D 949 42.81 10.81 11.46
C GLU D 949 42.44 10.26 12.82
N ILE D 950 41.33 9.52 12.92
CA ILE D 950 40.92 8.92 14.19
C ILE D 950 41.95 7.90 14.66
N ASP D 951 42.45 7.07 13.75
CA ASP D 951 43.42 6.04 14.13
C ASP D 951 44.71 6.68 14.63
N ALA D 952 45.24 7.64 13.86
CA ALA D 952 46.47 8.31 14.27
C ALA D 952 46.28 9.09 15.57
N LEU D 953 45.09 9.65 15.78
CA LEU D 953 44.81 10.33 17.05
C LEU D 953 44.87 9.32 18.20
N LEU D 954 44.21 8.17 18.04
CA LEU D 954 44.15 7.21 19.12
C LEU D 954 45.52 6.62 19.42
N ALA D 955 46.34 6.42 18.38
CA ALA D 955 47.66 5.81 18.58
C ALA D 955 48.58 6.72 19.39
N ALA D 956 48.51 8.03 19.16
CA ALA D 956 49.39 8.98 19.85
C ALA D 956 49.10 9.10 21.33
N GLY D 957 48.07 8.42 21.84
CA GLY D 957 47.68 8.55 23.23
C GLY D 957 46.57 9.55 23.48
N ILE D 958 45.87 9.99 22.43
CA ILE D 958 44.74 10.90 22.62
C ILE D 958 43.58 10.11 23.21
N THR D 959 42.90 10.68 24.22
CA THR D 959 41.77 10.05 24.87
C THR D 959 40.47 10.84 24.78
N GLN D 960 40.52 12.12 24.38
CA GLN D 960 39.34 12.97 24.20
C GLN D 960 39.67 14.05 23.17
N VAL D 961 38.63 14.54 22.49
CA VAL D 961 38.78 15.58 21.47
C VAL D 961 37.59 16.54 21.58
N LYS D 962 37.79 17.79 21.16
CA LYS D 962 36.72 18.79 21.14
C LYS D 962 36.51 19.27 19.71
N VAL D 963 35.36 18.95 19.14
CA VAL D 963 35.09 19.19 17.72
C VAL D 963 33.93 20.17 17.56
N ARG D 964 33.92 20.87 16.44
CA ARG D 964 32.80 21.75 16.12
C ARG D 964 31.53 20.94 15.91
N SER D 965 30.38 21.61 16.06
CA SER D 965 29.11 20.96 15.84
C SER D 965 28.07 22.00 15.48
N VAL D 966 26.92 21.50 15.00
CA VAL D 966 25.80 22.37 14.64
C VAL D 966 25.17 22.98 15.89
N LEU D 967 25.28 22.30 17.03
CA LEU D 967 24.71 22.82 18.26
C LEU D 967 25.24 24.21 18.59
N THR D 968 26.56 24.38 18.47
CA THR D 968 27.23 25.63 18.83
C THR D 968 27.52 26.51 17.63
N CYS D 969 27.00 26.18 16.45
CA CYS D 969 27.25 27.01 15.27
C CYS D 969 26.69 28.41 15.48
N ALA D 970 27.42 29.41 14.99
CA ALA D 970 27.14 30.80 15.28
C ALA D 970 26.38 31.52 14.17
N THR D 971 26.02 30.82 13.09
CA THR D 971 25.28 31.48 12.01
C THR D 971 23.96 32.03 12.50
N SER D 972 23.58 33.19 11.97
CA SER D 972 22.29 33.77 12.29
C SER D 972 21.15 32.89 11.81
N THR D 973 21.11 32.63 10.51
CA THR D 973 20.11 31.75 9.91
C THR D 973 20.83 30.61 9.20
N GLY D 974 20.43 29.39 9.51
CA GLY D 974 21.07 28.23 8.93
C GLY D 974 22.31 27.82 9.71
N VAL D 975 23.18 27.04 9.05
CA VAL D 975 24.41 26.55 9.64
C VAL D 975 25.55 26.74 8.65
N CYS D 976 26.77 26.64 9.16
CA CYS D 976 27.97 26.77 8.34
C CYS D 976 28.53 25.39 8.01
N ALA D 977 29.19 25.31 6.85
CA ALA D 977 29.67 24.02 6.36
C ALA D 977 30.69 23.41 7.30
N THR D 978 31.67 24.22 7.75
CA THR D 978 32.73 23.70 8.59
C THR D 978 32.22 23.25 9.95
N CYS D 979 31.16 23.87 10.47
CA CYS D 979 30.61 23.45 11.75
C CYS D 979 29.71 22.23 11.62
N TYR D 980 29.09 22.03 10.45
CA TYR D 980 28.26 20.85 10.26
C TYR D 980 29.11 19.60 10.08
N GLY D 981 30.23 19.72 9.37
CA GLY D 981 31.08 18.59 9.09
C GLY D 981 30.90 18.09 7.68
N ARG D 982 31.52 16.94 7.42
CA ARG D 982 31.43 16.32 6.11
C ARG D 982 30.02 15.82 5.84
N SER D 983 29.63 15.85 4.57
CA SER D 983 28.37 15.25 4.16
C SER D 983 28.52 13.74 4.10
N MET D 984 27.55 13.02 4.66
CA MET D 984 27.67 11.56 4.76
C MET D 984 27.68 10.92 3.39
N ALA D 985 26.78 11.34 2.49
CA ALA D 985 26.68 10.70 1.18
C ALA D 985 27.89 11.00 0.31
N THR D 986 28.42 12.22 0.38
CA THR D 986 29.55 12.59 -0.47
C THR D 986 30.88 12.21 0.17
N GLY D 987 30.97 12.31 1.50
CA GLY D 987 32.20 12.07 2.22
C GLY D 987 33.07 13.30 2.40
N LYS D 988 32.98 14.25 1.47
CA LYS D 988 33.72 15.50 1.55
C LYS D 988 32.94 16.49 2.42
N LEU D 989 33.47 17.70 2.53
CA LEU D 989 32.78 18.76 3.27
C LEU D 989 31.43 19.04 2.64
N VAL D 990 30.43 19.30 3.49
CA VAL D 990 29.08 19.54 3.01
C VAL D 990 29.07 20.79 2.13
N ASP D 991 28.30 20.73 1.04
CA ASP D 991 28.18 21.86 0.14
C ASP D 991 27.32 22.95 0.79
N ILE D 992 27.22 24.07 0.10
CA ILE D 992 26.48 25.22 0.63
C ILE D 992 24.99 25.04 0.43
N GLY D 993 24.58 24.65 -0.78
CA GLY D 993 23.15 24.51 -1.07
C GLY D 993 22.44 23.42 -0.30
N GLU D 994 23.18 22.53 0.36
CA GLU D 994 22.58 21.38 1.04
C GLU D 994 21.57 21.82 2.10
N ALA D 995 20.42 21.15 2.11
CA ALA D 995 19.39 21.37 3.12
C ALA D 995 19.51 20.22 4.13
N VAL D 996 20.34 20.41 5.15
CA VAL D 996 20.66 19.33 6.07
C VAL D 996 19.55 19.08 7.08
N GLY D 997 18.58 20.00 7.20
CA GLY D 997 17.46 19.74 8.08
C GLY D 997 16.60 18.58 7.59
N ILE D 998 16.34 18.54 6.29
CA ILE D 998 15.54 17.45 5.74
C ILE D 998 16.32 16.14 5.77
N VAL D 999 17.62 16.20 5.48
CA VAL D 999 18.44 15.00 5.56
C VAL D 999 18.46 14.47 6.98
N ALA D 1000 18.54 15.37 7.97
CA ALA D 1000 18.52 14.94 9.37
C ALA D 1000 17.17 14.35 9.74
N ALA D 1001 16.08 14.98 9.31
CA ALA D 1001 14.75 14.47 9.63
C ALA D 1001 14.54 13.08 9.04
N GLN D 1002 14.90 12.91 7.77
CA GLN D 1002 14.79 11.60 7.13
C GLN D 1002 15.70 10.58 7.81
N SER D 1003 16.92 10.98 8.16
CA SER D 1003 17.86 10.05 8.78
C SER D 1003 17.34 9.57 10.13
N ILE D 1004 16.68 10.45 10.87
CA ILE D 1004 16.13 10.04 12.17
C ILE D 1004 14.89 9.18 11.99
N GLY D 1005 13.99 9.59 11.09
CA GLY D 1005 12.72 8.89 10.97
C GLY D 1005 12.74 7.65 10.10
N GLU D 1006 13.83 7.38 9.38
CA GLU D 1006 13.85 6.22 8.49
C GLU D 1006 13.84 4.91 9.27
N PRO D 1007 14.75 4.66 10.23
CA PRO D 1007 14.66 3.42 11.01
C PRO D 1007 13.73 3.54 12.20
N GLY D 1008 12.58 4.18 12.00
CA GLY D 1008 11.63 4.36 13.07
C GLY D 1008 10.84 3.11 13.33
N THR D 1009 10.46 2.42 12.24
CA THR D 1009 9.72 1.18 12.33
C THR D 1009 10.51 0.05 12.95
N GLN D 1010 11.78 0.27 13.30
CA GLN D 1010 12.58 -0.74 13.98
C GLN D 1010 12.51 -0.62 15.51
N LEU D 1011 12.09 0.52 16.03
CA LEU D 1011 12.04 0.75 17.46
C LEU D 1011 10.89 -0.04 18.08
N THR D 1012 11.22 -0.94 18.99
CA THR D 1012 10.25 -1.78 19.68
C THR D 1012 10.33 -1.53 21.19
N MET D 1013 9.48 -2.24 21.94
CA MET D 1013 9.44 -2.11 23.38
C MET D 1013 10.30 -3.18 24.05
N GLY D 1027 9.79 4.04 27.31
CA GLY D 1027 10.95 3.73 26.48
C GLY D 1027 10.63 3.51 25.02
N GLY D 1028 11.69 3.44 24.20
CA GLY D 1028 11.55 3.15 22.79
C GLY D 1028 11.10 4.36 21.99
N LEU D 1029 10.23 4.12 21.02
CA LEU D 1029 9.73 5.24 20.21
C LEU D 1029 8.92 6.25 21.02
N PRO D 1030 8.05 5.87 21.96
CA PRO D 1030 7.39 6.90 22.77
C PRO D 1030 8.36 7.78 23.54
N ARG D 1031 9.50 7.25 23.98
CA ARG D 1031 10.49 8.08 24.66
C ARG D 1031 11.14 9.08 23.71
N VAL D 1032 11.42 8.65 22.47
CA VAL D 1032 11.95 9.57 21.47
C VAL D 1032 10.96 10.69 21.21
N GLN D 1033 9.67 10.36 21.12
CA GLN D 1033 8.65 11.38 20.93
C GLN D 1033 8.56 12.31 22.13
N GLU D 1034 8.64 11.74 23.34
CA GLU D 1034 8.59 12.54 24.56
C GLU D 1034 9.75 13.53 24.63
N LEU D 1035 10.93 13.11 24.15
CA LEU D 1035 12.07 14.00 24.16
C LEU D 1035 11.94 15.08 23.10
N PHE D 1036 11.55 14.72 21.88
CA PHE D 1036 11.46 15.70 20.82
C PHE D 1036 10.33 16.71 21.05
N GLU D 1037 9.26 16.28 21.72
CA GLU D 1037 8.17 17.19 22.02
C GLU D 1037 8.42 18.00 23.29
N ALA D 1038 9.54 17.76 23.98
CA ALA D 1038 9.93 18.52 25.16
C ALA D 1038 8.85 18.45 26.25
N ARG D 1039 8.23 17.29 26.38
CA ARG D 1039 7.22 17.11 27.41
C ARG D 1039 7.87 16.82 28.76
N VAL D 1040 7.14 17.13 29.82
CA VAL D 1040 7.57 16.76 31.17
C VAL D 1040 7.53 15.24 31.27
N PRO D 1041 8.68 14.59 31.45
CA PRO D 1041 8.72 13.13 31.34
C PRO D 1041 7.90 12.44 32.42
N ARG D 1042 7.56 11.18 32.13
CA ARG D 1042 6.75 10.39 33.06
C ARG D 1042 7.56 9.91 34.26
N GLY D 1043 8.86 9.67 34.08
CA GLY D 1043 9.68 9.28 35.22
C GLY D 1043 9.84 10.39 36.23
N LYS D 1044 10.03 11.63 35.75
CA LYS D 1044 10.10 12.82 36.60
C LYS D 1044 11.20 12.68 37.65
N ALA D 1045 12.42 12.39 37.19
CA ALA D 1045 13.57 12.29 38.09
C ALA D 1045 14.16 13.67 38.28
N PRO D 1046 14.05 14.28 39.46
CA PRO D 1046 14.52 15.65 39.64
C PRO D 1046 16.04 15.73 39.75
N ILE D 1047 16.55 16.88 39.33
CA ILE D 1047 17.97 17.16 39.41
C ILE D 1047 18.22 18.12 40.56
N ALA D 1048 19.49 18.34 40.88
CA ALA D 1048 19.87 19.28 41.91
C ALA D 1048 19.72 20.71 41.41
N ASP D 1049 19.30 21.62 42.29
CA ASP D 1049 19.19 23.02 41.94
C ASP D 1049 20.45 23.80 42.26
N VAL D 1050 21.22 23.35 43.26
CA VAL D 1050 22.40 24.08 43.71
C VAL D 1050 23.32 23.09 44.40
N THR D 1051 24.63 23.37 44.35
CA THR D 1051 25.61 22.57 45.07
C THR D 1051 25.42 22.70 46.57
N GLY D 1052 25.87 21.69 47.30
CA GLY D 1052 25.88 21.75 48.75
C GLY D 1052 25.57 20.40 49.36
N ARG D 1053 25.23 20.47 50.65
CA ARG D 1053 24.92 19.27 51.43
C ARG D 1053 23.50 18.79 51.14
N VAL D 1054 23.31 17.48 51.24
CA VAL D 1054 22.01 16.85 51.01
C VAL D 1054 21.54 16.21 52.31
N ARG D 1055 20.24 16.33 52.58
CA ARG D 1055 19.59 15.65 53.68
C ARG D 1055 18.51 14.74 53.10
N LEU D 1056 18.70 13.43 53.28
CA LEU D 1056 17.78 12.42 52.76
C LEU D 1056 16.78 12.06 53.86
N GLU D 1057 15.53 12.41 53.66
CA GLU D 1057 14.49 12.08 54.62
C GLU D 1057 14.02 10.64 54.43
N ASP D 1058 13.67 9.99 55.54
CA ASP D 1058 13.17 8.64 55.53
C ASP D 1058 11.68 8.63 55.86
N GLY D 1059 10.93 7.82 55.11
CA GLY D 1059 9.51 7.71 55.32
C GLY D 1059 8.95 6.56 54.52
N GLU D 1060 7.88 5.96 55.01
CA GLU D 1060 7.27 4.82 54.33
C GLU D 1060 6.64 5.28 53.02
N ARG D 1061 7.10 4.69 51.92
CA ARG D 1061 6.63 4.90 50.55
C ARG D 1061 6.97 6.28 49.99
N PHE D 1062 7.65 7.15 50.75
CA PHE D 1062 7.94 8.51 50.28
C PHE D 1062 9.33 8.94 50.70
N TYR D 1063 10.05 9.56 49.76
CA TYR D 1063 11.32 10.23 50.01
C TYR D 1063 11.13 11.73 49.96
N LYS D 1064 11.89 12.44 50.80
CA LYS D 1064 11.96 13.89 50.78
C LYS D 1064 13.41 14.31 50.82
N ILE D 1065 13.77 15.33 50.04
CA ILE D 1065 15.17 15.73 49.92
C ILE D 1065 15.29 17.21 50.29
N THR D 1066 16.26 17.53 51.14
CA THR D 1066 16.49 18.92 51.55
C THR D 1066 17.93 19.29 51.24
N ILE D 1067 18.13 20.19 50.28
CA ILE D 1067 19.47 20.61 49.88
C ILE D 1067 19.81 21.93 50.57
N VAL D 1068 20.93 21.92 51.29
CA VAL D 1068 21.49 23.11 51.94
C VAL D 1068 22.65 23.59 51.06
N PRO D 1069 22.55 24.77 50.45
CA PRO D 1069 23.63 25.23 49.58
C PRO D 1069 24.89 25.54 50.36
N ASP D 1070 26.05 25.26 49.73
CA ASP D 1070 27.32 25.49 50.42
C ASP D 1070 27.59 26.98 50.63
N ASP D 1071 27.11 27.83 49.71
CA ASP D 1071 27.28 29.26 49.90
C ASP D 1071 26.54 29.75 51.13
N GLY D 1072 25.47 29.07 51.52
CA GLY D 1072 24.63 29.49 52.63
C GLY D 1072 23.34 30.18 52.24
N GLY D 1073 22.99 30.19 50.96
CA GLY D 1073 21.74 30.77 50.50
C GLY D 1073 20.52 30.07 51.06
N GLU D 1074 19.32 30.53 50.73
CA GLU D 1074 18.12 29.89 51.26
C GLU D 1074 18.10 28.42 50.87
N GLU D 1075 17.71 27.58 51.82
CA GLU D 1075 17.57 26.15 51.58
C GLU D 1075 16.67 25.90 50.39
N VAL D 1076 16.87 24.77 49.71
CA VAL D 1076 15.92 24.35 48.68
C VAL D 1076 15.43 22.96 49.06
N VAL D 1077 14.16 22.69 48.77
CA VAL D 1077 13.52 21.46 49.23
C VAL D 1077 12.82 20.79 48.05
N TYR D 1078 13.17 19.53 47.79
CA TYR D 1078 12.40 18.68 46.89
C TYR D 1078 11.42 17.90 47.73
N ASP D 1079 10.13 18.12 47.47
CA ASP D 1079 9.08 17.91 48.45
C ASP D 1079 8.85 16.44 48.76
N LYS D 1080 8.60 15.63 47.73
CA LYS D 1080 8.24 14.24 47.96
C LYS D 1080 8.55 13.43 46.71
N ILE D 1081 9.05 12.21 46.92
CA ILE D 1081 9.31 11.24 45.86
C ILE D 1081 8.88 9.87 46.37
N SER D 1082 8.05 9.17 45.59
CA SER D 1082 7.55 7.87 45.99
C SER D 1082 8.66 6.83 45.99
N LYS D 1083 8.60 5.89 46.94
CA LYS D 1083 9.58 4.82 47.04
C LYS D 1083 9.63 3.95 45.79
N ARG D 1084 8.63 4.07 44.91
CA ARG D 1084 8.72 3.44 43.59
C ARG D 1084 9.95 3.93 42.84
N GLN D 1085 10.26 5.22 42.97
CA GLN D 1085 11.52 5.74 42.46
C GLN D 1085 12.68 5.27 43.34
N ARG D 1086 13.85 5.16 42.74
CA ARG D 1086 15.05 4.70 43.44
C ARG D 1086 16.14 5.74 43.35
N LEU D 1087 16.94 5.84 44.41
CA LEU D 1087 17.98 6.85 44.50
C LEU D 1087 19.02 6.67 43.40
N ARG D 1088 19.58 7.80 42.94
CA ARG D 1088 20.57 7.78 41.88
C ARG D 1088 21.80 6.99 42.32
N VAL D 1089 22.41 6.27 41.38
CA VAL D 1089 23.49 5.35 41.71
C VAL D 1089 24.76 6.09 42.08
N PHE D 1090 24.96 7.29 41.55
CA PHE D 1090 26.22 8.02 41.69
C PHE D 1090 26.06 9.21 42.64
N LYS D 1091 26.89 9.24 43.68
CA LYS D 1091 26.92 10.32 44.66
C LYS D 1091 28.36 10.61 45.07
N HIS D 1092 29.26 10.67 44.07
CA HIS D 1092 30.69 10.69 44.32
C HIS D 1092 31.33 11.94 43.75
N GLU D 1093 31.76 12.86 44.63
CA GLU D 1093 32.76 13.86 44.24
C GLU D 1093 34.06 13.65 45.01
N ASP D 1094 33.98 13.59 46.34
CA ASP D 1094 35.09 13.14 47.17
C ASP D 1094 34.71 11.98 48.07
N GLY D 1095 33.45 11.54 48.03
CA GLY D 1095 32.94 10.49 48.89
C GLY D 1095 32.61 9.20 48.16
N SER D 1096 31.48 8.60 48.52
CA SER D 1096 31.16 7.26 48.03
C SER D 1096 30.70 7.26 46.58
N GLU D 1097 31.23 6.30 45.81
CA GLU D 1097 30.85 6.10 44.43
C GLU D 1097 29.60 5.23 44.28
N ARG D 1098 28.99 4.83 45.39
CA ARG D 1098 27.82 3.98 45.39
C ARG D 1098 26.54 4.81 45.53
N VAL D 1099 25.43 4.11 45.76
CA VAL D 1099 24.11 4.74 45.79
C VAL D 1099 24.09 5.95 46.72
N LEU D 1100 23.35 6.98 46.32
CA LEU D 1100 23.23 8.19 47.10
C LEU D 1100 22.76 7.88 48.52
N SER D 1101 23.50 8.38 49.50
CA SER D 1101 23.17 8.27 50.91
C SER D 1101 23.02 9.66 51.50
N ASP D 1102 22.69 9.72 52.79
CA ASP D 1102 22.51 10.99 53.45
C ASP D 1102 23.86 11.67 53.69
N GLY D 1103 23.85 13.00 53.61
CA GLY D 1103 25.03 13.79 53.87
C GLY D 1103 26.04 13.86 52.74
N ASP D 1104 25.77 13.25 51.59
CA ASP D 1104 26.70 13.29 50.48
C ASP D 1104 26.82 14.72 49.93
N HIS D 1105 27.87 14.94 49.15
CA HIS D 1105 28.07 16.22 48.47
C HIS D 1105 27.49 16.13 47.06
N VAL D 1106 26.67 17.11 46.70
CA VAL D 1106 25.94 17.11 45.44
C VAL D 1106 26.41 18.30 44.61
N GLU D 1107 26.65 18.06 43.32
CA GLU D 1107 27.03 19.11 42.39
C GLU D 1107 25.77 19.85 41.93
N VAL D 1108 25.92 20.72 40.93
CA VAL D 1108 24.77 21.49 40.44
C VAL D 1108 23.82 20.60 39.65
N GLY D 1109 24.36 19.80 38.74
CA GLY D 1109 23.55 19.03 37.81
C GLY D 1109 23.44 17.55 38.09
N GLN D 1110 23.88 17.08 39.25
CA GLN D 1110 23.83 15.66 39.54
C GLN D 1110 22.38 15.23 39.79
N GLN D 1111 21.93 14.23 39.03
CA GLN D 1111 20.57 13.73 39.17
C GLN D 1111 20.38 13.08 40.53
N LEU D 1112 19.21 13.29 41.12
CA LEU D 1112 18.93 12.83 42.47
C LEU D 1112 18.23 11.48 42.53
N MET D 1113 17.60 11.05 41.44
CA MET D 1113 16.85 9.80 41.42
C MET D 1113 17.16 9.04 40.14
N GLU D 1114 17.10 7.71 40.22
CA GLU D 1114 17.21 6.90 39.02
C GLU D 1114 15.94 7.02 38.20
N GLY D 1115 16.07 7.48 36.96
CA GLY D 1115 14.91 7.66 36.11
C GLY D 1115 15.22 8.62 34.96
N SER D 1116 14.19 9.31 34.51
CA SER D 1116 14.28 10.24 33.38
C SER D 1116 14.20 11.67 33.89
N ALA D 1117 15.20 12.47 33.55
CA ALA D 1117 15.25 13.86 33.99
C ALA D 1117 14.37 14.75 33.11
N ASP D 1118 13.90 15.85 33.71
CA ASP D 1118 13.09 16.82 32.99
C ASP D 1118 13.99 17.79 32.25
N PRO D 1119 13.90 17.87 30.92
CA PRO D 1119 14.81 18.76 30.17
C PRO D 1119 14.61 20.25 30.46
N HIS D 1120 13.42 20.66 30.91
CA HIS D 1120 13.24 22.06 31.30
C HIS D 1120 14.07 22.41 32.53
N GLU D 1121 14.09 21.51 33.52
CA GLU D 1121 14.90 21.72 34.70
C GLU D 1121 16.38 21.77 34.35
N VAL D 1122 16.83 20.84 33.50
CA VAL D 1122 18.21 20.86 33.03
C VAL D 1122 18.51 22.18 32.32
N LEU D 1123 17.57 22.65 31.50
CA LEU D 1123 17.76 23.90 30.79
C LEU D 1123 17.99 25.05 31.76
N ARG D 1124 17.06 25.24 32.71
CA ARG D 1124 17.15 26.41 33.57
C ARG D 1124 18.29 26.31 34.58
N VAL D 1125 18.65 25.09 35.01
CA VAL D 1125 19.68 24.95 36.02
C VAL D 1125 21.07 25.00 35.40
N GLN D 1126 21.31 24.17 34.39
CA GLN D 1126 22.64 24.00 33.82
C GLN D 1126 22.87 24.79 32.53
N GLY D 1127 21.86 25.48 32.03
CA GLY D 1127 22.02 26.33 30.88
C GLY D 1127 21.59 25.67 29.58
N PRO D 1128 21.48 26.47 28.51
CA PRO D 1128 21.06 25.90 27.22
C PRO D 1128 22.13 25.04 26.57
N ARG D 1129 23.40 25.30 26.85
CA ARG D 1129 24.45 24.51 26.22
C ARG D 1129 24.46 23.07 26.72
N GLU D 1130 23.91 22.83 27.90
CA GLU D 1130 23.91 21.50 28.49
C GLU D 1130 22.65 20.69 28.15
N VAL D 1131 21.51 21.36 28.05
CA VAL D 1131 20.26 20.66 27.73
C VAL D 1131 20.33 20.06 26.34
N GLN D 1132 21.07 20.69 25.42
CA GLN D 1132 21.26 20.12 24.09
C GLN D 1132 22.02 18.80 24.18
N ILE D 1133 23.10 18.77 24.96
CA ILE D 1133 23.84 17.53 25.17
C ILE D 1133 22.93 16.47 25.78
N HIS D 1134 22.13 16.87 26.77
CA HIS D 1134 21.23 15.92 27.44
C HIS D 1134 20.26 15.30 26.46
N LEU D 1135 19.58 16.13 25.67
CA LEU D 1135 18.60 15.62 24.71
C LEU D 1135 19.26 14.76 23.65
N VAL D 1136 20.42 15.19 23.14
CA VAL D 1136 21.11 14.44 22.09
C VAL D 1136 21.48 13.05 22.61
N ARG D 1137 22.07 12.99 23.81
CA ARG D 1137 22.51 11.69 24.30
C ARG D 1137 21.33 10.80 24.68
N GLU D 1138 20.23 11.37 25.18
CA GLU D 1138 19.06 10.54 25.49
C GLU D 1138 18.45 9.96 24.22
N VAL D 1139 18.23 10.80 23.20
CA VAL D 1139 17.66 10.33 21.94
C VAL D 1139 18.57 9.29 21.30
N GLN D 1140 19.86 9.61 21.18
CA GLN D 1140 20.81 8.67 20.59
C GLN D 1140 20.92 7.39 21.40
N GLU D 1141 20.69 7.45 22.71
CA GLU D 1141 20.75 6.26 23.53
C GLU D 1141 19.54 5.36 23.27
N VAL D 1142 18.36 5.95 23.12
CA VAL D 1142 17.19 5.15 22.76
C VAL D 1142 17.39 4.53 21.38
N TYR D 1143 17.93 5.28 20.43
CA TYR D 1143 18.17 4.73 19.10
C TYR D 1143 19.27 3.68 19.09
N ARG D 1144 20.23 3.79 20.00
CA ARG D 1144 21.29 2.79 20.11
C ARG D 1144 20.83 1.54 20.83
N ALA D 1145 19.78 1.64 21.67
CA ALA D 1145 19.26 0.47 22.34
C ALA D 1145 18.79 -0.59 21.34
N GLN D 1146 18.27 -0.15 20.19
CA GLN D 1146 17.86 -1.05 19.13
C GLN D 1146 18.94 -1.29 18.09
N GLY D 1147 20.16 -0.80 18.33
CA GLY D 1147 21.25 -1.01 17.41
C GLY D 1147 21.11 -0.23 16.12
N VAL D 1148 20.81 1.06 16.22
CA VAL D 1148 20.60 1.92 15.07
C VAL D 1148 21.73 2.95 15.03
N SER D 1149 22.43 3.02 13.90
CA SER D 1149 23.53 3.96 13.73
C SER D 1149 22.99 5.24 13.11
N ILE D 1150 22.79 6.26 13.93
CA ILE D 1150 22.41 7.59 13.49
C ILE D 1150 23.46 8.55 14.00
N HIS D 1151 24.19 9.18 13.07
CA HIS D 1151 25.22 10.12 13.47
C HIS D 1151 24.61 11.27 14.25
N ASP D 1152 25.35 11.76 15.23
CA ASP D 1152 24.80 12.73 16.18
C ASP D 1152 24.42 14.04 15.49
N LYS D 1153 25.12 14.41 14.40
CA LYS D 1153 24.89 15.71 13.79
C LYS D 1153 23.44 15.90 13.36
N HIS D 1154 22.74 14.82 13.01
CA HIS D 1154 21.34 14.94 12.64
C HIS D 1154 20.47 15.31 13.84
N ILE D 1155 20.63 14.58 14.94
CA ILE D 1155 19.87 14.91 16.15
C ILE D 1155 20.25 16.30 16.64
N GLU D 1156 21.49 16.71 16.40
CA GLU D 1156 21.89 18.07 16.76
C GLU D 1156 21.19 19.11 15.91
N VAL D 1157 21.08 18.86 14.61
CA VAL D 1157 20.32 19.74 13.72
C VAL D 1157 18.89 19.88 14.22
N ILE D 1158 18.30 18.78 14.68
CA ILE D 1158 16.92 18.86 15.15
C ILE D 1158 16.84 19.60 16.48
N VAL D 1159 17.74 19.30 17.42
CA VAL D 1159 17.69 19.92 18.75
C VAL D 1159 17.93 21.42 18.64
N ARG D 1160 18.85 21.84 17.75
CA ARG D 1160 19.15 23.25 17.57
C ARG D 1160 17.90 24.06 17.29
N GLN D 1161 16.95 23.49 16.56
CA GLN D 1161 15.71 24.20 16.30
C GLN D 1161 14.86 24.36 17.56
N MET D 1162 14.99 23.43 18.51
CA MET D 1162 14.15 23.49 19.71
C MET D 1162 14.47 24.70 20.57
N LEU D 1163 15.73 25.12 20.60
CA LEU D 1163 16.20 26.27 21.38
C LEU D 1163 16.62 27.37 20.41
N ARG D 1164 15.65 28.14 19.93
CA ARG D 1164 15.93 29.34 19.14
C ARG D 1164 15.15 30.56 19.61
N ARG D 1165 14.19 30.39 20.52
CA ARG D 1165 13.40 31.49 21.02
C ARG D 1165 13.62 31.62 22.53
N VAL D 1166 13.33 32.81 23.04
CA VAL D 1166 13.40 33.09 24.47
C VAL D 1166 12.07 33.67 24.91
N THR D 1167 11.61 33.26 26.09
CA THR D 1167 10.41 33.85 26.66
C THR D 1167 10.76 35.19 27.31
N ILE D 1168 9.73 35.98 27.61
CA ILE D 1168 9.91 37.35 28.08
C ILE D 1168 9.19 37.50 29.41
N ILE D 1169 9.92 37.88 30.44
CA ILE D 1169 9.35 38.09 31.78
C ILE D 1169 8.93 39.55 31.91
N ASP D 1170 9.89 40.46 31.79
CA ASP D 1170 9.63 41.90 31.79
C ASP D 1170 10.10 42.45 30.45
N SER D 1171 9.14 42.85 29.61
CA SER D 1171 9.49 43.38 28.29
C SER D 1171 10.32 44.65 28.41
N GLY D 1172 10.07 45.44 29.44
CA GLY D 1172 10.87 46.64 29.65
C GLY D 1172 10.53 47.72 28.65
N SER D 1173 11.54 48.24 27.97
CA SER D 1173 11.35 49.41 27.12
C SER D 1173 10.67 49.04 25.81
N THR D 1174 11.09 47.96 25.17
CA THR D 1174 10.60 47.61 23.85
C THR D 1174 9.14 47.12 23.93
N GLU D 1175 8.56 46.93 22.75
CA GLU D 1175 7.16 46.52 22.61
C GLU D 1175 7.13 45.00 22.43
N PHE D 1176 6.98 44.28 23.54
CA PHE D 1176 6.85 42.83 23.53
C PHE D 1176 5.76 42.43 24.50
N LEU D 1177 5.19 41.27 24.27
CA LEU D 1177 4.21 40.76 25.23
C LEU D 1177 4.90 39.82 26.21
N PRO D 1178 4.77 40.03 27.51
CA PRO D 1178 5.43 39.14 28.48
C PRO D 1178 4.89 37.71 28.38
N GLY D 1179 5.81 36.75 28.53
CA GLY D 1179 5.48 35.35 28.38
C GLY D 1179 5.48 34.86 26.95
N SER D 1180 5.51 35.75 25.96
CA SER D 1180 5.52 35.35 24.57
C SER D 1180 6.92 34.92 24.14
N LEU D 1181 6.97 34.00 23.18
CA LEU D 1181 8.23 33.47 22.68
C LEU D 1181 8.66 34.23 21.44
N ILE D 1182 9.87 34.76 21.46
CA ILE D 1182 10.42 35.55 20.38
C ILE D 1182 11.76 34.96 19.97
N ASP D 1183 12.03 34.94 18.67
CA ASP D 1183 13.30 34.44 18.16
C ASP D 1183 14.46 35.20 18.80
N ARG D 1184 15.51 34.45 19.15
CA ARG D 1184 16.63 35.04 19.89
C ARG D 1184 17.31 36.14 19.09
N ALA D 1185 17.56 35.90 17.80
CA ALA D 1185 18.21 36.91 16.97
C ALA D 1185 17.34 38.15 16.84
N GLU D 1186 16.05 37.97 16.56
CA GLU D 1186 15.15 39.11 16.43
C GLU D 1186 14.97 39.83 17.76
N PHE D 1187 14.90 39.08 18.86
CA PHE D 1187 14.79 39.69 20.19
C PHE D 1187 16.01 40.57 20.48
N GLU D 1188 17.21 40.05 20.24
CA GLU D 1188 18.42 40.83 20.47
C GLU D 1188 18.50 42.04 19.54
N ALA D 1189 18.13 41.86 18.26
CA ALA D 1189 18.18 42.97 17.32
C ALA D 1189 17.21 44.08 17.73
N GLU D 1190 16.01 43.71 18.14
CA GLU D 1190 15.09 44.75 18.53
C GLU D 1190 15.74 45.39 19.73
N ASN D 1191 16.32 44.58 20.59
CA ASN D 1191 16.98 45.08 21.78
C ASN D 1191 18.09 46.07 21.41
N ARG D 1192 18.76 45.81 20.29
CA ARG D 1192 19.82 46.68 19.83
C ARG D 1192 19.29 48.08 19.54
N ARG D 1193 18.12 48.14 18.92
CA ARG D 1193 17.48 49.41 18.58
C ARG D 1193 17.17 50.17 19.86
N VAL D 1194 16.75 49.44 20.88
CA VAL D 1194 16.41 50.02 22.17
C VAL D 1194 17.66 50.53 22.87
N VAL D 1195 17.47 51.49 23.77
CA VAL D 1195 18.55 52.12 24.52
C VAL D 1195 19.17 53.24 23.70
N ALA D 1196 18.56 53.51 22.55
CA ALA D 1196 19.03 54.57 21.67
C ALA D 1196 18.10 55.77 21.78
N ALA D 1202 13.38 43.89 29.18
CA ALA D 1202 13.82 42.98 28.12
C ALA D 1202 14.46 41.73 28.72
N ALA D 1203 13.79 41.14 29.71
CA ALA D 1203 14.31 39.96 30.41
C ALA D 1203 13.80 38.71 29.70
N GLY D 1204 14.67 38.12 28.89
CA GLY D 1204 14.36 36.88 28.21
C GLY D 1204 15.03 35.69 28.88
N ARG D 1205 14.42 34.52 28.68
CA ARG D 1205 14.91 33.28 29.26
C ARG D 1205 14.86 32.20 28.18
N PRO D 1206 15.94 31.46 27.97
CA PRO D 1206 15.91 30.36 27.00
C PRO D 1206 14.82 29.37 27.34
N VAL D 1207 14.05 28.97 26.33
CA VAL D 1207 12.93 28.05 26.51
C VAL D 1207 13.12 26.86 25.58
N LEU D 1208 12.84 25.68 26.12
CA LEU D 1208 12.84 24.44 25.35
C LEU D 1208 11.38 24.14 24.96
N MET D 1209 11.11 24.05 23.67
CA MET D 1209 9.77 23.82 23.16
C MET D 1209 9.78 22.67 22.17
N GLY D 1210 8.65 21.97 22.10
CA GLY D 1210 8.56 20.81 21.24
C GLY D 1210 8.59 21.16 19.76
N ILE D 1211 8.82 20.13 18.95
CA ILE D 1211 8.94 20.34 17.51
C ILE D 1211 7.61 20.83 16.93
N THR D 1212 6.49 20.33 17.46
CA THR D 1212 5.18 20.81 17.01
C THR D 1212 5.01 22.29 17.33
N LYS D 1213 5.31 22.68 18.57
CA LYS D 1213 5.13 24.07 18.98
C LYS D 1213 6.09 24.99 18.24
N ALA D 1214 7.33 24.54 18.02
CA ALA D 1214 8.27 25.33 17.25
C ALA D 1214 7.88 25.43 15.79
N SER D 1215 7.15 24.42 15.29
CA SER D 1215 6.70 24.43 13.91
C SER D 1215 5.52 25.38 13.71
N LEU D 1216 4.58 25.37 14.64
CA LEU D 1216 3.41 26.25 14.53
C LEU D 1216 3.78 27.71 14.78
N ALA D 1217 4.89 27.98 15.47
CA ALA D 1217 5.29 29.33 15.81
C ALA D 1217 6.17 29.98 14.75
N THR D 1218 6.29 29.38 13.57
CA THR D 1218 7.15 29.94 12.54
C THR D 1218 6.56 31.23 11.99
N ASP D 1219 7.43 32.03 11.36
CA ASP D 1219 7.03 33.34 10.85
C ASP D 1219 6.15 33.25 9.62
N SER D 1220 6.11 32.10 8.96
CA SER D 1220 5.34 31.92 7.73
C SER D 1220 3.98 31.33 8.08
N TRP D 1221 2.92 32.15 7.97
CA TRP D 1221 1.58 31.65 8.24
C TRP D 1221 1.18 30.56 7.25
N LEU D 1222 1.70 30.62 6.02
CA LEU D 1222 1.37 29.61 5.02
C LEU D 1222 1.94 28.25 5.42
N SER D 1223 3.20 28.21 5.83
CA SER D 1223 3.82 26.97 6.27
C SER D 1223 3.08 26.39 7.46
N ALA D 1224 2.79 27.21 8.47
CA ALA D 1224 2.10 26.73 9.66
C ALA D 1224 0.69 26.26 9.31
N ALA D 1225 0.03 26.93 8.37
CA ALA D 1225 -1.32 26.52 7.99
C ALA D 1225 -1.30 25.20 7.24
N SER D 1226 -0.27 24.97 6.43
CA SER D 1226 -0.16 23.71 5.71
C SER D 1226 0.27 22.57 6.62
N PHE D 1227 0.97 22.87 7.72
CA PHE D 1227 1.50 21.80 8.56
C PHE D 1227 0.42 21.14 9.39
N GLN D 1228 -0.23 21.89 10.28
CA GLN D 1228 -1.07 21.25 11.29
C GLN D 1228 -1.97 22.30 11.94
N GLU D 1229 -3.19 21.87 12.29
CA GLU D 1229 -4.19 22.71 12.94
C GLU D 1229 -4.48 23.95 12.09
N THR D 1230 -5.00 23.67 10.89
CA THR D 1230 -5.14 24.72 9.87
C THR D 1230 -6.13 25.79 10.32
N THR D 1231 -7.25 25.39 10.93
CA THR D 1231 -8.29 26.36 11.27
C THR D 1231 -7.79 27.38 12.29
N ARG D 1232 -7.18 26.92 13.37
CA ARG D 1232 -6.67 27.83 14.39
C ARG D 1232 -5.58 28.74 13.84
N VAL D 1233 -4.66 28.16 13.06
CA VAL D 1233 -3.60 28.96 12.47
C VAL D 1233 -4.18 30.05 11.59
N LEU D 1234 -5.16 29.71 10.76
CA LEU D 1234 -5.75 30.70 9.86
C LEU D 1234 -6.50 31.77 10.64
N THR D 1235 -7.22 31.39 11.68
CA THR D 1235 -7.92 32.39 12.51
C THR D 1235 -6.93 33.39 13.10
N ASP D 1236 -5.92 32.88 13.80
CA ASP D 1236 -4.95 33.76 14.45
C ASP D 1236 -4.18 34.60 13.43
N ALA D 1237 -3.88 34.03 12.26
CA ALA D 1237 -3.16 34.77 11.24
C ALA D 1237 -4.03 35.84 10.62
N ALA D 1238 -5.35 35.63 10.57
CA ALA D 1238 -6.24 36.67 10.08
C ALA D 1238 -6.37 37.80 11.09
N ILE D 1239 -6.42 37.46 12.39
CA ILE D 1239 -6.53 38.49 13.42
C ILE D 1239 -5.29 39.37 13.42
N ASN D 1240 -4.11 38.76 13.49
CA ASN D 1240 -2.86 39.53 13.55
C ASN D 1240 -2.50 40.17 12.22
N CYS D 1241 -3.26 39.90 11.15
CA CYS D 1241 -3.01 40.50 9.84
C CYS D 1241 -1.59 40.21 9.36
N ARG D 1242 -1.19 38.95 9.48
CA ARG D 1242 0.18 38.56 9.16
C ARG D 1242 0.43 38.62 7.67
N SER D 1243 1.71 38.79 7.31
CA SER D 1243 2.15 38.83 5.92
C SER D 1243 3.32 37.88 5.76
N ASP D 1244 3.14 36.81 4.98
CA ASP D 1244 4.17 35.81 4.79
C ASP D 1244 5.25 36.33 3.84
N LYS D 1245 6.50 36.29 4.28
CA LYS D 1245 7.61 36.74 3.46
C LYS D 1245 7.91 35.78 2.31
N LEU D 1246 7.29 34.60 2.28
CA LEU D 1246 7.54 33.58 1.27
C LEU D 1246 9.03 33.23 1.22
N ASN D 1247 9.59 32.94 2.40
CA ASN D 1247 11.03 32.70 2.55
C ASN D 1247 11.37 31.21 2.56
N GLY D 1248 10.71 30.44 3.42
CA GLY D 1248 11.05 29.03 3.60
C GLY D 1248 10.82 28.20 2.34
N LEU D 1249 11.31 26.96 2.41
CA LEU D 1249 11.25 26.05 1.27
C LEU D 1249 9.81 25.67 0.92
N LYS D 1250 9.08 25.17 1.92
CA LYS D 1250 7.72 24.69 1.69
C LYS D 1250 6.82 25.78 1.11
N GLU D 1251 7.09 27.04 1.44
CA GLU D 1251 6.30 28.14 0.88
C GLU D 1251 6.51 28.24 -0.62
N ASN D 1252 7.77 28.20 -1.07
CA ASN D 1252 8.08 28.22 -2.49
C ASN D 1252 7.53 26.98 -3.19
N VAL D 1253 7.50 25.84 -2.48
CA VAL D 1253 6.85 24.65 -3.03
C VAL D 1253 5.37 24.92 -3.27
N ILE D 1254 4.72 25.59 -2.32
CA ILE D 1254 3.28 25.85 -2.44
C ILE D 1254 3.01 26.80 -3.60
N ILE D 1255 3.78 27.88 -3.69
CA ILE D 1255 3.54 28.88 -4.74
C ILE D 1255 4.26 28.55 -6.04
N GLY D 1256 4.96 27.43 -6.11
CA GLY D 1256 5.62 27.03 -7.34
C GLY D 1256 6.91 27.77 -7.65
N LYS D 1257 7.47 28.50 -6.70
CA LYS D 1257 8.74 29.18 -6.92
C LYS D 1257 9.90 28.22 -6.71
N LEU D 1258 11.02 28.52 -7.36
CA LEU D 1258 12.23 27.73 -7.16
C LEU D 1258 12.65 27.79 -5.69
N ILE D 1259 12.85 26.61 -5.10
CA ILE D 1259 13.08 26.51 -3.66
C ILE D 1259 14.42 27.16 -3.31
N PRO D 1260 14.57 27.72 -2.10
CA PRO D 1260 15.81 28.38 -1.70
C PRO D 1260 16.83 27.41 -1.09
N ALA D 1261 17.17 26.36 -1.84
CA ALA D 1261 18.16 25.39 -1.39
C ALA D 1261 18.71 24.67 -2.61
N GLY D 1262 19.95 24.22 -2.49
CA GLY D 1262 20.57 23.50 -3.59
C GLY D 1262 20.72 24.36 -4.83
N THR D 1263 20.27 23.84 -5.97
CA THR D 1263 20.41 24.53 -7.24
C THR D 1263 19.57 25.80 -7.32
N GLY D 1264 18.61 25.99 -6.41
CA GLY D 1264 17.79 27.19 -6.40
C GLY D 1264 18.37 28.37 -5.68
N ILE D 1265 19.56 28.22 -5.09
CA ILE D 1265 20.19 29.33 -4.37
C ILE D 1265 20.75 30.32 -5.38
N ASN D 1266 20.60 31.62 -5.06
CA ASN D 1266 21.04 32.68 -5.96
C ASN D 1266 22.52 32.56 -6.33
N ARG D 1267 23.33 31.99 -5.45
CA ARG D 1267 24.73 31.77 -5.77
C ARG D 1267 24.90 30.87 -6.99
N TYR D 1268 24.17 29.76 -7.02
CA TYR D 1268 24.24 28.83 -8.15
C TYR D 1268 23.27 29.17 -9.26
N ARG D 1269 22.11 29.73 -8.92
CA ARG D 1269 21.04 29.92 -9.89
C ARG D 1269 21.43 30.92 -10.98
N ASN D 1270 22.14 31.98 -10.61
CA ASN D 1270 22.46 33.07 -11.52
C ASN D 1270 23.83 32.93 -12.16
N ILE D 1271 24.42 31.74 -12.15
CA ILE D 1271 25.76 31.55 -12.70
C ILE D 1271 25.77 31.91 -14.18
N ALA D 1272 26.78 32.67 -14.59
CA ALA D 1272 26.97 33.02 -15.99
C ALA D 1272 27.93 32.03 -16.65
N VAL D 1273 27.60 31.64 -17.88
CA VAL D 1273 28.35 30.62 -18.61
C VAL D 1273 28.67 31.16 -20.00
N GLN D 1274 29.96 31.28 -20.30
CA GLN D 1274 30.40 31.77 -21.59
C GLN D 1274 31.68 31.05 -21.97
N PRO D 1275 31.91 30.80 -23.26
CA PRO D 1275 33.15 30.11 -23.65
C PRO D 1275 34.34 31.05 -23.58
N THR D 1276 35.48 30.49 -23.18
CA THR D 1276 36.71 31.27 -23.09
C THR D 1276 37.14 31.74 -24.48
N GLU D 1277 37.83 32.88 -24.51
CA GLU D 1277 38.30 33.43 -25.78
C GLU D 1277 39.31 32.51 -26.46
N GLU D 1278 40.12 31.80 -25.68
CA GLU D 1278 41.09 30.86 -26.26
C GLU D 1278 40.39 29.75 -27.01
N ALA D 1279 39.31 29.21 -26.44
CA ALA D 1279 38.51 28.21 -27.14
C ALA D 1279 37.59 28.85 -28.18
N ARG D 1280 37.15 30.09 -27.93
CA ARG D 1280 36.31 30.79 -28.91
C ARG D 1280 37.07 31.02 -30.22
N ALA D 1281 38.40 31.15 -30.15
CA ALA D 1281 39.20 31.23 -31.37
C ALA D 1281 39.14 29.92 -32.14
N ALA D 1282 39.23 28.80 -31.43
CA ALA D 1282 39.17 27.48 -32.06
C ALA D 1282 37.72 27.04 -32.26
N SER E 26 43.38 10.10 -14.63
CA SER E 26 43.19 9.87 -13.19
C SER E 26 43.49 8.43 -12.82
N GLY E 27 44.70 7.98 -13.17
CA GLY E 27 45.05 6.60 -12.91
C GLY E 27 44.27 5.65 -13.81
N GLY E 28 44.23 4.39 -13.38
CA GLY E 28 43.54 3.36 -14.13
C GLY E 28 42.11 3.14 -13.65
N TYR E 29 41.19 3.09 -14.62
CA TYR E 29 39.81 2.69 -14.38
C TYR E 29 39.21 2.30 -15.72
N ASP E 30 38.20 1.43 -15.67
CA ASP E 30 37.56 0.96 -16.89
C ASP E 30 36.77 2.10 -17.53
N THR E 31 36.76 2.13 -18.85
CA THR E 31 36.19 3.26 -19.58
C THR E 31 34.71 3.44 -19.22
N PRO E 32 34.27 4.67 -18.97
CA PRO E 32 32.87 4.90 -18.59
C PRO E 32 31.93 4.60 -19.74
N LEU E 33 30.66 4.39 -19.40
CA LEU E 33 29.62 4.01 -20.34
C LEU E 33 28.47 4.99 -20.23
N GLY E 34 28.24 5.76 -21.28
CA GLY E 34 27.08 6.64 -21.34
C GLY E 34 27.03 7.80 -20.36
N ILE E 35 26.03 7.77 -19.47
CA ILE E 35 25.76 8.88 -18.56
C ILE E 35 26.99 9.18 -17.72
N THR E 36 27.60 8.15 -17.13
CA THR E 36 28.75 8.35 -16.25
C THR E 36 29.97 8.91 -16.98
N ASN E 37 29.90 9.09 -18.30
CA ASN E 37 30.97 9.70 -19.06
C ASN E 37 30.63 11.15 -19.37
N PRO E 38 31.48 12.13 -18.99
CA PRO E 38 32.73 11.94 -18.25
C PRO E 38 32.50 11.72 -16.76
N PRO E 39 33.47 11.12 -16.07
CA PRO E 39 33.29 10.84 -14.64
C PRO E 39 33.08 12.12 -13.84
N ILE E 40 32.27 12.00 -12.79
CA ILE E 40 31.89 13.17 -12.01
C ILE E 40 33.03 13.64 -11.11
N ASP E 41 34.00 12.78 -10.80
CA ASP E 41 35.10 13.20 -9.95
C ASP E 41 35.98 14.24 -10.64
N GLU E 42 36.18 14.08 -11.94
CA GLU E 42 36.94 15.08 -12.70
C GLU E 42 36.11 16.33 -13.00
N LEU E 43 34.80 16.18 -13.17
CA LEU E 43 33.96 17.34 -13.42
C LEU E 43 33.82 18.21 -12.18
N LEU E 44 33.72 17.58 -11.00
CA LEU E 44 33.69 18.32 -9.75
C LEU E 44 35.00 19.03 -9.44
N ASP E 45 36.08 18.67 -10.15
CA ASP E 45 37.35 19.37 -9.98
C ASP E 45 37.36 20.73 -10.66
N ARG E 46 36.44 20.97 -11.60
CA ARG E 46 36.33 22.26 -12.27
C ARG E 46 35.29 23.17 -11.66
N VAL E 47 34.54 22.71 -10.66
CA VAL E 47 33.45 23.46 -10.07
C VAL E 47 33.53 23.36 -8.55
N SER E 48 33.01 24.37 -7.86
CA SER E 48 33.07 24.37 -6.40
C SER E 48 32.06 23.41 -5.79
N SER E 49 30.90 23.24 -6.42
CA SER E 49 29.85 22.39 -5.87
C SER E 49 29.15 21.65 -7.00
N LYS E 50 28.42 20.60 -6.62
CA LYS E 50 27.65 19.83 -7.58
C LYS E 50 26.51 20.66 -8.18
N TYR E 51 25.89 21.51 -7.37
CA TYR E 51 24.79 22.33 -7.85
C TYR E 51 25.27 23.36 -8.85
N ALA E 52 26.43 23.97 -8.59
CA ALA E 52 27.00 24.91 -9.55
C ALA E 52 27.32 24.21 -10.86
N LEU E 53 27.78 22.95 -10.79
CA LEU E 53 27.98 22.16 -12.01
C LEU E 53 26.68 21.91 -12.73
N VAL E 54 25.61 21.65 -11.98
CA VAL E 54 24.28 21.48 -12.57
C VAL E 54 23.92 22.69 -13.40
N ILE E 55 23.96 23.88 -12.77
CA ILE E 55 23.57 25.10 -13.47
C ILE E 55 24.52 25.36 -14.64
N TYR E 56 25.80 25.07 -14.45
CA TYR E 56 26.82 25.21 -15.49
C TYR E 56 26.41 24.45 -16.75
N ALA E 57 26.29 23.13 -16.61
CA ALA E 57 25.97 22.29 -17.74
C ALA E 57 24.60 22.61 -18.31
N ALA E 58 23.64 23.00 -17.47
CA ALA E 58 22.29 23.26 -17.94
C ALA E 58 22.23 24.51 -18.81
N LYS E 59 22.84 25.60 -18.33
CA LYS E 59 22.85 26.82 -19.12
C LYS E 59 23.66 26.63 -20.41
N ARG E 60 24.80 25.93 -20.32
CA ARG E 60 25.56 25.65 -21.53
C ARG E 60 24.75 24.79 -22.51
N ALA E 61 23.96 23.85 -21.98
CA ALA E 61 23.19 22.95 -22.84
C ALA E 61 22.09 23.68 -23.57
N ARG E 62 21.29 24.48 -22.85
CA ARG E 62 20.26 25.22 -23.55
C ARG E 62 20.84 26.33 -24.43
N GLN E 63 22.05 26.80 -24.13
CA GLN E 63 22.75 27.69 -25.05
C GLN E 63 23.09 26.97 -26.35
N ILE E 64 23.66 25.78 -26.25
CA ILE E 64 23.94 24.96 -27.43
C ILE E 64 22.66 24.72 -28.23
N ASN E 65 21.57 24.40 -27.54
CA ASN E 65 20.31 24.15 -28.24
C ASN E 65 19.79 25.42 -28.90
N ASP E 66 20.05 26.59 -28.30
CA ASP E 66 19.74 27.85 -28.98
C ASP E 66 20.59 28.04 -30.22
N TYR E 67 21.82 27.49 -30.23
CA TYR E 67 22.65 27.59 -31.42
C TYR E 67 22.02 26.86 -32.61
N TYR E 68 21.27 25.80 -32.35
CA TYR E 68 20.67 25.01 -33.43
C TYR E 68 19.38 25.63 -33.98
N ASN E 69 18.93 26.75 -33.43
CA ASN E 69 17.72 27.39 -33.91
C ASN E 69 17.91 28.91 -34.06
N TYR E 78 24.74 32.71 -28.20
CA TYR E 78 24.59 31.46 -28.95
C TYR E 78 25.88 31.12 -29.69
N VAL E 79 26.56 30.07 -29.23
CA VAL E 79 27.82 29.62 -29.81
C VAL E 79 27.94 28.12 -29.58
N GLY E 80 28.93 27.51 -30.24
CA GLY E 80 29.21 26.10 -30.04
C GLY E 80 28.66 25.24 -31.15
N PRO E 81 28.87 23.92 -31.07
CA PRO E 81 29.63 23.22 -30.03
C PRO E 81 31.14 23.38 -30.18
N LEU E 82 31.86 23.36 -29.07
CA LEU E 82 33.30 23.57 -29.07
C LEU E 82 34.10 22.29 -29.23
N VAL E 83 33.47 21.12 -29.10
CA VAL E 83 34.12 19.85 -29.36
C VAL E 83 33.41 19.18 -30.53
N GLU E 84 33.90 18.01 -30.94
CA GLU E 84 33.25 17.27 -32.00
C GLU E 84 31.99 16.60 -31.47
N PRO E 85 30.80 16.97 -31.97
CA PRO E 85 29.58 16.31 -31.50
C PRO E 85 29.53 14.87 -31.97
N GLY E 86 28.85 14.05 -31.17
CA GLY E 86 28.68 12.65 -31.51
C GLY E 86 27.73 12.46 -32.68
N LEU E 87 27.35 11.21 -32.89
CA LEU E 87 26.42 10.87 -33.97
C LEU E 87 25.12 11.65 -33.77
N GLN E 88 24.45 11.38 -32.66
CA GLN E 88 23.33 12.20 -32.18
C GLN E 88 23.57 12.37 -30.69
N GLU E 89 24.13 13.50 -30.29
CA GLU E 89 24.51 13.77 -28.91
C GLU E 89 23.49 14.71 -28.30
N LYS E 90 22.99 14.35 -27.12
CA LYS E 90 22.15 15.27 -26.37
C LYS E 90 22.94 16.53 -26.04
N PRO E 91 22.32 17.70 -26.10
CA PRO E 91 23.08 18.94 -25.85
C PRO E 91 23.70 19.00 -24.47
N LEU E 92 23.06 18.41 -23.46
CA LEU E 92 23.63 18.40 -22.11
C LEU E 92 24.91 17.57 -22.07
N SER E 93 24.94 16.46 -22.81
CA SER E 93 26.16 15.66 -22.86
C SER E 93 27.30 16.41 -23.55
N ILE E 94 26.98 17.15 -24.62
CA ILE E 94 27.98 17.99 -25.27
C ILE E 94 28.49 19.05 -24.30
N ALA E 95 27.58 19.64 -23.52
CA ALA E 95 27.98 20.65 -22.55
C ALA E 95 28.91 20.06 -21.49
N LEU E 96 28.60 18.85 -21.00
CA LEU E 96 29.46 18.21 -20.02
C LEU E 96 30.84 17.91 -20.61
N ARG E 97 30.87 17.40 -21.84
CA ARG E 97 32.14 17.12 -22.49
C ARG E 97 32.94 18.39 -22.72
N GLU E 98 32.25 19.53 -22.90
CA GLU E 98 32.96 20.81 -22.99
C GLU E 98 33.54 21.21 -21.64
N ILE E 99 32.75 21.08 -20.57
CA ILE E 99 33.22 21.44 -19.24
C ILE E 99 34.39 20.57 -18.83
N HIS E 100 34.46 19.34 -19.35
CA HIS E 100 35.58 18.46 -19.03
C HIS E 100 36.89 18.99 -19.60
N ALA E 101 36.85 19.58 -20.80
CA ALA E 101 38.05 20.06 -21.48
C ALA E 101 38.38 21.51 -21.18
N ASP E 102 37.69 22.13 -20.21
CA ASP E 102 37.92 23.53 -19.82
C ASP E 102 37.76 24.49 -20.99
N LEU E 103 36.85 24.17 -21.91
CA LEU E 103 36.64 25.01 -23.08
C LEU E 103 35.72 26.18 -22.81
N LEU E 104 35.33 26.40 -21.56
CA LEU E 104 34.42 27.50 -21.23
C LEU E 104 34.62 27.90 -19.78
N GLU E 105 34.42 29.19 -19.51
CA GLU E 105 34.55 29.75 -18.18
C GLU E 105 33.18 29.95 -17.54
N HIS E 106 33.19 30.31 -16.26
CA HIS E 106 31.96 30.52 -15.52
C HIS E 106 32.26 31.41 -14.32
N THR E 107 31.21 32.08 -13.84
CA THR E 107 31.30 32.94 -12.67
C THR E 107 30.02 32.81 -11.86
N GLU E 108 30.18 32.62 -10.56
CA GLU E 108 29.03 32.48 -9.67
C GLU E 108 28.39 33.84 -9.38
N THR F 23 -59.08 43.47 16.42
CA THR F 23 -58.62 42.43 17.31
C THR F 23 -57.58 41.54 16.63
N ASP F 24 -56.97 42.07 15.56
CA ASP F 24 -55.95 41.33 14.83
C ASP F 24 -54.72 41.08 15.70
N GLU F 25 -54.13 42.15 16.24
CA GLU F 25 -52.96 42.01 17.09
C GLU F 25 -53.28 41.20 18.34
N GLU F 26 -54.50 41.31 18.86
CA GLU F 26 -54.89 40.49 20.00
C GLU F 26 -54.97 39.02 19.64
N LEU F 27 -55.42 38.72 18.42
CA LEU F 27 -55.41 37.34 17.95
C LEU F 27 -53.99 36.81 17.81
N THR F 28 -53.08 37.66 17.32
CA THR F 28 -51.67 37.25 17.25
C THR F 28 -51.08 37.05 18.66
N ALA F 29 -51.51 37.86 19.62
CA ALA F 29 -51.06 37.68 21.00
C ALA F 29 -51.52 36.34 21.57
N ARG F 30 -52.81 36.01 21.38
CA ARG F 30 -53.26 34.72 21.85
C ARG F 30 -52.69 33.57 21.03
N PHE F 31 -52.22 33.85 19.81
CA PHE F 31 -51.44 32.85 19.07
C PHE F 31 -50.10 32.60 19.75
N GLU F 32 -49.40 33.68 20.11
CA GLU F 32 -48.16 33.55 20.86
C GLU F 32 -48.39 32.83 22.18
N ARG F 33 -49.59 32.95 22.73
CA ARG F 33 -49.91 32.32 24.02
C ARG F 33 -50.51 30.92 23.90
N ASP F 34 -50.97 30.51 22.71
CA ASP F 34 -51.72 29.27 22.56
C ASP F 34 -50.95 28.19 21.81
N ALA F 35 -50.49 28.48 20.59
CA ALA F 35 -49.86 27.47 19.77
C ALA F 35 -48.37 27.34 20.02
N ILE F 36 -47.75 28.31 20.69
CA ILE F 36 -46.31 28.24 20.96
C ILE F 36 -45.97 27.05 21.85
N PRO F 37 -46.74 26.69 22.88
CA PRO F 37 -46.45 25.45 23.63
C PRO F 37 -46.47 24.19 22.79
N LEU F 38 -47.01 24.24 21.58
CA LEU F 38 -47.14 23.07 20.71
C LEU F 38 -45.98 22.91 19.75
N LEU F 39 -45.09 23.91 19.66
CA LEU F 39 -44.01 23.82 18.68
C LEU F 39 -43.05 22.70 18.99
N ASP F 40 -42.79 22.40 20.27
CA ASP F 40 -41.88 21.31 20.61
C ASP F 40 -42.48 19.95 20.27
N GLN F 41 -43.75 19.74 20.65
CA GLN F 41 -44.40 18.47 20.35
C GLN F 41 -44.49 18.24 18.84
N LEU F 42 -44.89 19.27 18.10
CA LEU F 42 -45.00 19.08 16.66
C LEU F 42 -43.65 19.16 15.95
N TYR F 43 -42.60 19.66 16.61
CA TYR F 43 -41.25 19.50 16.09
C TYR F 43 -40.83 18.04 16.19
N GLY F 44 -41.13 17.40 17.32
CA GLY F 44 -40.98 15.96 17.40
C GLY F 44 -41.78 15.25 16.33
N GLY F 45 -42.99 15.73 16.06
CA GLY F 45 -43.80 15.15 15.00
C GLY F 45 -43.19 15.32 13.61
N ALA F 46 -42.57 16.48 13.36
CA ALA F 46 -41.99 16.73 12.05
C ALA F 46 -40.70 15.95 11.86
N LEU F 47 -39.90 15.81 12.94
CA LEU F 47 -38.71 14.97 12.87
C LEU F 47 -39.07 13.49 12.81
N ARG F 48 -40.26 13.11 13.28
CA ARG F 48 -40.70 11.73 13.17
C ARG F 48 -40.95 11.32 11.73
N MET F 49 -41.21 12.27 10.84
CA MET F 49 -41.35 11.96 9.41
C MET F 49 -40.08 12.29 8.63
N THR F 50 -39.58 13.52 8.74
CA THR F 50 -38.32 13.87 8.09
C THR F 50 -37.17 13.34 8.93
N ARG F 51 -36.38 12.44 8.36
CA ARG F 51 -35.30 11.80 9.12
C ARG F 51 -34.17 12.77 9.46
N ASN F 52 -34.08 13.90 8.77
CA ASN F 52 -33.03 14.88 9.01
C ASN F 52 -33.55 15.96 9.93
N PRO F 53 -32.91 16.21 11.07
CA PRO F 53 -33.42 17.24 11.99
C PRO F 53 -33.40 18.65 11.41
N ALA F 54 -32.43 18.97 10.54
CA ALA F 54 -32.40 20.30 9.93
C ALA F 54 -33.60 20.51 9.02
N ASP F 55 -33.94 19.51 8.22
CA ASP F 55 -35.14 19.60 7.42
C ASP F 55 -36.39 19.59 8.29
N ALA F 56 -36.34 18.95 9.46
CA ALA F 56 -37.46 19.05 10.38
C ALA F 56 -37.63 20.47 10.89
N GLU F 57 -36.54 21.17 11.19
CA GLU F 57 -36.61 22.57 11.58
C GLU F 57 -37.19 23.42 10.45
N ASP F 58 -36.67 23.24 9.23
CA ASP F 58 -37.20 23.98 8.09
C ASP F 58 -38.68 23.71 7.88
N LEU F 59 -39.09 22.45 8.05
CA LEU F 59 -40.49 22.07 7.81
C LEU F 59 -41.40 22.63 8.89
N LEU F 60 -40.93 22.64 10.15
CA LEU F 60 -41.71 23.25 11.21
C LEU F 60 -41.85 24.75 11.01
N GLN F 61 -40.79 25.41 10.53
CA GLN F 61 -40.88 26.83 10.21
C GLN F 61 -41.89 27.09 9.08
N GLU F 62 -41.88 26.24 8.05
CA GLU F 62 -42.86 26.40 6.98
C GLU F 62 -44.28 26.18 7.49
N THR F 63 -44.48 25.16 8.32
CA THR F 63 -45.79 24.91 8.92
C THR F 63 -46.24 26.09 9.76
N MET F 64 -45.30 26.73 10.47
CA MET F 64 -45.66 27.88 11.30
C MET F 64 -46.01 29.09 10.45
N VAL F 65 -45.29 29.31 9.35
CA VAL F 65 -45.67 30.39 8.44
C VAL F 65 -47.06 30.16 7.89
N LYS F 66 -47.36 28.91 7.49
CA LYS F 66 -48.68 28.60 6.96
C LYS F 66 -49.76 28.77 8.02
N ALA F 67 -49.46 28.38 9.26
CA ALA F 67 -50.45 28.45 10.33
C ALA F 67 -50.72 29.89 10.74
N TYR F 68 -49.68 30.72 10.83
CA TYR F 68 -49.84 32.12 11.18
C TYR F 68 -50.44 32.94 10.05
N ALA F 69 -50.20 32.55 8.80
CA ALA F 69 -50.82 33.27 7.68
C ALA F 69 -52.33 33.10 7.69
N GLY F 70 -52.81 31.91 8.04
CA GLY F 70 -54.23 31.66 8.08
C GLY F 70 -54.76 31.37 9.47
N PHE F 71 -54.10 31.90 10.49
CA PHE F 71 -54.55 31.66 11.86
C PHE F 71 -55.89 32.32 12.13
N ARG F 72 -56.15 33.48 11.50
CA ARG F 72 -57.47 34.09 11.61
C ARG F 72 -58.53 33.19 11.00
N SER F 73 -58.20 32.49 9.92
CA SER F 73 -59.14 31.54 9.31
C SER F 73 -59.42 30.36 10.23
N PHE F 74 -58.50 30.05 11.15
CA PHE F 74 -58.67 28.89 12.02
C PHE F 74 -59.92 29.03 12.89
N ARG F 75 -60.65 27.93 13.01
CA ARG F 75 -61.81 27.92 13.90
C ARG F 75 -61.35 27.73 15.35
N HIS F 76 -62.01 28.44 16.26
CA HIS F 76 -61.76 28.31 17.69
C HIS F 76 -62.33 26.98 18.18
N GLY F 77 -61.52 26.22 18.91
CA GLY F 77 -61.94 24.92 19.40
C GLY F 77 -61.28 24.56 20.70
N THR F 78 -61.71 23.41 21.25
CA THR F 78 -61.16 22.93 22.51
C THR F 78 -59.74 22.40 22.33
N ASN F 79 -59.50 21.65 21.26
CA ASN F 79 -58.21 21.03 20.98
C ASN F 79 -57.70 21.59 19.65
N LEU F 80 -56.95 22.69 19.75
CA LEU F 80 -56.44 23.38 18.57
C LEU F 80 -55.33 22.60 17.88
N LYS F 81 -54.60 21.79 18.64
CA LYS F 81 -53.30 21.30 18.18
C LYS F 81 -53.43 20.29 17.05
N ALA F 82 -54.53 19.53 17.03
CA ALA F 82 -54.75 18.53 15.97
C ALA F 82 -54.86 19.19 14.60
N TRP F 83 -55.38 20.42 14.57
CA TRP F 83 -55.36 21.22 13.36
C TRP F 83 -53.93 21.44 12.89
N LEU F 84 -53.03 21.83 13.81
CA LEU F 84 -51.62 22.01 13.45
C LEU F 84 -50.99 20.70 13.03
N TYR F 85 -51.39 19.59 13.64
CA TYR F 85 -50.90 18.27 13.27
C TYR F 85 -51.22 17.97 11.81
N ARG F 86 -52.47 18.22 11.40
CA ARG F 86 -52.86 18.02 10.02
C ARG F 86 -52.14 19.01 9.10
N ILE F 87 -51.96 20.26 9.55
CA ILE F 87 -51.21 21.24 8.75
C ILE F 87 -49.79 20.73 8.51
N LEU F 88 -49.16 20.18 9.55
CA LEU F 88 -47.80 19.67 9.44
C LEU F 88 -47.72 18.52 8.44
N THR F 89 -48.61 17.53 8.60
CA THR F 89 -48.58 16.39 7.68
C THR F 89 -48.86 16.82 6.24
N ASN F 90 -49.81 17.74 6.05
CA ASN F 90 -50.13 18.21 4.70
C ASN F 90 -48.98 19.01 4.09
N THR F 91 -48.33 19.86 4.89
CA THR F 91 -47.23 20.65 4.38
C THR F 91 -46.04 19.77 4.02
N TYR F 92 -45.81 18.69 4.78
CA TYR F 92 -44.72 17.79 4.44
C TYR F 92 -45.06 16.98 3.18
N ILE F 93 -46.29 16.48 3.08
CA ILE F 93 -46.67 15.72 1.89
C ILE F 93 -46.63 16.61 0.65
N ASN F 94 -46.96 17.90 0.79
CA ASN F 94 -46.83 18.83 -0.31
C ASN F 94 -45.38 18.99 -0.77
N SER F 95 -44.42 18.73 0.12
CA SER F 95 -43.00 18.87 -0.21
C SER F 95 -42.52 17.70 -1.06
N ARG F 128 -9.45 16.26 -22.07
CA ARG F 128 -8.70 17.21 -22.89
C ARG F 128 -7.31 17.46 -22.32
N SER F 129 -6.31 16.78 -22.87
CA SER F 129 -4.95 16.86 -22.37
C SER F 129 -4.23 18.08 -22.93
N ALA F 130 -3.00 18.28 -22.48
CA ALA F 130 -2.16 19.32 -23.06
C ALA F 130 -1.72 18.97 -24.47
N GLU F 131 -1.66 17.67 -24.79
CA GLU F 131 -1.39 17.26 -26.16
C GLU F 131 -2.51 17.68 -27.10
N VAL F 132 -3.75 17.36 -26.73
CA VAL F 132 -4.89 17.76 -27.54
C VAL F 132 -4.98 19.28 -27.62
N GLU F 133 -4.69 19.97 -26.52
CA GLU F 133 -4.76 21.42 -26.51
C GLU F 133 -3.67 22.03 -27.37
N ALA F 134 -2.50 21.40 -27.44
CA ALA F 134 -1.41 21.94 -28.25
C ALA F 134 -1.63 21.68 -29.74
N LEU F 135 -2.21 20.53 -30.07
CA LEU F 135 -2.51 20.24 -31.47
C LEU F 135 -3.75 20.98 -31.97
N GLU F 136 -4.65 21.36 -31.07
CA GLU F 136 -5.81 22.15 -31.47
C GLU F 136 -5.40 23.53 -31.94
N ALA F 137 -4.28 24.04 -31.46
CA ALA F 137 -3.83 25.38 -31.81
C ALA F 137 -3.30 25.45 -33.23
N LEU F 138 -2.70 24.36 -33.72
CA LEU F 138 -2.11 24.37 -35.04
C LEU F 138 -3.19 24.51 -36.11
N PRO F 139 -2.88 25.14 -37.24
CA PRO F 139 -3.87 25.32 -38.30
C PRO F 139 -4.14 24.01 -39.03
N ASP F 140 -5.25 24.00 -39.78
CA ASP F 140 -5.60 22.82 -40.57
C ASP F 140 -4.60 22.56 -41.68
N THR F 141 -3.93 23.61 -42.15
CA THR F 141 -2.98 23.59 -43.29
C THR F 141 -3.56 22.87 -44.52
N GLU F 142 -4.88 22.65 -44.55
CA GLU F 142 -5.60 22.32 -45.77
C GLU F 142 -6.64 23.38 -46.11
N ILE F 143 -7.50 23.71 -45.14
CA ILE F 143 -8.37 24.87 -45.29
C ILE F 143 -7.52 26.13 -45.38
N LYS F 144 -6.39 26.16 -44.68
CA LYS F 144 -5.46 27.28 -44.80
C LYS F 144 -5.07 27.51 -46.25
N GLU F 145 -4.51 26.48 -46.91
CA GLU F 145 -4.03 26.61 -48.28
C GLU F 145 -5.17 27.03 -49.22
N ALA F 146 -6.32 26.38 -49.10
CA ALA F 146 -7.46 26.71 -49.96
C ALA F 146 -7.87 28.16 -49.80
N LEU F 147 -7.84 28.68 -48.57
CA LEU F 147 -8.15 30.09 -48.35
C LEU F 147 -7.06 30.99 -48.93
N GLN F 148 -5.80 30.59 -48.80
CA GLN F 148 -4.72 31.38 -49.38
C GLN F 148 -4.87 31.49 -50.89
N ALA F 149 -5.41 30.44 -51.53
CA ALA F 149 -5.59 30.49 -52.98
C ALA F 149 -6.64 31.51 -53.38
N LEU F 150 -7.62 31.77 -52.52
CA LEU F 150 -8.64 32.76 -52.81
C LEU F 150 -8.04 34.16 -52.89
N PRO F 151 -8.64 35.04 -53.70
CA PRO F 151 -8.18 36.43 -53.73
C PRO F 151 -8.37 37.08 -52.38
N GLU F 152 -7.35 37.82 -51.93
CA GLU F 152 -7.39 38.45 -50.61
C GLU F 152 -8.65 39.29 -50.44
N GLU F 153 -9.07 39.96 -51.52
CA GLU F 153 -10.30 40.76 -51.47
C GLU F 153 -11.52 39.89 -51.21
N PHE F 154 -11.60 38.73 -51.88
CA PHE F 154 -12.71 37.81 -51.63
C PHE F 154 -12.47 36.97 -50.37
N ARG F 155 -11.21 36.70 -50.03
CA ARG F 155 -10.91 35.93 -48.84
C ARG F 155 -11.34 36.65 -47.58
N MET F 156 -11.00 37.95 -47.47
CA MET F 156 -11.43 38.72 -46.31
C MET F 156 -12.95 38.81 -46.24
N ALA F 157 -13.62 38.89 -47.39
CA ALA F 157 -15.08 38.96 -47.41
C ALA F 157 -15.70 37.67 -46.89
N VAL F 158 -15.26 36.53 -47.41
CA VAL F 158 -15.82 35.26 -46.92
C VAL F 158 -15.44 35.04 -45.46
N TYR F 159 -14.27 35.55 -45.04
CA TYR F 159 -13.88 35.45 -43.64
C TYR F 159 -14.86 36.20 -42.75
N TYR F 160 -15.07 37.49 -43.03
CA TYR F 160 -15.92 38.30 -42.16
C TYR F 160 -17.37 37.82 -42.20
N ALA F 161 -17.88 37.45 -43.38
CA ALA F 161 -19.29 37.09 -43.47
C ALA F 161 -19.58 35.65 -43.06
N ASP F 162 -18.59 34.77 -43.07
CA ASP F 162 -18.79 33.35 -42.78
C ASP F 162 -18.09 32.90 -41.50
N VAL F 163 -16.79 33.16 -41.37
CA VAL F 163 -16.08 32.76 -40.16
C VAL F 163 -16.55 33.59 -38.97
N GLU F 164 -16.50 34.92 -39.09
CA GLU F 164 -16.92 35.80 -38.01
C GLU F 164 -18.41 36.10 -38.04
N GLY F 165 -19.08 35.87 -39.17
CA GLY F 165 -20.52 36.00 -39.24
C GLY F 165 -21.08 37.40 -39.06
N PHE F 166 -20.43 38.41 -39.63
CA PHE F 166 -20.96 39.76 -39.58
C PHE F 166 -22.22 39.87 -40.43
N PRO F 167 -23.08 40.85 -40.15
CA PRO F 167 -24.11 41.22 -41.12
C PRO F 167 -23.48 41.89 -42.33
N TYR F 168 -24.15 41.78 -43.47
CA TYR F 168 -23.56 42.23 -44.73
C TYR F 168 -23.24 43.72 -44.70
N LYS F 169 -24.13 44.53 -44.14
CA LYS F 169 -23.86 45.96 -44.03
C LYS F 169 -22.63 46.22 -43.16
N GLU F 170 -22.45 45.46 -42.09
CA GLU F 170 -21.28 45.66 -41.24
C GLU F 170 -20.00 45.21 -41.92
N ILE F 171 -20.06 44.16 -42.73
CA ILE F 171 -18.89 43.77 -43.52
C ILE F 171 -18.54 44.87 -44.51
N ALA F 172 -19.56 45.46 -45.14
CA ALA F 172 -19.33 46.59 -46.04
C ALA F 172 -18.72 47.77 -45.29
N GLU F 173 -19.12 47.97 -44.04
CA GLU F 173 -18.53 49.03 -43.22
C GLU F 173 -17.08 48.74 -42.90
N ILE F 174 -16.74 47.48 -42.63
CA ILE F 174 -15.37 47.13 -42.25
C ILE F 174 -14.44 47.25 -43.45
N MET F 175 -14.87 46.79 -44.63
CA MET F 175 -14.01 46.76 -45.81
C MET F 175 -14.03 48.05 -46.61
N ASP F 176 -14.80 49.06 -46.19
CA ASP F 176 -14.83 50.40 -46.79
C ASP F 176 -15.51 50.37 -48.15
N THR F 177 -15.85 49.16 -48.64
CA THR F 177 -16.46 48.97 -49.95
C THR F 177 -17.98 48.87 -49.82
N PRO F 178 -18.71 49.28 -50.87
CA PRO F 178 -20.18 49.24 -50.79
C PRO F 178 -20.75 47.82 -50.72
N ILE F 179 -22.08 47.73 -50.67
CA ILE F 179 -22.74 46.44 -50.45
C ILE F 179 -22.54 45.52 -51.65
N GLY F 180 -22.66 46.07 -52.87
CA GLY F 180 -22.54 45.24 -54.06
C GLY F 180 -21.19 44.57 -54.16
N THR F 181 -20.12 45.34 -53.98
CA THR F 181 -18.77 44.77 -53.97
C THR F 181 -18.64 43.67 -52.93
N VAL F 182 -19.14 43.92 -51.73
CA VAL F 182 -18.98 42.96 -50.63
C VAL F 182 -19.69 41.66 -50.97
N MET F 183 -20.96 41.72 -51.38
CA MET F 183 -21.70 40.49 -51.64
C MET F 183 -21.19 39.78 -52.90
N SER F 184 -20.69 40.53 -53.89
CA SER F 184 -20.12 39.88 -55.08
C SER F 184 -18.85 39.14 -54.73
N ARG F 185 -17.92 39.80 -54.03
CA ARG F 185 -16.74 39.09 -53.54
C ARG F 185 -17.15 37.92 -52.67
N LEU F 186 -18.21 38.07 -51.88
CA LEU F 186 -18.68 37.03 -50.99
C LEU F 186 -19.05 35.77 -51.76
N HIS F 187 -20.00 35.89 -52.69
CA HIS F 187 -20.46 34.70 -53.42
C HIS F 187 -19.39 34.17 -54.36
N ARG F 188 -18.58 35.04 -54.98
CA ARG F 188 -17.54 34.56 -55.89
C ARG F 188 -16.45 33.80 -55.13
N GLY F 189 -16.03 34.32 -53.97
CA GLY F 189 -15.08 33.60 -53.15
C GLY F 189 -15.66 32.32 -52.58
N ARG F 190 -16.95 32.34 -52.23
CA ARG F 190 -17.63 31.11 -51.83
C ARG F 190 -17.51 30.04 -52.92
N ARG F 191 -17.82 30.42 -54.16
CA ARG F 191 -17.75 29.47 -55.26
C ARG F 191 -16.32 28.98 -55.50
N GLN F 192 -15.35 29.89 -55.52
CA GLN F 192 -13.98 29.49 -55.78
C GLN F 192 -13.45 28.58 -54.67
N LEU F 193 -13.86 28.84 -53.42
CA LEU F 193 -13.47 27.97 -52.32
C LEU F 193 -14.15 26.61 -52.43
N ARG F 194 -15.43 26.58 -52.80
CA ARG F 194 -16.11 25.32 -53.04
C ARG F 194 -15.37 24.50 -54.08
N GLY F 195 -14.84 25.17 -55.11
CA GLY F 195 -14.09 24.45 -56.12
C GLY F 195 -12.69 24.07 -55.70
N LEU F 196 -12.16 24.76 -54.69
CA LEU F 196 -10.83 24.52 -54.15
C LEU F 196 -10.72 23.32 -53.23
N LEU F 197 -11.76 23.05 -52.46
CA LEU F 197 -11.68 21.94 -51.54
C LEU F 197 -12.77 20.90 -51.72
N ALA F 198 -12.38 19.65 -51.86
CA ALA F 198 -13.34 18.57 -52.01
C ALA F 198 -13.23 17.57 -50.87
N ASP F 199 -12.38 17.88 -49.91
CA ASP F 199 -12.19 16.96 -48.83
C ASP F 199 -13.44 16.72 -48.03
N VAL F 200 -14.09 17.79 -47.64
CA VAL F 200 -15.33 17.65 -46.91
C VAL F 200 -15.22 16.66 -45.75
N ALA F 201 -14.16 16.74 -44.96
CA ALA F 201 -13.98 15.80 -43.88
C ALA F 201 -13.91 14.44 -44.54
N ARG F 202 -13.27 14.42 -45.69
CA ARG F 202 -13.14 13.21 -46.44
C ARG F 202 -14.51 12.91 -46.99
ZN ZN J . 29.13 26.98 12.81
ZN ZN K . -28.77 37.54 -23.95
MG MG L . 8.17 -6.53 -1.32
#